data_7JMC
#
_entry.id   7JMC
#
_cell.length_a   1.00
_cell.length_b   1.00
_cell.length_c   1.00
_cell.angle_alpha   90.00
_cell.angle_beta   90.00
_cell.angle_gamma   90.00
#
_symmetry.space_group_name_H-M   'P 1'
#
loop_
_entity.id
_entity.type
_entity.pdbx_description
1 polymer 'Gap junction alpha-8 protein'
2 non-polymer 1,2-DIMYRISTOYL-RAC-GLYCERO-3-PHOSPHOCHOLINE
3 water water
#
_entity_poly.entity_id   1
_entity_poly.type   'polypeptide(L)'
_entity_poly.pdbx_seq_one_letter_code
;MGDWSFLGNILEEVNEHSTVIGRVWLTVLFIFRILILGTAAEFVWGDEQSDFVCNTQQPGCENVCYDEAFPISHIRLWVL
QIIFVSTPSLVYVGHAVHHVRMEEKRKEREAEELSQQSPGNGGERAPLAADQGSVKKSSSSSKGTKKFRLEGTLLRTYVC
HIIFKTLFEVGFIVGHYFLYGFRILPLYRCSRWPCPNVVDCFVSRPTEKTIFILFMLSVASVSLFLNILEMSHLGLKKIR
SAFKRPVEQPLGEIPEKSLHSIAVSSIQKAKGYQLLEEEKIVSHYFPLTEVGMVEASPLSAKPFSQFEEKVGPGPLGDLS
RAYQETLPSYAQVGAQEGVEEEQPIEAAAEPEVGDKSQEAERVSTEGEETLAVLEEEKVEPPEVEKEAEKEETPPEKVSK
QELTPEKAPSLCAELPGEDTRPLSRLSKASSRARSDDLTV
;
_entity_poly.pdbx_strand_id   A,B,C,D,E,F,G,H,I,J,K,L
#
loop_
_chem_comp.id
_chem_comp.type
_chem_comp.name
_chem_comp.formula
MC3 non-polymer 1,2-DIMYRISTOYL-RAC-GLYCERO-3-PHOSPHOCHOLINE 'C36 H72 N O8 P'
#
# COMPACT_ATOMS: atom_id res chain seq x y z
N GLY A 2 13.70 -6.17 -33.89
CA GLY A 2 13.56 -5.42 -35.12
C GLY A 2 13.71 -6.29 -36.36
N ASP A 3 13.28 -5.76 -37.50
CA ASP A 3 13.30 -6.49 -38.76
C ASP A 3 14.44 -5.94 -39.62
N TRP A 4 15.45 -6.79 -39.87
CA TRP A 4 16.61 -6.43 -40.67
C TRP A 4 16.59 -7.09 -42.05
N SER A 5 15.43 -7.56 -42.50
CA SER A 5 15.36 -8.33 -43.72
C SER A 5 15.85 -7.53 -44.93
N PHE A 6 15.42 -6.28 -45.04
CA PHE A 6 15.79 -5.47 -46.19
C PHE A 6 17.29 -5.22 -46.23
N LEU A 7 17.86 -4.83 -45.09
CA LEU A 7 19.30 -4.64 -45.00
C LEU A 7 20.03 -5.93 -45.31
N GLY A 8 19.53 -7.04 -44.78
CA GLY A 8 20.16 -8.32 -45.05
C GLY A 8 20.16 -8.66 -46.53
N ASN A 9 19.05 -8.37 -47.21
CA ASN A 9 18.97 -8.65 -48.64
C ASN A 9 20.02 -7.85 -49.41
N ILE A 10 20.11 -6.55 -49.12
CA ILE A 10 21.08 -5.74 -49.84
C ILE A 10 22.51 -6.18 -49.54
N LEU A 11 22.80 -6.48 -48.27
CA LEU A 11 24.13 -6.95 -47.91
C LEU A 11 24.46 -8.26 -48.62
N GLU A 12 23.49 -9.17 -48.70
CA GLU A 12 23.70 -10.39 -49.45
C GLU A 12 24.01 -10.08 -50.91
N GLU A 13 23.33 -9.09 -51.48
CA GLU A 13 23.62 -8.68 -52.85
C GLU A 13 25.06 -8.24 -53.00
N VAL A 14 25.52 -7.37 -52.09
CA VAL A 14 26.90 -6.89 -52.17
C VAL A 14 27.92 -7.99 -51.91
N ASN A 15 27.53 -9.08 -51.26
CA ASN A 15 28.51 -10.16 -51.06
C ASN A 15 29.06 -10.66 -52.38
N GLU A 16 28.21 -10.80 -53.40
CA GLU A 16 28.66 -11.33 -54.67
C GLU A 16 29.81 -10.51 -55.25
N HIS A 17 29.75 -9.19 -55.13
CA HIS A 17 30.74 -8.28 -55.70
C HIS A 17 31.75 -7.80 -54.66
N SER A 18 31.98 -8.58 -53.61
CA SER A 18 32.88 -8.18 -52.55
C SER A 18 34.05 -9.15 -52.46
N THR A 19 35.12 -8.67 -51.81
CA THR A 19 36.32 -9.47 -51.62
C THR A 19 36.08 -10.53 -50.55
N VAL A 20 36.97 -11.53 -50.53
CA VAL A 20 36.84 -12.61 -49.55
C VAL A 20 36.85 -12.05 -48.14
N ILE A 21 37.77 -11.13 -47.87
CA ILE A 21 37.79 -10.47 -46.57
C ILE A 21 36.48 -9.74 -46.34
N GLY A 22 35.95 -9.11 -47.38
CA GLY A 22 34.67 -8.43 -47.25
C GLY A 22 33.55 -9.37 -46.89
N ARG A 23 33.52 -10.55 -47.51
CA ARG A 23 32.50 -11.53 -47.13
C ARG A 23 32.66 -11.95 -45.68
N VAL A 24 33.89 -12.12 -45.22
CA VAL A 24 34.09 -12.46 -43.81
C VAL A 24 33.54 -11.34 -42.93
N TRP A 25 33.76 -10.09 -43.35
CA TRP A 25 33.27 -8.96 -42.58
C TRP A 25 31.76 -8.96 -42.50
N LEU A 26 31.09 -9.20 -43.63
CA LEU A 26 29.63 -9.18 -43.62
C LEU A 26 29.06 -10.32 -42.78
N THR A 27 29.63 -11.52 -42.89
CA THR A 27 29.13 -12.61 -42.05
C THR A 27 29.35 -12.30 -40.58
N VAL A 28 30.50 -11.70 -40.23
CA VAL A 28 30.70 -11.27 -38.85
C VAL A 28 29.62 -10.28 -38.43
N LEU A 29 29.29 -9.35 -39.32
CA LEU A 29 28.26 -8.36 -39.00
C LEU A 29 26.93 -9.05 -38.69
N PHE A 30 26.53 -9.99 -39.54
CA PHE A 30 25.25 -10.64 -39.34
C PHE A 30 25.24 -11.52 -38.09
N ILE A 31 26.24 -12.37 -37.94
CA ILE A 31 26.21 -13.38 -36.89
C ILE A 31 26.55 -12.79 -35.53
N PHE A 32 27.52 -11.88 -35.46
CA PHE A 32 28.03 -11.44 -34.18
C PHE A 32 27.57 -10.04 -33.77
N ARG A 33 26.79 -9.37 -34.61
CA ARG A 33 26.19 -8.10 -34.22
C ARG A 33 24.68 -8.15 -34.26
N ILE A 34 24.09 -8.37 -35.43
CA ILE A 34 22.63 -8.36 -35.55
C ILE A 34 22.02 -9.50 -34.74
N LEU A 35 22.58 -10.70 -34.88
CA LEU A 35 22.04 -11.85 -34.19
C LEU A 35 22.22 -11.74 -32.68
N ILE A 36 23.33 -11.15 -32.23
CA ILE A 36 23.54 -10.97 -30.81
C ILE A 36 22.53 -9.98 -30.24
N LEU A 37 22.32 -8.87 -30.93
CA LEU A 37 21.34 -7.90 -30.45
C LEU A 37 19.95 -8.51 -30.39
N GLY A 38 19.58 -9.25 -31.43
CA GLY A 38 18.26 -9.84 -31.45
C GLY A 38 18.05 -10.92 -30.41
N THR A 39 18.94 -11.92 -30.41
CA THR A 39 18.74 -13.07 -29.54
C THR A 39 19.04 -12.75 -28.09
N ALA A 40 20.07 -11.94 -27.82
CA ALA A 40 20.61 -11.82 -26.47
C ALA A 40 20.48 -10.41 -25.89
N ALA A 41 21.01 -9.39 -26.55
CA ALA A 41 21.20 -8.11 -25.87
C ALA A 41 19.88 -7.41 -25.58
N GLU A 42 18.93 -7.49 -26.52
CA GLU A 42 17.66 -6.78 -26.33
C GLU A 42 16.92 -7.29 -25.10
N PHE A 43 16.99 -8.59 -24.82
CA PHE A 43 16.42 -9.13 -23.59
C PHE A 43 17.15 -8.61 -22.36
N VAL A 44 18.47 -8.47 -22.44
CA VAL A 44 19.24 -7.95 -21.31
C VAL A 44 18.77 -6.55 -20.95
N TRP A 45 18.68 -5.67 -21.96
CA TRP A 45 18.37 -4.28 -21.76
C TRP A 45 16.87 -4.02 -21.72
N GLY A 46 16.06 -5.07 -21.74
CA GLY A 46 14.62 -4.89 -21.85
C GLY A 46 14.02 -4.15 -20.67
N ASP A 47 14.49 -4.45 -19.46
CA ASP A 47 13.96 -3.88 -18.23
C ASP A 47 14.88 -2.83 -17.63
N GLU A 48 15.52 -2.04 -18.50
CA GLU A 48 16.50 -1.07 -18.03
C GLU A 48 15.87 -0.03 -17.11
N GLN A 49 14.77 0.58 -17.53
CA GLN A 49 14.15 1.63 -16.75
C GLN A 49 13.24 1.08 -15.66
N SER A 50 12.51 0.00 -15.97
CA SER A 50 11.56 -0.55 -15.00
C SER A 50 12.26 -1.02 -13.73
N ASP A 51 13.38 -1.72 -13.86
CA ASP A 51 14.11 -2.21 -12.69
C ASP A 51 15.18 -1.24 -12.19
N PHE A 52 15.38 -0.11 -12.85
CA PHE A 52 16.12 0.99 -12.26
C PHE A 52 15.40 1.48 -11.01
N VAL A 53 16.10 1.48 -9.88
CA VAL A 53 15.52 1.86 -8.60
C VAL A 53 16.42 2.89 -7.93
N CYS A 54 15.80 3.93 -7.39
CA CYS A 54 16.48 4.98 -6.65
C CYS A 54 15.93 5.05 -5.24
N ASN A 55 16.81 5.27 -4.27
CA ASN A 55 16.44 5.33 -2.86
C ASN A 55 15.92 6.72 -2.53
N THR A 56 14.65 6.96 -2.85
CA THR A 56 14.03 8.23 -2.57
C THR A 56 12.52 8.07 -2.59
N GLN A 57 11.84 9.04 -1.98
CA GLN A 57 10.39 9.18 -2.06
C GLN A 57 9.97 10.35 -2.94
N GLN A 58 10.86 10.81 -3.80
CA GLN A 58 10.64 12.01 -4.57
C GLN A 58 10.11 11.66 -5.94
N PRO A 59 8.93 12.14 -6.34
CA PRO A 59 8.44 11.87 -7.69
C PRO A 59 9.36 12.46 -8.76
N GLY A 60 9.48 11.73 -9.86
CA GLY A 60 10.28 12.15 -10.98
C GLY A 60 11.78 12.00 -10.83
N CYS A 61 12.29 11.74 -9.63
CA CYS A 61 13.72 11.57 -9.46
C CYS A 61 14.24 10.39 -10.27
N GLU A 62 13.53 9.26 -10.24
CA GLU A 62 13.99 8.09 -10.97
C GLU A 62 14.08 8.35 -12.46
N ASN A 63 13.08 9.04 -13.02
CA ASN A 63 13.10 9.32 -14.45
C ASN A 63 14.28 10.19 -14.84
N VAL A 64 14.48 11.29 -14.12
CA VAL A 64 15.57 12.21 -14.46
C VAL A 64 16.92 11.55 -14.26
N CYS A 65 17.05 10.76 -13.19
CA CYS A 65 18.32 10.08 -12.94
C CYS A 65 18.61 9.01 -13.98
N TYR A 66 17.61 8.22 -14.36
CA TYR A 66 17.84 7.25 -15.42
C TYR A 66 18.24 7.93 -16.71
N ASP A 67 17.56 9.01 -17.06
CA ASP A 67 17.91 9.76 -18.26
C ASP A 67 19.35 10.26 -18.20
N GLU A 68 19.77 10.79 -17.05
CA GLU A 68 21.13 11.29 -16.93
C GLU A 68 22.14 10.15 -17.00
N ALA A 69 21.85 9.03 -16.36
CA ALA A 69 22.76 7.90 -16.35
C ALA A 69 22.90 7.28 -17.74
N PHE A 70 21.78 7.15 -18.45
CA PHE A 70 21.75 6.55 -19.77
C PHE A 70 21.11 7.52 -20.74
N PRO A 71 21.88 8.48 -21.24
CA PRO A 71 21.30 9.43 -22.20
C PRO A 71 20.75 8.72 -23.43
N ILE A 72 21.52 7.80 -23.97
CA ILE A 72 21.06 6.90 -25.03
C ILE A 72 21.30 5.46 -24.57
N SER A 73 20.35 4.57 -24.80
CA SER A 73 20.60 3.18 -24.41
C SER A 73 21.67 2.55 -25.29
N HIS A 74 22.39 1.58 -24.72
CA HIS A 74 23.47 0.91 -25.44
C HIS A 74 22.96 0.20 -26.69
N ILE A 75 21.86 -0.54 -26.57
CA ILE A 75 21.37 -1.29 -27.72
C ILE A 75 21.02 -0.35 -28.87
N ARG A 76 20.46 0.81 -28.55
CA ARG A 76 20.15 1.79 -29.58
C ARG A 76 21.42 2.29 -30.27
N LEU A 77 22.44 2.59 -29.49
CA LEU A 77 23.71 3.03 -30.06
C LEU A 77 24.30 1.97 -30.98
N TRP A 78 24.17 0.69 -30.61
CA TRP A 78 24.66 -0.38 -31.46
C TRP A 78 23.85 -0.50 -32.74
N VAL A 79 22.54 -0.29 -32.66
CA VAL A 79 21.72 -0.23 -33.87
C VAL A 79 22.27 0.82 -34.82
N LEU A 80 22.45 2.04 -34.31
CA LEU A 80 22.96 3.12 -35.16
C LEU A 80 24.33 2.76 -35.73
N GLN A 81 25.19 2.15 -34.91
CA GLN A 81 26.51 1.78 -35.37
C GLN A 81 26.43 0.81 -36.53
N ILE A 82 25.56 -0.19 -36.41
CA ILE A 82 25.41 -1.17 -37.48
C ILE A 82 24.94 -0.49 -38.75
N ILE A 83 23.95 0.39 -38.64
CA ILE A 83 23.37 1.01 -39.83
C ILE A 83 24.40 1.89 -40.54
N PHE A 84 25.10 2.73 -39.78
CA PHE A 84 26.08 3.61 -40.40
C PHE A 84 27.23 2.82 -41.00
N VAL A 85 27.67 1.77 -40.30
CA VAL A 85 28.75 0.94 -40.82
C VAL A 85 28.34 0.25 -42.11
N SER A 86 27.10 -0.23 -42.19
CA SER A 86 26.63 -0.87 -43.41
C SER A 86 26.47 0.12 -44.56
N THR A 87 26.15 1.38 -44.27
CA THR A 87 25.82 2.31 -45.35
C THR A 87 26.88 2.41 -46.44
N PRO A 88 28.19 2.41 -46.14
CA PRO A 88 29.17 2.41 -47.23
C PRO A 88 29.04 1.24 -48.18
N SER A 89 28.76 0.04 -47.66
CA SER A 89 28.53 -1.10 -48.53
C SER A 89 27.34 -0.84 -49.45
N LEU A 90 26.30 -0.20 -48.92
CA LEU A 90 25.14 0.13 -49.74
C LEU A 90 25.54 1.08 -50.86
N VAL A 91 26.37 2.09 -50.55
CA VAL A 91 26.82 3.01 -51.58
C VAL A 91 27.60 2.26 -52.66
N TYR A 92 28.50 1.38 -52.23
CA TYR A 92 29.34 0.64 -53.18
C TYR A 92 28.50 -0.25 -54.09
N VAL A 93 27.57 -1.01 -53.50
CA VAL A 93 26.74 -1.89 -54.31
C VAL A 93 25.87 -1.08 -55.26
N GLY A 94 25.38 0.07 -54.81
CA GLY A 94 24.61 0.92 -55.70
C GLY A 94 25.43 1.39 -56.89
N HIS A 95 26.66 1.80 -56.64
CA HIS A 95 27.54 2.22 -57.73
C HIS A 95 27.78 1.06 -58.70
N ALA A 96 28.04 -0.13 -58.18
CA ALA A 96 28.28 -1.29 -59.03
C ALA A 96 27.06 -1.61 -59.88
N VAL A 97 25.88 -1.64 -59.27
CA VAL A 97 24.66 -1.91 -60.02
C VAL A 97 24.42 -0.85 -61.07
N HIS A 98 24.72 0.41 -60.76
CA HIS A 98 24.58 1.47 -61.76
C HIS A 98 25.47 1.18 -62.96
N HIS A 99 26.73 0.84 -62.70
CA HIS A 99 27.63 0.51 -63.80
C HIS A 99 27.09 -0.66 -64.62
N VAL A 100 26.58 -1.68 -63.95
CA VAL A 100 26.01 -2.83 -64.66
C VAL A 100 24.86 -2.39 -65.55
N ARG A 101 23.95 -1.55 -65.03
CA ARG A 101 22.82 -1.13 -65.85
C ARG A 101 23.30 -0.34 -67.05
N MET A 102 24.33 0.48 -66.88
CA MET A 102 24.89 1.23 -68.01
C MET A 102 25.47 0.27 -69.04
N GLU A 103 26.21 -0.74 -68.60
CA GLU A 103 26.73 -1.74 -69.53
C GLU A 103 25.61 -2.45 -70.27
N GLU A 104 24.53 -2.78 -69.55
CA GLU A 104 23.37 -3.39 -70.20
C GLU A 104 22.83 -2.48 -71.29
N LYS A 105 22.75 -1.18 -71.00
CA LYS A 105 22.31 -0.24 -72.03
C LYS A 105 23.24 -0.30 -73.24
N ARG A 106 24.55 -0.30 -73.00
CA ARG A 106 25.53 -0.37 -74.07
C ARG A 106 25.39 -1.67 -74.86
N LEU A 150 36.70 -5.17 -60.42
CA LEU A 150 37.19 -4.28 -59.37
C LEU A 150 38.43 -3.54 -59.85
N GLU A 151 38.25 -2.60 -60.77
CA GLU A 151 39.36 -1.84 -61.32
C GLU A 151 38.96 -0.38 -61.48
N GLY A 152 39.98 0.46 -61.57
CA GLY A 152 39.79 1.88 -61.83
C GLY A 152 38.91 2.57 -60.82
N THR A 153 37.94 3.34 -61.32
CA THR A 153 37.08 4.13 -60.44
C THR A 153 36.34 3.27 -59.43
N LEU A 154 35.85 2.11 -59.87
CA LEU A 154 35.13 1.22 -58.98
C LEU A 154 36.02 0.78 -57.81
N LEU A 155 37.28 0.43 -58.10
CA LEU A 155 38.19 0.04 -57.05
C LEU A 155 38.43 1.18 -56.05
N ARG A 156 38.61 2.40 -56.57
CA ARG A 156 38.79 3.54 -55.68
C ARG A 156 37.57 3.75 -54.80
N THR A 157 36.37 3.60 -55.37
CA THR A 157 35.15 3.69 -54.58
C THR A 157 35.13 2.63 -53.49
N TYR A 158 35.56 1.42 -53.81
CA TYR A 158 35.61 0.35 -52.82
C TYR A 158 36.52 0.72 -51.66
N VAL A 159 37.71 1.24 -51.99
CA VAL A 159 38.65 1.64 -50.95
C VAL A 159 38.06 2.77 -50.11
N CYS A 160 37.42 3.74 -50.76
CA CYS A 160 36.80 4.84 -50.03
C CYS A 160 35.75 4.32 -49.05
N HIS A 161 34.95 3.35 -49.49
CA HIS A 161 33.93 2.78 -48.62
C HIS A 161 34.58 2.07 -47.43
N ILE A 162 35.68 1.38 -47.66
CA ILE A 162 36.41 0.76 -46.56
C ILE A 162 36.85 1.83 -45.57
N ILE A 163 37.38 2.94 -46.07
CA ILE A 163 37.84 4.02 -45.20
C ILE A 163 36.69 4.56 -44.38
N PHE A 164 35.53 4.78 -45.00
CA PHE A 164 34.38 5.29 -44.26
C PHE A 164 33.96 4.30 -43.18
N LYS A 165 33.97 3.00 -43.50
CA LYS A 165 33.64 2.00 -42.49
C LYS A 165 34.58 2.09 -41.31
N THR A 166 35.88 2.22 -41.58
CA THR A 166 36.85 2.33 -40.49
C THR A 166 36.60 3.56 -39.64
N LEU A 167 36.34 4.70 -40.29
CA LEU A 167 36.09 5.93 -39.55
C LEU A 167 34.84 5.81 -38.67
N PHE A 168 33.76 5.26 -39.22
CA PHE A 168 32.54 5.14 -38.44
C PHE A 168 32.73 4.19 -37.27
N GLU A 169 33.48 3.11 -37.48
CA GLU A 169 33.71 2.16 -36.40
C GLU A 169 34.51 2.80 -35.28
N VAL A 170 35.59 3.51 -35.63
CA VAL A 170 36.39 4.18 -34.62
C VAL A 170 35.57 5.24 -33.90
N GLY A 171 34.74 5.96 -34.65
CA GLY A 171 33.93 7.00 -34.04
C GLY A 171 32.96 6.45 -33.02
N PHE A 172 32.27 5.38 -33.37
CA PHE A 172 31.32 4.78 -32.43
C PHE A 172 32.04 4.18 -31.23
N ILE A 173 33.20 3.56 -31.44
CA ILE A 173 33.95 3.03 -30.30
C ILE A 173 34.32 4.14 -29.34
N VAL A 174 34.89 5.23 -29.86
CA VAL A 174 35.30 6.34 -29.01
C VAL A 174 34.10 6.97 -28.32
N GLY A 175 32.99 7.10 -29.04
CA GLY A 175 31.81 7.69 -28.43
C GLY A 175 31.29 6.85 -27.29
N HIS A 176 31.18 5.54 -27.50
CA HIS A 176 30.80 4.66 -26.40
C HIS A 176 31.76 4.81 -25.23
N TYR A 177 33.06 4.85 -25.50
CA TYR A 177 34.03 4.92 -24.42
C TYR A 177 33.81 6.18 -23.58
N PHE A 178 33.68 7.32 -24.23
CA PHE A 178 33.50 8.57 -23.48
C PHE A 178 32.15 8.60 -22.77
N LEU A 179 31.09 8.09 -23.41
CA LEU A 179 29.79 8.02 -22.75
C LEU A 179 29.85 7.17 -21.47
N TYR A 180 30.29 5.91 -21.60
CA TYR A 180 30.17 4.94 -20.52
C TYR A 180 31.47 4.27 -20.09
N GLY A 181 32.61 4.68 -20.59
CA GLY A 181 33.75 3.80 -20.41
C GLY A 181 33.42 2.46 -21.01
N PHE A 182 33.84 1.39 -20.33
CA PHE A 182 33.43 0.04 -20.72
C PHE A 182 32.97 -0.81 -19.55
N ARG A 183 32.75 -0.22 -18.37
CA ARG A 183 32.21 -0.94 -17.23
C ARG A 183 31.00 -0.19 -16.69
N ILE A 184 29.86 -0.86 -16.61
CA ILE A 184 28.65 -0.31 -16.00
C ILE A 184 28.68 -0.68 -14.52
N LEU A 185 28.80 0.32 -13.66
CA LEU A 185 28.74 0.11 -12.24
C LEU A 185 27.29 -0.01 -11.77
N PRO A 186 27.04 -0.78 -10.70
CA PRO A 186 25.67 -0.86 -10.17
C PRO A 186 25.15 0.43 -9.58
N LEU A 187 26.01 1.19 -8.90
CA LEU A 187 25.60 2.40 -8.20
C LEU A 187 25.79 3.62 -9.10
N TYR A 188 24.71 4.39 -9.27
CA TYR A 188 24.76 5.71 -9.87
C TYR A 188 24.30 6.74 -8.86
N ARG A 189 25.16 7.68 -8.52
CA ARG A 189 24.79 8.78 -7.63
C ARG A 189 24.31 9.97 -8.46
N CYS A 190 23.11 10.44 -8.15
CA CYS A 190 22.39 11.41 -8.98
C CYS A 190 22.07 12.66 -8.17
N SER A 191 22.40 13.83 -8.70
CA SER A 191 22.08 15.10 -8.09
C SER A 191 21.21 15.99 -8.97
N ARG A 192 20.39 15.38 -9.83
CA ARG A 192 19.61 16.12 -10.81
C ARG A 192 18.25 16.48 -10.23
N TRP A 193 17.84 17.72 -10.45
CA TRP A 193 16.55 18.16 -9.96
C TRP A 193 15.45 17.35 -10.64
N PRO A 194 14.42 16.91 -9.92
CA PRO A 194 13.94 17.24 -8.58
C PRO A 194 14.54 16.47 -7.40
N CYS A 195 15.53 15.62 -7.65
CA CYS A 195 16.09 14.84 -6.56
C CYS A 195 16.63 15.76 -5.47
N PRO A 196 16.33 15.49 -4.19
CA PRO A 196 16.83 16.35 -3.11
C PRO A 196 18.23 15.86 -2.75
N ASN A 197 19.31 16.66 -2.96
CA ASN A 197 20.68 16.25 -2.59
C ASN A 197 21.18 15.21 -3.62
N VAL A 198 22.19 14.42 -3.25
CA VAL A 198 22.61 13.25 -4.06
C VAL A 198 21.75 12.09 -3.59
N VAL A 199 21.22 11.31 -4.53
CA VAL A 199 20.47 10.08 -4.26
C VAL A 199 21.22 8.90 -4.86
N ASP A 200 21.14 7.77 -4.18
CA ASP A 200 21.72 6.52 -4.66
C ASP A 200 20.70 5.80 -5.54
N CYS A 201 21.09 5.50 -6.77
CA CYS A 201 20.29 4.75 -7.71
C CYS A 201 21.01 3.47 -8.07
N PHE A 202 20.26 2.42 -8.36
CA PHE A 202 20.82 1.10 -8.64
C PHE A 202 20.39 0.58 -10.00
N VAL A 203 21.38 0.26 -10.81
CA VAL A 203 21.19 -0.24 -12.17
C VAL A 203 20.83 -1.71 -12.17
N SER A 204 20.04 -2.12 -13.16
CA SER A 204 19.72 -3.52 -13.39
C SER A 204 20.78 -4.21 -14.25
N ARG A 205 21.09 -5.44 -13.86
CA ARG A 205 21.95 -6.35 -14.63
C ARG A 205 23.28 -5.72 -15.06
N PRO A 206 23.98 -5.02 -14.17
CA PRO A 206 25.21 -4.35 -14.62
C PRO A 206 26.29 -5.29 -15.14
N THR A 207 26.46 -6.45 -14.51
CA THR A 207 27.52 -7.38 -14.93
C THR A 207 27.27 -7.92 -16.33
N GLU A 208 26.05 -8.36 -16.61
CA GLU A 208 25.73 -8.89 -17.93
C GLU A 208 25.90 -7.83 -18.99
N LYS A 209 25.47 -6.60 -18.69
CA LYS A 209 25.64 -5.50 -19.61
C LYS A 209 27.11 -5.20 -19.87
N THR A 210 27.94 -5.29 -18.83
CA THR A 210 29.38 -5.14 -19.02
C THR A 210 29.93 -6.23 -19.94
N ILE A 211 29.47 -7.46 -19.75
CA ILE A 211 29.92 -8.57 -20.57
C ILE A 211 29.60 -8.31 -22.03
N PHE A 212 28.37 -7.86 -22.30
CA PHE A 212 27.98 -7.65 -23.68
C PHE A 212 28.64 -6.40 -24.27
N ILE A 213 28.82 -5.36 -23.47
CA ILE A 213 29.57 -4.20 -23.90
C ILE A 213 30.95 -4.63 -24.40
N LEU A 214 31.66 -5.41 -23.59
CA LEU A 214 32.99 -5.85 -23.98
C LEU A 214 32.95 -6.77 -25.19
N PHE A 215 31.94 -7.63 -25.27
CA PHE A 215 31.81 -8.51 -26.42
C PHE A 215 31.66 -7.71 -27.72
N MET A 216 30.78 -6.71 -27.70
CA MET A 216 30.56 -5.89 -28.89
C MET A 216 31.78 -5.04 -29.22
N LEU A 217 32.48 -4.55 -28.21
CA LEU A 217 33.73 -3.84 -28.44
C LEU A 217 34.74 -4.74 -29.15
N SER A 218 34.86 -5.98 -28.69
CA SER A 218 35.75 -6.93 -29.34
C SER A 218 35.33 -7.17 -30.79
N VAL A 219 34.04 -7.34 -31.03
CA VAL A 219 33.57 -7.56 -32.40
C VAL A 219 33.91 -6.37 -33.28
N ALA A 220 33.72 -5.16 -32.78
CA ALA A 220 34.05 -3.96 -33.55
C ALA A 220 35.54 -3.90 -33.85
N SER A 221 36.38 -4.24 -32.87
CA SER A 221 37.82 -4.25 -33.11
C SER A 221 38.19 -5.29 -34.16
N VAL A 222 37.54 -6.46 -34.11
CA VAL A 222 37.79 -7.50 -35.11
C VAL A 222 37.43 -6.99 -36.50
N SER A 223 36.27 -6.34 -36.61
CA SER A 223 35.85 -5.81 -37.91
C SER A 223 36.83 -4.77 -38.43
N LEU A 224 37.31 -3.90 -37.53
CA LEU A 224 38.31 -2.91 -37.92
C LEU A 224 39.57 -3.58 -38.45
N PHE A 225 40.04 -4.61 -37.73
CA PHE A 225 41.21 -5.36 -38.17
C PHE A 225 40.97 -5.99 -39.54
N LEU A 226 39.76 -6.51 -39.76
CA LEU A 226 39.42 -7.06 -41.07
C LEU A 226 39.54 -6.00 -42.15
N ASN A 227 39.05 -4.80 -41.88
CA ASN A 227 39.18 -3.72 -42.86
C ASN A 227 40.65 -3.42 -43.16
N ILE A 228 41.48 -3.40 -42.13
CA ILE A 228 42.92 -3.21 -42.35
C ILE A 228 43.46 -4.32 -43.25
N LEU A 229 43.04 -5.56 -43.00
CA LEU A 229 43.45 -6.66 -43.86
C LEU A 229 42.98 -6.45 -45.29
N GLU A 230 41.78 -5.90 -45.46
CA GLU A 230 41.29 -5.65 -46.81
C GLU A 230 42.21 -4.68 -47.53
N MET A 231 42.58 -3.59 -46.86
CA MET A 231 43.47 -2.62 -47.50
C MET A 231 44.82 -3.25 -47.82
N SER A 232 45.40 -4.01 -46.89
CA SER A 232 46.68 -4.64 -47.16
C SER A 232 46.58 -5.63 -48.32
N HIS A 233 45.52 -6.43 -48.35
CA HIS A 233 45.33 -7.41 -49.42
C HIS A 233 45.22 -6.72 -50.76
N LEU A 234 44.48 -5.62 -50.83
CA LEU A 234 44.45 -4.84 -52.06
C LEU A 234 45.85 -4.34 -52.42
N GLY A 235 46.61 -3.90 -51.43
CA GLY A 235 47.95 -3.43 -51.69
C GLY A 235 48.82 -4.51 -52.32
N LEU A 236 48.73 -5.73 -51.79
CA LEU A 236 49.50 -6.85 -52.34
C LEU A 236 49.15 -7.08 -53.81
N GLY B 2 5.49 -2.90 -36.54
CA GLY B 2 4.55 -2.96 -37.64
C GLY B 2 5.10 -3.69 -38.85
N ASP B 3 4.21 -4.08 -39.77
CA ASP B 3 4.59 -4.84 -40.95
C ASP B 3 4.54 -3.91 -42.16
N TRP B 4 5.71 -3.67 -42.76
CA TRP B 4 5.86 -2.81 -43.92
C TRP B 4 6.13 -3.60 -45.20
N SER B 5 5.83 -4.90 -45.20
CA SER B 5 6.20 -5.74 -46.32
C SER B 5 5.55 -5.28 -47.62
N PHE B 6 4.25 -4.97 -47.57
CA PHE B 6 3.54 -4.57 -48.78
C PHE B 6 4.10 -3.28 -49.36
N LEU B 7 4.30 -2.28 -48.49
CA LEU B 7 4.89 -1.03 -48.93
C LEU B 7 6.29 -1.26 -49.48
N GLY B 8 7.06 -2.11 -48.80
CA GLY B 8 8.39 -2.40 -49.28
C GLY B 8 8.39 -3.03 -50.66
N ASN B 9 7.45 -3.94 -50.90
CA ASN B 9 7.34 -4.58 -52.20
C ASN B 9 7.07 -3.56 -53.30
N ILE B 10 6.08 -2.68 -53.06
CA ILE B 10 5.77 -1.69 -54.09
C ILE B 10 6.94 -0.74 -54.32
N LEU B 11 7.58 -0.29 -53.23
CA LEU B 11 8.73 0.60 -53.38
C LEU B 11 9.86 -0.08 -54.16
N GLU B 12 10.11 -1.36 -53.89
CA GLU B 12 11.08 -2.11 -54.66
C GLU B 12 10.68 -2.13 -56.14
N GLU B 13 9.39 -2.28 -56.42
CA GLU B 13 8.94 -2.25 -57.81
C GLU B 13 9.28 -0.91 -58.46
N VAL B 14 8.97 0.19 -57.78
CA VAL B 14 9.26 1.51 -58.35
C VAL B 14 10.76 1.77 -58.47
N ASN B 15 11.60 1.05 -57.72
CA ASN B 15 13.04 1.28 -57.89
C ASN B 15 13.49 1.04 -59.32
N GLU B 16 12.96 0.00 -59.96
CA GLU B 16 13.37 -0.33 -61.32
C GLU B 16 13.17 0.85 -62.27
N HIS B 17 12.05 1.56 -62.13
CA HIS B 17 11.71 2.66 -63.01
C HIS B 17 12.03 4.03 -62.42
N SER B 18 13.00 4.09 -61.52
CA SER B 18 13.36 5.33 -60.85
C SER B 18 14.78 5.74 -61.19
N THR B 19 15.05 7.02 -60.97
CA THR B 19 16.37 7.58 -61.22
C THR B 19 17.35 7.12 -60.14
N VAL B 20 18.64 7.27 -60.43
CA VAL B 20 19.67 6.87 -59.48
C VAL B 20 19.49 7.61 -58.17
N ILE B 21 19.25 8.91 -58.24
CA ILE B 21 18.97 9.69 -57.04
C ILE B 21 17.73 9.14 -56.35
N GLY B 22 16.72 8.76 -57.13
CA GLY B 22 15.53 8.18 -56.55
C GLY B 22 15.80 6.89 -55.81
N ARG B 23 16.66 6.03 -56.37
CA ARG B 23 17.02 4.81 -55.66
C ARG B 23 17.73 5.13 -54.36
N VAL B 24 18.60 6.14 -54.38
CA VAL B 24 19.26 6.54 -53.13
C VAL B 24 18.22 6.98 -52.11
N TRP B 25 17.22 7.72 -52.58
CA TRP B 25 16.17 8.19 -51.69
C TRP B 25 15.40 7.04 -51.07
N LEU B 26 15.04 6.05 -51.88
CA LEU B 26 14.28 4.92 -51.35
C LEU B 26 15.09 4.11 -50.36
N THR B 27 16.37 3.85 -50.67
CA THR B 27 17.18 3.12 -49.71
C THR B 27 17.34 3.90 -48.41
N VAL B 28 17.49 5.22 -48.49
CA VAL B 28 17.52 6.04 -47.28
C VAL B 28 16.22 5.86 -46.50
N LEU B 29 15.09 5.85 -47.22
CA LEU B 29 13.80 5.69 -46.55
C LEU B 29 13.75 4.38 -45.78
N PHE B 30 14.17 3.29 -46.43
CA PHE B 30 14.08 1.99 -45.78
C PHE B 30 15.06 1.87 -44.61
N ILE B 31 16.32 2.24 -44.83
CA ILE B 31 17.35 1.97 -43.84
C ILE B 31 17.30 2.96 -42.69
N PHE B 32 17.06 4.23 -42.97
CA PHE B 32 17.21 5.27 -41.96
C PHE B 32 15.89 5.79 -41.42
N ARG B 33 14.75 5.31 -41.92
CA ARG B 33 13.47 5.66 -41.34
C ARG B 33 12.72 4.45 -40.83
N ILE B 34 12.36 3.51 -41.71
CA ILE B 34 11.59 2.35 -41.31
C ILE B 34 12.38 1.49 -40.33
N LEU B 35 13.63 1.22 -40.66
CA LEU B 35 14.46 0.37 -39.82
C LEU B 35 14.76 1.02 -38.48
N ILE B 36 14.93 2.34 -38.46
CA ILE B 36 15.17 3.04 -37.20
C ILE B 36 13.94 2.96 -36.31
N LEU B 37 12.76 3.21 -36.88
CA LEU B 37 11.55 3.13 -36.08
C LEU B 37 11.35 1.73 -35.53
N GLY B 38 11.57 0.71 -36.36
CA GLY B 38 11.37 -0.64 -35.91
C GLY B 38 12.37 -1.08 -34.86
N THR B 39 13.66 -0.96 -35.18
CA THR B 39 14.70 -1.48 -34.30
C THR B 39 14.87 -0.63 -33.05
N ALA B 40 14.79 0.70 -33.17
CA ALA B 40 15.22 1.59 -32.11
C ALA B 40 14.11 2.44 -31.51
N ALA B 41 13.39 3.22 -32.32
CA ALA B 41 12.56 4.27 -31.76
C ALA B 41 11.35 3.72 -31.02
N GLU B 42 10.74 2.65 -31.55
CA GLU B 42 9.54 2.11 -30.91
C GLU B 42 9.82 1.63 -29.50
N PHE B 43 11.00 1.05 -29.27
CA PHE B 43 11.39 0.67 -27.91
C PHE B 43 11.58 1.90 -27.02
N VAL B 44 12.13 2.97 -27.57
CA VAL B 44 12.31 4.20 -26.79
C VAL B 44 10.97 4.72 -26.30
N TRP B 45 10.00 4.83 -27.20
CA TRP B 45 8.72 5.41 -26.90
C TRP B 45 7.74 4.40 -26.33
N GLY B 46 8.19 3.19 -26.06
CA GLY B 46 7.28 2.14 -25.64
C GLY B 46 6.59 2.43 -24.32
N ASP B 47 7.31 2.99 -23.36
CA ASP B 47 6.81 3.26 -22.02
C ASP B 47 6.52 4.74 -21.80
N GLU B 48 6.02 5.41 -22.84
CA GLU B 48 5.82 6.85 -22.75
C GLU B 48 4.80 7.21 -21.67
N GLN B 49 3.64 6.56 -21.67
CA GLN B 49 2.60 6.89 -20.71
C GLN B 49 2.81 6.20 -19.37
N SER B 50 3.27 4.95 -19.40
CA SER B 50 3.44 4.20 -18.15
C SER B 50 4.45 4.87 -17.22
N ASP B 51 5.57 5.32 -17.74
CA ASP B 51 6.59 5.96 -16.92
C ASP B 51 6.44 7.48 -16.82
N PHE B 52 5.47 8.06 -17.52
CA PHE B 52 5.05 9.43 -17.23
C PHE B 52 4.52 9.51 -15.81
N VAL B 53 5.11 10.38 -15.00
CA VAL B 53 4.74 10.53 -13.60
C VAL B 53 4.47 12.00 -13.30
N CYS B 54 3.39 12.25 -12.57
CA CYS B 54 3.02 13.58 -12.13
C CYS B 54 2.96 13.60 -10.61
N ASN B 55 3.42 14.71 -10.03
CA ASN B 55 3.46 14.88 -8.57
C ASN B 55 2.09 15.34 -8.08
N THR B 56 1.18 14.38 -7.92
CA THR B 56 -0.14 14.69 -7.44
C THR B 56 -0.79 13.42 -6.91
N GLN B 57 -1.84 13.61 -6.10
CA GLN B 57 -2.71 12.54 -5.65
C GLN B 57 -4.06 12.59 -6.32
N GLN B 58 -4.17 13.28 -7.45
CA GLN B 58 -5.44 13.54 -8.09
C GLN B 58 -5.70 12.52 -9.18
N PRO B 59 -6.79 11.75 -9.13
CA PRO B 59 -7.07 10.81 -10.21
C PRO B 59 -7.30 11.53 -11.53
N GLY B 60 -6.85 10.89 -12.60
CA GLY B 60 -7.01 11.42 -13.94
C GLY B 60 -6.08 12.54 -14.34
N CYS B 61 -5.37 13.16 -13.40
CA CYS B 61 -4.46 14.23 -13.76
C CYS B 61 -3.36 13.75 -14.70
N GLU B 62 -2.78 12.57 -14.42
CA GLU B 62 -1.71 12.07 -15.26
C GLU B 62 -2.19 11.83 -16.69
N ASN B 63 -3.38 11.27 -16.86
CA ASN B 63 -3.89 11.00 -18.19
C ASN B 63 -4.08 12.29 -18.98
N VAL B 64 -4.76 13.27 -18.38
CA VAL B 64 -5.04 14.51 -19.09
C VAL B 64 -3.74 15.26 -19.39
N CYS B 65 -2.81 15.26 -18.44
CA CYS B 65 -1.54 15.94 -18.65
C CYS B 65 -0.70 15.27 -19.73
N TYR B 66 -0.63 13.94 -19.73
CA TYR B 66 0.09 13.26 -20.80
C TYR B 66 -0.53 13.57 -22.15
N ASP B 67 -1.86 13.53 -22.23
CA ASP B 67 -2.53 13.86 -23.48
C ASP B 67 -2.20 15.27 -23.94
N GLU B 68 -2.20 16.23 -23.01
CA GLU B 68 -1.88 17.60 -23.39
C GLU B 68 -0.44 17.74 -23.82
N ALA B 69 0.48 17.08 -23.11
CA ALA B 69 1.90 17.17 -23.44
C ALA B 69 2.21 16.52 -24.78
N PHE B 70 1.61 15.37 -25.04
CA PHE B 70 1.82 14.62 -26.26
C PHE B 70 0.49 14.36 -26.94
N PRO B 71 -0.02 15.34 -27.68
CA PRO B 71 -1.29 15.13 -28.37
C PRO B 71 -1.23 13.94 -29.32
N ILE B 72 -0.17 13.87 -30.10
CA ILE B 72 0.14 12.71 -30.92
C ILE B 72 1.55 12.23 -30.58
N SER B 73 1.76 10.92 -30.45
CA SER B 73 3.12 10.48 -30.18
C SER B 73 4.02 10.70 -31.39
N HIS B 74 5.31 10.89 -31.11
CA HIS B 74 6.29 11.14 -32.17
C HIS B 74 6.37 9.98 -33.15
N ILE B 75 6.44 8.75 -32.65
CA ILE B 75 6.59 7.60 -33.55
C ILE B 75 5.40 7.52 -34.49
N ARG B 76 4.21 7.82 -34.00
CA ARG B 76 3.02 7.81 -34.85
C ARG B 76 3.12 8.86 -35.94
N LEU B 77 3.55 10.06 -35.58
CA LEU B 77 3.72 11.11 -36.57
C LEU B 77 4.74 10.71 -37.64
N TRP B 78 5.80 10.02 -37.24
CA TRP B 78 6.78 9.56 -38.22
C TRP B 78 6.22 8.48 -39.13
N VAL B 79 5.38 7.60 -38.58
CA VAL B 79 4.67 6.63 -39.41
C VAL B 79 3.88 7.35 -40.49
N LEU B 80 3.07 8.32 -40.09
CA LEU B 80 2.26 9.06 -41.06
C LEU B 80 3.15 9.75 -42.08
N GLN B 81 4.26 10.33 -41.62
CA GLN B 81 5.16 11.02 -42.53
C GLN B 81 5.69 10.07 -43.59
N ILE B 82 6.11 8.87 -43.16
CA ILE B 82 6.64 7.90 -44.10
C ILE B 82 5.58 7.52 -45.12
N ILE B 83 4.36 7.28 -44.66
CA ILE B 83 3.31 6.81 -45.57
C ILE B 83 2.96 7.89 -46.60
N PHE B 84 2.78 9.12 -46.14
CA PHE B 84 2.42 10.19 -47.07
C PHE B 84 3.56 10.47 -48.04
N VAL B 85 4.79 10.44 -47.55
CA VAL B 85 5.94 10.66 -48.42
C VAL B 85 6.04 9.58 -49.48
N SER B 86 5.79 8.32 -49.11
CA SER B 86 5.84 7.24 -50.08
C SER B 86 4.71 7.31 -51.09
N THR B 87 3.55 7.85 -50.71
CA THR B 87 2.39 7.78 -51.60
C THR B 87 2.63 8.34 -53.00
N PRO B 88 3.36 9.44 -53.18
CA PRO B 88 3.66 9.88 -54.56
C PRO B 88 4.38 8.84 -55.40
N SER B 89 5.33 8.13 -54.81
CA SER B 89 6.00 7.05 -55.54
C SER B 89 4.99 6.00 -55.97
N LEU B 90 4.03 5.69 -55.09
CA LEU B 90 2.98 4.75 -55.45
C LEU B 90 2.18 5.24 -56.65
N VAL B 91 1.83 6.52 -56.65
CA VAL B 91 1.08 7.08 -57.78
C VAL B 91 1.90 6.95 -59.06
N TYR B 92 3.19 7.29 -58.98
CA TYR B 92 4.04 7.26 -60.17
C TYR B 92 4.17 5.84 -60.71
N VAL B 93 4.44 4.88 -59.84
CA VAL B 93 4.59 3.50 -60.29
C VAL B 93 3.28 2.99 -60.86
N GLY B 94 2.16 3.37 -60.27
CA GLY B 94 0.87 2.98 -60.82
C GLY B 94 0.67 3.50 -62.22
N HIS B 95 1.02 4.78 -62.44
CA HIS B 95 0.90 5.36 -63.77
C HIS B 95 1.79 4.62 -64.76
N ALA B 96 3.02 4.32 -64.37
CA ALA B 96 3.94 3.61 -65.25
C ALA B 96 3.41 2.23 -65.60
N VAL B 97 2.96 1.48 -64.61
CA VAL B 97 2.41 0.14 -64.86
C VAL B 97 1.17 0.23 -65.77
N HIS B 98 0.35 1.27 -65.58
CA HIS B 98 -0.80 1.43 -66.46
C HIS B 98 -0.34 1.61 -67.90
N HIS B 99 0.65 2.48 -68.11
CA HIS B 99 1.17 2.67 -69.47
C HIS B 99 1.70 1.36 -70.04
N VAL B 100 2.42 0.60 -69.23
CA VAL B 100 2.94 -0.69 -69.68
C VAL B 100 1.81 -1.61 -70.10
N ARG B 101 0.75 -1.70 -69.29
CA ARG B 101 -0.34 -2.59 -69.65
C ARG B 101 -1.00 -2.15 -70.95
N MET B 102 -1.12 -0.84 -71.15
CA MET B 102 -1.67 -0.33 -72.41
C MET B 102 -0.79 -0.71 -73.58
N GLU B 103 0.54 -0.56 -73.43
CA GLU B 103 1.45 -0.99 -74.49
C GLU B 103 1.31 -2.48 -74.77
N GLU B 104 1.18 -3.29 -73.71
CA GLU B 104 0.96 -4.71 -73.91
C GLU B 104 -0.30 -4.97 -74.73
N LYS B 105 -1.37 -4.22 -74.43
CA LYS B 105 -2.58 -4.35 -75.24
C LYS B 105 -2.29 -4.03 -76.70
N ARG B 106 -1.56 -2.94 -76.94
CA ARG B 106 -1.22 -2.53 -78.30
C ARG B 106 -0.36 -3.59 -78.98
N LEU B 150 11.25 7.60 -69.57
CA LEU B 150 10.96 8.79 -68.77
C LEU B 150 10.88 10.03 -69.66
N GLU B 151 9.83 10.12 -70.45
CA GLU B 151 9.66 11.24 -71.37
C GLU B 151 8.21 11.69 -71.38
N GLY B 152 8.01 12.93 -71.82
CA GLY B 152 6.67 13.48 -72.00
C GLY B 152 5.85 13.48 -70.73
N THR B 153 4.61 13.00 -70.85
CA THR B 153 3.67 13.04 -69.73
C THR B 153 4.22 12.28 -68.52
N LEU B 154 4.84 11.13 -68.76
CA LEU B 154 5.40 10.34 -67.66
C LEU B 154 6.44 11.14 -66.89
N LEU B 155 7.33 11.83 -67.61
CA LEU B 155 8.34 12.65 -66.96
C LEU B 155 7.70 13.75 -66.11
N ARG B 156 6.68 14.42 -66.66
CA ARG B 156 5.99 15.46 -65.90
C ARG B 156 5.37 14.89 -64.64
N THR B 157 4.77 13.71 -64.74
CA THR B 157 4.21 13.05 -63.56
C THR B 157 5.30 12.77 -62.54
N TYR B 158 6.47 12.34 -62.99
CA TYR B 158 7.59 12.08 -62.08
C TYR B 158 7.97 13.34 -61.33
N VAL B 159 8.09 14.45 -62.06
CA VAL B 159 8.45 15.72 -61.43
C VAL B 159 7.37 16.14 -60.44
N CYS B 160 6.09 15.98 -60.81
CA CYS B 160 5.01 16.32 -59.91
C CYS B 160 5.10 15.51 -58.62
N HIS B 161 5.40 14.22 -58.74
CA HIS B 161 5.52 13.37 -57.55
C HIS B 161 6.68 13.84 -56.68
N ILE B 162 7.79 14.25 -57.30
CA ILE B 162 8.90 14.80 -56.53
C ILE B 162 8.43 16.04 -55.77
N ILE B 163 7.67 16.91 -56.42
CA ILE B 163 7.18 18.12 -55.77
C ILE B 163 6.30 17.77 -54.59
N PHE B 164 5.39 16.81 -54.76
CA PHE B 164 4.53 16.41 -53.66
C PHE B 164 5.35 15.86 -52.50
N LYS B 165 6.37 15.07 -52.79
CA LYS B 165 7.24 14.56 -51.74
C LYS B 165 7.88 15.69 -50.97
N THR B 166 8.39 16.68 -51.69
CA THR B 166 9.01 17.82 -51.02
C THR B 166 8.01 18.56 -50.14
N LEU B 167 6.81 18.80 -50.65
CA LEU B 167 5.80 19.51 -49.87
C LEU B 167 5.44 18.73 -48.61
N PHE B 168 5.23 17.43 -48.73
CA PHE B 168 4.86 16.64 -47.56
C PHE B 168 5.98 16.62 -46.54
N GLU B 169 7.23 16.54 -47.00
CA GLU B 169 8.35 16.52 -46.08
C GLU B 169 8.45 17.84 -45.32
N VAL B 170 8.34 18.96 -46.04
CA VAL B 170 8.40 20.26 -45.38
C VAL B 170 7.23 20.41 -44.42
N GLY B 171 6.05 19.94 -44.81
CA GLY B 171 4.89 20.07 -43.96
C GLY B 171 5.05 19.32 -42.65
N PHE B 172 5.53 18.08 -42.73
CA PHE B 172 5.72 17.30 -41.52
C PHE B 172 6.83 17.88 -40.65
N ILE B 173 7.91 18.38 -41.27
CA ILE B 173 8.95 19.01 -40.48
C ILE B 173 8.41 20.20 -39.71
N VAL B 174 7.68 21.09 -40.40
CA VAL B 174 7.15 22.28 -39.76
C VAL B 174 6.15 21.91 -38.68
N GLY B 175 5.31 20.90 -38.96
CA GLY B 175 4.34 20.48 -37.96
C GLY B 175 4.99 19.96 -36.71
N HIS B 176 5.99 19.09 -36.86
CA HIS B 176 6.75 18.63 -35.71
C HIS B 176 7.34 19.81 -34.96
N TYR B 177 7.93 20.76 -35.67
CA TYR B 177 8.58 21.88 -35.02
C TYR B 177 7.59 22.65 -34.14
N PHE B 178 6.44 22.99 -34.71
CA PHE B 178 5.45 23.75 -33.95
C PHE B 178 4.88 22.94 -32.80
N LEU B 179 4.64 21.64 -33.01
CA LEU B 179 4.16 20.80 -31.93
C LEU B 179 5.14 20.76 -30.77
N TYR B 180 6.38 20.36 -31.04
CA TYR B 180 7.36 20.06 -29.98
C TYR B 180 8.66 20.82 -30.05
N GLY B 181 8.81 21.80 -30.93
CA GLY B 181 10.17 22.24 -31.17
C GLY B 181 11.00 21.07 -31.61
N PHE B 182 12.24 21.01 -31.12
CA PHE B 182 13.09 19.84 -31.35
C PHE B 182 13.79 19.36 -30.08
N ARG B 183 13.41 19.85 -28.91
CA ARG B 183 13.96 19.39 -27.64
C ARG B 183 12.81 19.03 -26.71
N ILE B 184 12.80 17.79 -26.23
CA ILE B 184 11.85 17.34 -25.22
C ILE B 184 12.46 17.60 -23.86
N LEU B 185 11.85 18.50 -23.10
CA LEU B 185 12.28 18.76 -21.74
C LEU B 185 11.73 17.70 -20.78
N PRO B 186 12.45 17.41 -19.70
CA PRO B 186 11.92 16.45 -18.71
C PRO B 186 10.70 16.95 -17.97
N LEU B 187 10.64 18.23 -17.64
CA LEU B 187 9.55 18.79 -16.85
C LEU B 187 8.46 19.33 -17.75
N TYR B 188 7.22 18.87 -17.52
CA TYR B 188 6.04 19.46 -18.11
C TYR B 188 5.14 19.98 -16.99
N ARG B 189 4.87 21.27 -16.99
CA ARG B 189 3.94 21.85 -16.03
C ARG B 189 2.54 21.88 -16.63
N CYS B 190 1.58 21.30 -15.91
CA CYS B 190 0.24 21.04 -16.42
C CYS B 190 -0.80 21.71 -15.55
N SER B 191 -1.72 22.45 -16.17
CA SER B 191 -2.83 23.09 -15.48
C SER B 191 -4.19 22.64 -15.99
N ARG B 192 -4.27 21.42 -16.50
CA ARG B 192 -5.48 20.92 -17.14
C ARG B 192 -6.37 20.23 -16.11
N TRP B 193 -7.66 20.53 -16.16
CA TRP B 193 -8.60 19.92 -15.24
C TRP B 193 -8.62 18.41 -15.48
N PRO B 194 -8.64 17.57 -14.44
CA PRO B 194 -8.89 17.79 -13.01
C PRO B 194 -7.72 18.18 -12.13
N CYS B 195 -6.54 18.41 -12.72
CA CYS B 195 -5.38 18.74 -11.90
C CYS B 195 -5.67 20.00 -11.08
N PRO B 196 -5.33 20.00 -9.78
CA PRO B 196 -5.58 21.19 -8.95
C PRO B 196 -4.39 22.11 -9.11
N ASN B 197 -4.52 23.33 -9.70
CA ASN B 197 -3.41 24.29 -9.85
C ASN B 197 -2.49 23.80 -10.99
N VAL B 198 -1.24 24.25 -11.01
CA VAL B 198 -0.22 23.69 -11.91
C VAL B 198 0.40 22.52 -11.17
N VAL B 199 0.59 21.39 -11.85
CA VAL B 199 1.30 20.22 -11.32
C VAL B 199 2.54 19.97 -12.16
N ASP B 200 3.59 19.49 -11.49
CA ASP B 200 4.82 19.11 -12.15
C ASP B 200 4.73 17.65 -12.60
N CYS B 201 4.93 17.42 -13.89
CA CYS B 201 4.96 16.09 -14.48
C CYS B 201 6.34 15.85 -15.07
N PHE B 202 6.76 14.60 -15.08
CA PHE B 202 8.09 14.22 -15.54
C PHE B 202 8.03 13.19 -16.66
N VAL B 203 8.65 13.53 -17.76
CA VAL B 203 8.70 12.71 -18.97
C VAL B 203 9.75 11.62 -18.83
N SER B 204 9.49 10.49 -19.48
CA SER B 204 10.44 9.39 -19.58
C SER B 204 11.39 9.58 -20.76
N ARG B 205 12.66 9.26 -20.51
CA ARG B 205 13.69 9.20 -21.54
C ARG B 205 13.78 10.45 -22.42
N PRO B 206 13.73 11.64 -21.84
CA PRO B 206 13.72 12.85 -22.70
C PRO B 206 14.95 13.00 -23.57
N THR B 207 16.13 12.70 -23.05
CA THR B 207 17.36 12.88 -23.81
C THR B 207 17.41 11.97 -25.04
N GLU B 208 17.10 10.68 -24.86
CA GLU B 208 17.12 9.75 -25.97
C GLU B 208 16.10 10.14 -27.03
N LYS B 209 14.92 10.57 -26.59
CA LYS B 209 13.90 11.04 -27.51
C LYS B 209 14.37 12.28 -28.27
N THR B 210 15.06 13.19 -27.61
CA THR B 210 15.65 14.33 -28.30
C THR B 210 16.65 13.88 -29.36
N ILE B 211 17.48 12.90 -29.01
CA ILE B 211 18.48 12.41 -29.94
C ILE B 211 17.82 11.85 -31.18
N PHE B 212 16.75 11.06 -31.00
CA PHE B 212 16.10 10.46 -32.15
C PHE B 212 15.27 11.48 -32.94
N ILE B 213 14.66 12.43 -32.25
CA ILE B 213 14.00 13.54 -32.93
C ILE B 213 14.97 14.22 -33.89
N LEU B 214 16.14 14.59 -33.39
CA LEU B 214 17.13 15.26 -34.22
C LEU B 214 17.63 14.36 -35.34
N PHE B 215 17.81 13.07 -35.06
CA PHE B 215 18.24 12.14 -36.08
C PHE B 215 17.24 12.08 -37.24
N MET B 216 15.96 11.96 -36.91
CA MET B 216 14.92 11.87 -37.94
C MET B 216 14.78 13.20 -38.68
N LEU B 217 14.93 14.31 -37.99
CA LEU B 217 14.94 15.61 -38.66
C LEU B 217 16.06 15.69 -39.68
N SER B 218 17.26 15.24 -39.29
CA SER B 218 18.38 15.21 -40.22
C SER B 218 18.08 14.32 -41.42
N VAL B 219 17.50 13.15 -41.19
CA VAL B 219 17.17 12.25 -42.29
C VAL B 219 16.18 12.90 -43.24
N ALA B 220 15.17 13.57 -42.70
CA ALA B 220 14.20 14.26 -43.54
C ALA B 220 14.85 15.36 -44.36
N SER B 221 15.75 16.12 -43.75
CA SER B 221 16.46 17.17 -44.48
C SER B 221 17.31 16.56 -45.59
N VAL B 222 17.96 15.43 -45.32
CA VAL B 222 18.76 14.75 -46.33
C VAL B 222 17.87 14.34 -47.50
N SER B 223 16.72 13.76 -47.20
CA SER B 223 15.80 13.34 -48.25
C SER B 223 15.34 14.52 -49.09
N LEU B 224 15.03 15.64 -48.43
CA LEU B 224 14.64 16.84 -49.15
C LEU B 224 15.75 17.30 -50.09
N PHE B 225 16.99 17.31 -49.59
CA PHE B 225 18.13 17.67 -50.43
C PHE B 225 18.26 16.74 -51.61
N LEU B 226 18.03 15.44 -51.39
CA LEU B 226 18.06 14.48 -52.48
C LEU B 226 17.02 14.83 -53.54
N ASN B 227 15.81 15.20 -53.11
CA ASN B 227 14.79 15.60 -54.07
C ASN B 227 15.25 16.82 -54.88
N ILE B 228 15.86 17.79 -54.22
CA ILE B 228 16.40 18.94 -54.93
C ILE B 228 17.42 18.48 -55.97
N LEU B 229 18.29 17.55 -55.58
CA LEU B 229 19.25 17.00 -56.54
C LEU B 229 18.54 16.32 -57.70
N GLU B 230 17.43 15.63 -57.43
CA GLU B 230 16.70 14.99 -58.52
C GLU B 230 16.23 16.03 -59.52
N MET B 231 15.65 17.12 -59.03
CA MET B 231 15.16 18.15 -59.94
C MET B 231 16.31 18.77 -60.73
N SER B 232 17.43 19.07 -60.06
CA SER B 232 18.57 19.63 -60.77
C SER B 232 19.11 18.67 -61.82
N HIS B 233 19.23 17.40 -61.47
CA HIS B 233 19.74 16.39 -62.40
C HIS B 233 18.84 16.28 -63.62
N LEU B 234 17.52 16.29 -63.41
CA LEU B 234 16.62 16.32 -64.55
C LEU B 234 16.85 17.58 -65.39
N GLY B 235 17.06 18.72 -64.73
CA GLY B 235 17.32 19.94 -65.46
C GLY B 235 18.54 19.83 -66.36
N LEU B 236 19.62 19.25 -65.84
CA LEU B 236 20.84 19.06 -66.62
C LEU B 236 20.56 18.22 -67.87
N GLY C 2 -2.00 -8.28 -36.07
CA GLY C 2 -2.65 -9.38 -36.76
C GLY C 2 -1.99 -9.71 -38.09
N ASP C 3 -2.30 -10.88 -38.63
CA ASP C 3 -1.71 -11.37 -39.86
C ASP C 3 -2.74 -11.25 -40.98
N TRP C 4 -2.46 -10.39 -41.95
CA TRP C 4 -3.34 -10.15 -43.09
C TRP C 4 -2.80 -10.76 -44.38
N SER C 5 -1.87 -11.70 -44.28
CA SER C 5 -1.19 -12.23 -45.45
C SER C 5 -2.17 -12.86 -46.44
N PHE C 6 -3.09 -13.68 -45.93
CA PHE C 6 -4.03 -14.38 -46.79
C PHE C 6 -4.93 -13.40 -47.54
N LEU C 7 -5.49 -12.44 -46.80
CA LEU C 7 -6.31 -11.42 -47.42
C LEU C 7 -5.51 -10.63 -48.43
N GLY C 8 -4.28 -10.29 -48.08
CA GLY C 8 -3.44 -9.55 -49.01
C GLY C 8 -3.19 -10.32 -50.30
N ASN C 9 -2.96 -11.63 -50.18
CA ASN C 9 -2.74 -12.45 -51.36
C ASN C 9 -3.95 -12.42 -52.28
N ILE C 10 -5.14 -12.64 -51.71
CA ILE C 10 -6.33 -12.65 -52.55
C ILE C 10 -6.58 -11.28 -53.18
N LEU C 11 -6.40 -10.21 -52.40
CA LEU C 11 -6.57 -8.87 -52.95
C LEU C 11 -5.58 -8.60 -54.09
N GLU C 12 -4.33 -9.04 -53.92
CA GLU C 12 -3.37 -8.91 -55.00
C GLU C 12 -3.84 -9.67 -56.23
N GLU C 13 -4.43 -10.85 -56.03
CA GLU C 13 -4.97 -11.60 -57.16
C GLU C 13 -6.04 -10.80 -57.89
N VAL C 14 -6.99 -10.23 -57.15
CA VAL C 14 -8.05 -9.44 -57.78
C VAL C 14 -7.52 -8.17 -58.43
N ASN C 15 -6.34 -7.68 -58.04
CA ASN C 15 -5.81 -6.49 -58.71
C ASN C 15 -5.67 -6.70 -60.21
N GLU C 16 -5.20 -7.88 -60.62
CA GLU C 16 -4.99 -8.14 -62.03
C GLU C 16 -6.25 -7.94 -62.84
N HIS C 17 -7.40 -8.37 -62.31
CA HIS C 17 -8.67 -8.30 -63.02
C HIS C 17 -9.53 -7.12 -62.57
N SER C 18 -8.90 -6.05 -62.09
CA SER C 18 -9.62 -4.90 -61.59
C SER C 18 -9.29 -3.66 -62.41
N THR C 19 -10.18 -2.68 -62.31
CA THR C 19 -10.01 -1.42 -63.01
C THR C 19 -8.92 -0.58 -62.36
N VAL C 20 -8.43 0.41 -63.09
CA VAL C 20 -7.37 1.28 -62.57
C VAL C 20 -7.83 1.94 -61.28
N ILE C 21 -9.06 2.45 -61.27
CA ILE C 21 -9.60 3.02 -60.04
C ILE C 21 -9.65 1.96 -58.96
N GLY C 22 -10.00 0.74 -59.33
CA GLY C 22 -10.02 -0.34 -58.36
C GLY C 22 -8.65 -0.62 -57.76
N ARG C 23 -7.61 -0.60 -58.59
CA ARG C 23 -6.27 -0.78 -58.06
C ARG C 23 -5.91 0.35 -57.10
N VAL C 24 -6.31 1.58 -57.43
CA VAL C 24 -6.06 2.69 -56.51
C VAL C 24 -6.76 2.42 -55.18
N TRP C 25 -7.98 1.91 -55.25
CA TRP C 25 -8.75 1.63 -54.05
C TRP C 25 -8.05 0.57 -53.19
N LEU C 26 -7.58 -0.51 -53.82
CA LEU C 26 -6.92 -1.56 -53.05
C LEU C 26 -5.63 -1.07 -52.42
N THR C 27 -4.81 -0.32 -53.17
CA THR C 27 -3.59 0.20 -52.56
C THR C 27 -3.92 1.14 -51.41
N VAL C 28 -4.95 1.97 -51.54
CA VAL C 28 -5.38 2.80 -50.42
C VAL C 28 -5.76 1.93 -49.23
N LEU C 29 -6.46 0.84 -49.49
CA LEU C 29 -6.86 -0.06 -48.40
C LEU C 29 -5.64 -0.60 -47.67
N PHE C 30 -4.65 -1.07 -48.42
CA PHE C 30 -3.47 -1.66 -47.78
C PHE C 30 -2.64 -0.62 -47.04
N ILE C 31 -2.34 0.51 -47.71
CA ILE C 31 -1.39 1.45 -47.15
C ILE C 31 -2.01 2.32 -46.06
N PHE C 32 -3.26 2.74 -46.23
CA PHE C 32 -3.84 3.72 -45.35
C PHE C 32 -4.85 3.15 -44.36
N ARG C 33 -5.13 1.86 -44.43
CA ARG C 33 -5.97 1.23 -43.42
C ARG C 33 -5.25 0.12 -42.68
N ILE C 34 -4.82 -0.94 -43.37
CA ILE C 34 -4.17 -2.06 -42.71
C ILE C 34 -2.86 -1.62 -42.08
N LEU C 35 -2.05 -0.89 -42.85
CA LEU C 35 -0.75 -0.47 -42.36
C LEU C 35 -0.88 0.53 -41.22
N ILE C 36 -1.89 1.39 -41.26
CA ILE C 36 -2.09 2.34 -40.17
C ILE C 36 -2.49 1.60 -38.90
N LEU C 37 -3.41 0.65 -39.00
CA LEU C 37 -3.81 -0.10 -37.82
C LEU C 37 -2.63 -0.86 -37.23
N GLY C 38 -1.83 -1.49 -38.09
CA GLY C 38 -0.71 -2.26 -37.60
C GLY C 38 0.37 -1.41 -36.98
N THR C 39 0.87 -0.43 -37.74
CA THR C 39 2.01 0.36 -37.29
C THR C 39 1.63 1.33 -36.19
N ALA C 40 0.46 1.96 -36.27
CA ALA C 40 0.16 3.11 -35.43
C ALA C 40 -1.01 2.88 -34.48
N ALA C 41 -2.18 2.51 -34.97
CA ALA C 41 -3.39 2.61 -34.15
C ALA C 41 -3.39 1.59 -33.02
N GLU C 42 -2.92 0.37 -33.30
CA GLU C 42 -2.97 -0.68 -32.28
C GLU C 42 -2.14 -0.29 -31.07
N PHE C 43 -1.00 0.37 -31.27
CA PHE C 43 -0.22 0.88 -30.14
C PHE C 43 -0.97 1.96 -29.38
N VAL C 44 -1.69 2.83 -30.09
CA VAL C 44 -2.46 3.88 -29.43
C VAL C 44 -3.50 3.27 -28.49
N TRP C 45 -4.26 2.31 -28.98
CA TRP C 45 -5.36 1.71 -28.24
C TRP C 45 -4.90 0.57 -27.35
N GLY C 46 -3.59 0.33 -27.26
CA GLY C 46 -3.11 -0.83 -26.54
C GLY C 46 -3.45 -0.82 -25.07
N ASP C 47 -3.35 0.35 -24.43
CA ASP C 47 -3.57 0.50 -23.00
C ASP C 47 -4.91 1.16 -22.69
N GLU C 48 -5.93 0.83 -23.48
CA GLU C 48 -7.22 1.49 -23.32
C GLU C 48 -7.84 1.23 -21.95
N GLN C 49 -7.89 -0.04 -21.53
CA GLN C 49 -8.50 -0.37 -20.26
C GLN C 49 -7.55 -0.18 -19.09
N SER C 50 -6.28 -0.53 -19.28
CA SER C 50 -5.32 -0.44 -18.18
C SER C 50 -5.17 0.98 -17.66
N ASP C 51 -5.07 1.96 -18.56
CA ASP C 51 -4.93 3.36 -18.16
C ASP C 51 -6.25 4.10 -18.02
N PHE C 52 -7.37 3.45 -18.31
CA PHE C 52 -8.67 3.96 -17.89
C PHE C 52 -8.74 4.03 -16.38
N VAL C 53 -9.00 5.21 -15.84
CA VAL C 53 -9.03 5.43 -14.40
C VAL C 53 -10.33 6.12 -14.02
N CYS C 54 -10.96 5.64 -12.96
CA CYS C 54 -12.17 6.22 -12.40
C CYS C 54 -11.93 6.63 -10.97
N ASN C 55 -12.49 7.77 -10.58
CA ASN C 55 -12.32 8.33 -9.24
C ASN C 55 -13.32 7.67 -8.30
N THR C 56 -12.96 6.49 -7.82
CA THR C 56 -13.79 5.76 -6.89
C THR C 56 -12.97 4.72 -6.17
N GLN C 57 -13.50 4.25 -5.03
CA GLN C 57 -12.96 3.11 -4.30
C GLN C 57 -13.84 1.88 -4.44
N GLN C 58 -14.69 1.85 -5.46
CA GLN C 58 -15.70 0.82 -5.60
C GLN C 58 -15.19 -0.28 -6.52
N PRO C 59 -15.10 -1.53 -6.08
CA PRO C 59 -14.69 -2.59 -6.99
C PRO C 59 -15.66 -2.78 -8.14
N GLY C 60 -15.11 -3.10 -9.30
CA GLY C 60 -15.89 -3.32 -10.50
C GLY C 60 -16.43 -2.11 -11.20
N CYS C 61 -16.39 -0.94 -10.58
CA CYS C 61 -16.89 0.26 -11.24
C CYS C 61 -16.11 0.56 -12.51
N GLU C 62 -14.77 0.45 -12.46
CA GLU C 62 -13.97 0.75 -13.63
C GLU C 62 -14.30 -0.18 -14.79
N ASN C 63 -14.48 -1.47 -14.52
CA ASN C 63 -14.78 -2.41 -15.58
C ASN C 63 -16.11 -2.08 -16.25
N VAL C 64 -17.16 -1.89 -15.45
CA VAL C 64 -18.48 -1.63 -16.01
C VAL C 64 -18.49 -0.30 -16.75
N CYS C 65 -17.82 0.71 -16.20
CA CYS C 65 -17.79 2.01 -16.86
C CYS C 65 -17.00 1.97 -18.16
N TYR C 66 -15.85 1.30 -18.19
CA TYR C 66 -15.13 1.16 -19.45
C TYR C 66 -15.97 0.43 -20.48
N ASP C 67 -16.64 -0.64 -20.08
CA ASP C 67 -17.50 -1.36 -21.00
C ASP C 67 -18.60 -0.45 -21.55
N GLU C 68 -19.22 0.35 -20.69
CA GLU C 68 -20.28 1.24 -21.15
C GLU C 68 -19.74 2.31 -22.08
N ALA C 69 -18.57 2.88 -21.74
CA ALA C 69 -17.99 3.93 -22.56
C ALA C 69 -17.55 3.41 -23.92
N PHE C 70 -16.95 2.23 -23.95
CA PHE C 70 -16.45 1.62 -25.17
C PHE C 70 -17.06 0.23 -25.32
N PRO C 71 -18.29 0.16 -25.83
CA PRO C 71 -18.90 -1.16 -26.02
C PRO C 71 -18.07 -2.05 -26.92
N ILE C 72 -17.61 -1.50 -28.03
CA ILE C 72 -16.65 -2.15 -28.91
C ILE C 72 -15.46 -1.21 -29.10
N SER C 73 -14.24 -1.72 -29.06
CA SER C 73 -13.10 -0.84 -29.28
C SER C 73 -13.07 -0.37 -30.74
N HIS C 74 -12.51 0.83 -30.95
CA HIS C 74 -12.42 1.41 -32.28
C HIS C 74 -11.61 0.54 -33.23
N ILE C 75 -10.45 0.07 -32.79
CA ILE C 75 -9.60 -0.72 -33.68
C ILE C 75 -10.32 -1.98 -34.13
N ARG C 76 -11.08 -2.60 -33.24
CA ARG C 76 -11.86 -3.78 -33.61
C ARG C 76 -12.90 -3.45 -34.67
N LEU C 77 -13.61 -2.34 -34.49
CA LEU C 77 -14.59 -1.92 -35.47
C LEU C 77 -13.95 -1.67 -36.83
N TRP C 78 -12.75 -1.11 -36.85
CA TRP C 78 -12.05 -0.89 -38.10
C TRP C 78 -11.61 -2.20 -38.75
N VAL C 79 -11.20 -3.18 -37.94
CA VAL C 79 -10.92 -4.51 -38.46
C VAL C 79 -12.15 -5.06 -39.18
N LEU C 80 -13.30 -5.03 -38.52
CA LEU C 80 -14.51 -5.55 -39.13
C LEU C 80 -14.85 -4.77 -40.41
N GLN C 81 -14.67 -3.46 -40.38
CA GLN C 81 -14.96 -2.64 -41.55
C GLN C 81 -14.09 -3.07 -42.72
N ILE C 82 -12.80 -3.28 -42.48
CA ILE C 82 -11.91 -3.69 -43.54
C ILE C 82 -12.35 -5.03 -44.12
N ILE C 83 -12.67 -5.97 -43.25
CA ILE C 83 -13.00 -7.32 -43.72
C ILE C 83 -14.28 -7.29 -44.55
N PHE C 84 -15.31 -6.64 -44.06
CA PHE C 84 -16.56 -6.60 -44.80
C PHE C 84 -16.41 -5.85 -46.12
N VAL C 85 -15.67 -4.76 -46.10
CA VAL C 85 -15.43 -4.00 -47.32
C VAL C 85 -14.68 -4.83 -48.35
N SER C 86 -13.69 -5.61 -47.91
CA SER C 86 -12.95 -6.46 -48.84
C SER C 86 -13.80 -7.61 -49.37
N THR C 87 -14.76 -8.09 -48.60
CA THR C 87 -15.48 -9.30 -49.01
C THR C 87 -16.09 -9.23 -50.41
N PRO C 88 -16.67 -8.10 -50.84
CA PRO C 88 -17.16 -8.04 -52.23
C PRO C 88 -16.10 -8.31 -53.28
N SER C 89 -14.88 -7.78 -53.07
CA SER C 89 -13.80 -8.08 -53.99
C SER C 89 -13.52 -9.57 -54.03
N LEU C 90 -13.59 -10.23 -52.87
CA LEU C 90 -13.40 -11.67 -52.82
C LEU C 90 -14.46 -12.39 -53.65
N VAL C 91 -15.72 -11.95 -53.52
CA VAL C 91 -16.80 -12.56 -54.31
C VAL C 91 -16.52 -12.38 -55.80
N TYR C 92 -16.12 -11.17 -56.19
CA TYR C 92 -15.89 -10.88 -57.60
C TYR C 92 -14.75 -11.73 -58.16
N VAL C 93 -13.63 -11.78 -57.44
CA VAL C 93 -12.50 -12.55 -57.92
C VAL C 93 -12.86 -14.03 -57.98
N GLY C 94 -13.64 -14.52 -57.02
CA GLY C 94 -14.08 -15.90 -57.08
C GLY C 94 -14.91 -16.19 -58.31
N HIS C 95 -15.83 -15.28 -58.64
CA HIS C 95 -16.64 -15.45 -59.84
C HIS C 95 -15.76 -15.46 -61.09
N ALA C 96 -14.79 -14.55 -61.16
CA ALA C 96 -13.90 -14.49 -62.31
C ALA C 96 -13.09 -15.77 -62.45
N VAL C 97 -12.50 -16.24 -61.36
CA VAL C 97 -11.73 -17.48 -61.40
C VAL C 97 -12.61 -18.65 -61.80
N HIS C 98 -13.86 -18.68 -61.33
CA HIS C 98 -14.77 -19.75 -61.74
C HIS C 98 -14.96 -19.72 -63.25
N HIS C 99 -15.22 -18.54 -63.80
CA HIS C 99 -15.38 -18.43 -65.25
C HIS C 99 -14.13 -18.91 -65.97
N VAL C 100 -12.96 -18.53 -65.48
CA VAL C 100 -11.71 -18.96 -66.09
C VAL C 100 -11.61 -20.48 -66.08
N ARG C 101 -11.93 -21.11 -64.94
CA ARG C 101 -11.81 -22.57 -64.88
C ARG C 101 -12.78 -23.22 -65.85
N MET C 102 -13.97 -22.65 -66.00
CA MET C 102 -14.93 -23.18 -66.97
C MET C 102 -14.39 -23.06 -68.39
N GLU C 103 -13.80 -21.90 -68.72
CA GLU C 103 -13.19 -21.73 -70.04
C GLU C 103 -12.07 -22.74 -70.26
N GLU C 104 -11.26 -22.98 -69.22
CA GLU C 104 -10.22 -24.00 -69.32
C GLU C 104 -10.82 -25.36 -69.64
N LYS C 105 -11.93 -25.69 -68.98
CA LYS C 105 -12.61 -26.95 -69.29
C LYS C 105 -13.02 -26.99 -70.76
N ARG C 106 -13.59 -25.89 -71.25
CA ARG C 106 -14.03 -25.81 -72.63
C ARG C 106 -12.83 -25.92 -73.58
N LEU C 150 -14.33 -7.89 -68.97
CA LEU C 150 -15.31 -7.23 -68.11
C LEU C 150 -16.55 -6.87 -68.92
N GLU C 151 -17.34 -7.88 -69.29
CA GLU C 151 -18.54 -7.66 -70.08
C GLU C 151 -19.66 -8.55 -69.56
N GLY C 152 -20.88 -8.15 -69.90
CA GLY C 152 -22.06 -8.95 -69.59
C GLY C 152 -22.24 -9.20 -68.12
N THR C 153 -22.50 -10.47 -67.78
CA THR C 153 -22.78 -10.84 -66.40
C THR C 153 -21.64 -10.47 -65.46
N LEU C 154 -20.40 -10.69 -65.91
CA LEU C 154 -19.25 -10.36 -65.09
C LEU C 154 -19.22 -8.88 -64.74
N LEU C 155 -19.49 -8.02 -65.73
CA LEU C 155 -19.52 -6.59 -65.48
C LEU C 155 -20.60 -6.22 -64.47
N ARG C 156 -21.79 -6.82 -64.61
CA ARG C 156 -22.86 -6.55 -63.66
C ARG C 156 -22.46 -6.98 -62.25
N THR C 157 -21.80 -8.13 -62.13
CA THR C 157 -21.30 -8.57 -60.83
C THR C 157 -20.31 -7.56 -60.27
N TYR C 158 -19.43 -7.02 -61.12
CA TYR C 158 -18.47 -6.03 -60.67
C TYR C 158 -19.17 -4.81 -60.10
N VAL C 159 -20.18 -4.32 -60.83
CA VAL C 159 -20.94 -3.16 -60.37
C VAL C 159 -21.64 -3.47 -59.05
N CYS C 160 -22.23 -4.65 -58.94
CA CYS C 160 -22.90 -5.05 -57.71
C CYS C 160 -21.92 -5.04 -56.54
N HIS C 161 -20.71 -5.55 -56.76
CA HIS C 161 -19.71 -5.56 -55.70
C HIS C 161 -19.33 -4.15 -55.30
N ILE C 162 -19.22 -3.25 -56.27
CA ILE C 162 -18.96 -1.84 -55.96
C ILE C 162 -20.08 -1.30 -55.07
N ILE C 163 -21.33 -1.61 -55.41
CA ILE C 163 -22.47 -1.12 -54.63
C ILE C 163 -22.40 -1.64 -53.22
N PHE C 164 -22.09 -2.93 -53.05
CA PHE C 164 -21.98 -3.49 -51.71
C PHE C 164 -20.87 -2.81 -50.92
N LYS C 165 -19.74 -2.54 -51.56
CA LYS C 165 -18.66 -1.84 -50.89
C LYS C 165 -19.13 -0.48 -50.40
N THR C 166 -19.83 0.25 -51.26
CA THR C 166 -20.33 1.57 -50.86
C THR C 166 -21.29 1.46 -49.68
N LEU C 167 -22.21 0.49 -49.72
CA LEU C 167 -23.16 0.34 -48.63
C LEU C 167 -22.45 0.01 -47.32
N PHE C 168 -21.49 -0.92 -47.36
CA PHE C 168 -20.80 -1.29 -46.13
C PHE C 168 -20.00 -0.12 -45.58
N GLU C 169 -19.39 0.67 -46.46
CA GLU C 169 -18.61 1.81 -46.00
C GLU C 169 -19.51 2.84 -45.33
N VAL C 170 -20.63 3.16 -45.97
CA VAL C 170 -21.55 4.12 -45.37
C VAL C 170 -22.10 3.59 -44.05
N GLY C 171 -22.39 2.29 -44.00
CA GLY C 171 -22.92 1.71 -42.78
C GLY C 171 -21.96 1.81 -41.62
N PHE C 172 -20.70 1.47 -41.87
CA PHE C 172 -19.71 1.56 -40.80
C PHE C 172 -19.45 3.00 -40.39
N ILE C 173 -19.44 3.93 -41.36
CA ILE C 173 -19.26 5.34 -41.00
C ILE C 173 -20.39 5.80 -40.08
N VAL C 174 -21.63 5.51 -40.46
CA VAL C 174 -22.78 5.95 -39.68
C VAL C 174 -22.76 5.28 -38.31
N GLY C 175 -22.41 4.00 -38.27
CA GLY C 175 -22.37 3.30 -36.99
C GLY C 175 -21.34 3.90 -36.05
N HIS C 176 -20.14 4.16 -36.56
CA HIS C 176 -19.14 4.84 -35.75
C HIS C 176 -19.66 6.17 -35.27
N TYR C 177 -20.30 6.94 -36.15
CA TYR C 177 -20.77 8.26 -35.76
C TYR C 177 -21.75 8.18 -34.60
N PHE C 178 -22.74 7.30 -34.71
CA PHE C 178 -23.73 7.18 -33.64
C PHE C 178 -23.12 6.63 -32.36
N LEU C 179 -22.20 5.65 -32.48
CA LEU C 179 -21.53 5.14 -31.29
C LEU C 179 -20.75 6.24 -30.56
N TYR C 180 -19.84 6.91 -31.27
CA TYR C 180 -18.88 7.81 -30.63
C TYR C 180 -18.86 9.24 -31.16
N GLY C 181 -19.78 9.62 -32.03
CA GLY C 181 -19.49 10.85 -32.75
C GLY C 181 -18.16 10.72 -33.45
N PHE C 182 -17.38 11.80 -33.45
CA PHE C 182 -16.01 11.74 -33.96
C PHE C 182 -15.00 12.39 -33.03
N ARG C 183 -15.38 12.74 -31.80
CA ARG C 183 -14.46 13.28 -30.81
C ARG C 183 -14.56 12.47 -29.53
N ILE C 184 -13.43 11.92 -29.08
CA ILE C 184 -13.36 11.24 -27.80
C ILE C 184 -12.98 12.26 -26.74
N LEU C 185 -13.90 12.51 -25.82
CA LEU C 185 -13.62 13.40 -24.71
C LEU C 185 -12.84 12.68 -23.61
N PRO C 186 -12.00 13.40 -22.86
CA PRO C 186 -11.29 12.75 -21.75
C PRO C 186 -12.19 12.29 -20.62
N LEU C 187 -13.22 13.05 -20.29
CA LEU C 187 -14.09 12.76 -19.16
C LEU C 187 -15.29 11.94 -19.61
N TYR C 188 -15.49 10.79 -18.95
CA TYR C 188 -16.71 10.00 -19.07
C TYR C 188 -17.38 9.94 -17.71
N ARG C 189 -18.60 10.44 -17.60
CA ARG C 189 -19.37 10.32 -16.37
C ARG C 189 -20.23 9.07 -16.44
N CYS C 190 -20.11 8.21 -15.42
CA CYS C 190 -20.67 6.88 -15.41
C CYS C 190 -21.60 6.69 -14.22
N SER C 191 -22.81 6.20 -14.47
CA SER C 191 -23.78 5.90 -13.43
C SER C 191 -24.20 4.44 -13.42
N ARG C 192 -23.33 3.55 -13.87
CA ARG C 192 -23.67 2.14 -14.02
C ARG C 192 -23.34 1.38 -12.74
N TRP C 193 -24.26 0.53 -12.33
CA TRP C 193 -24.05 -0.27 -11.13
C TRP C 193 -22.86 -1.19 -11.36
N PRO C 194 -21.97 -1.35 -10.37
CA PRO C 194 -22.00 -1.00 -8.95
C PRO C 194 -21.53 0.40 -8.56
N CYS C 195 -21.25 1.25 -9.52
CA CYS C 195 -20.76 2.58 -9.18
C CYS C 195 -21.78 3.31 -8.31
N PRO C 196 -21.37 3.96 -7.21
CA PRO C 196 -22.32 4.66 -6.35
C PRO C 196 -22.51 6.06 -6.93
N ASN C 197 -23.71 6.45 -7.43
CA ASN C 197 -23.96 7.80 -7.97
C ASN C 197 -23.30 7.90 -9.36
N VAL C 198 -23.04 9.12 -9.83
CA VAL C 198 -22.22 9.34 -11.04
C VAL C 198 -20.77 9.40 -10.57
N VAL C 199 -19.87 8.72 -11.27
CA VAL C 199 -18.44 8.77 -11.04
C VAL C 199 -17.75 9.35 -12.26
N ASP C 200 -16.68 10.10 -12.02
CA ASP C 200 -15.85 10.66 -13.08
C ASP C 200 -14.78 9.65 -13.46
N CYS C 201 -14.74 9.30 -14.74
CA CYS C 201 -13.74 8.41 -15.30
C CYS C 201 -12.94 9.16 -16.35
N PHE C 202 -11.68 8.80 -16.50
CA PHE C 202 -10.77 9.50 -17.41
C PHE C 202 -10.15 8.55 -18.43
N VAL C 203 -10.35 8.89 -19.69
CA VAL C 203 -9.88 8.10 -20.83
C VAL C 203 -8.40 8.37 -21.08
N SER C 204 -7.72 7.33 -21.59
CA SER C 204 -6.34 7.44 -22.02
C SER C 204 -6.23 7.93 -23.46
N ARG C 205 -5.26 8.82 -23.69
CA ARG C 205 -4.89 9.28 -25.02
C ARG C 205 -6.05 9.77 -25.87
N PRO C 206 -6.97 10.57 -25.32
CA PRO C 206 -8.14 10.97 -26.11
C PRO C 206 -7.82 11.76 -27.37
N THR C 207 -6.84 12.65 -27.30
CA THR C 207 -6.51 13.49 -28.46
C THR C 207 -5.97 12.66 -29.62
N GLU C 208 -5.03 11.75 -29.34
CA GLU C 208 -4.46 10.92 -30.38
C GLU C 208 -5.53 10.03 -31.01
N LYS C 209 -6.40 9.49 -30.18
CA LYS C 209 -7.51 8.67 -30.67
C LYS C 209 -8.43 9.49 -31.55
N THR C 210 -8.70 10.73 -31.18
CA THR C 210 -9.50 11.61 -32.03
C THR C 210 -8.82 11.82 -33.38
N ILE C 211 -7.50 12.04 -33.36
CA ILE C 211 -6.76 12.25 -34.58
C ILE C 211 -6.88 11.06 -35.50
N PHE C 212 -6.74 9.85 -34.95
CA PHE C 212 -6.80 8.66 -35.79
C PHE C 212 -8.23 8.36 -36.23
N ILE C 213 -9.21 8.61 -35.37
CA ILE C 213 -10.61 8.50 -35.76
C ILE C 213 -10.87 9.34 -37.00
N LEU C 214 -10.46 10.60 -36.96
CA LEU C 214 -10.68 11.50 -38.09
C LEU C 214 -9.90 11.06 -39.32
N PHE C 215 -8.67 10.58 -39.12
CA PHE C 215 -7.87 10.08 -40.23
C PHE C 215 -8.58 8.93 -40.95
N MET C 216 -9.06 7.96 -40.18
CA MET C 216 -9.73 6.80 -40.77
C MET C 216 -11.05 7.20 -41.41
N LEU C 217 -11.78 8.14 -40.82
CA LEU C 217 -12.98 8.65 -41.44
C LEU C 217 -12.66 9.28 -42.80
N SER C 218 -11.60 10.07 -42.87
CA SER C 218 -11.18 10.64 -44.14
C SER C 218 -10.84 9.56 -45.16
N VAL C 219 -10.11 8.53 -44.73
CA VAL C 219 -9.75 7.46 -45.64
C VAL C 219 -10.99 6.77 -46.17
N ALA C 220 -11.97 6.51 -45.31
CA ALA C 220 -13.20 5.88 -45.74
C ALA C 220 -13.96 6.74 -46.74
N SER C 221 -14.01 8.05 -46.49
CA SER C 221 -14.64 8.96 -47.42
C SER C 221 -13.93 8.95 -48.77
N VAL C 222 -12.60 8.92 -48.75
CA VAL C 222 -11.83 8.86 -49.98
C VAL C 222 -12.16 7.59 -50.75
N SER C 223 -12.22 6.46 -50.05
CA SER C 223 -12.55 5.20 -50.71
C SER C 223 -13.94 5.23 -51.32
N LEU C 224 -14.89 5.82 -50.60
CA LEU C 224 -16.24 5.96 -51.13
C LEU C 224 -16.23 6.80 -52.41
N PHE C 225 -15.51 7.92 -52.38
CA PHE C 225 -15.39 8.76 -53.57
C PHE C 225 -14.78 7.98 -54.73
N LEU C 226 -13.77 7.15 -54.44
CA LEU C 226 -13.17 6.32 -55.47
C LEU C 226 -14.20 5.39 -56.08
N ASN C 227 -15.05 4.78 -55.25
CA ASN C 227 -16.11 3.92 -55.77
C ASN C 227 -17.05 4.70 -56.69
N ILE C 228 -17.41 5.92 -56.30
CA ILE C 228 -18.23 6.75 -57.16
C ILE C 228 -17.53 6.98 -58.49
N LEU C 229 -16.23 7.25 -58.44
CA LEU C 229 -15.46 7.42 -59.68
C LEU C 229 -15.50 6.15 -60.51
N GLU C 230 -15.44 4.98 -59.86
CA GLU C 230 -15.50 3.74 -60.61
C GLU C 230 -16.80 3.64 -61.38
N MET C 231 -17.91 3.93 -60.71
CA MET C 231 -19.21 3.86 -61.39
C MET C 231 -19.28 4.86 -62.54
N SER C 232 -18.83 6.09 -62.31
CA SER C 232 -18.85 7.08 -63.39
C SER C 232 -17.97 6.66 -64.56
N HIS C 233 -16.78 6.15 -64.27
CA HIS C 233 -15.87 5.71 -65.33
C HIS C 233 -16.48 4.58 -66.14
N LEU C 234 -17.13 3.63 -65.48
CA LEU C 234 -17.85 2.60 -66.21
C LEU C 234 -18.94 3.22 -67.08
N GLY C 235 -19.64 4.21 -66.54
CA GLY C 235 -20.68 4.87 -67.32
C GLY C 235 -20.13 5.49 -68.59
N LEU C 236 -18.99 6.17 -68.50
CA LEU C 236 -18.37 6.78 -69.66
C LEU C 236 -18.06 5.73 -70.73
N GLY D 2 -1.27 -16.93 -32.95
CA GLY D 2 -0.84 -18.25 -33.36
C GLY D 2 -0.48 -18.32 -34.84
N ASP D 3 0.23 -19.37 -35.22
CA ASP D 3 0.70 -19.55 -36.59
C ASP D 3 -0.15 -20.62 -37.26
N TRP D 4 -0.92 -20.22 -38.27
CA TRP D 4 -1.80 -21.11 -39.02
C TRP D 4 -1.26 -21.41 -40.41
N SER D 5 0.03 -21.17 -40.65
CA SER D 5 0.57 -21.29 -41.99
C SER D 5 0.41 -22.70 -42.56
N PHE D 6 0.72 -23.71 -41.75
CA PHE D 6 0.65 -25.09 -42.22
C PHE D 6 -0.78 -25.48 -42.59
N LEU D 7 -1.72 -25.16 -41.70
CA LEU D 7 -3.13 -25.42 -41.99
C LEU D 7 -3.57 -24.66 -43.22
N GLY D 8 -3.15 -23.41 -43.34
CA GLY D 8 -3.51 -22.63 -44.50
C GLY D 8 -3.00 -23.25 -45.79
N ASN D 9 -1.77 -23.76 -45.77
CA ASN D 9 -1.20 -24.38 -46.95
C ASN D 9 -2.03 -25.60 -47.37
N ILE D 10 -2.36 -26.47 -46.41
CA ILE D 10 -3.12 -27.65 -46.77
C ILE D 10 -4.52 -27.28 -47.27
N LEU D 11 -5.16 -26.31 -46.61
CA LEU D 11 -6.48 -25.87 -47.06
C LEU D 11 -6.41 -25.30 -48.47
N GLU D 12 -5.38 -24.51 -48.77
CA GLU D 12 -5.20 -24.02 -50.11
C GLU D 12 -5.05 -25.18 -51.10
N GLU D 13 -4.33 -26.22 -50.70
CA GLU D 13 -4.21 -27.40 -51.56
C GLU D 13 -5.57 -28.00 -51.86
N VAL D 14 -6.39 -28.20 -50.83
CA VAL D 14 -7.72 -28.78 -51.03
C VAL D 14 -8.64 -27.86 -51.83
N ASN D 15 -8.35 -26.56 -51.89
CA ASN D 15 -9.22 -25.69 -52.70
C ASN D 15 -9.26 -26.15 -54.15
N GLU D 16 -8.12 -26.56 -54.70
CA GLU D 16 -8.07 -26.95 -56.10
C GLU D 16 -9.06 -28.07 -56.40
N HIS D 17 -9.18 -29.05 -55.50
CA HIS D 17 -10.03 -30.21 -55.70
C HIS D 17 -11.37 -30.09 -54.98
N SER D 18 -11.84 -28.87 -54.74
CA SER D 18 -13.07 -28.65 -54.02
C SER D 18 -14.09 -27.95 -54.91
N THR D 19 -15.36 -28.06 -54.50
CA THR D 19 -16.46 -27.45 -55.21
C THR D 19 -16.46 -25.94 -54.99
N VAL D 20 -17.19 -25.24 -55.86
CA VAL D 20 -17.27 -23.78 -55.75
C VAL D 20 -17.80 -23.38 -54.39
N ILE D 21 -18.84 -24.05 -53.93
CA ILE D 21 -19.36 -23.80 -52.59
C ILE D 21 -18.28 -24.09 -51.56
N GLY D 22 -17.52 -25.16 -51.78
CA GLY D 22 -16.44 -25.48 -50.86
C GLY D 22 -15.39 -24.39 -50.80
N ARG D 23 -15.03 -23.82 -51.95
CA ARG D 23 -14.08 -22.70 -51.93
C ARG D 23 -14.66 -21.52 -51.17
N VAL D 24 -15.94 -21.25 -51.33
CA VAL D 24 -16.55 -20.16 -50.56
C VAL D 24 -16.44 -20.46 -49.08
N TRP D 25 -16.65 -21.72 -48.70
CA TRP D 25 -16.56 -22.10 -47.30
C TRP D 25 -15.17 -21.89 -46.75
N LEU D 26 -14.15 -22.30 -47.51
CA LEU D 26 -12.78 -22.14 -47.03
C LEU D 26 -12.39 -20.67 -46.90
N THR D 27 -12.75 -19.85 -47.89
CA THR D 27 -12.43 -18.43 -47.76
C THR D 27 -13.15 -17.82 -46.57
N VAL D 28 -14.41 -18.21 -46.33
CA VAL D 28 -15.09 -17.75 -45.12
C VAL D 28 -14.33 -18.16 -43.88
N LEU D 29 -13.83 -19.40 -43.86
CA LEU D 29 -13.07 -19.87 -42.71
C LEU D 29 -11.85 -19.00 -42.46
N PHE D 30 -11.09 -18.71 -43.52
CA PHE D 30 -9.88 -17.93 -43.35
C PHE D 30 -10.17 -16.49 -42.95
N ILE D 31 -11.07 -15.83 -43.68
CA ILE D 31 -11.27 -14.40 -43.50
C ILE D 31 -12.09 -14.09 -42.26
N PHE D 32 -13.12 -14.88 -41.98
CA PHE D 32 -14.07 -14.52 -40.94
C PHE D 32 -13.92 -15.33 -39.66
N ARG D 33 -12.99 -16.29 -39.62
CA ARG D 33 -12.70 -16.99 -38.38
C ARG D 33 -11.26 -16.80 -37.94
N ILE D 34 -10.30 -17.26 -38.75
CA ILE D 34 -8.90 -17.19 -38.36
C ILE D 34 -8.45 -15.72 -38.25
N LEU D 35 -8.80 -14.92 -39.25
CA LEU D 35 -8.39 -13.53 -39.26
C LEU D 35 -9.06 -12.74 -38.16
N ILE D 36 -10.30 -13.06 -37.83
CA ILE D 36 -10.99 -12.37 -36.74
C ILE D 36 -10.33 -12.70 -35.41
N LEU D 37 -10.03 -13.97 -35.18
CA LEU D 37 -9.38 -14.35 -33.93
C LEU D 37 -8.02 -13.68 -33.80
N GLY D 38 -7.25 -13.66 -34.89
CA GLY D 38 -5.94 -13.07 -34.83
C GLY D 38 -5.96 -11.56 -34.65
N THR D 39 -6.68 -10.87 -35.53
CA THR D 39 -6.65 -9.42 -35.53
C THR D 39 -7.43 -8.83 -34.36
N ALA D 40 -8.58 -9.42 -34.01
CA ALA D 40 -9.54 -8.78 -33.13
C ALA D 40 -9.75 -9.52 -31.81
N ALA D 41 -10.16 -10.79 -31.86
CA ALA D 41 -10.69 -11.43 -30.65
C ALA D 41 -9.62 -11.66 -29.60
N GLU D 42 -8.42 -12.05 -30.02
CA GLU D 42 -7.37 -12.35 -29.06
C GLU D 42 -7.01 -11.13 -28.22
N PHE D 43 -7.02 -9.94 -28.82
CA PHE D 43 -6.82 -8.72 -28.05
C PHE D 43 -7.96 -8.47 -27.07
N VAL D 44 -9.20 -8.78 -27.48
CA VAL D 44 -10.34 -8.60 -26.58
C VAL D 44 -10.17 -9.45 -25.33
N TRP D 45 -9.86 -10.73 -25.52
CA TRP D 45 -9.78 -11.68 -24.43
C TRP D 45 -8.41 -11.70 -23.77
N GLY D 46 -7.53 -10.78 -24.15
CA GLY D 46 -6.17 -10.83 -23.66
C GLY D 46 -6.06 -10.65 -22.15
N ASP D 47 -6.86 -9.74 -21.60
CA ASP D 47 -6.82 -9.39 -20.18
C ASP D 47 -7.99 -9.97 -19.42
N GLU D 48 -8.41 -11.19 -19.78
CA GLU D 48 -9.59 -11.78 -19.17
C GLU D 48 -9.41 -11.99 -17.67
N GLN D 49 -8.30 -12.60 -17.26
CA GLN D 49 -8.09 -12.90 -15.86
C GLN D 49 -7.52 -11.70 -15.10
N SER D 50 -6.62 -10.96 -15.74
CA SER D 50 -5.98 -9.83 -15.05
C SER D 50 -6.99 -8.77 -14.63
N ASP D 51 -7.93 -8.43 -15.50
CA ASP D 51 -8.94 -7.42 -15.18
C ASP D 51 -10.21 -8.01 -14.57
N PHE D 52 -10.30 -9.32 -14.44
CA PHE D 52 -11.32 -9.92 -13.59
C PHE D 52 -11.10 -9.48 -12.15
N VAL D 53 -12.12 -8.88 -11.55
CA VAL D 53 -12.03 -8.35 -10.19
C VAL D 53 -13.20 -8.86 -9.37
N CYS D 54 -12.91 -9.30 -8.16
CA CYS D 54 -13.91 -9.76 -7.20
C CYS D 54 -13.85 -8.91 -5.95
N ASN D 55 -15.02 -8.61 -5.39
CA ASN D 55 -15.12 -7.76 -4.20
C ASN D 55 -14.90 -8.61 -2.96
N THR D 56 -13.63 -8.85 -2.65
CA THR D 56 -13.28 -9.62 -1.47
C THR D 56 -11.84 -9.34 -1.10
N GLN D 57 -11.50 -9.67 0.15
CA GLN D 57 -10.13 -9.66 0.64
C GLN D 57 -9.58 -11.07 0.83
N GLN D 58 -10.19 -12.05 0.19
CA GLN D 58 -9.87 -13.44 0.42
C GLN D 58 -8.89 -13.93 -0.63
N PRO D 59 -7.71 -14.42 -0.25
CA PRO D 59 -6.78 -14.95 -1.25
C PRO D 59 -7.36 -16.16 -1.97
N GLY D 60 -7.04 -16.26 -3.25
CA GLY D 60 -7.48 -17.35 -4.08
C GLY D 60 -8.92 -17.31 -4.55
N CYS D 61 -9.76 -16.44 -3.98
CA CYS D 61 -11.15 -16.36 -4.43
C CYS D 61 -11.24 -15.97 -5.90
N GLU D 62 -10.46 -14.98 -6.33
CA GLU D 62 -10.52 -14.54 -7.71
C GLU D 62 -10.15 -15.65 -8.67
N ASN D 63 -9.11 -16.42 -8.35
CA ASN D 63 -8.69 -17.50 -9.23
C ASN D 63 -9.78 -18.56 -9.38
N VAL D 64 -10.32 -19.02 -8.26
CA VAL D 64 -11.33 -20.07 -8.31
C VAL D 64 -12.59 -19.58 -8.99
N CYS D 65 -12.98 -18.33 -8.72
CA CYS D 65 -14.18 -17.78 -9.35
C CYS D 65 -14.00 -17.58 -10.84
N TYR D 66 -12.84 -17.08 -11.28
CA TYR D 66 -12.61 -16.96 -12.71
C TYR D 66 -12.65 -18.33 -13.38
N ASP D 67 -12.02 -19.32 -12.77
CA ASP D 67 -12.04 -20.67 -13.31
C ASP D 67 -13.47 -21.19 -13.43
N GLU D 68 -14.29 -20.97 -12.40
CA GLU D 68 -15.67 -21.44 -12.45
C GLU D 68 -16.47 -20.70 -13.52
N ALA D 69 -16.28 -19.39 -13.62
CA ALA D 69 -17.01 -18.59 -14.59
C ALA D 69 -16.62 -18.94 -16.02
N PHE D 70 -15.33 -19.14 -16.26
CA PHE D 70 -14.81 -19.45 -17.58
C PHE D 70 -14.00 -20.73 -17.50
N PRO D 71 -14.67 -21.88 -17.54
CA PRO D 71 -13.92 -23.14 -17.49
C PRO D 71 -12.93 -23.25 -18.63
N ILE D 72 -13.38 -22.94 -19.84
CA ILE D 72 -12.51 -22.80 -21.00
C ILE D 72 -12.71 -21.41 -21.60
N SER D 73 -11.65 -20.74 -22.00
CA SER D 73 -11.86 -19.43 -22.62
C SER D 73 -12.51 -19.58 -23.99
N HIS D 74 -13.26 -18.56 -24.39
CA HIS D 74 -13.97 -18.57 -25.67
C HIS D 74 -13.01 -18.70 -26.84
N ILE D 75 -11.93 -17.92 -26.85
CA ILE D 75 -11.01 -17.96 -27.98
C ILE D 75 -10.42 -19.35 -28.14
N ARG D 76 -10.12 -20.02 -27.04
CA ARG D 76 -9.61 -21.38 -27.11
C ARG D 76 -10.64 -22.33 -27.72
N LEU D 77 -11.89 -22.21 -27.30
CA LEU D 77 -12.94 -23.05 -27.86
C LEU D 77 -13.09 -22.82 -29.36
N TRP D 78 -12.94 -21.57 -29.81
CA TRP D 78 -13.01 -21.29 -31.23
C TRP D 78 -11.82 -21.87 -31.99
N VAL D 79 -10.63 -21.84 -31.38
CA VAL D 79 -9.48 -22.52 -31.97
C VAL D 79 -9.81 -23.98 -32.21
N LEU D 80 -10.28 -24.67 -31.17
CA LEU D 80 -10.61 -26.08 -31.31
C LEU D 80 -11.68 -26.30 -32.38
N GLN D 81 -12.68 -25.42 -32.42
CA GLN D 81 -13.73 -25.55 -33.40
C GLN D 81 -13.17 -25.47 -34.81
N ILE D 82 -12.28 -24.50 -35.04
CA ILE D 82 -11.69 -24.35 -36.36
C ILE D 82 -10.91 -25.60 -36.74
N ILE D 83 -10.11 -26.11 -35.81
CA ILE D 83 -9.26 -27.26 -36.13
C ILE D 83 -10.09 -28.49 -36.45
N PHE D 84 -11.08 -28.79 -35.62
CA PHE D 84 -11.90 -29.96 -35.86
C PHE D 84 -12.71 -29.82 -37.14
N VAL D 85 -13.23 -28.62 -37.40
CA VAL D 85 -13.98 -28.39 -38.62
C VAL D 85 -13.10 -28.58 -39.85
N SER D 86 -11.86 -28.10 -39.80
CA SER D 86 -10.96 -28.27 -40.93
C SER D 86 -10.54 -29.73 -41.12
N THR D 87 -10.48 -30.52 -40.05
CA THR D 87 -9.93 -31.86 -40.18
C THR D 87 -10.58 -32.72 -41.27
N PRO D 88 -11.91 -32.69 -41.46
CA PRO D 88 -12.48 -33.44 -42.58
C PRO D 88 -11.92 -33.08 -43.94
N SER D 89 -11.69 -31.78 -44.18
CA SER D 89 -11.07 -31.37 -45.43
C SER D 89 -9.69 -31.99 -45.56
N LEU D 90 -8.94 -32.06 -44.45
CA LEU D 90 -7.63 -32.70 -44.48
C LEU D 90 -7.75 -34.16 -44.87
N VAL D 91 -8.74 -34.87 -44.31
CA VAL D 91 -8.93 -36.27 -44.65
C VAL D 91 -9.24 -36.40 -46.15
N TYR D 92 -10.12 -35.55 -46.65
CA TYR D 92 -10.52 -35.63 -48.05
C TYR D 92 -9.34 -35.37 -48.98
N VAL D 93 -8.57 -34.32 -48.71
CA VAL D 93 -7.44 -34.01 -49.56
C VAL D 93 -6.40 -35.12 -49.49
N GLY D 94 -6.21 -35.71 -48.32
CA GLY D 94 -5.29 -36.83 -48.21
C GLY D 94 -5.73 -38.01 -49.07
N HIS D 95 -7.02 -38.32 -49.04
CA HIS D 95 -7.54 -39.40 -49.86
C HIS D 95 -7.32 -39.10 -51.35
N ALA D 96 -7.61 -37.86 -51.76
CA ALA D 96 -7.43 -37.48 -53.16
C ALA D 96 -5.97 -37.60 -53.58
N VAL D 97 -5.05 -37.08 -52.77
CA VAL D 97 -3.63 -37.17 -53.09
C VAL D 97 -3.18 -38.63 -53.15
N HIS D 98 -3.71 -39.47 -52.25
CA HIS D 98 -3.37 -40.89 -52.31
C HIS D 98 -3.79 -41.48 -53.65
N HIS D 99 -5.02 -41.20 -54.07
CA HIS D 99 -5.48 -41.69 -55.37
C HIS D 99 -4.58 -41.20 -56.49
N VAL D 100 -4.20 -39.93 -56.45
CA VAL D 100 -3.31 -39.38 -57.47
C VAL D 100 -1.99 -40.13 -57.49
N ARG D 101 -1.40 -40.39 -56.32
CA ARG D 101 -0.12 -41.08 -56.30
C ARG D 101 -0.27 -42.49 -56.87
N MET D 102 -1.39 -43.15 -56.58
CA MET D 102 -1.62 -44.48 -57.14
C MET D 102 -1.73 -44.40 -58.66
N GLU D 103 -2.46 -43.42 -59.18
CA GLU D 103 -2.54 -43.24 -60.63
C GLU D 103 -1.16 -43.00 -61.23
N GLU D 104 -0.35 -42.18 -60.55
CA GLU D 104 1.02 -41.96 -61.02
C GLU D 104 1.78 -43.28 -61.10
N LYS D 105 1.62 -44.13 -60.08
CA LYS D 105 2.26 -45.44 -60.13
C LYS D 105 1.78 -46.22 -61.36
N ARG D 106 0.48 -46.22 -61.61
CA ARG D 106 -0.09 -46.92 -62.75
C ARG D 106 0.44 -46.34 -64.05
N LEU D 150 -14.46 -36.17 -59.22
CA LEU D 150 -15.36 -36.31 -58.07
C LEU D 150 -16.45 -37.32 -58.37
N GLU D 151 -16.09 -38.59 -58.44
CA GLU D 151 -17.05 -39.65 -58.74
C GLU D 151 -16.78 -40.86 -57.86
N GLY D 152 -17.81 -41.69 -57.74
CA GLY D 152 -17.69 -42.96 -57.02
C GLY D 152 -17.27 -42.80 -55.58
N THR D 153 -16.28 -43.60 -55.17
CA THR D 153 -15.85 -43.61 -53.78
C THR D 153 -15.38 -42.23 -53.32
N LEU D 154 -14.65 -41.53 -54.18
CA LEU D 154 -14.16 -40.20 -53.83
C LEU D 154 -15.32 -39.25 -53.52
N LEU D 155 -16.38 -39.29 -54.35
CA LEU D 155 -17.53 -38.45 -54.10
C LEU D 155 -18.20 -38.79 -52.77
N ARG D 156 -18.34 -40.08 -52.47
CA ARG D 156 -18.93 -40.48 -51.20
C ARG D 156 -18.08 -39.98 -50.03
N THR D 157 -16.75 -40.07 -50.15
CA THR D 157 -15.88 -39.53 -49.12
C THR D 157 -16.09 -38.03 -48.95
N TYR D 158 -16.25 -37.32 -50.06
CA TYR D 158 -16.50 -35.88 -49.99
C TYR D 158 -17.77 -35.58 -49.21
N VAL D 159 -18.84 -36.32 -49.52
CA VAL D 159 -20.11 -36.12 -48.82
C VAL D 159 -19.95 -36.45 -47.34
N CYS D 160 -19.25 -37.53 -47.02
CA CYS D 160 -19.02 -37.90 -45.63
C CYS D 160 -18.29 -36.78 -44.89
N HIS D 161 -17.29 -36.19 -45.54
CA HIS D 161 -16.54 -35.10 -44.90
C HIS D 161 -17.46 -33.90 -44.67
N ILE D 162 -18.35 -33.61 -45.61
CA ILE D 162 -19.32 -32.55 -45.41
C ILE D 162 -20.17 -32.85 -44.19
N ILE D 163 -20.62 -34.09 -44.06
CA ILE D 163 -21.46 -34.47 -42.92
C ILE D 163 -20.71 -34.28 -41.62
N PHE D 164 -19.44 -34.70 -41.57
CA PHE D 164 -18.65 -34.53 -40.36
C PHE D 164 -18.49 -33.05 -40.02
N LYS D 165 -18.26 -32.22 -41.03
CA LYS D 165 -18.16 -30.78 -40.79
C LYS D 165 -19.43 -30.25 -40.17
N THR D 166 -20.58 -30.65 -40.71
CA THR D 166 -21.86 -30.20 -40.16
C THR D 166 -22.03 -30.64 -38.72
N LEU D 167 -21.70 -31.91 -38.43
CA LEU D 167 -21.85 -32.40 -37.07
C LEU D 167 -20.94 -31.65 -36.10
N PHE D 168 -19.69 -31.42 -36.48
CA PHE D 168 -18.78 -30.72 -35.59
C PHE D 168 -19.23 -29.28 -35.36
N GLU D 169 -19.75 -28.64 -36.40
CA GLU D 169 -20.21 -27.27 -36.25
C GLU D 169 -21.39 -27.19 -35.30
N VAL D 170 -22.37 -28.08 -35.49
CA VAL D 170 -23.52 -28.10 -34.60
C VAL D 170 -23.10 -28.42 -33.18
N GLY D 171 -22.16 -29.35 -33.02
CA GLY D 171 -21.71 -29.71 -31.70
C GLY D 171 -21.07 -28.56 -30.96
N PHE D 172 -20.18 -27.84 -31.64
CA PHE D 172 -19.53 -26.70 -31.00
C PHE D 172 -20.53 -25.58 -30.71
N ILE D 173 -21.48 -25.35 -31.62
CA ILE D 173 -22.49 -24.33 -31.34
C ILE D 173 -23.27 -24.67 -30.09
N VAL D 174 -23.76 -25.92 -30.00
CA VAL D 174 -24.55 -26.33 -28.85
C VAL D 174 -23.72 -26.29 -27.57
N GLY D 175 -22.45 -26.70 -27.67
CA GLY D 175 -21.60 -26.67 -26.49
C GLY D 175 -21.39 -25.26 -25.98
N HIS D 176 -21.08 -24.33 -26.89
CA HIS D 176 -20.97 -22.94 -26.49
C HIS D 176 -22.26 -22.46 -25.85
N TYR D 177 -23.40 -22.80 -26.44
CA TYR D 177 -24.67 -22.32 -25.92
C TYR D 177 -24.88 -22.78 -24.48
N PHE D 178 -24.67 -24.07 -24.23
CA PHE D 178 -24.88 -24.59 -22.88
C PHE D 178 -23.84 -24.03 -21.90
N LEU D 179 -22.59 -23.89 -22.34
CA LEU D 179 -21.57 -23.30 -21.47
C LEU D 179 -21.95 -21.86 -21.07
N TYR D 180 -22.17 -20.99 -22.06
CA TYR D 180 -22.30 -19.56 -21.80
C TYR D 180 -23.59 -18.92 -22.31
N GLY D 181 -24.55 -19.67 -22.79
CA GLY D 181 -25.58 -19.00 -23.56
C GLY D 181 -24.93 -18.25 -24.70
N PHE D 182 -25.42 -17.04 -24.97
CA PHE D 182 -24.76 -16.16 -25.94
C PHE D 182 -24.61 -14.73 -25.44
N ARG D 183 -24.84 -14.47 -24.15
CA ARG D 183 -24.63 -13.16 -23.57
C ARG D 183 -23.75 -13.29 -22.34
N ILE D 184 -22.62 -12.59 -22.32
CA ILE D 184 -21.75 -12.52 -21.15
C ILE D 184 -22.21 -11.35 -20.29
N LEU D 185 -22.71 -11.64 -19.11
CA LEU D 185 -23.09 -10.61 -18.17
C LEU D 185 -21.86 -10.07 -17.43
N PRO D 186 -21.89 -8.80 -17.02
CA PRO D 186 -20.76 -8.27 -16.25
C PRO D 186 -20.61 -8.87 -14.87
N LEU D 187 -21.72 -9.16 -14.19
CA LEU D 187 -21.69 -9.66 -12.82
C LEU D 187 -21.72 -11.19 -12.81
N TYR D 188 -20.73 -11.77 -12.13
CA TYR D 188 -20.73 -13.19 -11.80
C TYR D 188 -20.74 -13.35 -10.29
N ARG D 189 -21.77 -13.99 -9.75
CA ARG D 189 -21.82 -14.29 -8.32
C ARG D 189 -21.24 -15.68 -8.07
N CYS D 190 -20.27 -15.73 -7.17
CA CYS D 190 -19.43 -16.91 -6.96
C CYS D 190 -19.53 -17.38 -5.52
N SER D 191 -19.80 -18.67 -5.32
CA SER D 191 -19.84 -19.27 -4.00
C SER D 191 -18.84 -20.41 -3.84
N ARG D 192 -17.72 -20.35 -4.56
CA ARG D 192 -16.75 -21.44 -4.59
C ARG D 192 -15.70 -21.22 -3.51
N TRP D 193 -15.38 -22.29 -2.79
CA TRP D 193 -14.37 -22.21 -1.75
C TRP D 193 -13.03 -21.85 -2.39
N PRO D 194 -12.24 -20.95 -1.79
CA PRO D 194 -12.26 -20.35 -0.46
C PRO D 194 -13.12 -19.11 -0.25
N CYS D 195 -13.88 -18.69 -1.25
CA CYS D 195 -14.66 -17.48 -1.11
C CYS D 195 -15.63 -17.62 0.07
N PRO D 196 -15.73 -16.60 0.95
CA PRO D 196 -16.64 -16.70 2.09
C PRO D 196 -18.02 -16.25 1.61
N ASN D 197 -19.06 -17.13 1.58
CA ASN D 197 -20.42 -16.74 1.17
C ASN D 197 -20.44 -16.58 -0.37
N VAL D 198 -21.42 -15.85 -0.90
CA VAL D 198 -21.42 -15.45 -2.33
C VAL D 198 -20.63 -14.16 -2.40
N VAL D 199 -19.75 -14.04 -3.38
CA VAL D 199 -19.00 -12.82 -3.68
C VAL D 199 -19.38 -12.33 -5.07
N ASP D 200 -19.40 -11.01 -5.22
CA ASP D 200 -19.64 -10.37 -6.51
C ASP D 200 -18.33 -10.21 -7.26
N CYS D 201 -18.26 -10.76 -8.46
CA CYS D 201 -17.12 -10.64 -9.34
C CYS D 201 -17.54 -9.91 -10.61
N PHE D 202 -16.62 -9.18 -11.21
CA PHE D 202 -16.91 -8.36 -12.38
C PHE D 202 -16.01 -8.72 -13.55
N VAL D 203 -16.64 -9.05 -14.66
CA VAL D 203 -15.98 -9.45 -15.89
C VAL D 203 -15.48 -8.25 -16.66
N SER D 204 -14.37 -8.43 -17.37
CA SER D 204 -13.83 -7.42 -18.28
C SER D 204 -14.48 -7.51 -19.66
N ARG D 205 -14.76 -6.33 -20.22
CA ARG D 205 -15.22 -6.17 -21.60
C ARG D 205 -16.40 -7.07 -21.97
N PRO D 206 -17.42 -7.18 -21.13
CA PRO D 206 -18.51 -8.11 -21.45
C PRO D 206 -19.25 -7.80 -22.73
N THR D 207 -19.48 -6.52 -23.03
CA THR D 207 -20.24 -6.15 -24.23
C THR D 207 -19.49 -6.54 -25.50
N GLU D 208 -18.21 -6.21 -25.58
CA GLU D 208 -17.42 -6.55 -26.76
C GLU D 208 -17.36 -8.05 -26.96
N LYS D 209 -17.19 -8.79 -25.86
CA LYS D 209 -17.18 -10.24 -25.93
C LYS D 209 -18.51 -10.79 -26.42
N THR D 210 -19.61 -10.19 -25.97
CA THR D 210 -20.92 -10.58 -26.49
C THR D 210 -21.02 -10.33 -27.99
N ILE D 211 -20.51 -9.19 -28.44
CA ILE D 211 -20.55 -8.86 -29.85
C ILE D 211 -19.80 -9.89 -30.66
N PHE D 212 -18.61 -10.28 -30.20
CA PHE D 212 -17.82 -11.23 -30.96
C PHE D 212 -18.39 -12.65 -30.85
N ILE D 213 -18.93 -13.02 -29.70
CA ILE D 213 -19.63 -14.28 -29.57
C ILE D 213 -20.72 -14.39 -30.63
N LEU D 214 -21.56 -13.36 -30.74
CA LEU D 214 -22.64 -13.39 -31.71
C LEU D 214 -22.11 -13.38 -33.14
N PHE D 215 -21.04 -12.64 -33.39
CA PHE D 215 -20.44 -12.62 -34.72
C PHE D 215 -19.97 -14.01 -35.14
N MET D 216 -19.26 -14.70 -34.24
CA MET D 216 -18.77 -16.04 -34.56
C MET D 216 -19.91 -17.04 -34.68
N LEU D 217 -20.94 -16.90 -33.87
CA LEU D 217 -22.12 -17.74 -34.02
C LEU D 217 -22.74 -17.57 -35.40
N SER D 218 -22.87 -16.32 -35.84
CA SER D 218 -23.38 -16.06 -37.18
C SER D 218 -22.50 -16.69 -38.25
N VAL D 219 -21.19 -16.56 -38.11
CA VAL D 219 -20.28 -17.14 -39.10
C VAL D 219 -20.45 -18.66 -39.14
N ALA D 220 -20.56 -19.29 -37.99
CA ALA D 220 -20.76 -20.74 -37.94
C ALA D 220 -22.08 -21.14 -38.61
N SER D 221 -23.14 -20.38 -38.36
CA SER D 221 -24.41 -20.66 -39.00
C SER D 221 -24.31 -20.51 -40.52
N VAL D 222 -23.59 -19.48 -40.97
CA VAL D 222 -23.38 -19.29 -42.40
C VAL D 222 -22.65 -20.48 -43.00
N SER D 223 -21.60 -20.94 -42.33
CA SER D 223 -20.85 -22.09 -42.82
C SER D 223 -21.71 -23.34 -42.89
N LEU D 224 -22.55 -23.54 -41.87
CA LEU D 224 -23.47 -24.67 -41.89
C LEU D 224 -24.41 -24.59 -43.08
N PHE D 225 -24.97 -23.40 -43.32
CA PHE D 225 -25.85 -23.20 -44.47
C PHE D 225 -25.11 -23.49 -45.77
N LEU D 226 -23.85 -23.08 -45.86
CA LEU D 226 -23.05 -23.39 -47.03
C LEU D 226 -22.92 -24.89 -47.23
N ASN D 227 -22.69 -25.63 -46.16
CA ASN D 227 -22.62 -27.08 -46.27
C ASN D 227 -23.93 -27.66 -46.78
N ILE D 228 -25.05 -27.15 -46.29
CA ILE D 228 -26.35 -27.59 -46.80
C ILE D 228 -26.45 -27.32 -48.30
N LEU D 229 -25.99 -26.13 -48.72
CA LEU D 229 -25.98 -25.82 -50.14
C LEU D 229 -25.10 -26.80 -50.91
N GLU D 230 -23.97 -27.20 -50.32
CA GLU D 230 -23.10 -28.16 -51.00
C GLU D 230 -23.85 -29.46 -51.25
N MET D 231 -24.53 -29.96 -50.23
CA MET D 231 -25.27 -31.21 -50.39
C MET D 231 -26.37 -31.06 -51.45
N SER D 232 -27.13 -29.96 -51.40
CA SER D 232 -28.18 -29.76 -52.39
C SER D 232 -27.59 -29.67 -53.80
N HIS D 233 -26.50 -28.93 -53.96
CA HIS D 233 -25.88 -28.77 -55.27
C HIS D 233 -25.41 -30.11 -55.81
N LEU D 234 -24.82 -30.94 -54.96
CA LEU D 234 -24.48 -32.29 -55.38
C LEU D 234 -25.73 -33.06 -55.80
N GLY D 235 -26.82 -32.90 -55.05
CA GLY D 235 -28.05 -33.58 -55.40
C GLY D 235 -28.54 -33.20 -56.78
N LEU D 236 -28.49 -31.90 -57.10
CA LEU D 236 -28.92 -31.43 -58.42
C LEU D 236 -28.09 -32.09 -59.52
N GLY E 2 6.94 -20.21 -30.29
CA GLY E 2 8.18 -20.71 -30.83
C GLY E 2 8.13 -20.92 -32.34
N ASP E 3 9.30 -21.06 -32.95
CA ASP E 3 9.42 -21.21 -34.39
C ASP E 3 9.74 -22.66 -34.71
N TRP E 4 8.80 -23.34 -35.38
CA TRP E 4 8.95 -24.74 -35.76
C TRP E 4 9.20 -24.91 -37.26
N SER E 5 9.62 -23.85 -37.95
CA SER E 5 9.73 -23.89 -39.39
C SER E 5 10.71 -24.96 -39.86
N PHE E 6 11.88 -25.04 -39.22
CA PHE E 6 12.90 -25.99 -39.64
C PHE E 6 12.41 -27.43 -39.46
N LEU E 7 11.83 -27.72 -38.30
CA LEU E 7 11.27 -29.04 -38.06
C LEU E 7 10.17 -29.35 -39.05
N GLY E 8 9.32 -28.36 -39.31
CA GLY E 8 8.25 -28.55 -40.27
C GLY E 8 8.78 -28.89 -41.66
N ASN E 9 9.83 -28.20 -42.07
CA ASN E 9 10.42 -28.46 -43.38
C ASN E 9 10.92 -29.89 -43.48
N ILE E 10 11.67 -30.34 -42.47
CA ILE E 10 12.19 -31.71 -42.52
C ILE E 10 11.07 -32.73 -42.49
N LEU E 11 10.06 -32.50 -41.64
CA LEU E 11 8.92 -33.43 -41.59
C LEU E 11 8.19 -33.48 -42.93
N GLU E 12 8.01 -32.32 -43.58
CA GLU E 12 7.43 -32.31 -44.90
C GLU E 12 8.27 -33.14 -45.87
N GLU E 13 9.60 -33.04 -45.75
CA GLU E 13 10.48 -33.84 -46.60
C GLU E 13 10.21 -35.33 -46.39
N VAL E 14 10.16 -35.77 -45.13
CA VAL E 14 9.92 -37.18 -44.85
C VAL E 14 8.52 -37.63 -45.27
N ASN E 15 7.57 -36.71 -45.42
CA ASN E 15 6.24 -37.14 -45.87
C ASN E 15 6.31 -37.86 -47.21
N GLU E 16 7.14 -37.36 -48.13
CA GLU E 16 7.21 -37.97 -49.46
C GLU E 16 7.58 -39.44 -49.38
N HIS E 17 8.50 -39.80 -48.50
CA HIS E 17 9.00 -41.17 -48.37
C HIS E 17 8.35 -41.93 -47.22
N SER E 18 7.13 -41.55 -46.83
CA SER E 18 6.45 -42.17 -45.72
C SER E 18 5.17 -42.85 -46.18
N THR E 19 4.70 -43.76 -45.34
CA THR E 19 3.48 -44.50 -45.61
C THR E 19 2.26 -43.60 -45.41
N VAL E 20 1.13 -44.04 -45.95
CA VAL E 20 -0.10 -43.27 -45.82
C VAL E 20 -0.44 -43.05 -44.36
N ILE E 21 -0.33 -44.10 -43.56
CA ILE E 21 -0.54 -43.96 -42.12
C ILE E 21 0.46 -42.98 -41.55
N GLY E 22 1.71 -43.03 -42.02
CA GLY E 22 2.71 -42.10 -41.56
C GLY E 22 2.35 -40.66 -41.88
N ARG E 23 1.83 -40.40 -43.08
CA ARG E 23 1.39 -39.06 -43.40
C ARG E 23 0.27 -38.61 -42.49
N VAL E 24 -0.66 -39.52 -42.17
CA VAL E 24 -1.73 -39.17 -41.24
C VAL E 24 -1.12 -38.78 -39.89
N TRP E 25 -0.12 -39.54 -39.47
CA TRP E 25 0.54 -39.27 -38.19
C TRP E 25 1.18 -37.89 -38.18
N LEU E 26 1.91 -37.55 -39.25
CA LEU E 26 2.57 -36.25 -39.30
C LEU E 26 1.57 -35.11 -39.32
N THR E 27 0.50 -35.23 -40.11
CA THR E 27 -0.49 -34.16 -40.11
C THR E 27 -1.14 -34.03 -38.74
N VAL E 28 -1.41 -35.14 -38.06
CA VAL E 28 -1.91 -35.07 -36.68
C VAL E 28 -0.92 -34.32 -35.80
N LEU E 29 0.37 -34.61 -35.97
CA LEU E 29 1.38 -33.94 -35.16
C LEU E 29 1.34 -32.43 -35.37
N PHE E 30 1.27 -32.00 -36.63
CA PHE E 30 1.28 -30.57 -36.90
C PHE E 30 0.00 -29.89 -36.43
N ILE E 31 -1.15 -30.45 -36.78
CA ILE E 31 -2.41 -29.76 -36.55
C ILE E 31 -2.85 -29.85 -35.10
N PHE E 32 -2.66 -31.00 -34.46
CA PHE E 32 -3.24 -31.24 -33.14
C PHE E 32 -2.24 -31.17 -32.01
N ARG E 33 -0.96 -30.97 -32.30
CA ARG E 33 0.03 -30.76 -31.25
C ARG E 33 0.70 -29.41 -31.37
N ILE E 34 1.42 -29.15 -32.46
CA ILE E 34 2.15 -27.90 -32.60
C ILE E 34 1.19 -26.73 -32.65
N LEU E 35 0.14 -26.84 -33.47
CA LEU E 35 -0.81 -25.76 -33.63
C LEU E 35 -1.60 -25.51 -32.35
N ILE E 36 -1.90 -26.57 -31.60
CA ILE E 36 -2.61 -26.40 -30.34
C ILE E 36 -1.74 -25.66 -29.33
N LEU E 37 -0.48 -26.06 -29.23
CA LEU E 37 0.42 -25.38 -28.30
C LEU E 37 0.58 -23.92 -28.66
N GLY E 38 0.75 -23.64 -29.96
CA GLY E 38 0.95 -22.26 -30.37
C GLY E 38 -0.29 -21.41 -30.19
N THR E 39 -1.41 -21.84 -30.76
CA THR E 39 -2.61 -21.02 -30.77
C THR E 39 -3.27 -20.96 -29.39
N ALA E 40 -3.29 -22.07 -28.66
CA ALA E 40 -4.15 -22.19 -27.49
C ALA E 40 -3.39 -22.39 -26.18
N ALA E 41 -2.54 -23.41 -26.08
CA ALA E 41 -2.05 -23.82 -24.76
C ALA E 41 -1.09 -22.79 -24.17
N GLU E 42 -0.23 -22.20 -25.00
CA GLU E 42 0.76 -21.26 -24.47
C GLU E 42 0.08 -20.06 -23.82
N PHE E 43 -1.03 -19.58 -24.37
CA PHE E 43 -1.79 -18.53 -23.73
C PHE E 43 -2.40 -18.98 -22.41
N VAL E 44 -2.86 -20.23 -22.34
CA VAL E 44 -3.42 -20.75 -21.09
C VAL E 44 -2.37 -20.72 -19.98
N TRP E 45 -1.18 -21.24 -20.27
CA TRP E 45 -0.13 -21.39 -19.28
C TRP E 45 0.71 -20.12 -19.16
N GLY E 46 0.33 -19.05 -19.83
CA GLY E 46 1.17 -17.86 -19.86
C GLY E 46 1.37 -17.24 -18.49
N ASP E 47 0.31 -17.18 -17.69
CA ASP E 47 0.33 -16.54 -16.38
C ASP E 47 0.36 -17.55 -15.25
N GLU E 48 1.09 -18.64 -15.44
CA GLU E 48 1.09 -19.71 -14.45
C GLU E 48 1.65 -19.23 -13.11
N GLN E 49 2.82 -18.59 -13.13
CA GLN E 49 3.45 -18.16 -11.89
C GLN E 49 2.90 -16.84 -11.39
N SER E 50 2.62 -15.90 -12.31
CA SER E 50 2.14 -14.59 -11.90
C SER E 50 0.82 -14.66 -11.14
N ASP E 51 -0.12 -15.47 -11.62
CA ASP E 51 -1.42 -15.60 -10.95
C ASP E 51 -1.47 -16.73 -9.93
N PHE E 52 -0.40 -17.49 -9.78
CA PHE E 52 -0.24 -18.35 -8.61
C PHE E 52 -0.22 -17.52 -7.35
N VAL E 53 -1.13 -17.79 -6.42
CA VAL E 53 -1.24 -17.03 -5.19
C VAL E 53 -1.26 -17.98 -4.00
N CYS E 54 -0.51 -17.63 -2.97
CA CYS E 54 -0.44 -18.37 -1.73
C CYS E 54 -0.87 -17.48 -0.58
N ASN E 55 -1.63 -18.05 0.36
CA ASN E 55 -2.15 -17.32 1.51
C ASN E 55 -1.08 -17.24 2.59
N THR E 56 -0.17 -16.29 2.43
CA THR E 56 0.89 -16.08 3.39
C THR E 56 1.48 -14.69 3.23
N GLN E 57 2.17 -14.25 4.27
CA GLN E 57 2.97 -13.02 4.24
C GLN E 57 4.46 -13.32 4.22
N GLN E 58 4.83 -14.53 3.84
CA GLN E 58 6.21 -14.98 3.94
C GLN E 58 6.91 -14.79 2.61
N PRO E 59 8.01 -14.04 2.54
CA PRO E 59 8.73 -13.91 1.27
C PRO E 59 9.30 -15.24 0.81
N GLY E 60 9.29 -15.43 -0.50
CA GLY E 60 9.80 -16.63 -1.12
C GLY E 60 8.93 -17.86 -1.04
N CYS E 61 7.89 -17.86 -0.21
CA CYS E 61 7.04 -19.04 -0.13
C CYS E 61 6.36 -19.33 -1.46
N GLU E 62 5.86 -18.30 -2.15
CA GLU E 62 5.18 -18.53 -3.41
C GLU E 62 6.11 -19.14 -4.44
N ASN E 63 7.35 -18.65 -4.52
CA ASN E 63 8.29 -19.19 -5.49
C ASN E 63 8.59 -20.66 -5.24
N VAL E 64 8.91 -21.01 -3.99
CA VAL E 64 9.26 -22.39 -3.68
C VAL E 64 8.07 -23.30 -3.86
N CYS E 65 6.88 -22.83 -3.47
CA CYS E 65 5.68 -23.65 -3.63
C CYS E 65 5.31 -23.85 -5.09
N TYR E 66 5.39 -22.80 -5.91
CA TYR E 66 5.13 -22.98 -7.33
C TYR E 66 6.11 -23.97 -7.94
N ASP E 67 7.40 -23.84 -7.59
CA ASP E 67 8.39 -24.77 -8.10
C ASP E 67 8.07 -26.20 -7.70
N GLU E 68 7.67 -26.41 -6.44
CA GLU E 68 7.35 -27.76 -5.99
C GLU E 68 6.11 -28.30 -6.69
N ALA E 69 5.09 -27.45 -6.86
CA ALA E 69 3.85 -27.88 -7.50
C ALA E 69 4.06 -28.19 -8.98
N PHE E 70 4.84 -27.37 -9.66
CA PHE E 70 5.11 -27.53 -11.08
C PHE E 70 6.61 -27.58 -11.30
N PRO E 71 7.23 -28.75 -11.09
CA PRO E 71 8.67 -28.85 -11.32
C PRO E 71 9.04 -28.48 -12.74
N ILE E 72 8.31 -29.01 -13.70
CA ILE E 72 8.41 -28.62 -15.10
C ILE E 72 7.03 -28.19 -15.59
N SER E 73 6.94 -27.10 -16.35
CA SER E 73 5.62 -26.73 -16.85
C SER E 73 5.13 -27.74 -17.89
N HIS E 74 3.81 -27.87 -18.00
CA HIS E 74 3.21 -28.81 -18.93
C HIS E 74 3.58 -28.49 -20.37
N ILE E 75 3.48 -27.22 -20.77
CA ILE E 75 3.76 -26.86 -22.16
C ILE E 75 5.19 -27.22 -22.52
N ARG E 76 6.13 -27.03 -21.60
CA ARG E 76 7.51 -27.40 -21.84
C ARG E 76 7.66 -28.90 -22.05
N LEU E 77 7.00 -29.69 -21.20
CA LEU E 77 7.04 -31.14 -21.35
C LEU E 77 6.48 -31.57 -22.70
N TRP E 78 5.42 -30.90 -23.17
CA TRP E 78 4.86 -31.24 -24.47
C TRP E 78 5.81 -30.85 -25.61
N VAL E 79 6.52 -29.74 -25.46
CA VAL E 79 7.56 -29.39 -26.42
C VAL E 79 8.58 -30.52 -26.53
N LEU E 80 9.09 -30.96 -25.39
CA LEU E 80 10.08 -32.03 -25.40
C LEU E 80 9.50 -33.29 -26.02
N GLN E 81 8.25 -33.60 -25.70
CA GLN E 81 7.62 -34.79 -26.24
C GLN E 81 7.56 -34.73 -27.75
N ILE E 82 7.18 -33.58 -28.29
CA ILE E 82 7.09 -33.43 -29.73
C ILE E 82 8.46 -33.63 -30.37
N ILE E 83 9.47 -33.01 -29.79
CA ILE E 83 10.81 -33.07 -30.39
C ILE E 83 11.34 -34.50 -30.39
N PHE E 84 11.24 -35.18 -29.26
CA PHE E 84 11.76 -36.54 -29.19
C PHE E 84 10.97 -37.47 -30.10
N VAL E 85 9.66 -37.30 -30.14
CA VAL E 85 8.82 -38.13 -31.02
C VAL E 85 9.19 -37.91 -32.48
N SER E 86 9.45 -36.67 -32.88
CA SER E 86 9.84 -36.39 -34.26
C SER E 86 11.22 -36.92 -34.59
N THR E 87 12.12 -37.00 -33.61
CA THR E 87 13.51 -37.35 -33.93
C THR E 87 13.67 -38.66 -34.71
N PRO E 88 12.91 -39.72 -34.41
CA PRO E 88 13.03 -40.93 -35.25
C PRO E 88 12.74 -40.69 -36.72
N SER E 89 11.73 -39.88 -37.03
CA SER E 89 11.47 -39.54 -38.42
C SER E 89 12.67 -38.84 -39.04
N LEU E 90 13.33 -37.97 -38.27
CA LEU E 90 14.53 -37.32 -38.77
C LEU E 90 15.61 -38.33 -39.09
N VAL E 91 15.80 -39.31 -38.21
CA VAL E 91 16.80 -40.35 -38.46
C VAL E 91 16.47 -41.11 -39.74
N TYR E 92 15.19 -41.47 -39.90
CA TYR E 92 14.78 -42.25 -41.06
C TYR E 92 14.99 -41.47 -42.35
N VAL E 93 14.56 -40.20 -42.38
CA VAL E 93 14.71 -39.40 -43.58
C VAL E 93 16.19 -39.20 -43.88
N GLY E 94 17.02 -39.02 -42.85
CA GLY E 94 18.44 -38.89 -43.08
C GLY E 94 19.03 -40.13 -43.73
N HIS E 95 18.62 -41.30 -43.24
CA HIS E 95 19.10 -42.55 -43.82
C HIS E 95 18.66 -42.66 -45.29
N ALA E 96 17.41 -42.32 -45.57
CA ALA E 96 16.91 -42.39 -46.94
C ALA E 96 17.67 -41.45 -47.85
N VAL E 97 17.87 -40.21 -47.43
CA VAL E 97 18.62 -39.24 -48.23
C VAL E 97 20.05 -39.72 -48.45
N HIS E 98 20.65 -40.33 -47.43
CA HIS E 98 22.00 -40.86 -47.61
C HIS E 98 22.01 -41.92 -48.70
N HIS E 99 21.06 -42.85 -48.65
CA HIS E 99 20.99 -43.87 -49.70
C HIS E 99 20.82 -43.23 -51.07
N VAL E 100 19.95 -42.22 -51.17
CA VAL E 100 19.75 -41.52 -52.45
C VAL E 100 21.06 -40.92 -52.94
N ARG E 101 21.80 -40.25 -52.06
CA ARG E 101 23.06 -39.63 -52.50
C ARG E 101 24.04 -40.69 -52.97
N MET E 102 24.06 -41.84 -52.30
CA MET E 102 24.94 -42.92 -52.74
C MET E 102 24.53 -43.43 -54.11
N GLU E 103 23.22 -43.60 -54.34
CA GLU E 103 22.74 -44.01 -55.66
C GLU E 103 23.13 -42.98 -56.72
N GLU E 104 23.01 -41.69 -56.38
CA GLU E 104 23.43 -40.65 -57.31
C GLU E 104 24.90 -40.80 -57.66
N LYS E 105 25.73 -41.09 -56.65
CA LYS E 105 27.15 -41.34 -56.93
C LYS E 105 27.31 -42.51 -57.90
N ARG E 106 26.58 -43.60 -57.66
CA ARG E 106 26.65 -44.76 -58.52
C ARG E 106 26.18 -44.42 -59.93
N LEU E 150 10.99 -48.96 -50.06
CA LEU E 150 10.86 -49.39 -48.67
C LEU E 150 11.09 -50.89 -48.56
N GLU E 151 12.33 -51.33 -48.75
CA GLU E 151 12.66 -52.74 -48.70
C GLU E 151 13.97 -52.95 -47.96
N GLY E 152 14.17 -54.17 -47.48
CA GLY E 152 15.42 -54.55 -46.86
C GLY E 152 15.78 -53.71 -45.66
N THR E 153 17.04 -53.26 -45.64
CA THR E 153 17.55 -52.52 -44.49
C THR E 153 16.75 -51.25 -44.23
N LEU E 154 16.36 -50.55 -45.29
CA LEU E 154 15.56 -49.34 -45.14
C LEU E 154 14.25 -49.62 -44.44
N LEU E 155 13.57 -50.70 -44.84
CA LEU E 155 12.31 -51.07 -44.19
C LEU E 155 12.52 -51.37 -42.71
N ARG E 156 13.58 -52.11 -42.38
CA ARG E 156 13.87 -52.40 -40.98
C ARG E 156 14.13 -51.13 -40.19
N THR E 157 14.86 -50.18 -40.78
CA THR E 157 15.06 -48.89 -40.14
C THR E 157 13.74 -48.18 -39.90
N TYR E 158 12.83 -48.24 -40.87
CA TYR E 158 11.53 -47.62 -40.72
C TYR E 158 10.77 -48.21 -39.54
N VAL E 159 10.77 -49.54 -39.44
CA VAL E 159 10.10 -50.21 -38.34
C VAL E 159 10.75 -49.83 -37.00
N CYS E 160 12.08 -49.78 -36.97
CA CYS E 160 12.77 -49.39 -35.75
C CYS E 160 12.37 -47.98 -35.32
N HIS E 161 12.25 -47.07 -36.28
CA HIS E 161 11.86 -45.70 -35.96
C HIS E 161 10.44 -45.68 -35.41
N ILE E 162 9.55 -46.48 -35.98
CA ILE E 162 8.20 -46.60 -35.44
C ILE E 162 8.25 -47.07 -33.99
N ILE E 163 9.08 -48.07 -33.70
CA ILE E 163 9.20 -48.59 -32.34
C ILE E 163 9.68 -47.50 -31.40
N PHE E 164 10.70 -46.74 -31.81
CA PHE E 164 11.20 -45.66 -30.96
C PHE E 164 10.11 -44.63 -30.70
N LYS E 165 9.34 -44.28 -31.73
CA LYS E 165 8.24 -43.33 -31.54
C LYS E 165 7.27 -43.85 -30.50
N THR E 166 6.90 -45.13 -30.60
CA THR E 166 5.98 -45.71 -29.63
C THR E 166 6.55 -45.65 -28.22
N LEU E 167 7.82 -46.01 -28.06
CA LEU E 167 8.44 -45.99 -26.74
C LEU E 167 8.46 -44.58 -26.16
N PHE E 168 8.84 -43.59 -26.97
CA PHE E 168 8.90 -42.23 -26.46
C PHE E 168 7.52 -41.73 -26.09
N GLU E 169 6.50 -42.08 -26.87
CA GLU E 169 5.15 -41.64 -26.57
C GLU E 169 4.67 -42.24 -25.26
N VAL E 170 4.87 -43.54 -25.08
CA VAL E 170 4.47 -44.19 -23.84
C VAL E 170 5.24 -43.60 -22.66
N GLY E 171 6.52 -43.33 -22.86
CA GLY E 171 7.32 -42.79 -21.78
C GLY E 171 6.83 -41.43 -21.32
N PHE E 172 6.56 -40.55 -22.28
CA PHE E 172 6.07 -39.22 -21.91
C PHE E 172 4.69 -39.30 -21.29
N ILE E 173 3.82 -40.18 -21.79
CA ILE E 173 2.50 -40.32 -21.17
C ILE E 173 2.63 -40.75 -19.72
N VAL E 174 3.44 -41.78 -19.46
CA VAL E 174 3.60 -42.28 -18.10
C VAL E 174 4.24 -41.22 -17.21
N GLY E 175 5.22 -40.51 -17.75
CA GLY E 175 5.87 -39.47 -16.96
C GLY E 175 4.91 -38.38 -16.56
N HIS E 176 4.11 -37.89 -17.52
CA HIS E 176 3.08 -36.92 -17.19
C HIS E 176 2.15 -37.47 -16.13
N TYR E 177 1.72 -38.72 -16.27
CA TYR E 177 0.77 -39.29 -15.32
C TYR E 177 1.34 -39.27 -13.90
N PHE E 178 2.57 -39.75 -13.75
CA PHE E 178 3.16 -39.78 -12.41
C PHE E 178 3.43 -38.38 -11.87
N LEU E 179 3.87 -37.46 -12.73
CA LEU E 179 4.06 -36.08 -12.29
C LEU E 179 2.76 -35.47 -11.77
N TYR E 180 1.73 -35.46 -12.62
CA TYR E 180 0.50 -34.69 -12.33
C TYR E 180 -0.79 -35.48 -12.34
N GLY E 181 -0.75 -36.80 -12.45
CA GLY E 181 -1.99 -37.45 -12.80
C GLY E 181 -2.51 -36.87 -14.10
N PHE E 182 -3.82 -36.67 -14.17
CA PHE E 182 -4.41 -35.98 -15.31
C PHE E 182 -5.43 -34.90 -14.90
N ARG E 183 -5.51 -34.56 -13.62
CA ARG E 183 -6.38 -33.49 -13.15
C ARG E 183 -5.56 -32.51 -12.31
N ILE E 184 -5.57 -31.25 -12.70
CA ILE E 184 -4.94 -30.18 -11.92
C ILE E 184 -5.99 -29.63 -10.96
N LEU E 185 -5.77 -29.82 -9.67
CA LEU E 185 -6.64 -29.27 -8.66
C LEU E 185 -6.31 -27.79 -8.41
N PRO E 186 -7.30 -27.00 -8.02
CA PRO E 186 -7.01 -25.59 -7.70
C PRO E 186 -6.16 -25.40 -6.47
N LEU E 187 -6.36 -26.21 -5.44
CA LEU E 187 -5.65 -26.06 -4.17
C LEU E 187 -4.38 -26.91 -4.16
N TYR E 188 -3.25 -26.27 -3.87
CA TYR E 188 -2.00 -26.95 -3.56
C TYR E 188 -1.59 -26.59 -2.15
N ARG E 189 -1.48 -27.59 -1.28
CA ARG E 189 -0.97 -27.37 0.07
C ARG E 189 0.53 -27.60 0.10
N CYS E 190 1.27 -26.61 0.59
CA CYS E 190 2.73 -26.55 0.49
C CYS E 190 3.35 -26.45 1.87
N SER E 191 4.32 -27.30 2.15
CA SER E 191 5.07 -27.28 3.40
C SER E 191 6.56 -27.07 3.19
N ARG E 192 6.94 -26.40 2.11
CA ARG E 192 8.35 -26.25 1.74
C ARG E 192 8.92 -24.98 2.37
N TRP E 193 10.12 -25.11 2.92
CA TRP E 193 10.77 -23.97 3.53
C TRP E 193 11.04 -22.92 2.46
N PRO E 194 10.82 -21.63 2.73
CA PRO E 194 10.57 -20.92 3.99
C PRO E 194 9.13 -20.83 4.48
N CYS E 195 8.20 -21.50 3.82
CA CYS E 195 6.81 -21.40 4.24
C CYS E 195 6.67 -21.86 5.68
N PRO E 196 5.93 -21.13 6.54
CA PRO E 196 5.77 -21.54 7.93
C PRO E 196 4.59 -22.51 7.98
N ASN E 197 4.78 -23.81 8.32
CA ASN E 197 3.68 -24.78 8.43
C ASN E 197 3.23 -25.17 7.00
N VAL E 198 2.00 -25.69 6.86
CA VAL E 198 1.40 -25.90 5.53
C VAL E 198 0.71 -24.59 5.17
N VAL E 199 0.87 -24.13 3.94
CA VAL E 199 0.18 -22.97 3.40
C VAL E 199 -0.70 -23.40 2.23
N ASP E 200 -1.84 -22.74 2.09
CA ASP E 200 -2.75 -22.97 0.98
C ASP E 200 -2.36 -22.08 -0.19
N CYS E 201 -2.10 -22.69 -1.34
CA CYS E 201 -1.79 -21.99 -2.57
C CYS E 201 -2.86 -22.31 -3.60
N PHE E 202 -3.13 -21.36 -4.49
CA PHE E 202 -4.19 -21.49 -5.48
C PHE E 202 -3.66 -21.33 -6.90
N VAL E 203 -3.93 -22.34 -7.70
CA VAL E 203 -3.49 -22.42 -9.09
C VAL E 203 -4.39 -21.59 -9.98
N SER E 204 -3.81 -21.04 -11.05
CA SER E 204 -4.56 -20.34 -12.09
C SER E 204 -5.09 -21.29 -13.15
N ARG E 205 -6.33 -21.04 -13.56
CA ARG E 205 -6.97 -21.72 -14.69
C ARG E 205 -6.90 -23.25 -14.61
N PRO E 206 -7.17 -23.85 -13.46
CA PRO E 206 -7.01 -25.31 -13.37
C PRO E 206 -7.91 -26.10 -14.30
N THR E 207 -9.16 -25.66 -14.49
CA THR E 207 -10.09 -26.41 -15.34
C THR E 207 -9.64 -26.43 -16.80
N GLU E 208 -9.26 -25.26 -17.33
CA GLU E 208 -8.81 -25.19 -18.71
C GLU E 208 -7.56 -26.03 -18.92
N LYS E 209 -6.64 -25.98 -17.96
CA LYS E 209 -5.44 -26.79 -18.03
C LYS E 209 -5.77 -28.27 -18.00
N THR E 210 -6.74 -28.68 -17.19
CA THR E 210 -7.19 -30.06 -17.20
C THR E 210 -7.75 -30.45 -18.57
N ILE E 211 -8.53 -29.56 -19.17
CA ILE E 211 -9.11 -29.83 -20.47
C ILE E 211 -8.02 -30.06 -21.50
N PHE E 212 -7.00 -29.21 -21.50
CA PHE E 212 -5.94 -29.35 -22.49
C PHE E 212 -5.03 -30.54 -22.19
N ILE E 213 -4.77 -30.82 -20.92
CA ILE E 213 -4.06 -32.03 -20.54
C ILE E 213 -4.73 -33.25 -21.14
N LEU E 214 -6.05 -33.37 -20.94
CA LEU E 214 -6.77 -34.52 -21.46
C LEU E 214 -6.79 -34.52 -22.99
N PHE E 215 -6.91 -33.35 -23.61
CA PHE E 215 -6.88 -33.27 -25.06
C PHE E 215 -5.56 -33.81 -25.61
N MET E 216 -4.45 -33.37 -25.03
CA MET E 216 -3.14 -33.81 -25.51
C MET E 216 -2.91 -35.28 -25.21
N LEU E 217 -3.40 -35.77 -24.08
CA LEU E 217 -3.33 -37.20 -23.80
C LEU E 217 -4.07 -38.00 -24.87
N SER E 218 -5.26 -37.55 -25.23
CA SER E 218 -6.01 -38.21 -26.30
C SER E 218 -5.25 -38.19 -27.61
N VAL E 219 -4.65 -37.05 -27.96
CA VAL E 219 -3.89 -36.96 -29.20
C VAL E 219 -2.73 -37.94 -29.18
N ALA E 220 -2.02 -38.04 -28.06
CA ALA E 220 -0.92 -38.97 -27.95
C ALA E 220 -1.38 -40.41 -28.10
N SER E 221 -2.52 -40.75 -27.48
CA SER E 221 -3.07 -42.09 -27.63
C SER E 221 -3.43 -42.37 -29.08
N VAL E 222 -4.01 -41.39 -29.76
CA VAL E 222 -4.36 -41.55 -31.17
C VAL E 222 -3.10 -41.81 -32.00
N SER E 223 -2.05 -41.04 -31.74
CA SER E 223 -0.80 -41.24 -32.47
C SER E 223 -0.22 -42.64 -32.23
N LEU E 224 -0.27 -43.09 -30.97
CA LEU E 224 0.19 -44.43 -30.66
C LEU E 224 -0.60 -45.48 -31.43
N PHE E 225 -1.92 -45.33 -31.45
CA PHE E 225 -2.77 -46.24 -32.22
C PHE E 225 -2.40 -46.22 -33.69
N LEU E 226 -2.12 -45.04 -34.23
CA LEU E 226 -1.68 -44.94 -35.61
C LEU E 226 -0.41 -45.72 -35.85
N ASN E 227 0.55 -45.63 -34.93
CA ASN E 227 1.77 -46.41 -35.05
C ASN E 227 1.48 -47.91 -35.06
N ILE E 228 0.57 -48.36 -34.20
CA ILE E 228 0.17 -49.76 -34.20
C ILE E 228 -0.39 -50.12 -35.57
N LEU E 229 -1.23 -49.25 -36.12
CA LEU E 229 -1.77 -49.49 -37.46
C LEU E 229 -0.66 -49.58 -38.49
N GLU E 230 0.37 -48.74 -38.35
CA GLU E 230 1.49 -48.81 -39.29
C GLU E 230 2.13 -50.18 -39.26
N MET E 231 2.40 -50.68 -38.06
CA MET E 231 3.03 -51.99 -37.95
C MET E 231 2.13 -53.08 -38.54
N SER E 232 0.84 -53.04 -38.22
CA SER E 232 -0.06 -54.05 -38.77
C SER E 232 -0.13 -53.97 -40.29
N HIS E 233 -0.21 -52.75 -40.84
CA HIS E 233 -0.29 -52.58 -42.29
C HIS E 233 0.96 -53.12 -42.95
N LEU E 234 2.14 -52.86 -42.37
CA LEU E 234 3.36 -53.47 -42.89
C LEU E 234 3.27 -54.99 -42.83
N GLY E 235 2.72 -55.52 -41.74
CA GLY E 235 2.59 -56.96 -41.62
C GLY E 235 1.74 -57.55 -42.74
N LEU E 236 0.62 -56.89 -43.05
CA LEU E 236 -0.25 -57.35 -44.13
C LEU E 236 0.50 -57.40 -45.46
N GLY F 2 14.43 -14.83 -30.76
CA GLY F 2 15.38 -14.29 -31.71
C GLY F 2 15.23 -14.91 -33.10
N ASP F 3 15.83 -14.25 -34.09
CA ASP F 3 15.73 -14.67 -35.48
C ASP F 3 17.04 -15.32 -35.89
N TRP F 4 17.00 -16.62 -36.18
CA TRP F 4 18.16 -17.40 -36.59
C TRP F 4 18.13 -17.74 -38.08
N SER F 5 17.33 -17.04 -38.87
CA SER F 5 17.13 -17.41 -40.26
C SER F 5 18.44 -17.38 -41.05
N PHE F 6 19.23 -16.32 -40.87
CA PHE F 6 20.47 -16.18 -41.62
C PHE F 6 21.45 -17.30 -41.29
N LEU F 7 21.63 -17.56 -39.99
CA LEU F 7 22.49 -18.65 -39.56
C LEU F 7 21.97 -19.97 -40.09
N GLY F 8 20.66 -20.17 -40.03
CA GLY F 8 20.09 -21.40 -40.54
C GLY F 8 20.36 -21.59 -42.03
N ASN F 9 20.25 -20.51 -42.79
CA ASN F 9 20.51 -20.59 -44.22
C ASN F 9 21.95 -21.02 -44.49
N ILE F 10 22.90 -20.38 -43.82
CA ILE F 10 24.30 -20.74 -44.06
C ILE F 10 24.58 -22.18 -43.63
N LEU F 11 24.04 -22.58 -42.47
CA LEU F 11 24.23 -23.95 -42.01
C LEU F 11 23.64 -24.96 -43.00
N GLU F 12 22.46 -24.65 -43.54
CA GLU F 12 21.88 -25.50 -44.57
C GLU F 12 22.81 -25.59 -45.77
N GLU F 13 23.43 -24.47 -46.14
CA GLU F 13 24.39 -24.49 -47.25
C GLU F 13 25.53 -25.44 -46.96
N VAL F 14 26.13 -25.34 -45.77
CA VAL F 14 27.24 -26.23 -45.42
C VAL F 14 26.81 -27.69 -45.30
N ASN F 15 25.51 -27.97 -45.10
CA ASN F 15 25.11 -29.37 -45.05
C ASN F 15 25.48 -30.12 -46.32
N GLU F 16 25.31 -29.48 -47.48
CA GLU F 16 25.59 -30.15 -48.74
C GLU F 16 27.02 -30.65 -48.81
N HIS F 17 27.97 -29.87 -48.31
CA HIS F 17 29.39 -30.20 -48.37
C HIS F 17 29.91 -30.79 -47.06
N SER F 18 29.05 -31.41 -46.27
CA SER F 18 29.44 -31.94 -44.98
C SER F 18 29.26 -33.45 -44.95
N THR F 19 29.94 -34.07 -44.00
CA THR F 19 29.87 -35.51 -43.81
C THR F 19 28.54 -35.90 -43.18
N VAL F 20 28.21 -37.18 -43.29
CA VAL F 20 26.96 -37.68 -42.72
C VAL F 20 26.89 -37.38 -41.24
N ILE F 21 27.99 -37.63 -40.53
CA ILE F 21 28.04 -37.29 -39.11
C ILE F 21 27.85 -35.80 -38.93
N GLY F 22 28.44 -35.01 -39.83
CA GLY F 22 28.26 -33.57 -39.76
C GLY F 22 26.82 -33.14 -39.92
N ARG F 23 26.11 -33.77 -40.86
CA ARG F 23 24.69 -33.47 -41.00
C ARG F 23 23.92 -33.83 -39.74
N VAL F 24 24.27 -34.95 -39.12
CA VAL F 24 23.61 -35.31 -37.86
C VAL F 24 23.87 -34.22 -36.82
N TRP F 25 25.10 -33.72 -36.79
CA TRP F 25 25.46 -32.69 -35.83
C TRP F 25 24.65 -31.42 -36.06
N LEU F 26 24.53 -30.99 -37.31
CA LEU F 26 23.78 -29.77 -37.59
C LEU F 26 22.30 -29.92 -37.26
N THR F 27 21.70 -31.06 -37.61
CA THR F 27 20.29 -31.24 -37.25
C THR F 27 20.13 -31.26 -35.74
N VAL F 28 21.05 -31.89 -35.01
CA VAL F 28 21.00 -31.82 -33.55
C VAL F 28 21.06 -30.38 -33.08
N LEU F 29 21.93 -29.59 -33.69
CA LEU F 29 22.06 -28.18 -33.31
C LEU F 29 20.74 -27.45 -33.48
N PHE F 30 20.09 -27.64 -34.63
CA PHE F 30 18.84 -26.92 -34.90
C PHE F 30 17.71 -27.40 -34.00
N ILE F 31 17.52 -28.72 -33.91
CA ILE F 31 16.33 -29.25 -33.24
C ILE F 31 16.48 -29.20 -31.73
N PHE F 32 17.66 -29.50 -31.20
CA PHE F 32 17.81 -29.68 -29.76
C PHE F 32 18.51 -28.53 -29.07
N ARG F 33 18.94 -27.51 -29.80
CA ARG F 33 19.47 -26.32 -29.17
C ARG F 33 18.68 -25.07 -29.52
N ILE F 34 18.61 -24.71 -30.80
CA ILE F 34 17.92 -23.49 -31.20
C ILE F 34 16.43 -23.60 -30.90
N LEU F 35 15.83 -24.73 -31.29
CA LEU F 35 14.41 -24.92 -31.09
C LEU F 35 14.05 -25.01 -29.62
N ILE F 36 14.92 -25.61 -28.80
CA ILE F 36 14.66 -25.68 -27.37
C ILE F 36 14.69 -24.30 -26.75
N LEU F 37 15.70 -23.50 -27.10
CA LEU F 37 15.79 -22.15 -26.56
C LEU F 37 14.57 -21.33 -26.96
N GLY F 38 14.16 -21.43 -28.22
CA GLY F 38 13.04 -20.65 -28.68
C GLY F 38 11.73 -21.08 -28.07
N THR F 39 11.40 -22.36 -28.20
CA THR F 39 10.09 -22.85 -27.77
C THR F 39 9.97 -22.91 -26.26
N ALA F 40 11.04 -23.33 -25.56
CA ALA F 40 10.93 -23.70 -24.16
C ALA F 40 11.74 -22.83 -23.22
N ALA F 41 13.05 -22.70 -23.43
CA ALA F 41 13.90 -22.15 -22.37
C ALA F 41 13.66 -20.66 -22.16
N GLU F 42 13.44 -19.91 -23.24
CA GLU F 42 13.27 -18.46 -23.11
C GLU F 42 12.06 -18.14 -22.25
N PHE F 43 10.98 -18.91 -22.37
CA PHE F 43 9.83 -18.73 -21.50
C PHE F 43 10.16 -19.05 -20.05
N VAL F 44 10.98 -20.08 -19.82
CA VAL F 44 11.37 -20.43 -18.46
C VAL F 44 12.11 -19.26 -17.80
N TRP F 45 13.10 -18.72 -18.49
CA TRP F 45 13.95 -17.67 -17.95
C TRP F 45 13.36 -16.29 -18.13
N GLY F 46 12.13 -16.19 -18.63
CA GLY F 46 11.58 -14.89 -18.96
C GLY F 46 11.42 -13.98 -17.75
N ASP F 47 10.98 -14.54 -16.62
CA ASP F 47 10.72 -13.78 -15.41
C ASP F 47 11.80 -13.96 -14.36
N GLU F 48 13.05 -14.06 -14.80
CA GLU F 48 14.14 -14.35 -13.88
C GLU F 48 14.31 -13.25 -12.83
N GLN F 49 14.36 -12.00 -13.26
CA GLN F 49 14.57 -10.90 -12.34
C GLN F 49 13.27 -10.45 -11.67
N SER F 50 12.18 -10.43 -12.43
CA SER F 50 10.91 -9.95 -11.87
C SER F 50 10.45 -10.78 -10.69
N ASP F 51 10.54 -12.11 -10.80
CA ASP F 51 10.12 -12.99 -9.71
C ASP F 51 11.23 -13.35 -8.74
N PHE F 52 12.45 -12.89 -8.98
CA PHE F 52 13.48 -12.90 -7.95
C PHE F 52 13.05 -12.03 -6.78
N VAL F 53 12.99 -12.62 -5.59
CA VAL F 53 12.53 -11.92 -4.39
C VAL F 53 13.55 -12.10 -3.28
N CYS F 54 13.85 -11.01 -2.59
CA CYS F 54 14.75 -11.00 -1.45
C CYS F 54 14.01 -10.50 -0.22
N ASN F 55 14.29 -11.11 0.92
CA ASN F 55 13.64 -10.77 2.19
C ASN F 55 14.35 -9.57 2.81
N THR F 56 13.98 -8.38 2.33
CA THR F 56 14.55 -7.16 2.85
C THR F 56 13.66 -5.99 2.48
N GLN F 57 13.84 -4.88 3.21
CA GLN F 57 13.23 -3.61 2.89
C GLN F 57 14.24 -2.61 2.34
N GLN F 58 15.37 -3.10 1.84
CA GLN F 58 16.47 -2.26 1.45
C GLN F 58 16.42 -1.99 -0.05
N PRO F 59 16.33 -0.75 -0.51
CA PRO F 59 16.36 -0.49 -1.95
C PRO F 59 17.66 -0.93 -2.58
N GLY F 60 17.55 -1.44 -3.80
CA GLY F 60 18.70 -1.88 -4.57
C GLY F 60 19.29 -3.21 -4.18
N CYS F 61 18.93 -3.77 -3.03
CA CYS F 61 19.48 -5.06 -2.65
C CYS F 61 19.11 -6.16 -3.64
N GLU F 62 17.86 -6.17 -4.11
CA GLU F 62 17.45 -7.21 -5.04
C GLU F 62 18.23 -7.13 -6.34
N ASN F 63 18.46 -5.93 -6.85
CA ASN F 63 19.18 -5.78 -8.10
C ASN F 63 20.62 -6.29 -7.97
N VAL F 64 21.32 -5.85 -6.93
CA VAL F 64 22.71 -6.25 -6.76
C VAL F 64 22.82 -7.73 -6.50
N CYS F 65 21.90 -8.28 -5.71
CA CYS F 65 21.93 -9.72 -5.42
C CYS F 65 21.62 -10.54 -6.66
N TYR F 66 20.63 -10.16 -7.45
CA TYR F 66 20.36 -10.88 -8.68
C TYR F 66 21.57 -10.84 -9.60
N ASP F 67 22.19 -9.67 -9.74
CA ASP F 67 23.38 -9.56 -10.57
C ASP F 67 24.49 -10.48 -10.08
N GLU F 68 24.70 -10.53 -8.76
CA GLU F 68 25.75 -11.39 -8.23
C GLU F 68 25.42 -12.86 -8.44
N ALA F 69 24.15 -13.24 -8.23
CA ALA F 69 23.75 -14.63 -8.38
C ALA F 69 23.84 -15.07 -9.83
N PHE F 70 23.41 -14.22 -10.76
CA PHE F 70 23.40 -14.54 -12.18
C PHE F 70 24.17 -13.45 -12.92
N PRO F 71 25.51 -13.56 -12.95
CA PRO F 71 26.29 -12.56 -13.68
C PRO F 71 25.90 -12.49 -15.14
N ILE F 72 25.76 -13.64 -15.77
CA ILE F 72 25.21 -13.76 -17.11
C ILE F 72 24.05 -14.75 -17.07
N SER F 73 22.94 -14.45 -17.75
CA SER F 73 21.85 -15.42 -17.74
C SER F 73 22.24 -16.66 -18.54
N HIS F 74 21.64 -17.80 -18.16
CA HIS F 74 21.93 -19.07 -18.82
C HIS F 74 21.57 -19.04 -20.29
N ILE F 75 20.38 -18.53 -20.63
CA ILE F 75 19.96 -18.53 -22.03
C ILE F 75 20.92 -17.72 -22.88
N ARG F 76 21.42 -16.62 -22.35
CA ARG F 76 22.40 -15.81 -23.08
C ARG F 76 23.68 -16.60 -23.32
N LEU F 77 24.18 -17.29 -22.30
CA LEU F 77 25.36 -18.10 -22.45
C LEU F 77 25.17 -19.18 -23.51
N TRP F 78 23.99 -19.77 -23.57
CA TRP F 78 23.71 -20.78 -24.58
C TRP F 78 23.66 -20.17 -25.98
N VAL F 79 23.12 -18.95 -26.11
CA VAL F 79 23.17 -18.24 -27.37
C VAL F 79 24.61 -18.11 -27.84
N LEU F 80 25.48 -17.60 -26.96
CA LEU F 80 26.87 -17.44 -27.33
C LEU F 80 27.52 -18.77 -27.69
N GLN F 81 27.19 -19.81 -26.94
CA GLN F 81 27.75 -21.13 -27.22
C GLN F 81 27.36 -21.59 -28.62
N ILE F 82 26.09 -21.42 -28.98
CA ILE F 82 25.64 -21.84 -30.29
C ILE F 82 26.38 -21.07 -31.37
N ILE F 83 26.51 -19.76 -31.20
CA ILE F 83 27.13 -18.94 -32.24
C ILE F 83 28.60 -19.31 -32.43
N PHE F 84 29.34 -19.43 -31.34
CA PHE F 84 30.75 -19.75 -31.46
C PHE F 84 30.95 -21.16 -32.02
N VAL F 85 30.11 -22.10 -31.59
CA VAL F 85 30.20 -23.45 -32.12
C VAL F 85 29.92 -23.49 -33.61
N SER F 86 28.93 -22.73 -34.07
CA SER F 86 28.63 -22.69 -35.50
C SER F 86 29.73 -22.00 -36.31
N THR F 87 30.45 -21.05 -35.72
CA THR F 87 31.39 -20.26 -36.51
C THR F 87 32.40 -21.09 -37.30
N PRO F 88 32.96 -22.17 -36.75
CA PRO F 88 33.87 -23.00 -37.58
C PRO F 88 33.23 -23.53 -38.84
N SER F 89 31.96 -23.96 -38.77
CA SER F 89 31.28 -24.40 -39.97
C SER F 89 31.19 -23.27 -40.98
N LEU F 90 30.95 -22.04 -40.50
CA LEU F 90 30.92 -20.89 -41.40
C LEU F 90 32.27 -20.70 -42.08
N VAL F 91 33.37 -20.83 -41.33
CA VAL F 91 34.69 -20.71 -41.92
C VAL F 91 34.89 -21.77 -43.00
N TYR F 92 34.50 -23.01 -42.69
CA TYR F 92 34.71 -24.10 -43.62
C TYR F 92 33.91 -23.90 -44.91
N VAL F 93 32.64 -23.55 -44.77
CA VAL F 93 31.81 -23.35 -45.95
C VAL F 93 32.34 -22.18 -46.76
N GLY F 94 32.82 -21.13 -46.10
CA GLY F 94 33.40 -20.01 -46.83
C GLY F 94 34.61 -20.43 -47.64
N HIS F 95 35.48 -21.25 -47.04
CA HIS F 95 36.65 -21.75 -47.75
C HIS F 95 36.22 -22.58 -48.96
N ALA F 96 35.23 -23.46 -48.78
CA ALA F 96 34.77 -24.29 -49.88
C ALA F 96 34.19 -23.45 -51.01
N VAL F 97 33.34 -22.48 -50.68
CA VAL F 97 32.77 -21.62 -51.70
C VAL F 97 33.85 -20.82 -52.41
N HIS F 98 34.87 -20.38 -51.68
CA HIS F 98 35.98 -19.68 -52.33
C HIS F 98 36.65 -20.58 -53.35
N HIS F 99 36.94 -21.82 -52.97
CA HIS F 99 37.55 -22.76 -53.92
C HIS F 99 36.65 -22.95 -55.13
N VAL F 100 35.35 -23.10 -54.92
CA VAL F 100 34.42 -23.25 -56.04
C VAL F 100 34.49 -22.05 -56.97
N ARG F 101 34.49 -20.84 -56.41
CA ARG F 101 34.53 -19.65 -57.27
C ARG F 101 35.82 -19.61 -58.06
N MET F 102 36.93 -20.02 -57.45
CA MET F 102 38.20 -20.07 -58.17
C MET F 102 38.13 -21.08 -59.31
N GLU F 103 37.56 -22.26 -59.05
CA GLU F 103 37.39 -23.25 -60.11
C GLU F 103 36.52 -22.71 -61.24
N GLU F 104 35.45 -21.99 -60.88
CA GLU F 104 34.61 -21.36 -61.90
C GLU F 104 35.43 -20.40 -62.75
N LYS F 105 36.30 -19.61 -62.11
CA LYS F 105 37.19 -18.73 -62.88
C LYS F 105 38.04 -19.54 -63.84
N ARG F 106 38.62 -20.64 -63.36
CA ARG F 106 39.47 -21.48 -64.19
C ARG F 106 38.66 -22.09 -65.33
N LEU F 150 36.57 -33.46 -50.67
CA LEU F 150 37.15 -33.38 -49.32
C LEU F 150 38.53 -33.99 -49.30
N GLU F 151 39.51 -33.33 -49.92
CA GLU F 151 40.86 -33.84 -49.99
C GLU F 151 41.86 -32.70 -49.78
N GLY F 152 43.07 -33.08 -49.40
CA GLY F 152 44.16 -32.13 -49.26
C GLY F 152 43.89 -31.03 -48.28
N THR F 153 44.16 -29.80 -48.71
CA THR F 153 44.02 -28.64 -47.82
C THR F 153 42.61 -28.50 -47.29
N LEU F 154 41.61 -28.73 -48.14
CA LEU F 154 40.22 -28.63 -47.72
C LEU F 154 39.92 -29.60 -46.59
N LEU F 155 40.40 -30.84 -46.71
CA LEU F 155 40.18 -31.83 -45.66
C LEU F 155 40.83 -31.39 -44.35
N ARG F 156 42.06 -30.88 -44.43
CA ARG F 156 42.73 -30.40 -43.22
C ARG F 156 41.95 -29.26 -42.58
N THR F 157 41.42 -28.34 -43.39
CA THR F 157 40.58 -27.27 -42.86
C THR F 157 39.36 -27.84 -42.17
N TYR F 158 38.75 -28.88 -42.75
CA TYR F 158 37.59 -29.50 -42.14
C TYR F 158 37.93 -30.06 -40.76
N VAL F 159 39.06 -30.76 -40.67
CA VAL F 159 39.49 -31.33 -39.40
C VAL F 159 39.76 -30.22 -38.39
N CYS F 160 40.42 -29.14 -38.83
CA CYS F 160 40.69 -28.02 -37.95
C CYS F 160 39.39 -27.43 -37.40
N HIS F 161 38.38 -27.30 -38.26
CA HIS F 161 37.10 -26.76 -37.81
C HIS F 161 36.46 -27.68 -36.80
N ILE F 162 36.57 -28.99 -37.00
CA ILE F 162 36.07 -29.95 -36.01
C ILE F 162 36.77 -29.73 -34.68
N ILE F 163 38.09 -29.54 -34.71
CA ILE F 163 38.85 -29.34 -33.48
C ILE F 163 38.38 -28.08 -32.78
N PHE F 164 38.19 -26.99 -33.53
CA PHE F 164 37.72 -25.76 -32.91
C PHE F 164 36.35 -25.95 -32.28
N LYS F 165 35.46 -26.67 -32.96
CA LYS F 165 34.15 -26.95 -32.39
C LYS F 165 34.28 -27.68 -31.07
N THR F 166 35.14 -28.70 -31.03
CA THR F 166 35.33 -29.45 -29.79
C THR F 166 35.86 -28.55 -28.68
N LEU F 167 36.85 -27.70 -28.99
CA LEU F 167 37.40 -26.82 -27.98
C LEU F 167 36.36 -25.85 -27.45
N PHE F 168 35.57 -25.25 -28.34
CA PHE F 168 34.56 -24.30 -27.89
C PHE F 168 33.50 -24.99 -27.04
N GLU F 169 33.13 -26.20 -27.41
CA GLU F 169 32.12 -26.92 -26.64
C GLU F 169 32.63 -27.24 -25.24
N VAL F 170 33.86 -27.75 -25.15
CA VAL F 170 34.43 -28.04 -23.85
C VAL F 170 34.57 -26.77 -23.02
N GLY F 171 34.97 -25.68 -23.67
CA GLY F 171 35.15 -24.43 -22.95
C GLY F 171 33.86 -23.92 -22.35
N PHE F 172 32.79 -23.94 -23.14
CA PHE F 172 31.51 -23.49 -22.63
C PHE F 172 30.97 -24.41 -21.54
N ILE F 173 31.17 -25.72 -21.70
CA ILE F 173 30.73 -26.65 -20.65
C ILE F 173 31.44 -26.34 -19.34
N VAL F 174 32.76 -26.21 -19.39
CA VAL F 174 33.53 -25.95 -18.19
C VAL F 174 33.16 -24.60 -17.58
N GLY F 175 32.96 -23.60 -18.44
CA GLY F 175 32.59 -22.28 -17.93
C GLY F 175 31.25 -22.31 -17.21
N HIS F 176 30.25 -22.95 -17.82
CA HIS F 176 28.98 -23.12 -17.14
C HIS F 176 29.17 -23.83 -15.82
N TYR F 177 29.96 -24.90 -15.80
CA TYR F 177 30.13 -25.66 -14.58
C TYR F 177 30.69 -24.79 -13.45
N PHE F 178 31.76 -24.05 -13.75
CA PHE F 178 32.35 -23.21 -12.71
C PHE F 178 31.43 -22.06 -12.30
N LEU F 179 30.72 -21.47 -13.27
CA LEU F 179 29.75 -20.43 -12.92
C LEU F 179 28.67 -20.94 -11.98
N TYR F 180 27.96 -22.00 -12.39
CA TYR F 180 26.75 -22.44 -11.69
C TYR F 180 26.74 -23.88 -11.23
N GLY F 181 27.84 -24.61 -11.35
CA GLY F 181 27.67 -26.05 -11.23
C GLY F 181 26.67 -26.51 -12.25
N PHE F 182 25.81 -27.45 -11.85
CA PHE F 182 24.69 -27.87 -12.70
C PHE F 182 23.37 -27.94 -11.95
N ARG F 183 23.29 -27.44 -10.72
CA ARG F 183 22.04 -27.39 -9.97
C ARG F 183 21.81 -25.96 -9.49
N ILE F 184 20.68 -25.37 -9.85
CA ILE F 184 20.27 -24.08 -9.34
C ILE F 184 19.46 -24.30 -8.07
N LEU F 185 20.00 -23.84 -6.95
CA LEU F 185 19.28 -23.91 -5.69
C LEU F 185 18.28 -22.77 -5.58
N PRO F 186 17.16 -22.98 -4.86
CA PRO F 186 16.20 -21.88 -4.67
C PRO F 186 16.74 -20.74 -3.82
N LEU F 187 17.51 -21.04 -2.79
CA LEU F 187 18.01 -20.02 -1.86
C LEU F 187 19.37 -19.51 -2.30
N TYR F 188 19.47 -18.18 -2.44
CA TYR F 188 20.74 -17.50 -2.60
C TYR F 188 20.94 -16.55 -1.43
N ARG F 189 22.00 -16.75 -0.66
CA ARG F 189 22.34 -15.83 0.42
C ARG F 189 23.31 -14.78 -0.10
N CYS F 190 22.96 -13.52 0.10
CA CYS F 190 23.64 -12.38 -0.52
C CYS F 190 24.16 -11.42 0.54
N SER F 191 25.42 -11.05 0.46
CA SER F 191 26.03 -10.08 1.35
C SER F 191 26.59 -8.87 0.62
N ARG F 192 26.01 -8.52 -0.52
CA ARG F 192 26.53 -7.47 -1.37
C ARG F 192 25.90 -6.13 -1.00
N TRP F 193 26.73 -5.10 -0.91
CA TRP F 193 26.23 -3.78 -0.57
C TRP F 193 25.29 -3.31 -1.67
N PRO F 194 24.15 -2.69 -1.34
CA PRO F 194 23.68 -2.12 -0.08
C PRO F 194 22.96 -3.04 0.90
N CYS F 195 22.91 -4.33 0.62
CA CYS F 195 22.19 -5.23 1.51
C CYS F 195 22.80 -5.17 2.91
N PRO F 196 21.98 -5.08 3.97
CA PRO F 196 22.52 -5.02 5.33
C PRO F 196 22.73 -6.45 5.80
N ASN F 197 23.98 -6.92 6.05
CA ASN F 197 24.23 -8.29 6.55
C ASN F 197 24.05 -9.28 5.38
N VAL F 198 23.82 -10.56 5.68
CA VAL F 198 23.42 -11.54 4.66
C VAL F 198 21.90 -11.47 4.58
N VAL F 199 21.35 -11.45 3.36
CA VAL F 199 19.92 -11.51 3.11
C VAL F 199 19.60 -12.78 2.34
N ASP F 200 18.43 -13.35 2.62
CA ASP F 200 17.93 -14.52 1.91
C ASP F 200 17.17 -14.07 0.67
N CYS F 201 17.57 -14.56 -0.49
CA CYS F 201 16.91 -14.30 -1.75
C CYS F 201 16.42 -15.61 -2.33
N PHE F 202 15.32 -15.56 -3.06
CA PHE F 202 14.69 -16.76 -3.61
C PHE F 202 14.54 -16.69 -5.12
N VAL F 203 15.09 -17.69 -5.78
CA VAL F 203 15.10 -17.80 -7.23
C VAL F 203 13.77 -18.33 -7.74
N SER F 204 13.40 -17.89 -8.94
CA SER F 204 12.23 -18.39 -9.64
C SER F 204 12.54 -19.65 -10.44
N ARG F 205 11.60 -20.60 -10.38
CA ARG F 205 11.63 -21.81 -11.20
C ARG F 205 12.95 -22.57 -11.16
N PRO F 206 13.54 -22.77 -9.98
CA PRO F 206 14.85 -23.43 -9.95
C PRO F 206 14.86 -24.85 -10.50
N THR F 207 13.82 -25.64 -10.23
CA THR F 207 13.79 -27.02 -10.69
C THR F 207 13.75 -27.12 -12.21
N GLU F 208 12.88 -26.34 -12.84
CA GLU F 208 12.77 -26.36 -14.30
C GLU F 208 14.08 -25.91 -14.94
N LYS F 209 14.69 -24.88 -14.38
CA LYS F 209 15.97 -24.42 -14.87
C LYS F 209 17.04 -25.48 -14.72
N THR F 210 17.04 -26.22 -13.62
CA THR F 210 17.96 -27.35 -13.46
C THR F 210 17.73 -28.39 -14.54
N ILE F 211 16.47 -28.69 -14.82
CA ILE F 211 16.13 -29.69 -15.83
C ILE F 211 16.68 -29.27 -17.18
N PHE F 212 16.50 -28.00 -17.55
CA PHE F 212 16.97 -27.55 -18.85
C PHE F 212 18.48 -27.41 -18.90
N ILE F 213 19.10 -26.99 -17.80
CA ILE F 213 20.55 -26.98 -17.71
C ILE F 213 21.10 -28.36 -18.03
N LEU F 214 20.57 -29.38 -17.37
CA LEU F 214 21.04 -30.75 -17.59
C LEU F 214 20.75 -31.22 -19.01
N PHE F 215 19.58 -30.85 -19.55
CA PHE F 215 19.24 -31.22 -20.91
C PHE F 215 20.26 -30.66 -21.90
N MET F 216 20.58 -29.37 -21.76
CA MET F 216 21.53 -28.73 -22.68
C MET F 216 22.94 -29.29 -22.48
N LEU F 217 23.33 -29.59 -21.25
CA LEU F 217 24.60 -30.24 -21.02
C LEU F 217 24.67 -31.59 -21.74
N SER F 218 23.61 -32.37 -21.66
CA SER F 218 23.55 -33.64 -22.38
C SER F 218 23.67 -33.43 -23.88
N VAL F 219 22.97 -32.44 -24.42
CA VAL F 219 23.04 -32.17 -25.85
C VAL F 219 24.46 -31.80 -26.25
N ALA F 220 25.13 -30.96 -25.46
CA ALA F 220 26.50 -30.59 -25.75
C ALA F 220 27.43 -31.80 -25.72
N SER F 221 27.25 -32.67 -24.74
CA SER F 221 28.06 -33.88 -24.68
C SER F 221 27.82 -34.76 -25.90
N VAL F 222 26.56 -34.88 -26.33
CA VAL F 222 26.24 -35.65 -27.52
C VAL F 222 26.94 -35.07 -28.74
N SER F 223 26.90 -33.75 -28.88
CA SER F 223 27.56 -33.11 -30.01
C SER F 223 29.06 -33.34 -30.00
N LEU F 224 29.66 -33.26 -28.81
CA LEU F 224 31.08 -33.55 -28.68
C LEU F 224 31.40 -34.98 -29.11
N PHE F 225 30.58 -35.93 -28.66
CA PHE F 225 30.76 -37.32 -29.07
C PHE F 225 30.64 -37.46 -30.58
N LEU F 226 29.69 -36.75 -31.18
CA LEU F 226 29.56 -36.77 -32.63
C LEU F 226 30.82 -36.28 -33.30
N ASN F 227 31.42 -35.21 -32.79
CA ASN F 227 32.67 -34.73 -33.35
C ASN F 227 33.77 -35.78 -33.25
N ILE F 228 33.85 -36.48 -32.11
CA ILE F 228 34.81 -37.57 -31.98
C ILE F 228 34.55 -38.62 -33.05
N LEU F 229 33.28 -38.96 -33.26
CA LEU F 229 32.94 -39.91 -34.32
C LEU F 229 33.39 -39.40 -35.68
N GLU F 230 33.25 -38.10 -35.92
CA GLU F 230 33.69 -37.55 -37.20
C GLU F 230 35.17 -37.78 -37.40
N MET F 231 35.96 -37.49 -36.38
CA MET F 231 37.41 -37.70 -36.50
C MET F 231 37.74 -39.17 -36.73
N SER F 232 37.10 -40.07 -35.96
CA SER F 232 37.36 -41.49 -36.15
C SER F 232 36.96 -41.95 -37.55
N HIS F 233 35.81 -41.51 -38.03
CA HIS F 233 35.33 -41.90 -39.36
C HIS F 233 36.29 -41.42 -40.43
N LEU F 234 36.80 -40.19 -40.31
CA LEU F 234 37.83 -39.74 -41.23
C LEU F 234 39.06 -40.63 -41.14
N GLY F 235 39.44 -41.01 -39.93
CA GLY F 235 40.59 -41.88 -39.77
C GLY F 235 40.42 -43.20 -40.50
N LEU F 236 39.24 -43.81 -40.40
CA LEU F 236 38.96 -45.06 -41.09
C LEU F 236 39.13 -44.90 -42.60
N GLY G 2 -7.09 2.82 36.27
CA GLY G 2 -8.34 2.77 37.00
C GLY G 2 -8.28 3.53 38.32
N ASP G 3 -9.45 3.82 38.88
CA ASP G 3 -9.57 4.60 40.11
C ASP G 3 -9.91 3.65 41.25
N TRP G 4 -8.98 3.51 42.20
CA TRP G 4 -9.14 2.65 43.36
C TRP G 4 -9.39 3.44 44.64
N SER G 5 -9.79 4.70 44.53
CA SER G 5 -9.90 5.56 45.70
C SER G 5 -10.90 5.02 46.72
N PHE G 6 -12.06 4.58 46.26
CA PHE G 6 -13.09 4.10 47.17
C PHE G 6 -12.63 2.85 47.92
N LEU G 7 -12.07 1.90 47.18
CA LEU G 7 -11.52 0.70 47.80
C LEU G 7 -10.42 1.06 48.78
N GLY G 8 -9.55 1.98 48.38
CA GLY G 8 -8.48 2.40 49.27
C GLY G 8 -9.01 3.00 50.56
N ASN G 9 -10.05 3.81 50.46
CA ASN G 9 -10.63 4.42 51.65
C ASN G 9 -11.16 3.36 52.61
N ILE G 10 -11.92 2.39 52.08
CA ILE G 10 -12.46 1.37 52.96
C ILE G 10 -11.34 0.52 53.57
N LEU G 11 -10.34 0.16 52.77
CA LEU G 11 -9.23 -0.61 53.29
C LEU G 11 -8.49 0.16 54.39
N GLU G 12 -8.28 1.46 54.19
CA GLU G 12 -7.70 2.27 55.24
C GLU G 12 -8.55 2.23 56.50
N GLU G 13 -9.87 2.26 56.34
CA GLU G 13 -10.75 2.16 57.50
C GLU G 13 -10.52 0.86 58.25
N VAL G 14 -10.48 -0.26 57.53
CA VAL G 14 -10.26 -1.55 58.17
C VAL G 14 -8.87 -1.67 58.79
N ASN G 15 -7.90 -0.87 58.35
CA ASN G 15 -6.58 -0.96 58.98
C ASN G 15 -6.66 -0.70 60.47
N GLU G 16 -7.47 0.27 60.89
CA GLU G 16 -7.54 0.62 62.30
C GLU G 16 -7.93 -0.59 63.15
N HIS G 17 -8.87 -1.40 62.67
CA HIS G 17 -9.38 -2.55 63.41
C HIS G 17 -8.75 -3.87 62.97
N SER G 18 -7.54 -3.82 62.44
CA SER G 18 -6.88 -5.01 61.94
C SER G 18 -5.60 -5.28 62.74
N THR G 19 -5.15 -6.53 62.64
CA THR G 19 -3.93 -6.96 63.32
C THR G 19 -2.71 -6.40 62.61
N VAL G 20 -1.58 -6.42 63.31
CA VAL G 20 -0.33 -5.91 62.74
C VAL G 20 0.00 -6.65 61.46
N ILE G 21 -0.13 -7.97 61.47
CA ILE G 21 0.08 -8.74 60.25
C ILE G 21 -0.92 -8.30 59.18
N GLY G 22 -2.16 -8.04 59.59
CA GLY G 22 -3.15 -7.57 58.64
C GLY G 22 -2.77 -6.24 58.01
N ARG G 23 -2.24 -5.32 58.81
CA ARG G 23 -1.78 -4.05 58.23
C ARG G 23 -0.64 -4.29 57.25
N VAL G 24 0.26 -5.21 57.56
CA VAL G 24 1.33 -5.52 56.61
C VAL G 24 0.73 -6.05 55.32
N TRP G 25 -0.30 -6.88 55.43
CA TRP G 25 -0.95 -7.44 54.26
C TRP G 25 -1.57 -6.35 53.40
N LEU G 26 -2.28 -5.42 54.03
CA LEU G 26 -2.93 -4.36 53.27
C LEU G 26 -1.91 -3.45 52.58
N THR G 27 -0.85 -3.08 53.29
CA THR G 27 0.17 -2.26 52.63
C THR G 27 0.81 -3.00 51.47
N VAL G 28 1.06 -4.31 51.63
CA VAL G 28 1.55 -5.10 50.50
C VAL G 28 0.57 -5.04 49.34
N LEU G 29 -0.72 -5.15 49.64
CA LEU G 29 -1.73 -5.10 48.59
C LEU G 29 -1.66 -3.78 47.82
N PHE G 30 -1.58 -2.67 48.55
CA PHE G 30 -1.57 -1.37 47.89
C PHE G 30 -0.28 -1.14 47.10
N ILE G 31 0.87 -1.38 47.73
CA ILE G 31 2.13 -1.00 47.13
C ILE G 31 2.56 -1.98 46.04
N PHE G 32 2.36 -3.28 46.25
CA PHE G 32 2.93 -4.27 45.37
C PHE G 32 1.92 -4.91 44.42
N ARG G 33 0.64 -4.55 44.52
CA ARG G 33 -0.34 -5.02 43.56
C ARG G 33 -1.00 -3.87 42.81
N ILE G 34 -1.70 -2.99 43.51
CA ILE G 34 -2.42 -1.90 42.85
C ILE G 34 -1.43 -0.95 42.17
N LEU G 35 -0.38 -0.57 42.90
CA LEU G 35 0.58 0.37 42.36
C LEU G 35 1.37 -0.23 41.21
N ILE G 36 1.66 -1.52 41.26
CA ILE G 36 2.36 -2.17 40.16
C ILE G 36 1.49 -2.20 38.92
N LEU G 37 0.22 -2.56 39.07
CA LEU G 37 -0.67 -2.59 37.92
C LEU G 37 -0.81 -1.21 37.31
N GLY G 38 -0.96 -0.19 38.15
CA GLY G 38 -1.13 1.15 37.64
C GLY G 38 0.11 1.70 36.97
N THR G 39 1.23 1.69 37.70
CA THR G 39 2.44 2.32 37.20
C THR G 39 3.09 1.52 36.08
N ALA G 40 3.10 0.19 36.19
CA ALA G 40 3.95 -0.64 35.34
C ALA G 40 3.17 -1.58 34.43
N ALA G 41 2.31 -2.44 34.97
CA ALA G 41 1.80 -3.56 34.18
C ALA G 41 0.86 -3.11 33.07
N GLU G 42 0.01 -2.12 33.36
CA GLU G 42 -0.96 -1.69 32.36
C GLU G 42 -0.27 -1.15 31.12
N PHE G 43 0.85 -0.46 31.27
CA PHE G 43 1.63 -0.03 30.11
C PHE G 43 2.22 -1.22 29.35
N VAL G 44 2.66 -2.25 30.07
CA VAL G 44 3.20 -3.44 29.41
C VAL G 44 2.16 -4.07 28.51
N TRP G 45 0.96 -4.29 29.05
CA TRP G 45 -0.10 -4.99 28.36
C TRP G 45 -0.93 -4.07 27.48
N GLY G 46 -0.53 -2.80 27.35
CA GLY G 46 -1.35 -1.84 26.64
C GLY G 46 -1.54 -2.18 25.17
N ASP G 47 -0.49 -2.65 24.51
CA ASP G 47 -0.50 -2.95 23.09
C ASP G 47 -0.55 -4.44 22.81
N GLU G 48 -1.30 -5.18 23.64
CA GLU G 48 -1.33 -6.63 23.51
C GLU G 48 -1.89 -7.06 22.16
N GLN G 49 -3.04 -6.53 21.77
CA GLN G 49 -3.67 -6.95 20.53
C GLN G 49 -3.10 -6.22 19.32
N SER G 50 -2.80 -4.92 19.48
CA SER G 50 -2.31 -4.14 18.34
C SER G 50 -0.99 -4.69 17.80
N ASP G 51 -0.06 -5.04 18.67
CA ASP G 51 1.23 -5.58 18.24
C ASP G 51 1.25 -7.10 18.12
N PHE G 52 0.17 -7.78 18.47
CA PHE G 52 0.00 -9.17 18.08
C PHE G 52 -0.02 -9.28 16.57
N VAL G 53 0.87 -10.09 16.01
CA VAL G 53 1.01 -10.25 14.57
C VAL G 53 1.00 -11.72 14.22
N CYS G 54 0.24 -12.06 13.19
CA CYS G 54 0.17 -13.42 12.66
C CYS G 54 0.61 -13.43 11.21
N ASN G 55 1.33 -14.48 10.83
CA ASN G 55 1.86 -14.61 9.47
C ASN G 55 0.79 -15.19 8.57
N THR G 56 -0.11 -14.33 8.10
CA THR G 56 -1.17 -14.76 7.21
C THR G 56 -1.73 -13.54 6.49
N GLN G 57 -2.42 -13.82 5.38
CA GLN G 57 -3.20 -12.83 4.66
C GLN G 57 -4.70 -13.02 4.84
N GLN G 58 -5.09 -13.73 5.88
CA GLN G 58 -6.47 -14.13 6.08
C GLN G 58 -7.16 -13.15 7.01
N PRO G 59 -8.24 -12.49 6.59
CA PRO G 59 -8.96 -11.60 7.50
C PRO G 59 -9.54 -12.36 8.69
N GLY G 60 -9.53 -11.70 9.84
CA GLY G 60 -10.06 -12.26 11.06
C GLY G 60 -9.22 -13.29 11.75
N CYS G 61 -8.18 -13.82 11.11
CA CYS G 61 -7.34 -14.81 11.77
C CYS G 61 -6.66 -14.23 13.01
N GLU G 62 -6.13 -13.01 12.92
CA GLU G 62 -5.46 -12.42 14.05
C GLU G 62 -6.39 -12.25 15.24
N ASN G 63 -7.62 -11.81 15.00
CA ASN G 63 -8.56 -11.62 16.09
C ASN G 63 -8.88 -12.92 16.79
N VAL G 64 -9.22 -13.96 16.02
CA VAL G 64 -9.59 -15.23 16.62
C VAL G 64 -8.41 -15.86 17.34
N CYS G 65 -7.22 -15.74 16.74
CA CYS G 65 -6.03 -16.31 17.38
C CYS G 65 -5.66 -15.58 18.65
N TYR G 66 -5.73 -14.25 18.65
CA TYR G 66 -5.46 -13.52 19.89
C TYR G 66 -6.46 -13.91 20.97
N ASP G 67 -7.73 -14.00 20.61
CA ASP G 67 -8.74 -14.40 21.57
C ASP G 67 -8.45 -15.79 22.14
N GLU G 68 -8.05 -16.73 21.28
CA GLU G 68 -7.75 -18.08 21.76
C GLU G 68 -6.51 -18.08 22.65
N ALA G 69 -5.49 -17.33 22.27
CA ALA G 69 -4.26 -17.29 23.04
C ALA G 69 -4.46 -16.63 24.40
N PHE G 70 -5.23 -15.54 24.42
CA PHE G 70 -5.49 -14.79 25.64
C PHE G 70 -6.99 -14.68 25.84
N PRO G 71 -7.62 -15.72 26.39
CA PRO G 71 -9.06 -15.64 26.62
C PRO G 71 -9.43 -14.46 27.51
N ILE G 72 -8.69 -14.31 28.61
CA ILE G 72 -8.79 -13.13 29.46
C ILE G 72 -7.39 -12.51 29.59
N SER G 73 -7.28 -11.19 29.52
CA SER G 73 -5.95 -10.61 29.70
C SER G 73 -5.48 -10.77 31.14
N HIS G 74 -4.16 -10.83 31.31
CA HIS G 74 -3.56 -11.01 32.63
C HIS G 74 -3.92 -9.86 33.57
N ILE G 75 -3.80 -8.62 33.09
CA ILE G 75 -4.07 -7.48 33.97
C ILE G 75 -5.51 -7.52 34.47
N ARG G 76 -6.44 -7.92 33.62
CA ARG G 76 -7.83 -8.04 34.04
C ARG G 76 -7.99 -9.10 35.12
N LEU G 77 -7.35 -10.24 34.94
CA LEU G 77 -7.41 -11.30 35.95
C LEU G 77 -6.85 -10.82 37.28
N TRP G 78 -5.78 -10.01 37.25
CA TRP G 78 -5.23 -9.48 38.48
C TRP G 78 -6.16 -8.47 39.13
N VAL G 79 -6.85 -7.66 38.33
CA VAL G 79 -7.89 -6.79 38.87
C VAL G 79 -8.92 -7.59 39.64
N LEU G 80 -9.45 -8.63 39.01
CA LEU G 80 -10.46 -9.46 39.68
C LEU G 80 -9.89 -10.09 40.95
N GLN G 81 -8.64 -10.55 40.88
CA GLN G 81 -8.03 -11.16 42.05
C GLN G 81 -7.96 -10.18 43.20
N ILE G 82 -7.55 -8.95 42.92
CA ILE G 82 -7.45 -7.94 43.96
C ILE G 82 -8.82 -7.69 44.58
N ILE G 83 -9.84 -7.54 43.74
CA ILE G 83 -11.17 -7.20 44.24
C ILE G 83 -11.72 -8.32 45.12
N PHE G 84 -11.64 -9.56 44.65
CA PHE G 84 -12.17 -10.66 45.42
C PHE G 84 -11.40 -10.85 46.72
N VAL G 85 -10.07 -10.70 46.65
CA VAL G 85 -9.26 -10.83 47.86
C VAL G 85 -9.61 -9.75 48.87
N SER G 86 -9.84 -8.52 48.43
CA SER G 86 -10.22 -7.45 49.34
C SER G 86 -11.61 -7.65 49.92
N THR G 87 -12.52 -8.29 49.19
CA THR G 87 -13.91 -8.35 49.65
C THR G 87 -14.08 -8.90 51.07
N PRO G 88 -13.36 -9.94 51.50
CA PRO G 88 -13.49 -10.36 52.90
C PRO G 88 -13.19 -9.28 53.91
N SER G 89 -12.16 -8.46 53.66
CA SER G 89 -11.88 -7.34 54.55
C SER G 89 -13.07 -6.40 54.60
N LEU G 90 -13.72 -6.18 53.46
CA LEU G 90 -14.91 -5.32 53.44
C LEU G 90 -16.01 -5.92 54.31
N VAL G 91 -16.22 -7.23 54.22
CA VAL G 91 -17.23 -7.87 55.05
C VAL G 91 -16.89 -7.69 56.53
N TYR G 92 -15.63 -7.90 56.88
CA TYR G 92 -15.22 -7.81 58.28
C TYR G 92 -15.41 -6.39 58.81
N VAL G 93 -14.96 -5.39 58.06
CA VAL G 93 -15.10 -4.02 58.51
C VAL G 93 -16.57 -3.64 58.62
N GLY G 94 -17.39 -4.12 57.69
CA GLY G 94 -18.82 -3.85 57.79
C GLY G 94 -19.42 -4.43 59.06
N HIS G 95 -19.04 -5.66 59.39
CA HIS G 95 -19.53 -6.28 60.62
C HIS G 95 -19.09 -5.47 61.84
N ALA G 96 -17.83 -5.05 61.87
CA ALA G 96 -17.32 -4.27 62.99
C ALA G 96 -18.06 -2.95 63.13
N VAL G 97 -18.24 -2.23 62.03
CA VAL G 97 -18.97 -0.97 62.07
C VAL G 97 -20.41 -1.18 62.52
N HIS G 98 -21.03 -2.28 62.08
CA HIS G 98 -22.39 -2.58 62.55
C HIS G 98 -22.41 -2.73 64.06
N HIS G 99 -21.47 -3.50 64.60
CA HIS G 99 -21.40 -3.66 66.05
C HIS G 99 -21.22 -2.32 66.74
N VAL G 100 -20.34 -1.48 66.20
CA VAL G 100 -20.12 -0.16 66.78
C VAL G 100 -21.42 0.65 66.79
N ARG G 101 -22.16 0.64 65.68
CA ARG G 101 -23.39 1.42 65.64
C ARG G 101 -24.39 0.89 66.66
N MET G 102 -24.44 -0.42 66.84
CA MET G 102 -25.33 -1.00 67.85
C MET G 102 -24.91 -0.55 69.24
N GLU G 103 -23.61 -0.57 69.53
CA GLU G 103 -23.13 -0.08 70.83
C GLU G 103 -23.50 1.38 71.03
N GLU G 104 -23.36 2.19 69.97
CA GLU G 104 -23.76 3.59 70.06
C GLU G 104 -25.24 3.70 70.42
N LYS G 105 -26.07 2.87 69.80
CA LYS G 105 -27.49 2.87 70.16
C LYS G 105 -27.66 2.55 71.65
N ARG G 106 -26.96 1.53 72.13
CA ARG G 106 -27.04 1.14 73.53
C ARG G 106 -26.56 2.27 74.43
N LEU G 150 -11.49 -7.62 69.53
CA LEU G 150 -11.39 -8.81 68.69
C LEU G 150 -11.63 -10.06 69.53
N GLU G 151 -12.87 -10.27 69.94
CA GLU G 151 -13.22 -11.42 70.77
C GLU G 151 -14.55 -12.00 70.30
N GLY G 152 -14.76 -13.26 70.68
CA GLY G 152 -16.02 -13.94 70.42
C GLY G 152 -16.38 -14.00 68.95
N THR G 153 -17.63 -13.63 68.65
CA THR G 153 -18.14 -13.74 67.28
C THR G 153 -17.31 -12.92 66.31
N LEU G 154 -16.91 -11.72 66.72
CA LEU G 154 -16.11 -10.87 65.85
C LEU G 154 -14.79 -11.55 65.48
N LEU G 155 -14.12 -12.17 66.47
CA LEU G 155 -12.89 -12.88 66.19
C LEU G 155 -13.10 -14.03 65.20
N ARG G 156 -14.18 -14.79 65.39
CA ARG G 156 -14.47 -15.88 64.47
C ARG G 156 -14.71 -15.35 63.06
N THR G 157 -15.42 -14.23 62.94
CA THR G 157 -15.61 -13.60 61.64
C THR G 157 -14.28 -13.21 61.02
N TYR G 158 -13.38 -12.68 61.83
CA TYR G 158 -12.05 -12.30 61.33
C TYR G 158 -11.32 -13.51 60.77
N VAL G 159 -11.35 -14.62 61.51
CA VAL G 159 -10.68 -15.83 61.06
C VAL G 159 -11.33 -16.33 59.77
N CYS G 160 -12.66 -16.31 59.70
CA CYS G 160 -13.36 -16.73 58.50
C CYS G 160 -12.93 -15.89 57.30
N HIS G 161 -12.80 -14.58 57.49
CA HIS G 161 -12.39 -13.71 56.40
C HIS G 161 -10.96 -14.05 55.96
N ILE G 162 -10.09 -14.36 56.91
CA ILE G 162 -8.74 -14.80 56.56
C ILE G 162 -8.81 -16.05 55.70
N ILE G 163 -9.66 -17.00 56.09
CA ILE G 163 -9.78 -18.25 55.34
C ILE G 163 -10.26 -17.97 53.92
N PHE G 164 -11.26 -17.10 53.77
CA PHE G 164 -11.75 -16.76 52.44
C PHE G 164 -10.65 -16.12 51.60
N LYS G 165 -9.86 -15.23 52.20
CA LYS G 165 -8.75 -14.63 51.48
C LYS G 165 -7.79 -15.68 50.98
N THR G 166 -7.44 -16.63 51.85
CA THR G 166 -6.53 -17.71 51.44
C THR G 166 -7.11 -18.52 50.30
N LEU G 167 -8.40 -18.88 50.38
CA LEU G 167 -9.01 -19.66 49.33
C LEU G 167 -9.02 -18.91 48.00
N PHE G 168 -9.38 -17.63 48.03
CA PHE G 168 -9.42 -16.87 46.79
C PHE G 168 -8.03 -16.71 46.19
N GLU G 169 -7.02 -16.53 47.04
CA GLU G 169 -5.67 -16.39 46.53
C GLU G 169 -5.20 -17.68 45.87
N VAL G 170 -5.42 -18.81 46.53
CA VAL G 170 -5.04 -20.09 45.95
C VAL G 170 -5.80 -20.34 44.66
N GLY G 171 -7.08 -19.99 44.64
CA GLY G 171 -7.88 -20.21 43.45
C GLY G 171 -7.38 -19.43 42.26
N PHE G 172 -7.08 -18.16 42.47
CA PHE G 172 -6.57 -17.34 41.37
C PHE G 172 -5.19 -17.80 40.93
N ILE G 173 -4.33 -18.21 41.87
CA ILE G 173 -3.02 -18.72 41.48
C ILE G 173 -3.17 -19.94 40.59
N VAL G 174 -3.99 -20.91 41.02
CA VAL G 174 -4.17 -22.13 40.26
C VAL G 174 -4.81 -21.84 38.90
N GLY G 175 -5.77 -20.92 38.88
CA GLY G 175 -6.40 -20.58 37.61
C GLY G 175 -5.42 -19.98 36.63
N HIS G 176 -4.62 -19.02 37.09
CA HIS G 176 -3.57 -18.47 36.24
C HIS G 176 -2.65 -19.58 35.75
N TYR G 177 -2.25 -20.48 36.63
CA TYR G 177 -1.31 -21.52 36.24
C TYR G 177 -1.88 -22.38 35.11
N PHE G 178 -3.12 -22.82 35.27
CA PHE G 178 -3.72 -23.67 34.24
C PHE G 178 -3.97 -22.89 32.95
N LEU G 179 -4.39 -21.63 33.06
CA LEU G 179 -4.57 -20.81 31.86
C LEU G 179 -3.26 -20.66 31.08
N TYR G 180 -2.21 -20.15 31.75
CA TYR G 180 -0.99 -19.74 31.06
C TYR G 180 0.29 -20.38 31.56
N GLY G 181 0.23 -21.35 32.45
CA GLY G 181 1.47 -21.67 33.14
C GLY G 181 2.00 -20.43 33.81
N PHE G 182 3.32 -20.24 33.75
CA PHE G 182 3.93 -19.00 34.22
C PHE G 182 4.95 -18.43 33.25
N ARG G 183 5.04 -18.95 32.02
CA ARG G 183 5.92 -18.41 31.00
C ARG G 183 5.12 -18.14 29.74
N ILE G 184 5.14 -16.90 29.26
CA ILE G 184 4.53 -16.53 27.99
C ILE G 184 5.58 -16.70 26.90
N LEU G 185 5.35 -17.65 26.00
CA LEU G 185 6.22 -17.85 24.87
C LEU G 185 5.91 -16.83 23.76
N PRO G 186 6.92 -16.46 22.97
CA PRO G 186 6.65 -15.54 21.85
C PRO G 186 5.79 -16.13 20.76
N LEU G 187 5.97 -17.41 20.45
CA LEU G 187 5.26 -18.06 19.35
C LEU G 187 3.99 -18.72 19.86
N TYR G 188 2.86 -18.37 19.23
CA TYR G 188 1.60 -19.08 19.40
C TYR G 188 1.18 -19.66 18.06
N ARG G 189 1.04 -20.98 17.98
CA ARG G 189 0.54 -21.63 16.78
C ARG G 189 -0.97 -21.81 16.90
N CYS G 190 -1.69 -21.31 15.89
CA CYS G 190 -3.14 -21.18 15.93
C CYS G 190 -3.77 -21.94 14.78
N SER G 191 -4.77 -22.78 15.08
CA SER G 191 -5.52 -23.50 14.07
C SER G 191 -7.01 -23.19 14.10
N ARG G 192 -7.37 -21.99 14.53
CA ARG G 192 -8.77 -21.62 14.73
C ARG G 192 -9.32 -21.00 13.45
N TRP G 193 -10.53 -21.43 13.09
CA TRP G 193 -11.17 -20.89 11.90
C TRP G 193 -11.41 -19.39 12.10
N PRO G 194 -11.17 -18.55 11.09
CA PRO G 194 -10.92 -18.77 9.67
C PRO G 194 -9.48 -19.03 9.23
N CYS G 195 -8.56 -19.16 10.17
CA CYS G 195 -7.17 -19.36 9.78
C CYS G 195 -7.04 -20.62 8.93
N PRO G 196 -6.30 -20.58 7.81
CA PRO G 196 -6.15 -21.76 6.97
C PRO G 196 -4.99 -22.58 7.53
N ASN G 197 -5.21 -23.81 8.06
CA ASN G 197 -4.11 -24.66 8.57
C ASN G 197 -3.66 -24.09 9.95
N VAL G 198 -2.45 -24.43 10.38
CA VAL G 198 -1.83 -23.79 11.57
C VAL G 198 -1.12 -22.55 11.05
N VAL G 199 -1.27 -21.42 11.73
CA VAL G 199 -0.56 -20.18 11.45
C VAL G 199 0.32 -19.83 12.64
N ASP G 200 1.47 -19.24 12.35
CA ASP G 200 2.38 -18.75 13.37
C ASP G 200 2.01 -17.32 13.74
N CYS G 201 1.75 -17.09 15.02
CA CYS G 201 1.46 -15.78 15.57
C CYS G 201 2.53 -15.41 16.57
N PHE G 202 2.81 -14.12 16.69
CA PHE G 202 3.88 -13.63 17.56
C PHE G 202 3.36 -12.63 18.58
N VAL G 203 3.61 -12.93 19.84
CA VAL G 203 3.18 -12.13 20.97
C VAL G 203 4.10 -10.94 21.17
N SER G 204 3.53 -9.84 21.68
CA SER G 204 4.30 -8.66 22.07
C SER G 204 4.82 -8.78 23.49
N ARG G 205 6.07 -8.34 23.67
CA ARG G 205 6.70 -8.19 24.98
C ARG G 205 6.61 -9.45 25.86
N PRO G 206 6.86 -10.63 25.32
CA PRO G 206 6.68 -11.83 26.14
C PRO G 206 7.58 -11.89 27.37
N THR G 207 8.83 -11.45 27.26
CA THR G 207 9.76 -11.54 28.39
C THR G 207 9.31 -10.64 29.55
N GLU G 208 8.95 -9.40 29.25
CA GLU G 208 8.51 -8.48 30.30
C GLU G 208 7.25 -8.99 30.97
N LYS G 209 6.33 -9.52 30.18
CA LYS G 209 5.12 -10.11 30.72
C LYS G 209 5.41 -11.30 31.62
N THR G 210 6.38 -12.13 31.23
CA THR G 210 6.81 -13.22 32.09
C THR G 210 7.37 -12.70 33.41
N ILE G 211 8.17 -11.63 33.34
CA ILE G 211 8.75 -11.05 34.54
C ILE G 211 7.66 -10.59 35.49
N PHE G 212 6.65 -9.90 34.95
CA PHE G 212 5.60 -9.39 35.81
C PHE G 212 4.67 -10.50 36.31
N ILE G 213 4.40 -11.50 35.47
CA ILE G 213 3.66 -12.66 35.91
C ILE G 213 4.33 -13.27 37.14
N LEU G 214 5.63 -13.51 37.06
CA LEU G 214 6.34 -14.11 38.19
C LEU G 214 6.37 -13.17 39.39
N PHE G 215 6.51 -11.88 39.16
CA PHE G 215 6.49 -10.92 40.26
C PHE G 215 5.16 -10.97 41.02
N MET G 216 4.05 -10.96 40.28
CA MET G 216 2.74 -11.01 40.92
C MET G 216 2.49 -12.35 41.60
N LEU G 217 2.96 -13.43 41.01
CA LEU G 217 2.87 -14.73 41.67
C LEU G 217 3.61 -14.72 43.00
N SER G 218 4.81 -14.15 43.02
CA SER G 218 5.55 -14.02 44.26
C SER G 218 4.79 -13.19 45.28
N VAL G 219 4.22 -12.07 44.86
CA VAL G 219 3.47 -11.23 45.78
C VAL G 219 2.28 -11.99 46.36
N ALA G 220 1.57 -12.74 45.53
CA ALA G 220 0.44 -13.54 46.01
C ALA G 220 0.90 -14.59 47.02
N SER G 221 2.02 -15.25 46.75
CA SER G 221 2.55 -16.23 47.69
C SER G 221 2.92 -15.57 49.01
N VAL G 222 3.52 -14.37 48.95
CA VAL G 222 3.87 -13.64 50.15
C VAL G 222 2.61 -13.33 50.96
N SER G 223 1.57 -12.85 50.28
CA SER G 223 0.32 -12.54 50.98
C SER G 223 -0.28 -13.78 51.63
N LEU G 224 -0.24 -14.91 50.93
CA LEU G 224 -0.72 -16.15 51.50
C LEU G 224 0.05 -16.52 52.76
N PHE G 225 1.38 -16.41 52.69
CA PHE G 225 2.21 -16.67 53.86
C PHE G 225 1.86 -15.74 55.01
N LEU G 226 1.59 -14.47 54.70
CA LEU G 226 1.16 -13.54 55.73
C LEU G 226 -0.12 -13.99 56.39
N ASN G 227 -1.08 -14.47 55.60
CA ASN G 227 -2.32 -14.99 56.17
C ASN G 227 -2.05 -16.16 57.10
N ILE G 228 -1.15 -17.06 56.70
CA ILE G 228 -0.77 -18.17 57.57
C ILE G 228 -0.19 -17.64 58.88
N LEU G 229 0.66 -16.61 58.78
CA LEU G 229 1.19 -15.99 59.99
C LEU G 229 0.09 -15.40 60.85
N GLU G 230 -0.93 -14.82 60.22
CA GLU G 230 -2.04 -14.27 60.99
C GLU G 230 -2.71 -15.36 61.81
N MET G 231 -3.00 -16.49 61.17
CA MET G 231 -3.65 -17.59 61.89
C MET G 231 -2.76 -18.09 63.02
N SER G 232 -1.46 -18.28 62.76
CA SER G 232 -0.58 -18.75 63.81
C SER G 232 -0.51 -17.75 64.96
N HIS G 233 -0.40 -16.46 64.65
CA HIS G 233 -0.32 -15.43 65.68
C HIS G 233 -1.58 -15.43 66.53
N LEU G 234 -2.74 -15.56 65.91
CA LEU G 234 -3.96 -15.70 66.68
C LEU G 234 -3.90 -16.94 67.58
N GLY G 235 -3.37 -18.04 67.05
CA GLY G 235 -3.26 -19.25 67.84
C GLY G 235 -2.41 -19.04 69.08
N LEU G 236 -1.29 -18.34 68.93
CA LEU G 236 -0.41 -18.06 70.07
C LEU G 236 -1.16 -17.27 71.14
N GLY H 2 -14.49 7.46 33.29
CA GLY H 2 -15.43 8.48 33.71
C GLY H 2 -15.28 8.85 35.18
N ASP H 3 -15.87 9.99 35.56
CA ASP H 3 -15.76 10.51 36.91
C ASP H 3 -17.08 10.27 37.63
N TRP H 4 -17.06 9.43 38.66
CA TRP H 4 -18.22 9.08 39.45
C TRP H 4 -18.20 9.72 40.84
N SER H 5 -17.38 10.76 41.03
CA SER H 5 -17.17 11.32 42.35
C SER H 5 -18.49 11.84 42.95
N PHE H 6 -19.26 12.58 42.16
CA PHE H 6 -20.50 13.18 42.65
C PHE H 6 -21.49 12.10 43.08
N LEU H 7 -21.69 11.10 42.21
CA LEU H 7 -22.57 9.99 42.54
C LEU H 7 -22.06 9.27 43.78
N GLY H 8 -20.75 9.06 43.86
CA GLY H 8 -20.20 8.39 45.02
C GLY H 8 -20.46 9.16 46.30
N ASN H 9 -20.34 10.48 46.25
CA ASN H 9 -20.59 11.30 47.42
C ASN H 9 -22.03 11.15 47.89
N ILE H 10 -22.97 11.25 46.96
CA ILE H 10 -24.38 11.13 47.36
C ILE H 10 -24.68 9.74 47.91
N LEU H 11 -24.15 8.71 47.24
CA LEU H 11 -24.37 7.35 47.73
C LEU H 11 -23.78 7.15 49.13
N GLU H 12 -22.60 7.71 49.37
CA GLU H 12 -22.03 7.66 50.71
C GLU H 12 -22.96 8.35 51.70
N GLU H 13 -23.56 9.47 51.30
CA GLU H 13 -24.51 10.15 52.18
C GLU H 13 -25.67 9.24 52.54
N VAL H 14 -26.26 8.58 51.54
CA VAL H 14 -27.40 7.69 51.79
C VAL H 14 -26.99 6.47 52.60
N ASN H 15 -25.70 6.10 52.63
CA ASN H 15 -25.32 4.95 53.45
C ASN H 15 -25.70 5.15 54.91
N GLU H 16 -25.50 6.37 55.43
CA GLU H 16 -25.78 6.62 56.84
C GLU H 16 -27.23 6.28 57.19
N HIS H 17 -28.17 6.62 56.31
CA HIS H 17 -29.59 6.41 56.56
C HIS H 17 -30.13 5.16 55.88
N SER H 18 -29.29 4.17 55.64
CA SER H 18 -29.69 2.96 54.95
C SER H 18 -29.52 1.75 55.86
N THR H 19 -30.24 0.68 55.48
CA THR H 19 -30.19 -0.57 56.23
C THR H 19 -28.87 -1.28 55.98
N VAL H 20 -28.55 -2.24 56.85
CA VAL H 20 -27.31 -3.00 56.72
C VAL H 20 -27.24 -3.67 55.36
N ILE H 21 -28.35 -4.29 54.95
CA ILE H 21 -28.40 -4.90 53.63
C ILE H 21 -28.19 -3.82 52.57
N GLY H 22 -28.77 -2.65 52.78
CA GLY H 22 -28.57 -1.56 51.84
C GLY H 22 -27.12 -1.15 51.72
N ARG H 23 -26.41 -1.08 52.85
CA ARG H 23 -24.99 -0.76 52.78
C ARG H 23 -24.23 -1.83 52.01
N VAL H 24 -24.59 -3.10 52.21
CA VAL H 24 -23.94 -4.16 51.44
C VAL H 24 -24.19 -3.95 49.96
N TRP H 25 -25.41 -3.56 49.62
CA TRP H 25 -25.77 -3.33 48.22
C TRP H 25 -24.93 -2.20 47.62
N LEU H 26 -24.80 -1.10 48.35
CA LEU H 26 -24.04 0.03 47.82
C LEU H 26 -22.56 -0.31 47.66
N THR H 27 -21.98 -1.01 48.64
CA THR H 27 -20.58 -1.40 48.48
C THR H 27 -20.41 -2.34 47.30
N VAL H 28 -21.35 -3.27 47.10
CA VAL H 28 -21.30 -4.11 45.91
C VAL H 28 -21.35 -3.27 44.65
N LEU H 29 -22.21 -2.25 44.65
CA LEU H 29 -22.30 -1.38 43.48
C LEU H 29 -20.97 -0.72 43.18
N PHE H 30 -20.33 -0.16 44.20
CA PHE H 30 -19.07 0.55 43.97
C PHE H 30 -17.95 -0.40 43.56
N ILE H 31 -17.77 -1.50 44.31
CA ILE H 31 -16.61 -2.35 44.11
C ILE H 31 -16.75 -3.24 42.89
N PHE H 32 -17.95 -3.79 42.65
CA PHE H 32 -18.11 -4.81 41.63
C PHE H 32 -18.79 -4.32 40.37
N ARG H 33 -19.21 -3.06 40.32
CA ARG H 33 -19.72 -2.49 39.08
C ARG H 33 -18.89 -1.31 38.60
N ILE H 34 -18.83 -0.24 39.38
CA ILE H 34 -18.11 0.96 38.95
C ILE H 34 -16.63 0.67 38.79
N LEU H 35 -16.05 0.00 39.79
CA LEU H 35 -14.62 -0.29 39.76
C LEU H 35 -14.28 -1.28 38.66
N ILE H 36 -15.16 -2.24 38.38
CA ILE H 36 -14.90 -3.17 37.30
C ILE H 36 -14.93 -2.47 35.96
N LEU H 37 -15.92 -1.60 35.74
CA LEU H 37 -15.98 -0.88 34.48
C LEU H 37 -14.75 0.00 34.30
N GLY H 38 -14.35 0.69 35.36
CA GLY H 38 -13.20 1.57 35.25
C GLY H 38 -11.90 0.83 35.04
N THR H 39 -11.59 -0.10 35.93
CA THR H 39 -10.30 -0.77 35.90
C THR H 39 -10.19 -1.74 34.74
N ALA H 40 -11.26 -2.48 34.44
CA ALA H 40 -11.16 -3.66 33.58
C ALA H 40 -11.96 -3.52 32.29
N ALA H 41 -13.27 -3.27 32.36
CA ALA H 41 -14.12 -3.48 31.19
C ALA H 41 -13.86 -2.44 30.11
N GLU H 42 -13.63 -1.19 30.50
CA GLU H 42 -13.43 -0.13 29.51
C GLU H 42 -12.22 -0.41 28.64
N PHE H 43 -11.15 -0.97 29.21
CA PHE H 43 -10.00 -1.37 28.42
C PHE H 43 -10.35 -2.52 27.47
N VAL H 44 -11.18 -3.46 27.92
CA VAL H 44 -11.59 -4.57 27.06
C VAL H 44 -12.30 -4.05 25.82
N TRP H 45 -13.28 -3.17 26.02
CA TRP H 45 -14.12 -2.67 24.95
C TRP H 45 -13.51 -1.47 24.24
N GLY H 46 -12.28 -1.10 24.58
CA GLY H 46 -11.70 0.11 24.04
C GLY H 46 -11.53 0.08 22.54
N ASP H 47 -11.12 -1.06 21.99
CA ASP H 47 -10.84 -1.21 20.56
C ASP H 47 -11.93 -2.00 19.85
N GLU H 48 -13.18 -1.78 20.25
CA GLU H 48 -14.29 -2.55 19.69
C GLU H 48 -14.44 -2.33 18.19
N GLN H 49 -14.48 -1.07 17.76
CA GLN H 49 -14.67 -0.77 16.35
C GLN H 49 -13.37 -0.84 15.55
N SER H 50 -12.26 -0.38 16.15
CA SER H 50 -11.00 -0.37 15.42
C SER H 50 -10.55 -1.76 15.01
N ASP H 51 -10.66 -2.74 15.91
CA ASP H 51 -10.27 -4.11 15.59
C ASP H 51 -11.39 -4.97 15.04
N PHE H 52 -12.60 -4.43 14.94
CA PHE H 52 -13.63 -5.07 14.13
C PHE H 52 -13.19 -5.11 12.68
N VAL H 53 -13.15 -6.31 12.10
CA VAL H 53 -12.69 -6.50 10.73
C VAL H 53 -13.72 -7.30 9.95
N CYS H 54 -14.00 -6.87 8.74
CA CYS H 54 -14.91 -7.55 7.83
C CYS H 54 -14.17 -7.92 6.56
N ASN H 55 -14.46 -9.10 6.03
CA ASN H 55 -13.82 -9.62 4.83
C ASN H 55 -14.51 -9.04 3.60
N THR H 56 -14.12 -7.83 3.25
CA THR H 56 -14.68 -7.17 2.08
C THR H 56 -13.76 -6.03 1.65
N GLN H 57 -13.94 -5.60 0.40
CA GLN H 57 -13.29 -4.41 -0.13
C GLN H 57 -14.29 -3.27 -0.31
N GLN H 58 -15.41 -3.34 0.37
CA GLN H 58 -16.50 -2.41 0.16
C GLN H 58 -16.44 -1.28 1.18
N PRO H 59 -16.34 -0.02 0.77
CA PRO H 59 -16.34 1.06 1.75
C PRO H 59 -17.65 1.14 2.51
N GLY H 60 -17.55 1.48 3.79
CA GLY H 60 -18.69 1.62 4.66
C GLY H 60 -19.31 0.35 5.16
N CYS H 61 -18.96 -0.81 4.61
CA CYS H 61 -19.54 -2.06 5.09
C CYS H 61 -19.18 -2.31 6.56
N GLU H 62 -17.93 -2.06 6.94
CA GLU H 62 -17.53 -2.31 8.32
C GLU H 62 -18.31 -1.43 9.29
N ASN H 63 -18.50 -0.16 8.95
CA ASN H 63 -19.22 0.72 9.84
C ASN H 63 -20.67 0.27 10.04
N VAL H 64 -21.37 -0.02 8.95
CA VAL H 64 -22.77 -0.41 9.05
C VAL H 64 -22.90 -1.74 9.76
N CYS H 65 -21.99 -2.68 9.48
CA CYS H 65 -22.05 -3.97 10.13
C CYS H 65 -21.74 -3.88 11.62
N TYR H 66 -20.74 -3.10 12.01
CA TYR H 66 -20.48 -2.92 13.43
C TYR H 66 -21.68 -2.29 14.12
N ASP H 67 -22.28 -1.27 13.51
CA ASP H 67 -23.46 -0.66 14.09
C ASP H 67 -24.59 -1.67 14.26
N GLU H 68 -24.82 -2.52 13.25
CA GLU H 68 -25.88 -3.52 13.36
C GLU H 68 -25.56 -4.55 14.43
N ALA H 69 -24.31 -5.00 14.50
CA ALA H 69 -23.92 -6.00 15.48
C ALA H 69 -24.00 -5.45 16.90
N PHE H 70 -23.56 -4.22 17.10
CA PHE H 70 -23.55 -3.60 18.42
C PHE H 70 -24.30 -2.28 18.34
N PRO H 71 -25.63 -2.32 18.41
CA PRO H 71 -26.40 -1.07 18.37
C PRO H 71 -26.00 -0.13 19.48
N ILE H 72 -25.88 -0.65 20.69
CA ILE H 72 -25.33 0.08 21.82
C ILE H 72 -24.18 -0.74 22.40
N SER H 73 -23.07 -0.11 22.76
CA SER H 73 -21.99 -0.89 23.36
C SER H 73 -22.39 -1.38 24.75
N HIS H 74 -21.82 -2.52 25.15
CA HIS H 74 -22.12 -3.11 26.45
C HIS H 74 -21.75 -2.19 27.60
N ILE H 75 -20.56 -1.60 27.55
CA ILE H 75 -20.12 -0.74 28.66
C ILE H 75 -21.07 0.43 28.83
N ARG H 76 -21.56 0.99 27.73
CA ARG H 76 -22.51 2.09 27.80
C ARG H 76 -23.82 1.64 28.47
N LEU H 77 -24.31 0.47 28.08
CA LEU H 77 -25.53 -0.06 28.69
C LEU H 77 -25.34 -0.26 30.20
N TRP H 78 -24.15 -0.71 30.62
CA TRP H 78 -23.89 -0.89 32.04
C TRP H 78 -23.81 0.46 32.77
N VAL H 79 -23.27 1.48 32.12
CA VAL H 79 -23.30 2.83 32.68
C VAL H 79 -24.75 3.24 32.95
N LEU H 80 -25.60 3.11 31.95
CA LEU H 80 -26.99 3.49 32.13
C LEU H 80 -27.65 2.68 33.23
N GLN H 81 -27.35 1.38 33.28
CA GLN H 81 -27.92 0.53 34.31
C GLN H 81 -27.54 1.01 35.70
N ILE H 82 -26.27 1.35 35.88
CA ILE H 82 -25.81 1.83 37.18
C ILE H 82 -26.53 3.11 37.55
N ILE H 83 -26.65 4.04 36.61
CA ILE H 83 -27.25 5.33 36.92
C ILE H 83 -28.71 5.17 37.29
N PHE H 84 -29.47 4.43 36.50
CA PHE H 84 -30.88 4.26 36.79
C PHE H 84 -31.09 3.51 38.09
N VAL H 85 -30.27 2.49 38.34
CA VAL H 85 -30.39 1.74 39.59
C VAL H 85 -30.10 2.62 40.79
N SER H 86 -29.09 3.50 40.69
CA SER H 86 -28.78 4.40 41.79
C SER H 86 -29.87 5.46 42.00
N THR H 87 -30.57 5.85 40.95
CA THR H 87 -31.49 6.99 41.08
C THR H 87 -32.52 6.82 42.20
N PRO H 88 -33.11 5.65 42.44
CA PRO H 88 -34.02 5.52 43.59
C PRO H 88 -33.38 5.87 44.92
N SER H 89 -32.12 5.46 45.14
CA SER H 89 -31.43 5.85 46.35
C SER H 89 -31.32 7.36 46.45
N LEU H 90 -31.07 8.03 45.32
CA LEU H 90 -31.02 9.49 45.32
C LEU H 90 -32.35 10.08 45.74
N VAL H 91 -33.45 9.53 45.22
CA VAL H 91 -34.77 10.01 45.60
C VAL H 91 -34.99 9.84 47.10
N TYR H 92 -34.63 8.67 47.62
CA TYR H 92 -34.84 8.38 49.03
C TYR H 92 -34.04 9.31 49.92
N VAL H 93 -32.76 9.50 49.60
CA VAL H 93 -31.92 10.36 50.42
C VAL H 93 -32.42 11.79 50.33
N GLY H 94 -32.89 12.22 49.16
CA GLY H 94 -33.45 13.56 49.05
C GLY H 94 -34.66 13.74 49.94
N HIS H 95 -35.55 12.74 49.96
CA HIS H 95 -36.72 12.81 50.83
C HIS H 95 -36.30 12.90 52.29
N ALA H 96 -35.33 12.07 52.69
CA ALA H 96 -34.87 12.08 54.08
C ALA H 96 -34.27 13.42 54.45
N VAL H 97 -33.40 13.98 53.61
CA VAL H 97 -32.81 15.28 53.88
C VAL H 97 -33.88 16.36 53.95
N HIS H 98 -34.90 16.28 53.09
CA HIS H 98 -36.00 17.24 53.17
C HIS H 98 -36.67 17.18 54.53
N HIS H 99 -36.98 15.96 54.99
CA HIS H 99 -37.60 15.82 56.31
C HIS H 99 -36.71 16.40 57.39
N VAL H 100 -35.40 16.14 57.31
CA VAL H 100 -34.47 16.69 58.29
C VAL H 100 -34.51 18.21 58.29
N ARG H 101 -34.49 18.83 57.10
CA ARG H 101 -34.51 20.28 57.06
C ARG H 101 -35.81 20.82 57.65
N MET H 102 -36.93 20.14 57.41
CA MET H 102 -38.19 20.56 58.00
C MET H 102 -38.13 20.46 59.52
N GLU H 103 -37.58 19.37 60.05
CA GLU H 103 -37.42 19.25 61.49
C GLU H 103 -36.54 20.35 62.05
N GLU H 104 -35.46 20.68 61.33
CA GLU H 104 -34.61 21.79 61.75
C GLU H 104 -35.41 23.08 61.83
N LYS H 105 -36.27 23.32 60.84
CA LYS H 105 -37.13 24.50 60.89
C LYS H 105 -38.00 24.47 62.15
N ARG H 106 -38.59 23.32 62.44
CA ARG H 106 -39.44 23.17 63.61
C ARG H 106 -38.64 23.38 64.89
N LEU H 150 -36.82 5.37 60.33
CA LEU H 150 -37.39 4.63 59.21
C LEU H 150 -38.79 4.14 59.57
N GLU H 151 -39.74 5.07 59.65
CA GLU H 151 -41.12 4.72 60.00
C GLU H 151 -42.09 5.50 59.13
N GLY H 152 -43.31 4.98 59.07
CA GLY H 152 -44.38 5.67 58.37
C GLY H 152 -44.10 5.93 56.92
N THR H 153 -44.34 7.17 56.49
CA THR H 153 -44.21 7.53 55.09
C THR H 153 -42.79 7.30 54.58
N LEU H 154 -41.79 7.62 55.41
CA LEU H 154 -40.41 7.42 55.01
C LEU H 154 -40.13 5.95 54.72
N LEU H 155 -40.62 5.06 55.58
CA LEU H 155 -40.43 3.63 55.36
C LEU H 155 -41.08 3.18 54.05
N ARG H 156 -42.30 3.65 53.79
CA ARG H 156 -42.97 3.30 52.54
C ARG H 156 -42.17 3.79 51.34
N THR H 157 -41.62 5.00 51.42
CA THR H 157 -40.77 5.50 50.35
C THR H 157 -39.56 4.61 50.16
N TYR H 158 -38.97 4.15 51.26
CA TYR H 158 -37.81 3.26 51.17
C TYR H 158 -38.17 1.97 50.43
N VAL H 159 -39.31 1.39 50.78
CA VAL H 159 -39.76 0.16 50.12
C VAL H 159 -40.01 0.43 48.64
N CYS H 160 -40.65 1.55 48.33
CA CYS H 160 -40.91 1.90 46.93
C CYS H 160 -39.61 2.01 46.15
N HIS H 161 -38.59 2.63 46.75
CA HIS H 161 -37.31 2.75 46.07
C HIS H 161 -36.68 1.39 45.84
N ILE H 162 -36.81 0.48 46.81
CA ILE H 162 -36.34 -0.89 46.62
C ILE H 162 -37.04 -1.52 45.43
N ILE H 163 -38.35 -1.34 45.34
CA ILE H 163 -39.12 -1.92 44.24
C ILE H 163 -38.64 -1.36 42.91
N PHE H 164 -38.42 -0.06 42.83
CA PHE H 164 -37.93 0.54 41.59
C PHE H 164 -36.57 -0.02 41.22
N LYS H 165 -35.68 -0.19 42.20
CA LYS H 165 -34.38 -0.78 41.93
C LYS H 165 -34.53 -2.16 41.34
N THR H 166 -35.41 -2.98 41.93
CA THR H 166 -35.62 -4.33 41.41
C THR H 166 -36.15 -4.29 39.98
N LEU H 167 -37.11 -3.42 39.70
CA LEU H 167 -37.66 -3.34 38.36
C LEU H 167 -36.61 -2.92 37.35
N PHE H 168 -35.80 -1.91 37.68
CA PHE H 168 -34.79 -1.45 36.75
C PHE H 168 -33.74 -2.54 36.51
N GLU H 169 -33.37 -3.27 37.55
CA GLU H 169 -32.38 -4.32 37.39
C GLU H 169 -32.91 -5.42 36.48
N VAL H 170 -34.14 -5.87 36.72
CA VAL H 170 -34.73 -6.89 35.87
C VAL H 170 -34.86 -6.40 34.44
N GLY H 171 -35.24 -5.13 34.27
CA GLY H 171 -35.40 -4.59 32.94
C GLY H 171 -34.10 -4.58 32.16
N PHE H 172 -33.03 -4.12 32.80
CA PHE H 172 -31.74 -4.10 32.12
C PHE H 172 -31.23 -5.51 31.84
N ILE H 173 -31.44 -6.44 32.77
CA ILE H 173 -31.02 -7.82 32.51
C ILE H 173 -31.74 -8.37 31.28
N VAL H 174 -33.05 -8.21 31.23
CA VAL H 174 -33.83 -8.74 30.12
C VAL H 174 -33.44 -8.05 28.81
N GLY H 175 -33.23 -6.74 28.88
CA GLY H 175 -32.83 -6.03 27.67
C GLY H 175 -31.50 -6.50 27.13
N HIS H 176 -30.51 -6.65 28.01
CA HIS H 176 -29.24 -7.21 27.58
C HIS H 176 -29.44 -8.60 26.98
N TYR H 177 -30.26 -9.44 27.61
CA TYR H 177 -30.45 -10.78 27.12
C TYR H 177 -30.99 -10.78 25.69
N PHE H 178 -32.04 -10.00 25.46
CA PHE H 178 -32.64 -9.96 24.13
C PHE H 178 -31.70 -9.33 23.10
N LEU H 179 -30.97 -8.28 23.50
CA LEU H 179 -29.99 -7.68 22.59
C LEU H 179 -28.92 -8.69 22.17
N TYR H 180 -28.22 -9.27 23.15
CA TYR H 180 -27.02 -10.07 22.88
C TYR H 180 -27.04 -11.50 23.41
N GLY H 181 -28.15 -11.99 23.94
CA GLY H 181 -28.01 -13.19 24.73
C GLY H 181 -27.01 -12.94 25.83
N PHE H 182 -26.17 -13.94 26.09
CA PHE H 182 -25.06 -13.76 27.02
C PHE H 182 -23.73 -14.30 26.49
N ARG H 183 -23.66 -14.66 25.21
CA ARG H 183 -22.41 -15.10 24.59
C ARG H 183 -22.16 -14.28 23.33
N ILE H 184 -21.01 -13.62 23.26
CA ILE H 184 -20.58 -12.91 22.07
C ILE H 184 -19.79 -13.88 21.21
N LEU H 185 -20.32 -14.20 20.04
CA LEU H 185 -19.62 -15.05 19.10
C LEU H 185 -18.59 -14.22 18.30
N PRO H 186 -17.49 -14.86 17.88
CA PRO H 186 -16.51 -14.13 17.06
C PRO H 186 -17.03 -13.74 15.69
N LEU H 187 -17.82 -14.59 15.05
CA LEU H 187 -18.30 -14.36 13.69
C LEU H 187 -19.65 -13.66 13.71
N TYR H 188 -19.73 -12.53 13.01
CA TYR H 188 -20.99 -11.87 12.70
C TYR H 188 -21.18 -11.84 11.20
N ARG H 189 -22.26 -12.46 10.71
CA ARG H 189 -22.58 -12.39 9.29
C ARG H 189 -23.54 -11.23 9.04
N CYS H 190 -23.16 -10.35 8.11
CA CYS H 190 -23.82 -9.07 7.90
C CYS H 190 -24.32 -8.96 6.47
N SER H 191 -25.59 -8.59 6.30
CA SER H 191 -26.19 -8.37 5.00
C SER H 191 -26.73 -6.96 4.83
N ARG H 192 -26.13 -5.98 5.51
CA ARG H 192 -26.64 -4.63 5.53
C ARG H 192 -25.99 -3.81 4.42
N TRP H 193 -26.80 -3.05 3.71
CA TRP H 193 -26.28 -2.21 2.64
C TRP H 193 -25.32 -1.18 3.22
N PRO H 194 -24.18 -0.92 2.58
CA PRO H 194 -23.71 -1.25 1.24
C PRO H 194 -23.01 -2.59 1.04
N CYS H 195 -22.96 -3.44 2.05
CA CYS H 195 -22.27 -4.70 1.91
C CYS H 195 -22.88 -5.51 0.77
N PRO H 196 -22.07 -6.09 -0.13
CA PRO H 196 -22.62 -6.88 -1.24
C PRO H 196 -22.85 -8.30 -0.72
N ASN H 197 -24.10 -8.80 -0.64
CA ASN H 197 -24.38 -10.18 -0.20
C ASN H 197 -24.21 -10.24 1.34
N VAL H 198 -24.01 -11.44 1.89
CA VAL H 198 -23.61 -11.59 3.30
C VAL H 198 -22.09 -11.50 3.33
N VAL H 199 -21.54 -10.76 4.28
CA VAL H 199 -20.11 -10.68 4.53
C VAL H 199 -19.81 -11.20 5.92
N ASP H 200 -18.65 -11.85 6.05
CA ASP H 200 -18.16 -12.34 7.33
C ASP H 200 -17.39 -11.24 8.03
N CYS H 201 -17.79 -10.90 9.25
CA CYS H 201 -17.12 -9.93 10.09
C CYS H 201 -16.65 -10.62 11.35
N PHE H 202 -15.54 -10.14 11.91
CA PHE H 202 -14.92 -10.76 13.07
C PHE H 202 -14.77 -9.78 14.22
N VAL H 203 -15.33 -10.15 15.35
CA VAL H 203 -15.33 -9.35 16.57
C VAL H 203 -14.00 -9.47 17.30
N SER H 204 -13.63 -8.38 17.98
CA SER H 204 -12.46 -8.37 18.85
C SER H 204 -12.79 -8.87 20.25
N ARG H 205 -11.87 -9.67 20.79
CA ARG H 205 -11.90 -10.11 22.19
C ARG H 205 -13.23 -10.73 22.62
N PRO H 206 -13.84 -11.59 21.80
CA PRO H 206 -15.15 -12.11 22.18
C PRO H 206 -15.18 -12.89 23.48
N THR H 207 -14.16 -13.69 23.76
CA THR H 207 -14.15 -14.50 24.97
C THR H 207 -14.11 -13.64 26.23
N GLU H 208 -13.22 -12.66 26.26
CA GLU H 208 -13.10 -11.79 27.42
C GLU H 208 -14.39 -11.02 27.65
N LYS H 209 -14.99 -10.54 26.56
CA LYS H 209 -16.27 -9.85 26.66
C LYS H 209 -17.36 -10.76 27.19
N THR H 210 -17.37 -12.02 26.77
CA THR H 210 -18.31 -12.99 27.34
C THR H 210 -18.09 -13.16 28.84
N ILE H 211 -16.82 -13.23 29.25
CA ILE H 211 -16.50 -13.41 30.66
C ILE H 211 -17.04 -12.24 31.46
N PHE H 212 -16.84 -11.02 30.97
CA PHE H 212 -17.29 -9.86 31.72
C PHE H 212 -18.80 -9.69 31.66
N ILE H 213 -19.42 -10.02 30.53
CA ILE H 213 -20.87 -10.05 30.45
C ILE H 213 -21.44 -10.94 31.55
N LEU H 214 -20.93 -12.16 31.66
CA LEU H 214 -21.42 -13.08 32.67
C LEU H 214 -21.13 -12.59 34.08
N PHE H 215 -19.96 -11.99 34.28
CA PHE H 215 -19.62 -11.44 35.59
C PHE H 215 -20.62 -10.37 36.02
N MET H 216 -20.92 -9.43 35.11
CA MET H 216 -21.85 -8.37 35.44
C MET H 216 -23.27 -8.90 35.62
N LEU H 217 -23.66 -9.89 34.84
CA LEU H 217 -24.95 -10.52 35.04
C LEU H 217 -25.04 -11.14 36.44
N SER H 218 -23.99 -11.83 36.86
CA SER H 218 -23.96 -12.38 38.21
C SER H 218 -24.06 -11.29 39.26
N VAL H 219 -23.34 -10.18 39.08
CA VAL H 219 -23.40 -9.09 40.04
C VAL H 219 -24.81 -8.53 40.12
N ALA H 220 -25.47 -8.35 38.99
CA ALA H 220 -26.83 -7.84 38.97
C ALA H 220 -27.77 -8.80 39.69
N SER H 221 -27.62 -10.11 39.46
CA SER H 221 -28.44 -11.08 40.15
C SER H 221 -28.21 -11.03 41.66
N VAL H 222 -26.95 -10.87 42.07
CA VAL H 222 -26.64 -10.76 43.49
C VAL H 222 -27.32 -9.54 44.09
N SER H 223 -27.26 -8.40 43.39
CA SER H 223 -27.91 -7.19 43.88
C SER H 223 -29.42 -7.38 44.01
N LEU H 224 -30.02 -8.04 43.01
CA LEU H 224 -31.45 -8.31 43.08
C LEU H 224 -31.78 -9.17 44.30
N PHE H 225 -30.99 -10.22 44.53
CA PHE H 225 -31.18 -11.06 45.71
C PHE H 225 -31.05 -10.24 46.99
N LEU H 226 -30.09 -9.32 47.03
CA LEU H 226 -29.95 -8.45 48.19
C LEU H 226 -31.20 -7.63 48.41
N ASN H 227 -31.78 -7.09 47.34
CA ASN H 227 -33.03 -6.35 47.48
C ASN H 227 -34.14 -7.22 48.05
N ILE H 228 -34.24 -8.46 47.58
CA ILE H 228 -35.22 -9.40 48.14
C ILE H 228 -34.97 -9.57 49.63
N LEU H 229 -33.70 -9.72 50.01
CA LEU H 229 -33.38 -9.83 51.43
C LEU H 229 -33.81 -8.58 52.19
N GLU H 230 -33.65 -7.41 51.58
CA GLU H 230 -34.06 -6.17 52.24
C GLU H 230 -35.55 -6.22 52.54
N MET H 231 -36.34 -6.61 51.55
CA MET H 231 -37.79 -6.68 51.77
C MET H 231 -38.14 -7.69 52.85
N SER H 232 -37.52 -8.88 52.80
CA SER H 232 -37.81 -9.88 53.83
C SER H 232 -37.41 -9.38 55.21
N HIS H 233 -36.24 -8.76 55.32
CA HIS H 233 -35.77 -8.26 56.61
C HIS H 233 -36.72 -7.20 57.16
N LEU H 234 -37.20 -6.31 56.30
CA LEU H 234 -38.22 -5.37 56.75
C LEU H 234 -39.46 -6.10 57.22
N GLY H 235 -39.85 -7.15 56.50
CA GLY H 235 -41.02 -7.91 56.90
C GLY H 235 -40.87 -8.51 58.29
N LEU H 236 -39.70 -9.06 58.58
CA LEU H 236 -39.44 -9.63 59.91
C LEU H 236 -39.59 -8.57 60.99
N GLY I 2 -13.62 16.20 30.44
CA GLY I 2 -13.46 17.54 30.95
C GLY I 2 -13.61 17.62 32.46
N ASP I 3 -13.18 18.73 33.04
CA ASP I 3 -13.19 18.94 34.48
C ASP I 3 -14.33 19.91 34.81
N TRP I 4 -15.34 19.42 35.52
CA TRP I 4 -16.49 20.20 35.93
C TRP I 4 -16.47 20.53 37.42
N SER I 5 -15.32 20.42 38.07
CA SER I 5 -15.26 20.57 39.51
C SER I 5 -15.72 21.95 39.97
N PHE I 6 -15.26 23.00 39.30
CA PHE I 6 -15.62 24.36 39.69
C PHE I 6 -17.12 24.59 39.57
N LEU I 7 -17.69 24.20 38.43
CA LEU I 7 -19.13 24.32 38.23
C LEU I 7 -19.88 23.51 39.26
N GLY I 8 -19.39 22.30 39.53
CA GLY I 8 -20.04 21.47 40.52
C GLY I 8 -20.05 22.12 41.90
N ASN I 9 -18.92 22.74 42.27
CA ASN I 9 -18.84 23.40 43.56
C ASN I 9 -19.87 24.52 43.67
N ILE I 10 -19.95 25.37 42.64
CA ILE I 10 -20.90 26.47 42.71
C ILE I 10 -22.33 25.96 42.74
N LEU I 11 -22.63 24.95 41.91
CA LEU I 11 -23.98 24.38 41.91
C LEU I 11 -24.33 23.78 43.28
N GLU I 12 -23.38 23.09 43.91
CA GLU I 12 -23.60 22.60 45.25
C GLU I 12 -23.90 23.75 46.21
N GLU I 13 -23.19 24.87 46.05
CA GLU I 13 -23.46 26.04 46.88
C GLU I 13 -24.91 26.50 46.71
N VAL I 14 -25.36 26.64 45.46
CA VAL I 14 -26.73 27.08 45.22
C VAL I 14 -27.76 26.07 45.69
N ASN I 15 -27.40 24.79 45.85
CA ASN I 15 -28.39 23.84 46.35
C ASN I 15 -28.94 24.27 47.70
N GLU I 16 -28.09 24.78 48.59
CA GLU I 16 -28.54 25.15 49.92
C GLU I 16 -29.68 26.17 49.86
N HIS I 17 -29.59 27.14 48.95
CA HIS I 17 -30.56 28.21 48.84
C HIS I 17 -31.57 27.97 47.73
N SER I 18 -31.82 26.72 47.37
CA SER I 18 -32.73 26.38 46.29
C SER I 18 -33.91 25.58 46.81
N THR I 19 -34.98 25.58 46.00
CA THR I 19 -36.18 24.86 46.32
C THR I 19 -35.97 23.36 46.14
N VAL I 20 -36.87 22.57 46.73
CA VAL I 20 -36.78 21.12 46.62
C VAL I 20 -36.77 20.69 45.17
N ILE I 21 -37.68 21.27 44.38
CA ILE I 21 -37.71 20.98 42.95
C ILE I 21 -36.38 21.40 42.33
N GLY I 22 -35.84 22.53 42.76
CA GLY I 22 -34.55 22.97 42.25
C GLY I 22 -33.44 21.99 42.55
N ARG I 23 -33.43 21.43 43.77
CA ARG I 23 -32.43 20.41 44.08
C ARG I 23 -32.59 19.19 43.19
N VAL I 24 -33.84 18.79 42.93
CA VAL I 24 -34.06 17.67 42.02
C VAL I 24 -33.48 17.99 40.65
N TRP I 25 -33.68 19.23 40.20
CA TRP I 25 -33.18 19.66 38.90
C TRP I 25 -31.67 19.59 38.84
N LEU I 26 -30.99 20.08 39.88
CA LEU I 26 -29.54 20.06 39.88
C LEU I 26 -28.99 18.64 39.92
N THR I 27 -29.58 17.77 40.74
CA THR I 27 -29.10 16.38 40.75
C THR I 27 -29.33 15.72 39.40
N VAL I 28 -30.46 16.00 38.75
CA VAL I 28 -30.67 15.50 37.39
C VAL I 28 -29.58 16.00 36.46
N LEU I 29 -29.22 17.28 36.59
CA LEU I 29 -28.18 17.84 35.74
C LEU I 29 -26.87 17.09 35.92
N PHE I 30 -26.48 16.86 37.17
CA PHE I 30 -25.20 16.20 37.42
C PHE I 30 -25.21 14.74 36.98
N ILE I 31 -26.23 14.00 37.38
CA ILE I 31 -26.23 12.56 37.17
C ILE I 31 -26.56 12.19 35.73
N PHE I 32 -27.50 12.88 35.12
CA PHE I 32 -28.03 12.45 33.83
C PHE I 32 -27.54 13.29 32.66
N ARG I 33 -26.75 14.33 32.91
CA ARG I 33 -26.14 15.07 31.82
C ARG I 33 -24.62 15.03 31.89
N ILE I 34 -24.02 15.57 32.95
CA ILE I 34 -22.58 15.64 33.05
C ILE I 34 -21.98 14.23 33.11
N LEU I 35 -22.56 13.39 33.96
CA LEU I 35 -22.04 12.03 34.12
C LEU I 35 -22.23 11.20 32.87
N ILE I 36 -23.33 11.40 32.15
CA ILE I 36 -23.56 10.67 30.91
C ILE I 36 -22.52 11.08 29.86
N LEU I 37 -22.29 12.39 29.72
CA LEU I 37 -21.30 12.84 28.75
C LEU I 37 -19.92 12.30 29.09
N GLY I 38 -19.55 12.35 30.36
CA GLY I 38 -18.24 11.87 30.75
C GLY I 38 -18.06 10.38 30.59
N THR I 39 -18.95 9.60 31.21
CA THR I 39 -18.79 8.16 31.23
C THR I 39 -19.09 7.52 29.88
N ALA I 40 -20.10 8.02 29.17
CA ALA I 40 -20.66 7.29 28.03
C ALA I 40 -20.50 8.03 26.70
N ALA I 41 -21.02 9.26 26.59
CA ALA I 41 -21.19 9.85 25.27
C ALA I 41 -19.85 10.21 24.62
N GLU I 42 -18.90 10.71 25.41
CA GLU I 42 -17.62 11.12 24.84
C GLU I 42 -16.90 9.96 24.18
N PHE I 43 -16.99 8.76 24.76
CA PHE I 43 -16.43 7.58 24.13
C PHE I 43 -17.16 7.23 22.83
N VAL I 44 -18.48 7.41 22.80
CA VAL I 44 -19.24 7.14 21.58
C VAL I 44 -18.76 8.02 20.44
N TRP I 45 -18.65 9.33 20.70
CA TRP I 45 -18.31 10.30 19.69
C TRP I 45 -16.81 10.45 19.50
N GLY I 46 -16.02 9.63 20.17
CA GLY I 46 -14.58 9.81 20.15
C GLY I 46 -13.98 9.66 18.77
N ASP I 47 -14.45 8.69 18.00
CA ASP I 47 -13.92 8.37 16.68
C ASP I 47 -14.83 8.85 15.56
N GLU I 48 -15.46 10.01 15.75
CA GLU I 48 -16.42 10.51 14.78
C GLU I 48 -15.78 10.75 13.42
N GLN I 49 -14.67 11.48 13.38
CA GLN I 49 -14.03 11.81 12.12
C GLN I 49 -13.14 10.69 11.61
N SER I 50 -12.42 10.01 12.53
CA SER I 50 -11.49 8.97 12.10
C SER I 50 -12.20 7.83 11.39
N ASP I 51 -13.34 7.38 11.91
CA ASP I 51 -14.09 6.29 11.29
C ASP I 51 -15.14 6.76 10.29
N PHE I 52 -15.31 8.05 10.12
CA PHE I 52 -16.04 8.57 8.96
C PHE I 52 -15.32 8.18 7.69
N VAL I 53 -16.03 7.48 6.80
CA VAL I 53 -15.44 7.00 5.55
C VAL I 53 -16.33 7.41 4.38
N CYS I 54 -15.70 7.88 3.33
CA CYS I 54 -16.37 8.27 2.09
C CYS I 54 -15.81 7.45 0.94
N ASN I 55 -16.71 7.04 0.04
CA ASN I 55 -16.34 6.21 -1.11
C ASN I 55 -15.80 7.10 -2.22
N THR I 56 -14.53 7.46 -2.11
CA THR I 56 -13.89 8.28 -3.11
C THR I 56 -12.38 8.15 -2.99
N GLN I 57 -11.69 8.53 -4.07
CA GLN I 57 -10.24 8.66 -4.08
C GLN I 57 -9.80 10.11 -4.10
N GLN I 58 -10.67 11.02 -3.71
CA GLN I 58 -10.43 12.44 -3.84
C GLN I 58 -9.89 13.00 -2.54
N PRO I 59 -8.71 13.61 -2.52
CA PRO I 59 -8.22 14.21 -1.28
C PRO I 59 -9.11 15.35 -0.81
N GLY I 60 -9.25 15.46 0.50
CA GLY I 60 -10.03 16.48 1.13
C GLY I 60 -11.53 16.30 1.10
N CYS I 61 -12.05 15.36 0.30
CA CYS I 61 -13.50 15.16 0.27
C CYS I 61 -14.03 14.72 1.63
N GLU I 62 -13.34 13.81 2.31
CA GLU I 62 -13.81 13.34 3.60
C GLU I 62 -13.88 14.47 4.61
N ASN I 63 -12.87 15.34 4.64
CA ASN I 63 -12.87 16.44 5.59
C ASN I 63 -14.04 17.39 5.36
N VAL I 64 -14.23 17.81 4.11
CA VAL I 64 -15.29 18.76 3.81
C VAL I 64 -16.66 18.14 4.05
N CYS I 65 -16.81 16.86 3.69
CA CYS I 65 -18.09 16.19 3.90
C CYS I 65 -18.39 16.00 5.37
N TYR I 66 -17.40 15.59 6.17
CA TYR I 66 -17.64 15.47 7.61
C TYR I 66 -18.03 16.81 8.20
N ASP I 67 -17.33 17.87 7.81
CA ASP I 67 -17.66 19.21 8.30
C ASP I 67 -19.09 19.58 7.93
N GLU I 68 -19.50 19.30 6.70
CA GLU I 68 -20.86 19.64 6.28
C GLU I 68 -21.90 18.81 7.03
N ALA I 69 -21.62 17.52 7.22
CA ALA I 69 -22.55 16.64 7.91
C ALA I 69 -22.68 17.01 9.38
N PHE I 70 -21.57 17.32 10.03
CA PHE I 70 -21.54 17.66 11.44
C PHE I 70 -20.88 19.01 11.61
N PRO I 71 -21.63 20.09 11.41
CA PRO I 71 -21.03 21.42 11.59
C PRO I 71 -20.49 21.61 12.99
N ILE I 72 -21.27 21.23 13.99
CA ILE I 72 -20.83 21.17 15.37
C ILE I 72 -21.08 19.75 15.90
N SER I 73 -20.14 19.17 16.64
CA SER I 73 -20.42 17.85 17.17
C SER I 73 -21.50 17.90 18.25
N HIS I 74 -22.23 16.81 18.40
CA HIS I 74 -23.31 16.73 19.37
C HIS I 74 -22.81 16.93 20.79
N ILE I 75 -21.72 16.26 21.16
CA ILE I 75 -21.23 16.37 22.54
C ILE I 75 -20.87 17.81 22.86
N ARG I 76 -20.29 18.52 21.90
CA ARG I 76 -19.96 19.92 22.11
C ARG I 76 -21.22 20.77 22.34
N LEU I 77 -22.25 20.53 21.53
CA LEU I 77 -23.50 21.25 21.71
C LEU I 77 -24.10 20.99 23.08
N TRP I 78 -23.99 19.75 23.57
CA TRP I 78 -24.50 19.44 24.90
C TRP I 78 -23.68 20.11 26.00
N VAL I 79 -22.37 20.21 25.81
CA VAL I 79 -21.54 20.99 26.72
C VAL I 79 -22.06 22.42 26.82
N LEU I 80 -22.24 23.06 25.68
CA LEU I 80 -22.73 24.44 25.68
C LEU I 80 -24.09 24.54 26.34
N GLN I 81 -24.97 23.57 26.06
CA GLN I 81 -26.29 23.58 26.65
C GLN I 81 -26.22 23.52 28.16
N ILE I 82 -25.37 22.65 28.68
CA ILE I 82 -25.22 22.53 30.13
C ILE I 82 -24.74 23.84 30.72
N ILE I 83 -23.73 24.45 30.10
CA ILE I 83 -23.14 25.66 30.66
C ILE I 83 -24.15 26.80 30.67
N PHE I 84 -24.85 27.01 29.55
CA PHE I 84 -25.80 28.11 29.49
C PHE I 84 -26.96 27.87 30.44
N VAL I 85 -27.42 26.62 30.53
CA VAL I 85 -28.51 26.30 31.45
C VAL I 85 -28.11 26.55 32.89
N SER I 86 -26.88 26.20 33.26
CA SER I 86 -26.41 26.44 34.62
C SER I 86 -26.22 27.91 34.91
N THR I 87 -25.89 28.73 33.91
CA THR I 87 -25.54 30.11 34.19
C THR I 87 -26.60 30.89 34.99
N PRO I 88 -27.90 30.73 34.74
CA PRO I 88 -28.88 31.40 35.60
C PRO I 88 -28.76 31.06 37.07
N SER I 89 -28.50 29.80 37.39
CA SER I 89 -28.28 29.44 38.78
C SER I 89 -27.09 30.18 39.35
N LEU I 90 -26.03 30.34 38.55
CA LEU I 90 -24.88 31.10 38.99
C LEU I 90 -25.25 32.55 39.29
N VAL I 91 -26.06 33.15 38.43
CA VAL I 91 -26.50 34.52 38.67
C VAL I 91 -27.28 34.61 39.98
N TYR I 92 -28.20 33.66 40.18
CA TYR I 92 -29.04 33.68 41.37
C TYR I 92 -28.21 33.52 42.64
N VAL I 93 -27.30 32.55 42.65
CA VAL I 93 -26.48 32.34 43.83
C VAL I 93 -25.59 33.54 44.09
N GLY I 94 -25.08 34.17 43.03
CA GLY I 94 -24.29 35.37 43.21
C GLY I 94 -25.09 36.48 43.86
N HIS I 95 -26.33 36.68 43.40
CA HIS I 95 -27.19 37.69 44.00
C HIS I 95 -27.44 37.39 45.47
N ALA I 96 -27.73 36.12 45.79
CA ALA I 96 -27.98 35.74 47.18
C ALA I 96 -26.76 35.99 48.05
N VAL I 97 -25.58 35.57 47.60
CA VAL I 97 -24.36 35.80 48.36
C VAL I 97 -24.10 37.29 48.54
N HIS I 98 -24.39 38.08 47.51
CA HIS I 98 -24.22 39.53 47.65
C HIS I 98 -25.11 40.05 48.77
N HIS I 99 -26.38 39.64 48.77
CA HIS I 99 -27.28 40.08 49.84
C HIS I 99 -26.76 39.66 51.20
N VAL I 100 -26.26 38.43 51.31
CA VAL I 100 -25.71 37.95 52.58
C VAL I 100 -24.54 38.83 53.01
N ARG I 101 -23.63 39.15 52.10
CA ARG I 101 -22.48 39.97 52.49
C ARG I 101 -22.94 41.35 52.95
N MET I 102 -23.97 41.90 52.30
CA MET I 102 -24.50 43.18 52.73
C MET I 102 -25.10 43.09 54.13
N GLU I 103 -25.85 42.02 54.40
CA GLU I 103 -26.38 41.82 55.74
C GLU I 103 -25.26 41.69 56.77
N GLU I 104 -24.19 40.97 56.41
CA GLU I 104 -23.04 40.87 57.30
C GLU I 104 -22.48 42.26 57.61
N LYS I 105 -22.38 43.11 56.58
CA LYS I 105 -21.92 44.47 56.81
C LYS I 105 -22.85 45.18 57.80
N ARG I 106 -24.16 45.05 57.61
CA ARG I 106 -25.13 45.68 58.49
C ARG I 106 -25.01 45.13 59.90
N LEU I 150 -36.45 33.66 50.62
CA LEU I 150 -36.93 33.73 49.24
C LEU I 150 -38.16 34.63 49.15
N GLU I 151 -37.96 35.93 49.31
CA GLU I 151 -39.06 36.89 49.27
C GLU I 151 -38.63 38.13 48.50
N GLY I 152 -39.65 38.86 48.03
CA GLY I 152 -39.41 40.14 47.38
C GLY I 152 -38.54 40.04 46.16
N THR I 153 -37.55 40.94 46.09
CA THR I 153 -36.69 41.02 44.91
C THR I 153 -35.96 39.71 44.65
N LEU I 154 -35.49 39.06 45.71
CA LEU I 154 -34.80 37.79 45.56
C LEU I 154 -35.69 36.74 44.90
N LEU I 155 -36.95 36.67 45.34
CA LEU I 155 -37.88 35.71 44.75
C LEU I 155 -38.10 36.01 43.26
N ARG I 156 -38.26 37.29 42.92
CA ARG I 156 -38.44 37.65 41.51
C ARG I 156 -37.21 37.26 40.70
N THR I 157 -36.02 37.47 41.24
CA THR I 157 -34.80 37.03 40.57
C THR I 157 -34.80 35.52 40.36
N TYR I 158 -35.25 34.78 41.36
CA TYR I 158 -35.32 33.32 41.24
C TYR I 158 -36.24 32.92 40.09
N VAL I 159 -37.40 33.55 40.02
CA VAL I 159 -38.35 33.24 38.95
C VAL I 159 -37.74 33.61 37.59
N CYS I 160 -37.09 34.76 37.51
CA CYS I 160 -36.45 35.16 36.27
C CYS I 160 -35.41 34.14 35.82
N HIS I 161 -34.63 33.63 36.77
CA HIS I 161 -33.62 32.63 36.43
C HIS I 161 -34.28 31.35 35.93
N ILE I 162 -35.40 30.96 36.54
CA ILE I 162 -36.15 29.82 36.04
C ILE I 162 -36.58 30.05 34.60
N ILE I 163 -37.08 31.25 34.31
CA ILE I 163 -37.53 31.57 32.96
C ILE I 163 -36.37 31.47 31.98
N PHE I 164 -35.22 32.01 32.34
CA PHE I 164 -34.05 31.93 31.46
C PHE I 164 -33.65 30.49 31.22
N LYS I 165 -33.68 29.66 32.26
CA LYS I 165 -33.38 28.24 32.09
C LYS I 165 -34.32 27.60 31.09
N THR I 166 -35.62 27.88 31.23
CA THR I 166 -36.59 27.32 30.29
C THR I 166 -36.31 27.77 28.87
N LEU I 167 -36.04 29.06 28.68
CA LEU I 167 -35.77 29.56 27.34
C LEU I 167 -34.53 28.92 26.73
N PHE I 168 -33.46 28.80 27.50
CA PHE I 168 -32.25 28.20 26.97
C PHE I 168 -32.46 26.74 26.63
N GLU I 169 -33.23 26.03 27.45
CA GLU I 169 -33.48 24.62 27.19
C GLU I 169 -34.27 24.46 25.90
N VAL I 170 -35.34 25.24 25.74
CA VAL I 170 -36.14 25.16 24.52
C VAL I 170 -35.30 25.54 23.31
N GLY I 171 -34.45 26.56 23.47
CA GLY I 171 -33.64 26.99 22.35
C GLY I 171 -32.68 25.91 21.88
N PHE I 172 -32.00 25.27 22.83
CA PHE I 172 -31.07 24.20 22.46
C PHE I 172 -31.80 23.00 21.88
N ILE I 173 -32.97 22.66 22.42
CA ILE I 173 -33.74 21.56 21.85
C ILE I 173 -34.10 21.84 20.40
N VAL I 174 -34.63 23.04 20.14
CA VAL I 174 -35.05 23.39 18.79
C VAL I 174 -33.84 23.44 17.86
N GLY I 175 -32.72 23.99 18.35
CA GLY I 175 -31.53 24.05 17.52
C GLY I 175 -31.03 22.67 17.13
N HIS I 176 -30.94 21.77 18.10
CA HIS I 176 -30.58 20.40 17.78
C HIS I 176 -31.54 19.81 16.77
N TYR I 177 -32.84 20.03 16.95
CA TYR I 177 -33.82 19.43 16.05
C TYR I 177 -33.58 19.90 14.61
N PHE I 178 -33.44 21.21 14.42
CA PHE I 178 -33.23 21.72 13.07
C PHE I 178 -31.88 21.29 12.49
N LEU I 179 -30.84 21.26 13.31
CA LEU I 179 -29.54 20.77 12.84
C LEU I 179 -29.63 19.33 12.36
N TYR I 180 -30.07 18.42 13.23
CA TYR I 180 -29.98 16.98 12.98
C TYR I 180 -31.29 16.21 13.04
N GLY I 181 -32.43 16.87 13.17
CA GLY I 181 -33.57 16.08 13.57
C GLY I 181 -33.27 15.38 14.87
N PHE I 182 -33.70 14.12 14.99
CA PHE I 182 -33.33 13.30 16.13
C PHE I 182 -32.87 11.90 15.73
N ARG I 183 -32.65 11.63 14.45
CA ARG I 183 -32.13 10.36 13.98
C ARG I 183 -30.92 10.60 13.10
N ILE I 184 -29.79 10.01 13.47
CA ILE I 184 -28.57 10.05 12.65
C ILE I 184 -28.61 8.84 11.71
N LEU I 185 -28.72 9.11 10.42
CA LEU I 185 -28.67 8.06 9.43
C LEU I 185 -27.22 7.66 9.14
N PRO I 186 -26.99 6.39 8.77
CA PRO I 186 -25.62 5.98 8.41
C PRO I 186 -25.10 6.62 7.15
N LEU I 187 -25.94 6.81 6.14
CA LEU I 187 -25.52 7.34 4.85
C LEU I 187 -25.68 8.85 4.81
N TYR I 188 -24.59 9.54 4.47
CA TYR I 188 -24.61 10.96 4.14
C TYR I 188 -24.15 11.13 2.71
N ARG I 189 -25.00 11.68 1.85
CA ARG I 189 -24.61 12.00 0.48
C ARG I 189 -24.11 13.44 0.41
N CYS I 190 -22.90 13.60 -0.12
CA CYS I 190 -22.17 14.87 -0.06
C CYS I 190 -21.82 15.34 -1.46
N SER I 191 -22.14 16.61 -1.77
CA SER I 191 -21.80 17.22 -3.03
C SER I 191 -20.91 18.45 -2.88
N ARG I 192 -20.10 18.49 -1.82
CA ARG I 192 -19.31 19.67 -1.50
C ARG I 192 -17.94 19.56 -2.17
N TRP I 193 -17.51 20.67 -2.76
CA TRP I 193 -16.20 20.70 -3.41
C TRP I 193 -15.12 20.47 -2.36
N PRO I 194 -14.09 19.66 -2.66
CA PRO I 194 -13.63 19.09 -3.92
C PRO I 194 -14.23 17.76 -4.37
N CYS I 195 -15.24 17.26 -3.66
CA CYS I 195 -15.82 15.98 -4.04
C CYS I 195 -16.35 16.04 -5.47
N PRO I 196 -16.07 15.04 -6.31
CA PRO I 196 -16.56 15.06 -7.69
C PRO I 196 -17.97 14.47 -7.69
N ASN I 197 -19.04 15.24 -8.01
CA ASN I 197 -20.42 14.72 -8.07
C ASN I 197 -20.92 14.54 -6.62
N VAL I 198 -21.95 13.70 -6.42
CA VAL I 198 -22.37 13.30 -5.07
C VAL I 198 -21.53 12.08 -4.72
N VAL I 199 -21.01 12.03 -3.50
CA VAL I 199 -20.29 10.88 -2.96
C VAL I 199 -21.06 10.33 -1.76
N ASP I 200 -21.00 9.02 -1.60
CA ASP I 200 -21.60 8.34 -0.45
C ASP I 200 -20.58 8.29 0.69
N CYS I 201 -20.97 8.83 1.84
CA CYS I 201 -20.16 8.80 3.05
C CYS I 201 -20.92 8.02 4.11
N PHE I 202 -20.18 7.36 5.00
CA PHE I 202 -20.76 6.50 6.02
C PHE I 202 -20.33 6.93 7.42
N VAL I 203 -21.31 7.18 8.25
CA VAL I 203 -21.12 7.62 9.63
C VAL I 203 -20.80 6.46 10.53
N SER I 204 -20.00 6.74 11.57
CA SER I 204 -19.71 5.77 12.62
C SER I 204 -20.76 5.76 13.71
N ARG I 205 -21.10 4.56 14.16
CA ARG I 205 -21.97 4.34 15.32
C ARG I 205 -23.29 5.11 15.27
N PRO I 206 -23.98 5.14 14.13
CA PRO I 206 -25.20 5.96 14.06
C PRO I 206 -26.29 5.55 15.04
N THR I 207 -26.49 4.25 15.26
CA THR I 207 -27.55 3.80 16.16
C THR I 207 -27.31 4.23 17.60
N GLU I 208 -26.09 4.03 18.10
CA GLU I 208 -25.78 4.42 19.46
C GLU I 208 -25.92 5.92 19.65
N LYS I 209 -25.46 6.69 18.66
CA LYS I 209 -25.62 8.13 18.70
C LYS I 209 -27.09 8.54 18.72
N THR I 210 -27.93 7.85 17.94
CA THR I 210 -29.36 8.11 18.00
C THR I 210 -29.91 7.82 19.39
N ILE I 211 -29.47 6.73 20.00
CA ILE I 211 -29.95 6.37 21.32
C ILE I 211 -29.60 7.45 22.32
N PHE I 212 -28.38 7.96 22.27
CA PHE I 212 -27.97 8.98 23.23
C PHE I 212 -28.60 10.34 22.92
N ILE I 213 -28.77 10.67 21.65
CA ILE I 213 -29.51 11.86 21.27
C ILE I 213 -30.88 11.84 21.92
N LEU I 214 -31.62 10.74 21.76
CA LEU I 214 -32.95 10.65 22.32
C LEU I 214 -32.92 10.67 23.85
N PHE I 215 -31.92 10.03 24.45
CA PHE I 215 -31.79 10.05 25.90
C PHE I 215 -31.63 11.47 26.42
N MET I 216 -30.73 12.24 25.80
CA MET I 216 -30.50 13.60 26.24
C MET I 216 -31.70 14.49 25.97
N LEU I 217 -32.40 14.27 24.86
CA LEU I 217 -33.63 15.00 24.60
C LEU I 217 -34.66 14.74 25.71
N SER I 218 -34.80 13.48 26.10
CA SER I 218 -35.70 13.14 27.20
C SER I 218 -35.28 13.84 28.49
N VAL I 219 -33.99 13.84 28.79
CA VAL I 219 -33.51 14.50 30.01
C VAL I 219 -33.83 15.99 29.97
N ALA I 220 -33.62 16.62 28.84
CA ALA I 220 -33.92 18.04 28.71
C ALA I 220 -35.42 18.31 28.90
N SER I 221 -36.27 17.45 28.33
CA SER I 221 -37.71 17.60 28.51
C SER I 221 -38.08 17.44 29.98
N VAL I 222 -37.46 16.48 30.66
CA VAL I 222 -37.71 16.28 32.08
C VAL I 222 -37.33 17.52 32.87
N SER I 223 -36.17 18.09 32.57
CA SER I 223 -35.74 19.30 33.27
C SER I 223 -36.70 20.46 33.03
N LEU I 224 -37.17 20.60 31.79
CA LEU I 224 -38.15 21.64 31.48
C LEU I 224 -39.41 21.44 32.30
N PHE I 225 -39.91 20.21 32.36
CA PHE I 225 -41.08 19.91 33.17
C PHE I 225 -40.84 20.24 34.63
N LEU I 226 -39.65 19.95 35.14
CA LEU I 226 -39.31 20.31 36.51
C LEU I 226 -39.39 21.81 36.71
N ASN I 227 -38.90 22.59 35.76
CA ASN I 227 -39.01 24.05 35.86
C ASN I 227 -40.47 24.48 35.91
N ILE I 228 -41.31 23.88 35.08
CA ILE I 228 -42.74 24.19 35.13
C ILE I 228 -43.29 23.88 36.52
N LEU I 229 -42.89 22.74 37.08
CA LEU I 229 -43.32 22.41 38.44
C LEU I 229 -42.83 23.45 39.44
N GLU I 230 -41.62 23.97 39.25
CA GLU I 230 -41.12 25.00 40.16
C GLU I 230 -42.03 26.21 40.13
N MET I 231 -42.39 26.66 38.93
CA MET I 231 -43.25 27.83 38.83
C MET I 231 -44.61 27.56 39.46
N SER I 232 -45.20 26.40 39.18
CA SER I 232 -46.49 26.08 39.78
C SER I 232 -46.41 26.02 41.30
N HIS I 233 -45.36 25.38 41.83
CA HIS I 233 -45.18 25.27 43.27
C HIS I 233 -45.05 26.64 43.91
N LEU I 234 -44.29 27.54 43.29
CA LEU I 234 -44.25 28.91 43.78
C LEU I 234 -45.62 29.55 43.75
N GLY I 235 -46.39 29.29 42.69
CA GLY I 235 -47.73 29.85 42.60
C GLY I 235 -48.61 29.39 43.76
N LEU I 236 -48.54 28.11 44.10
CA LEU I 236 -49.32 27.57 45.21
C LEU I 236 -48.96 28.29 46.51
N GLY J 2 -5.33 20.29 30.56
CA GLY J 2 -4.39 20.90 31.47
C GLY J 2 -4.95 21.08 32.87
N ASP J 3 -4.07 21.32 33.84
CA ASP J 3 -4.44 21.45 35.24
C ASP J 3 -4.38 22.93 35.62
N TRP J 4 -5.55 23.50 35.93
CA TRP J 4 -5.67 24.90 36.32
C TRP J 4 -5.94 25.07 37.81
N SER J 5 -5.67 24.04 38.61
CA SER J 5 -6.04 24.07 40.02
C SER J 5 -5.37 25.22 40.76
N PHE J 6 -4.08 25.43 40.54
CA PHE J 6 -3.35 26.46 41.25
C PHE J 6 -3.89 27.85 40.90
N LEU J 7 -4.07 28.11 39.61
CA LEU J 7 -4.65 29.37 39.17
C LEU J 7 -6.04 29.54 39.75
N GLY J 8 -6.83 28.48 39.73
CA GLY J 8 -8.17 28.56 40.28
C GLY J 8 -8.16 28.91 41.76
N ASN J 9 -7.23 28.33 42.51
CA ASN J 9 -7.14 28.62 43.93
C ASN J 9 -6.84 30.10 44.17
N ILE J 10 -5.84 30.63 43.45
CA ILE J 10 -5.50 32.03 43.65
C ILE J 10 -6.65 32.95 43.24
N LEU J 11 -7.30 32.64 42.11
CA LEU J 11 -8.43 33.44 41.67
C LEU J 11 -9.56 33.41 42.70
N GLU J 12 -9.83 32.23 43.27
CA GLU J 12 -10.81 32.15 44.33
C GLU J 12 -10.41 33.03 45.51
N GLU J 13 -9.13 33.06 45.83
CA GLU J 13 -8.66 33.93 46.91
C GLU J 13 -8.98 35.39 46.60
N VAL J 14 -8.65 35.84 45.39
CA VAL J 14 -8.92 37.23 45.02
C VAL J 14 -10.41 37.54 44.95
N ASN J 15 -11.27 36.53 44.79
CA ASN J 15 -12.71 36.83 44.78
C ASN J 15 -13.15 37.53 46.05
N GLU J 16 -12.63 37.09 47.20
CA GLU J 16 -13.05 37.68 48.47
C GLU J 16 -12.83 39.18 48.50
N HIS J 17 -11.70 39.65 47.95
CA HIS J 17 -11.32 41.05 47.98
C HIS J 17 -11.63 41.77 46.66
N SER J 18 -12.61 41.28 45.91
CA SER J 18 -12.94 41.85 44.62
C SER J 18 -14.36 42.40 44.63
N THR J 19 -14.62 43.28 43.66
CA THR J 19 -15.93 43.89 43.51
C THR J 19 -16.91 42.88 42.93
N VAL J 20 -18.19 43.20 43.07
CA VAL J 20 -19.25 42.31 42.56
C VAL J 20 -19.06 42.09 41.07
N ILE J 21 -18.79 43.16 40.33
CA ILE J 21 -18.51 43.02 38.90
C ILE J 21 -17.28 42.14 38.71
N GLY J 22 -16.28 42.32 39.56
CA GLY J 22 -15.09 41.48 39.47
C GLY J 22 -15.39 40.01 39.67
N ARG J 23 -16.25 39.70 40.64
CA ARG J 23 -16.64 38.30 40.83
C ARG J 23 -17.36 37.77 39.60
N VAL J 24 -18.21 38.58 38.99
CA VAL J 24 -18.88 38.14 37.76
C VAL J 24 -17.83 37.85 36.69
N TRP J 25 -16.81 38.70 36.61
CA TRP J 25 -15.76 38.51 35.62
C TRP J 25 -15.02 37.21 35.85
N LEU J 26 -14.66 36.92 37.10
CA LEU J 26 -13.92 35.70 37.38
C LEU J 26 -14.76 34.45 37.09
N THR J 27 -16.03 34.46 37.49
CA THR J 27 -16.87 33.30 37.18
C THR J 27 -17.01 33.13 35.67
N VAL J 28 -17.15 34.23 34.92
CA VAL J 28 -17.16 34.12 33.46
C VAL J 28 -15.88 33.49 32.97
N LEU J 29 -14.74 33.90 33.54
CA LEU J 29 -13.46 33.34 33.12
C LEU J 29 -13.43 31.83 33.33
N PHE J 30 -13.86 31.38 34.50
CA PHE J 30 -13.81 29.95 34.79
C PHE J 30 -14.78 29.16 33.94
N ILE J 31 -16.04 29.60 33.88
CA ILE J 31 -17.08 28.80 33.26
C ILE J 31 -17.03 28.87 31.74
N PHE J 32 -16.75 30.05 31.18
CA PHE J 32 -16.89 30.24 29.75
C PHE J 32 -15.57 30.29 29.00
N ARG J 33 -14.44 30.21 29.70
CA ARG J 33 -13.15 30.11 29.03
C ARG J 33 -12.43 28.83 29.39
N ILE J 34 -12.09 28.63 30.66
CA ILE J 34 -11.32 27.45 31.05
C ILE J 34 -12.14 26.18 30.81
N LEU J 35 -13.40 26.20 31.23
CA LEU J 35 -14.24 25.02 31.08
C LEU J 35 -14.54 24.72 29.63
N ILE J 36 -14.68 25.74 28.80
CA ILE J 36 -14.92 25.53 27.38
C ILE J 36 -13.70 24.90 26.73
N LEU J 37 -12.52 25.42 27.03
CA LEU J 37 -11.30 24.85 26.46
C LEU J 37 -11.13 23.40 26.88
N GLY J 38 -11.37 23.12 28.16
CA GLY J 38 -11.19 21.76 28.64
C GLY J 38 -12.21 20.79 28.08
N THR J 39 -13.49 21.11 28.25
CA THR J 39 -14.54 20.17 27.87
C THR J 39 -14.70 20.07 26.36
N ALA J 40 -14.60 21.19 25.64
CA ALA J 40 -15.03 21.25 24.25
C ALA J 40 -13.89 21.53 23.27
N ALA J 41 -13.17 22.63 23.43
CA ALA J 41 -12.31 23.10 22.34
C ALA J 41 -11.12 22.18 22.11
N GLU J 42 -10.53 21.67 23.18
CA GLU J 42 -9.34 20.84 23.02
C GLU J 42 -9.64 19.59 22.20
N PHE J 43 -10.82 19.00 22.37
CA PHE J 43 -11.23 17.88 21.53
C PHE J 43 -11.41 18.31 20.07
N VAL J 44 -11.94 19.51 19.84
CA VAL J 44 -12.10 19.99 18.47
C VAL J 44 -10.76 20.07 17.77
N TRP J 45 -9.78 20.70 18.42
CA TRP J 45 -8.49 20.96 17.83
C TRP J 45 -7.53 19.79 18.00
N GLY J 46 -8.01 18.67 18.54
CA GLY J 46 -7.11 17.58 18.86
C GLY J 46 -6.42 16.99 17.64
N ASP J 47 -7.15 16.85 16.54
CA ASP J 47 -6.64 16.23 15.32
C ASP J 47 -6.34 17.25 14.24
N GLU J 48 -5.82 18.41 14.64
CA GLU J 48 -5.59 19.49 13.69
C GLU J 48 -4.58 19.09 12.62
N GLN J 49 -3.43 18.56 13.02
CA GLN J 49 -2.39 18.22 12.07
C GLN J 49 -2.62 16.85 11.44
N SER J 50 -3.10 15.89 12.23
CA SER J 50 -3.28 14.53 11.71
C SER J 50 -4.28 14.50 10.55
N ASP J 51 -5.40 15.19 10.69
CA ASP J 51 -6.41 15.21 9.63
C ASP J 51 -6.23 16.35 8.63
N PHE J 52 -5.25 17.21 8.82
CA PHE J 52 -4.81 18.11 7.76
C PHE J 52 -4.28 17.29 6.59
N VAL J 53 -4.86 17.49 5.41
CA VAL J 53 -4.50 16.74 4.21
C VAL J 53 -4.22 17.71 3.08
N CYS J 54 -3.14 17.44 2.36
CA CYS J 54 -2.74 18.22 1.19
C CYS J 54 -2.69 17.30 -0.02
N ASN J 55 -3.13 17.82 -1.17
CA ASN J 55 -3.18 17.05 -2.41
C ASN J 55 -1.81 17.10 -3.08
N THR J 56 -0.92 16.24 -2.61
CA THR J 56 0.41 16.16 -3.18
C THR J 56 1.04 14.82 -2.80
N GLN J 57 2.08 14.45 -3.56
CA GLN J 57 2.93 13.32 -3.24
C GLN J 57 4.30 13.75 -2.74
N GLN J 58 4.42 14.98 -2.27
CA GLN J 58 5.69 15.57 -1.93
C GLN J 58 5.94 15.43 -0.44
N PRO J 59 7.01 14.78 0.00
CA PRO J 59 7.29 14.70 1.43
C PRO J 59 7.54 16.07 2.04
N GLY J 60 7.09 16.23 3.27
CA GLY J 60 7.26 17.47 4.00
C GLY J 60 6.36 18.61 3.62
N CYS J 61 5.65 18.53 2.50
CA CYS J 61 4.76 19.61 2.12
C CYS J 61 3.65 19.82 3.15
N GLU J 62 3.05 18.74 3.65
CA GLU J 62 1.98 18.88 4.62
C GLU J 62 2.46 19.56 5.89
N ASN J 63 3.64 19.20 6.37
CA ASN J 63 4.16 19.81 7.59
C ASN J 63 4.38 21.30 7.43
N VAL J 64 5.06 21.70 6.35
CA VAL J 64 5.36 23.11 6.15
C VAL J 64 4.09 23.90 5.92
N CYS J 65 3.15 23.32 5.17
CA CYS J 65 1.89 24.02 4.91
C CYS J 65 1.04 24.16 6.16
N TYR J 66 0.96 23.11 6.98
CA TYR J 66 0.23 23.25 8.24
C TYR J 66 0.87 24.31 9.12
N ASP J 67 2.19 24.31 9.21
CA ASP J 67 2.87 25.32 10.00
C ASP J 67 2.57 26.73 9.49
N GLU J 68 2.58 26.92 8.17
CA GLU J 68 2.29 28.24 7.62
C GLU J 68 0.84 28.64 7.86
N ALA J 69 -0.09 27.70 7.71
CA ALA J 69 -1.50 27.99 7.90
C ALA J 69 -1.81 28.30 9.36
N PHE J 70 -1.22 27.54 10.28
CA PHE J 70 -1.46 27.71 11.70
C PHE J 70 -0.12 27.90 12.40
N PRO J 71 0.41 29.13 12.39
CA PRO J 71 1.68 29.36 13.07
C PRO J 71 1.61 29.01 14.54
N ILE J 72 0.55 29.46 15.20
CA ILE J 72 0.23 29.04 16.56
C ILE J 72 -1.19 28.47 16.58
N SER J 73 -1.42 27.38 17.28
CA SER J 73 -2.79 26.87 17.33
C SER J 73 -3.68 27.81 18.14
N HIS J 74 -4.97 27.81 17.80
CA HIS J 74 -5.94 28.68 18.47
C HIS J 74 -6.04 28.37 19.96
N ILE J 75 -6.13 27.09 20.32
CA ILE J 75 -6.29 26.74 21.73
C ILE J 75 -5.09 27.23 22.53
N ARG J 76 -3.90 27.14 21.97
CA ARG J 76 -2.71 27.64 22.65
C ARG J 76 -2.79 29.15 22.87
N LEU J 77 -3.21 29.88 21.84
CA LEU J 77 -3.35 31.32 21.97
C LEU J 77 -4.37 31.68 23.05
N TRP J 78 -5.45 30.90 23.17
CA TRP J 78 -6.43 31.16 24.21
C TRP J 78 -5.87 30.85 25.60
N VAL J 79 -5.05 29.81 25.71
CA VAL J 79 -4.35 29.54 26.96
C VAL J 79 -3.54 30.76 27.38
N LEU J 80 -2.72 31.27 26.47
CA LEU J 80 -1.90 32.44 26.79
C LEU J 80 -2.77 33.63 27.16
N GLN J 81 -3.88 33.82 26.43
CA GLN J 81 -4.76 34.93 26.72
C GLN J 81 -5.30 34.84 28.14
N ILE J 82 -5.73 33.65 28.53
CA ILE J 82 -6.28 33.47 29.87
C ILE J 82 -5.22 33.79 30.91
N ILE J 83 -4.00 33.28 30.71
CA ILE J 83 -2.95 33.46 31.72
C ILE J 83 -2.59 34.93 31.87
N PHE J 84 -2.38 35.62 30.75
CA PHE J 84 -2.00 37.02 30.83
C PHE J 84 -3.13 37.86 31.42
N VAL J 85 -4.37 37.56 31.03
CA VAL J 85 -5.51 38.29 31.58
C VAL J 85 -5.62 38.08 33.08
N SER J 86 -5.40 36.87 33.56
CA SER J 86 -5.46 36.61 34.99
C SER J 86 -4.31 37.27 35.75
N THR J 87 -3.15 37.44 35.13
CA THR J 87 -1.99 37.92 35.88
C THR J 87 -2.22 39.22 36.64
N PRO J 88 -2.93 40.22 36.10
CA PRO J 88 -3.21 41.41 36.91
C PRO J 88 -3.94 41.13 38.21
N SER J 89 -4.91 40.21 38.18
CA SER J 89 -5.59 39.83 39.41
C SER J 89 -4.59 39.24 40.40
N LEU J 90 -3.64 38.45 39.91
CA LEU J 90 -2.61 37.90 40.78
C LEU J 90 -1.79 39.01 41.42
N VAL J 91 -1.42 40.03 40.64
CA VAL J 91 -0.66 41.14 41.19
C VAL J 91 -1.47 41.84 42.27
N TYR J 92 -2.75 42.08 42.00
CA TYR J 92 -3.60 42.80 42.94
C TYR J 92 -3.75 42.02 44.25
N VAL J 93 -4.04 40.72 44.15
CA VAL J 93 -4.21 39.92 45.35
C VAL J 93 -2.90 39.85 46.12
N GLY J 94 -1.78 39.77 45.43
CA GLY J 94 -0.50 39.77 46.11
C GLY J 94 -0.28 41.06 46.89
N HIS J 95 -0.60 42.19 46.28
CA HIS J 95 -0.47 43.47 46.97
C HIS J 95 -1.37 43.51 48.21
N ALA J 96 -2.61 43.05 48.07
CA ALA J 96 -3.54 43.05 49.20
C ALA J 96 -3.03 42.17 50.33
N VAL J 97 -2.59 40.96 50.01
CA VAL J 97 -2.05 40.06 51.03
C VAL J 97 -0.82 40.67 51.70
N HIS J 98 0.02 41.34 50.92
CA HIS J 98 1.18 42.01 51.52
C HIS J 98 0.73 43.04 52.54
N HIS J 99 -0.24 43.87 52.17
CA HIS J 99 -0.75 44.86 53.12
C HIS J 99 -1.30 44.19 54.37
N VAL J 100 -2.04 43.10 54.19
CA VAL J 100 -2.58 42.38 55.34
C VAL J 100 -1.46 41.89 56.25
N ARG J 101 -0.40 41.30 55.67
CA ARG J 101 0.68 40.80 56.50
C ARG J 101 1.35 41.94 57.26
N MET J 102 1.49 43.10 56.61
CA MET J 102 2.06 44.26 57.30
C MET J 102 1.17 44.69 58.45
N GLU J 103 -0.14 44.74 58.24
CA GLU J 103 -1.06 45.07 59.33
C GLU J 103 -0.94 44.07 60.47
N GLU J 104 -0.83 42.78 60.13
CA GLU J 104 -0.63 41.77 61.16
C GLU J 104 0.63 42.06 61.97
N LYS J 105 1.70 42.45 61.28
CA LYS J 105 2.92 42.82 62.00
C LYS J 105 2.64 43.98 62.96
N ARG J 106 1.93 45.00 62.48
CA ARG J 106 1.60 46.16 63.29
C ARG J 106 0.73 45.75 64.47
N LEU J 150 -10.75 48.97 50.11
CA LEU J 150 -10.45 49.41 48.74
C LEU J 150 -10.35 50.93 48.69
N GLU J 151 -9.29 51.48 49.26
CA GLU J 151 -9.10 52.93 49.29
C GLU J 151 -7.63 53.25 49.03
N GLY J 152 -7.42 54.50 48.62
CA GLY J 152 -6.07 55.02 48.43
C GLY J 152 -5.25 54.23 47.44
N THR J 153 -4.02 53.90 47.84
CA THR J 153 -3.10 53.23 46.93
C THR J 153 -3.65 51.90 46.44
N LEU J 154 -4.30 51.15 47.33
CA LEU J 154 -4.87 49.87 46.95
C LEU J 154 -5.91 50.04 45.85
N LEU J 155 -6.78 51.05 45.98
CA LEU J 155 -7.78 51.30 44.96
C LEU J 155 -7.13 51.64 43.61
N ARG J 156 -6.09 52.48 43.65
CA ARG J 156 -5.40 52.83 42.41
C ARG J 156 -4.78 51.59 41.77
N THR J 157 -4.19 50.70 42.58
CA THR J 157 -3.66 49.45 42.06
C THR J 157 -4.76 48.62 41.42
N TYR J 158 -5.93 48.58 42.04
CA TYR J 158 -7.06 47.84 41.47
C TYR J 158 -7.44 48.38 40.10
N VAL J 159 -7.52 49.71 39.99
CA VAL J 159 -7.87 50.32 38.71
C VAL J 159 -6.79 50.02 37.68
N CYS J 160 -5.52 50.11 38.07
CA CYS J 160 -4.42 49.80 37.16
C CYS J 160 -4.53 48.37 36.65
N HIS J 161 -4.87 47.43 37.53
CA HIS J 161 -5.00 46.04 37.12
C HIS J 161 -6.16 45.89 36.14
N ILE J 162 -7.25 46.61 36.36
CA ILE J 162 -8.35 46.59 35.41
C ILE J 162 -7.88 47.08 34.05
N ILE J 163 -7.10 48.16 34.04
CA ILE J 163 -6.60 48.72 32.78
C ILE J 163 -5.73 47.70 32.07
N PHE J 164 -4.84 47.03 32.80
CA PHE J 164 -3.98 46.02 32.18
C PHE J 164 -4.82 44.88 31.60
N LYS J 165 -5.85 44.45 32.32
CA LYS J 165 -6.73 43.42 31.79
C LYS J 165 -7.36 43.85 30.49
N THR J 166 -7.85 45.09 30.44
CA THR J 166 -8.46 45.59 29.21
C THR J 166 -7.46 45.61 28.06
N LEU J 167 -6.24 46.09 28.33
CA LEU J 167 -5.23 46.15 27.28
C LEU J 167 -4.88 44.75 26.77
N PHE J 168 -4.69 43.80 27.67
CA PHE J 168 -4.34 42.46 27.23
C PHE J 168 -5.47 41.82 26.43
N GLU J 169 -6.71 42.07 26.84
CA GLU J 169 -7.84 41.50 26.11
C GLU J 169 -7.92 42.08 24.71
N VAL J 170 -7.80 43.40 24.59
CA VAL J 170 -7.83 44.02 23.27
C VAL J 170 -6.67 43.54 22.42
N GLY J 171 -5.50 43.39 23.03
CA GLY J 171 -4.35 42.94 22.28
C GLY J 171 -4.52 41.55 21.71
N PHE J 172 -5.01 40.63 22.54
CA PHE J 172 -5.22 39.27 22.06
C PHE J 172 -6.33 39.22 21.01
N ILE J 173 -7.39 40.01 21.18
CA ILE J 173 -8.44 40.03 20.16
C ILE J 173 -7.88 40.49 18.83
N VAL J 174 -7.14 41.60 18.83
CA VAL J 174 -6.59 42.14 17.60
C VAL J 174 -5.59 41.16 16.98
N GLY J 175 -4.78 40.52 17.83
CA GLY J 175 -3.81 39.57 17.31
C GLY J 175 -4.48 38.39 16.63
N HIS J 176 -5.49 37.82 17.29
CA HIS J 176 -6.26 36.76 16.65
C HIS J 176 -6.85 37.24 15.33
N TYR J 177 -7.41 38.44 15.31
CA TYR J 177 -8.04 38.93 14.10
C TYR J 177 -7.05 38.99 12.94
N PHE J 178 -5.89 39.58 13.19
CA PHE J 178 -4.90 39.70 12.12
C PHE J 178 -4.34 38.34 11.71
N LEU J 179 -4.11 37.45 12.69
CA LEU J 179 -3.65 36.10 12.36
C LEU J 179 -4.65 35.37 11.46
N TYR J 180 -5.91 35.25 11.91
CA TYR J 180 -6.88 34.37 11.26
C TYR J 180 -8.17 35.04 10.83
N GLY J 181 -8.30 36.35 10.92
CA GLY J 181 -9.65 36.88 10.83
C GLY J 181 -10.50 36.23 11.90
N PHE J 182 -11.74 35.90 11.54
CA PHE J 182 -12.60 35.13 12.44
C PHE J 182 -13.32 33.98 11.73
N ARG J 183 -12.94 33.65 10.50
CA ARG J 183 -13.50 32.51 9.79
C ARG J 183 -12.38 31.63 9.28
N ILE J 184 -12.38 30.36 9.67
CA ILE J 184 -11.44 29.37 9.15
C ILE J 184 -12.05 28.74 7.91
N LEU J 185 -11.44 28.98 6.76
CA LEU J 185 -11.88 28.36 5.53
C LEU J 185 -11.34 26.93 5.43
N PRO J 186 -12.08 26.04 4.75
CA PRO J 186 -11.56 24.68 4.57
C PRO J 186 -10.34 24.58 3.69
N LEU J 187 -10.26 25.40 2.63
CA LEU J 187 -9.17 25.33 1.67
C LEU J 187 -8.06 26.30 2.05
N TYR J 188 -6.84 25.77 2.16
CA TYR J 188 -5.63 26.58 2.27
C TYR J 188 -4.74 26.28 1.08
N ARG J 189 -4.44 27.30 0.28
CA ARG J 189 -3.50 27.15 -0.83
C ARG J 189 -2.10 27.53 -0.37
N CYS J 190 -1.16 26.61 -0.57
CA CYS J 190 0.18 26.69 0.00
C CYS J 190 1.23 26.67 -1.10
N SER J 191 2.16 27.63 -1.06
CA SER J 191 3.27 27.69 -1.99
C SER J 191 4.63 27.63 -1.30
N ARG J 192 4.70 26.97 -0.14
CA ARG J 192 5.91 26.95 0.67
C ARG J 192 6.77 25.76 0.28
N TRP J 193 8.07 26.01 0.15
CA TRP J 193 8.99 24.94 -0.19
C TRP J 193 8.99 23.90 0.93
N PRO J 194 9.00 22.60 0.62
CA PRO J 194 9.24 21.89 -0.64
C PRO J 194 8.06 21.68 -1.58
N CYS J 195 6.90 22.24 -1.27
CA CYS J 195 5.75 22.01 -2.11
C CYS J 195 6.03 22.49 -3.54
N PRO J 196 5.70 21.70 -4.57
CA PRO J 196 5.96 22.12 -5.95
C PRO J 196 4.78 22.98 -6.40
N ASN J 197 4.95 24.29 -6.68
CA ASN J 197 3.85 25.15 -7.16
C ASN J 197 2.92 25.47 -5.96
N VAL J 198 1.68 25.87 -6.24
CA VAL J 198 0.64 26.00 -5.18
C VAL J 198 0.01 24.63 -5.05
N VAL J 199 -0.20 24.16 -3.82
CA VAL J 199 -0.92 22.93 -3.52
C VAL J 199 -2.17 23.26 -2.72
N ASP J 200 -3.22 22.49 -2.95
CA ASP J 200 -4.46 22.61 -2.20
C ASP J 200 -4.39 21.75 -0.95
N CYS J 201 -4.59 22.36 0.21
CA CYS J 201 -4.63 21.68 1.49
C CYS J 201 -6.00 21.87 2.10
N PHE J 202 -6.45 20.89 2.87
CA PHE J 202 -7.79 20.90 3.46
C PHE J 202 -7.74 20.77 4.97
N VAL J 203 -8.35 21.74 5.63
CA VAL J 203 -8.40 21.83 7.08
C VAL J 203 -9.46 20.91 7.64
N SER J 204 -9.21 20.40 8.85
CA SER J 204 -10.19 19.61 9.60
C SER J 204 -11.12 20.50 10.41
N ARG J 205 -12.40 20.12 10.40
CA ARG J 205 -13.44 20.72 11.25
C ARG J 205 -13.49 22.25 11.17
N PRO J 206 -13.43 22.83 9.98
CA PRO J 206 -13.39 24.30 9.92
C PRO J 206 -14.62 24.99 10.50
N THR J 207 -15.81 24.43 10.27
CA THR J 207 -17.04 25.07 10.76
C THR J 207 -17.09 25.11 12.28
N GLU J 208 -16.80 23.98 12.93
CA GLU J 208 -16.82 23.93 14.38
C GLU J 208 -15.80 24.88 14.98
N LYS J 209 -14.61 24.93 14.37
CA LYS J 209 -13.58 25.85 14.81
C LYS J 209 -14.02 27.30 14.66
N THR J 210 -14.71 27.62 13.57
CA THR J 210 -15.27 28.96 13.41
C THR J 210 -16.28 29.27 14.51
N ILE J 211 -17.13 28.29 14.84
CA ILE J 211 -18.12 28.49 15.88
C ILE J 211 -17.46 28.81 17.20
N PHE J 212 -16.41 28.05 17.55
CA PHE J 212 -15.76 28.28 18.83
C PHE J 212 -14.92 29.56 18.82
N ILE J 213 -14.29 29.88 17.70
CA ILE J 213 -13.61 31.15 17.56
C ILE J 213 -14.56 32.29 17.89
N LEU J 214 -15.73 32.29 17.26
CA LEU J 214 -16.69 33.36 17.50
C LEU J 214 -17.21 33.34 18.93
N PHE J 215 -17.41 32.16 19.50
CA PHE J 215 -17.86 32.06 20.88
C PHE J 215 -16.85 32.70 21.83
N MET J 216 -15.57 32.38 21.65
CA MET J 216 -14.54 32.94 22.52
C MET J 216 -14.37 34.44 22.29
N LEU J 217 -14.50 34.89 21.06
CA LEU J 217 -14.48 36.32 20.79
C LEU J 217 -15.61 37.03 21.54
N SER J 218 -16.81 36.46 21.51
CA SER J 218 -17.92 37.02 22.26
C SER J 218 -17.63 37.06 23.75
N VAL J 219 -17.07 35.98 24.29
CA VAL J 219 -16.76 35.95 25.71
C VAL J 219 -15.74 37.03 26.06
N ALA J 220 -14.73 37.21 25.23
CA ALA J 220 -13.73 38.25 25.48
C ALA J 220 -14.37 39.64 25.44
N SER J 221 -15.26 39.87 24.48
CA SER J 221 -15.95 41.16 24.41
C SER J 221 -16.81 41.38 25.66
N VAL J 222 -17.48 40.33 26.14
CA VAL J 222 -18.28 40.43 27.35
C VAL J 222 -17.39 40.81 28.53
N SER J 223 -16.24 40.14 28.65
CA SER J 223 -15.33 40.45 29.75
C SER J 223 -14.84 41.89 29.69
N LEU J 224 -14.53 42.36 28.48
CA LEU J 224 -14.11 43.75 28.31
C LEU J 224 -15.21 44.70 28.76
N PHE J 225 -16.45 44.43 28.35
CA PHE J 225 -17.58 45.24 28.78
C PHE J 225 -17.72 45.23 30.29
N LEU J 226 -17.51 44.07 30.92
CA LEU J 226 -17.54 43.99 32.37
C LEU J 226 -16.50 44.89 32.99
N ASN J 227 -15.29 44.90 32.44
CA ASN J 227 -14.25 45.80 32.95
C ASN J 227 -14.68 47.26 32.84
N ILE J 228 -15.28 47.63 31.71
CA ILE J 228 -15.80 48.99 31.57
C ILE J 228 -16.82 49.28 32.66
N LEU J 229 -17.71 48.31 32.93
CA LEU J 229 -18.67 48.49 34.01
C LEU J 229 -17.97 48.66 35.35
N GLU J 230 -16.87 47.93 35.57
CA GLU J 230 -16.15 48.08 36.82
C GLU J 230 -15.65 49.51 36.98
N MET J 231 -15.05 50.06 35.92
CA MET J 231 -14.55 51.43 36.00
C MET J 231 -15.70 52.41 36.25
N SER J 232 -16.81 52.26 35.52
CA SER J 232 -17.93 53.16 35.73
C SER J 232 -18.48 53.05 37.15
N HIS J 233 -18.62 51.83 37.65
CA HIS J 233 -19.14 51.62 39.01
C HIS J 233 -18.23 52.27 40.03
N LEU J 234 -16.92 52.13 39.87
CA LEU J 234 -16.01 52.84 40.75
C LEU J 234 -16.22 54.35 40.65
N GLY J 235 -16.42 54.85 39.43
CA GLY J 235 -16.65 56.27 39.25
C GLY J 235 -17.87 56.76 40.01
N LEU J 236 -18.96 55.99 39.96
CA LEU J 236 -20.18 56.35 40.68
C LEU J 236 -19.90 56.44 42.18
N GLY K 2 2.07 15.64 33.54
CA GLY K 2 2.71 15.18 34.77
C GLY K 2 2.05 15.75 36.02
N ASP K 3 2.35 15.15 37.16
CA ASP K 3 1.76 15.53 38.43
C ASP K 3 2.80 16.30 39.24
N TRP K 4 2.53 17.59 39.48
CA TRP K 4 3.42 18.46 40.23
C TRP K 4 2.88 18.77 41.62
N SER K 5 1.92 17.99 42.12
CA SER K 5 1.25 18.31 43.36
C SER K 5 2.23 18.39 44.54
N PHE K 6 3.12 17.42 44.64
CA PHE K 6 4.06 17.39 45.76
C PHE K 6 4.98 18.60 45.75
N LEU K 7 5.54 18.90 44.58
CA LEU K 7 6.40 20.07 44.44
C LEU K 7 5.61 21.33 44.75
N GLY K 8 4.37 21.40 44.26
CA GLY K 8 3.56 22.57 44.53
C GLY K 8 3.31 22.76 46.02
N ASN K 9 3.05 21.65 46.73
CA ASN K 9 2.82 21.74 48.16
C ASN K 9 4.04 22.31 48.88
N ILE K 10 5.22 21.77 48.57
CA ILE K 10 6.42 22.25 49.25
C ILE K 10 6.69 23.72 48.91
N LEU K 11 6.52 24.09 47.63
CA LEU K 11 6.72 25.48 47.24
C LEU K 11 5.74 26.41 47.96
N GLU K 12 4.49 25.98 48.09
CA GLU K 12 3.53 26.75 48.86
C GLU K 12 4.00 26.91 50.30
N GLU K 13 4.57 25.84 50.87
CA GLU K 13 5.11 25.94 52.23
C GLU K 13 6.18 27.01 52.32
N VAL K 14 7.13 26.98 51.38
CA VAL K 14 8.21 27.98 51.40
C VAL K 14 7.70 29.39 51.13
N ASN K 15 6.53 29.55 50.51
CA ASN K 15 6.04 30.91 50.31
C ASN K 15 5.90 31.66 51.62
N GLU K 16 5.42 30.99 52.67
CA GLU K 16 5.20 31.67 53.94
C GLU K 16 6.47 32.31 54.46
N HIS K 17 7.61 31.62 54.32
CA HIS K 17 8.88 32.08 54.84
C HIS K 17 9.76 32.74 53.76
N SER K 18 9.14 33.28 52.72
CA SER K 18 9.88 33.88 51.62
C SER K 18 9.57 35.36 51.51
N THR K 19 10.47 36.07 50.82
CA THR K 19 10.33 37.49 50.60
C THR K 19 9.25 37.76 49.57
N VAL K 20 8.78 39.01 49.53
CA VAL K 20 7.74 39.39 48.58
C VAL K 20 8.19 39.11 47.16
N ILE K 21 9.43 39.47 46.85
CA ILE K 21 9.98 39.17 45.53
C ILE K 21 10.00 37.66 45.33
N GLY K 22 10.34 36.92 46.38
CA GLY K 22 10.34 35.47 46.28
C GLY K 22 8.96 34.91 45.97
N ARG K 23 7.93 35.46 46.61
CA ARG K 23 6.58 35.01 46.28
C ARG K 23 6.23 35.31 44.84
N VAL K 24 6.65 36.48 44.34
CA VAL K 24 6.41 36.78 42.93
C VAL K 24 7.10 35.75 42.05
N TRP K 25 8.31 35.37 42.43
CA TRP K 25 9.06 34.39 41.66
C TRP K 25 8.35 33.05 41.63
N LEU K 26 7.86 32.59 42.78
CA LEU K 26 7.19 31.30 42.82
C LEU K 26 5.89 31.31 42.02
N THR K 27 5.10 32.38 42.14
CA THR K 27 3.88 32.44 41.33
C THR K 27 4.21 32.46 39.85
N VAL K 28 5.27 33.18 39.45
CA VAL K 28 5.70 33.14 38.06
C VAL K 28 6.05 31.71 37.66
N LEU K 29 6.75 30.99 38.54
CA LEU K 29 7.12 29.62 38.23
C LEU K 29 5.89 28.76 37.98
N PHE K 30 4.89 28.87 38.85
CA PHE K 30 3.70 28.03 38.71
C PHE K 30 2.89 28.42 37.48
N ILE K 31 2.61 29.71 37.31
CA ILE K 31 1.67 30.13 36.28
C ILE K 31 2.30 30.13 34.90
N PHE K 32 3.55 30.54 34.78
CA PHE K 32 4.15 30.77 33.48
C PHE K 32 5.15 29.69 33.06
N ARG K 33 5.41 28.70 33.91
CA ARG K 33 6.24 27.59 33.51
C ARG K 33 5.48 26.27 33.60
N ILE K 34 5.04 25.87 34.79
CA ILE K 34 4.38 24.58 34.96
C ILE K 34 3.07 24.56 34.19
N LEU K 35 2.27 25.63 34.34
CA LEU K 35 0.97 25.67 33.69
C LEU K 35 1.11 25.76 32.18
N ILE K 36 2.14 26.44 31.68
CA ILE K 36 2.35 26.52 30.24
C ILE K 36 2.72 25.15 29.69
N LEU K 37 3.63 24.45 30.37
CA LEU K 37 4.02 23.13 29.90
C LEU K 37 2.82 22.19 29.90
N GLY K 38 2.01 22.23 30.96
CA GLY K 38 0.89 21.34 31.03
C GLY K 38 -0.19 21.65 30.02
N THR K 39 -0.67 22.89 30.01
CA THR K 39 -1.80 23.25 29.18
C THR K 39 -1.42 23.33 27.70
N ALA K 40 -0.23 23.86 27.39
CA ALA K 40 0.09 24.25 26.02
C ALA K 40 1.24 23.47 25.41
N ALA K 41 2.42 23.46 26.04
CA ALA K 41 3.62 23.01 25.33
C ALA K 41 3.60 21.52 25.07
N GLU K 42 3.12 20.72 26.04
CA GLU K 42 3.14 19.28 25.88
C GLU K 42 2.31 18.85 24.68
N PHE K 43 1.19 19.51 24.43
CA PHE K 43 0.41 19.23 23.23
C PHE K 43 1.16 19.61 21.96
N VAL K 44 1.90 20.72 21.99
CA VAL K 44 2.69 21.11 20.83
C VAL K 44 3.71 20.05 20.47
N TRP K 45 4.46 19.58 21.45
CA TRP K 45 5.54 18.63 21.24
C TRP K 45 5.07 17.20 21.24
N GLY K 46 3.75 16.97 21.31
CA GLY K 46 3.25 15.62 21.46
C GLY K 46 3.58 14.72 20.29
N ASP K 47 3.49 15.26 19.06
CA ASP K 47 3.71 14.49 17.84
C ASP K 47 5.05 14.80 17.20
N GLU K 48 6.07 15.01 18.03
CA GLU K 48 7.37 15.41 17.51
C GLU K 48 7.98 14.35 16.59
N GLN K 49 8.01 13.10 17.04
CA GLN K 49 8.62 12.04 16.25
C GLN K 49 7.66 11.48 15.20
N SER K 50 6.38 11.34 15.56
CA SER K 50 5.42 10.75 14.63
C SER K 50 5.29 11.56 13.35
N ASP K 51 5.21 12.89 13.45
CA ASP K 51 5.08 13.75 12.28
C ASP K 51 6.42 14.21 11.72
N PHE K 52 7.52 13.87 12.35
CA PHE K 52 8.83 14.00 11.71
C PHE K 52 8.88 13.11 10.48
N VAL K 53 9.17 13.71 9.33
CA VAL K 53 9.20 12.99 8.06
C VAL K 53 10.51 13.28 7.34
N CYS K 54 11.11 12.24 6.81
CA CYS K 54 12.34 12.34 6.02
C CYS K 54 12.09 11.79 4.63
N ASN K 55 12.67 12.44 3.63
CA ASN K 55 12.51 12.06 2.23
C ASN K 55 13.49 10.94 1.90
N THR K 56 13.10 9.72 2.24
CA THR K 56 13.93 8.56 1.96
C THR K 56 13.08 7.31 2.03
N GLN K 57 13.60 6.24 1.42
CA GLN K 57 13.04 4.90 1.55
C GLN K 57 13.90 4.00 2.42
N GLN K 58 14.75 4.59 3.24
CA GLN K 58 15.74 3.84 3.99
C GLN K 58 15.22 3.56 5.39
N PRO K 59 15.11 2.30 5.82
CA PRO K 59 14.69 2.03 7.19
C PRO K 59 15.66 2.57 8.21
N GLY K 60 15.12 3.05 9.32
CA GLY K 60 15.89 3.58 10.41
C GLY K 60 16.45 4.97 10.21
N CYS K 61 16.44 5.51 9.00
CA CYS K 61 16.96 6.86 8.80
C CYS K 61 16.18 7.89 9.60
N GLU K 62 14.85 7.78 9.63
CA GLU K 62 14.06 8.76 10.36
C GLU K 62 14.38 8.74 11.84
N ASN K 63 14.54 7.55 12.43
CA ASN K 63 14.82 7.45 13.84
C ASN K 63 16.17 8.10 14.18
N VAL K 64 17.21 7.75 13.43
CA VAL K 64 18.54 8.27 13.72
C VAL K 64 18.58 9.78 13.49
N CYS K 65 17.92 10.25 12.43
CA CYS K 65 17.91 11.68 12.15
C CYS K 65 17.14 12.45 13.20
N TYR K 66 15.97 11.95 13.63
CA TYR K 66 15.25 12.63 14.70
C TYR K 66 16.09 12.69 15.96
N ASP K 67 16.74 11.59 16.32
CA ASP K 67 17.60 11.58 17.49
C ASP K 67 18.72 12.61 17.37
N GLU K 68 19.35 12.70 16.20
CA GLU K 68 20.42 13.67 16.02
C GLU K 68 19.90 15.10 16.09
N ALA K 69 18.74 15.35 15.47
CA ALA K 69 18.17 16.69 15.46
C ALA K 69 17.74 17.12 16.86
N PHE K 70 17.12 16.22 17.60
CA PHE K 70 16.61 16.50 18.93
C PHE K 70 17.20 15.49 19.91
N PRO K 71 18.43 15.72 20.37
CA PRO K 71 19.03 14.79 21.33
C PRO K 71 18.18 14.66 22.58
N ILE K 72 17.74 15.79 23.12
CA ILE K 72 16.78 15.83 24.20
C ILE K 72 15.59 16.70 23.77
N SER K 73 14.37 16.29 24.05
CA SER K 73 13.26 17.15 23.67
C SER K 73 13.23 18.41 24.53
N HIS K 74 12.68 19.49 23.96
CA HIS K 74 12.62 20.77 24.66
C HIS K 74 11.80 20.69 25.93
N ILE K 75 10.63 20.06 25.86
CA ILE K 75 9.77 19.99 27.05
C ILE K 75 10.48 19.27 28.18
N ARG K 76 11.23 18.22 27.87
CA ARG K 76 11.98 17.51 28.89
C ARG K 76 13.03 18.41 29.52
N LEU K 77 13.76 19.16 28.70
CA LEU K 77 14.77 20.08 29.23
C LEU K 77 14.12 21.11 30.14
N TRP K 78 12.93 21.60 29.80
CA TRP K 78 12.24 22.55 30.65
C TRP K 78 11.79 21.92 31.97
N VAL K 79 11.36 20.65 31.93
CA VAL K 79 11.07 19.93 33.15
C VAL K 79 12.29 19.93 34.07
N LEU K 80 13.43 19.52 33.53
CA LEU K 80 14.64 19.48 34.34
C LEU K 80 14.99 20.86 34.87
N GLN K 81 14.84 21.88 34.04
CA GLN K 81 15.14 23.24 34.46
C GLN K 81 14.28 23.64 35.65
N ILE K 82 12.99 23.35 35.57
CA ILE K 82 12.09 23.69 36.66
C ILE K 82 12.50 22.98 37.94
N ILE K 83 12.82 21.70 37.84
CA ILE K 83 13.13 20.92 39.04
C ILE K 83 14.40 21.43 39.69
N PHE K 84 15.46 21.64 38.90
CA PHE K 84 16.71 22.10 39.47
C PHE K 84 16.57 23.50 40.05
N VAL K 85 15.84 24.36 39.35
CA VAL K 85 15.62 25.71 39.86
C VAL K 85 14.87 25.70 41.17
N SER K 86 13.86 24.84 41.30
CA SER K 86 13.11 24.75 42.55
C SER K 86 13.95 24.16 43.68
N THR K 87 14.90 23.29 43.37
CA THR K 87 15.60 22.57 44.45
C THR K 87 16.22 23.49 45.51
N PRO K 88 16.83 24.62 45.16
CA PRO K 88 17.32 25.52 46.22
C PRO K 88 16.25 25.98 47.20
N SER K 89 15.05 26.28 46.71
CA SER K 89 13.97 26.62 47.61
C SER K 89 13.66 25.47 48.56
N LEU K 90 13.72 24.24 48.05
CA LEU K 90 13.51 23.08 48.90
C LEU K 90 14.56 23.01 49.99
N VAL K 91 15.83 23.26 49.64
CA VAL K 91 16.89 23.25 50.63
C VAL K 91 16.63 24.31 51.70
N TYR K 92 16.25 25.51 51.26
CA TYR K 92 16.03 26.61 52.19
C TYR K 92 14.88 26.30 53.15
N VAL K 93 13.76 25.83 52.61
CA VAL K 93 12.61 25.54 53.45
C VAL K 93 12.95 24.40 54.41
N GLY K 94 13.72 23.42 53.96
CA GLY K 94 14.13 22.36 54.85
C GLY K 94 14.97 22.88 56.01
N HIS K 95 15.91 23.77 55.71
CA HIS K 95 16.72 24.37 56.76
C HIS K 95 15.85 25.14 57.76
N ALA K 96 14.90 25.92 57.25
CA ALA K 96 14.01 26.69 58.11
C ALA K 96 13.18 25.78 59.00
N VAL K 97 12.58 24.75 58.43
CA VAL K 97 11.80 23.81 59.22
C VAL K 97 12.66 23.12 60.27
N HIS K 98 13.90 22.79 59.92
CA HIS K 98 14.80 22.19 60.90
C HIS K 98 15.00 23.13 62.08
N HIS K 99 15.28 24.40 61.78
CA HIS K 99 15.45 25.37 62.87
C HIS K 99 14.20 25.45 63.72
N VAL K 100 13.02 25.48 63.09
CA VAL K 100 11.78 25.53 63.84
C VAL K 100 11.65 24.32 64.76
N ARG K 101 11.94 23.12 64.25
CA ARG K 101 11.81 21.94 65.10
C ARG K 101 12.78 22.01 66.27
N MET K 102 13.98 22.53 66.05
CA MET K 102 14.93 22.69 67.14
C MET K 102 14.40 23.68 68.18
N GLU K 103 13.83 24.80 67.73
CA GLU K 103 13.23 25.74 68.66
C GLU K 103 12.09 25.10 69.45
N GLU K 104 11.27 24.28 68.77
CA GLU K 104 10.21 23.57 69.47
C GLU K 104 10.80 22.67 70.56
N LYS K 105 11.90 21.98 70.25
CA LYS K 105 12.56 21.18 71.28
C LYS K 105 12.98 22.05 72.46
N ARG K 106 13.58 23.21 72.17
CA ARG K 106 14.01 24.12 73.22
C ARG K 106 12.82 24.62 74.02
N LEU K 150 14.58 35.97 59.31
CA LEU K 150 15.57 35.97 58.23
C LEU K 150 16.81 36.73 58.65
N GLU K 151 17.59 36.14 59.56
CA GLU K 151 18.80 36.78 60.06
C GLU K 151 19.91 35.74 60.21
N GLY K 152 21.14 36.26 60.24
CA GLY K 152 22.30 35.42 60.48
C GLY K 152 22.47 34.30 59.48
N THR K 153 22.70 33.09 60.00
CA THR K 153 22.98 31.94 59.14
C THR K 153 21.83 31.67 58.17
N LEU K 154 20.59 31.79 58.65
CA LEU K 154 19.44 31.56 57.79
C LEU K 154 19.44 32.53 56.61
N LEU K 155 19.72 33.81 56.86
CA LEU K 155 19.77 34.78 55.79
C LEU K 155 20.85 34.43 54.77
N ARG K 156 22.03 34.03 55.25
CA ARG K 156 23.10 33.65 54.34
C ARG K 156 22.69 32.45 53.49
N THR K 157 22.01 31.47 54.10
CA THR K 157 21.49 30.33 53.35
C THR K 157 20.51 30.79 52.28
N TYR K 158 19.65 31.75 52.61
CA TYR K 158 18.70 32.27 51.64
C TYR K 158 19.42 32.89 50.45
N VAL K 159 20.45 33.69 50.72
CA VAL K 159 21.21 34.31 49.65
C VAL K 159 21.91 33.25 48.81
N CYS K 160 22.48 32.25 49.45
CA CYS K 160 23.13 31.17 48.72
C CYS K 160 22.15 30.46 47.80
N HIS K 161 20.93 30.22 48.27
CA HIS K 161 19.93 29.57 47.44
C HIS K 161 19.57 30.45 46.26
N ILE K 162 19.47 31.76 46.46
CA ILE K 162 19.25 32.68 45.35
C ILE K 162 20.36 32.54 44.33
N ILE K 163 21.60 32.49 44.79
CA ILE K 163 22.75 32.38 43.88
C ILE K 163 22.66 31.08 43.09
N PHE K 164 22.33 29.97 43.74
CA PHE K 164 22.21 28.71 43.03
C PHE K 164 21.10 28.78 41.98
N LYS K 165 19.98 29.41 42.32
CA LYS K 165 18.90 29.56 41.35
C LYS K 165 19.40 30.33 40.13
N THR K 166 20.12 31.42 40.36
CA THR K 166 20.64 32.20 39.24
C THR K 166 21.58 31.38 38.38
N LEU K 167 22.49 30.63 39.01
CA LEU K 167 23.42 29.82 38.25
C LEU K 167 22.71 28.75 37.43
N PHE K 168 21.73 28.08 38.01
CA PHE K 168 21.02 27.04 37.27
C PHE K 168 20.25 27.63 36.12
N GLU K 169 19.65 28.80 36.32
CA GLU K 169 18.88 29.43 35.25
C GLU K 169 19.79 29.82 34.10
N VAL K 170 20.93 30.45 34.40
CA VAL K 170 21.87 30.82 33.35
C VAL K 170 22.39 29.57 32.65
N GLY K 171 22.66 28.51 33.41
CA GLY K 171 23.18 27.30 32.80
C GLY K 171 22.21 26.69 31.82
N PHE K 172 20.95 26.59 32.22
CA PHE K 172 19.95 26.02 31.31
C PHE K 172 19.72 26.91 30.11
N ILE K 173 19.72 28.23 30.29
CA ILE K 173 19.57 29.13 29.14
C ILE K 173 20.70 28.90 28.15
N VAL K 174 21.93 28.90 28.63
CA VAL K 174 23.08 28.74 27.75
C VAL K 174 23.05 27.37 27.07
N GLY K 175 22.68 26.34 27.83
CA GLY K 175 22.62 25.00 27.25
C GLY K 175 21.60 24.92 26.14
N HIS K 176 20.40 25.44 26.38
CA HIS K 176 19.41 25.50 25.32
C HIS K 176 19.95 26.25 24.11
N TYR K 177 20.61 27.38 24.34
CA TYR K 177 21.09 28.19 23.22
C TYR K 177 22.06 27.38 22.36
N PHE K 178 23.04 26.75 23.00
CA PHE K 178 24.03 25.99 22.23
C PHE K 178 23.40 24.76 21.56
N LEU K 179 22.47 24.09 22.25
CA LEU K 179 21.77 22.97 21.62
C LEU K 179 21.02 23.39 20.37
N TYR K 180 20.12 24.36 20.51
CA TYR K 180 19.16 24.70 19.44
C TYR K 180 19.17 26.15 18.98
N GLY K 181 20.09 26.97 19.44
CA GLY K 181 19.85 28.39 19.25
C GLY K 181 18.51 28.75 19.88
N PHE K 182 17.75 29.60 19.21
CA PHE K 182 16.39 29.89 19.64
C PHE K 182 15.37 29.86 18.49
N ARG K 183 15.76 29.36 17.32
CA ARG K 183 14.83 29.20 16.20
C ARG K 183 14.91 27.77 15.69
N ILE K 184 13.78 27.07 15.67
CA ILE K 184 13.68 25.75 15.08
C ILE K 184 13.32 25.91 13.61
N LEU K 185 14.23 25.53 12.73
CA LEU K 185 13.97 25.55 11.31
C LEU K 185 13.17 24.31 10.89
N PRO K 186 12.34 24.43 9.84
CA PRO K 186 11.61 23.26 9.36
C PRO K 186 12.48 22.18 8.76
N LEU K 187 13.53 22.57 8.04
CA LEU K 187 14.39 21.63 7.33
C LEU K 187 15.58 21.22 8.20
N TYR K 188 15.76 19.93 8.39
CA TYR K 188 16.97 19.36 8.97
C TYR K 188 17.63 18.46 7.94
N ARG K 189 18.85 18.76 7.56
CA ARG K 189 19.62 17.90 6.67
C ARG K 189 20.47 16.94 7.49
N CYS K 190 20.32 15.65 7.21
CA CYS K 190 20.87 14.58 8.04
C CYS K 190 21.79 13.69 7.22
N SER K 191 22.99 13.43 7.72
CA SER K 191 23.95 12.54 7.09
C SER K 191 24.35 11.37 7.99
N ARG K 192 23.46 10.96 8.88
CA ARG K 192 23.78 9.95 9.87
C ARG K 192 23.43 8.57 9.32
N TRP K 193 24.34 7.62 9.53
CA TRP K 193 24.11 6.26 9.07
C TRP K 193 22.90 5.69 9.81
N PRO K 194 22.01 4.97 9.13
CA PRO K 194 22.03 4.37 7.80
C PRO K 194 21.59 5.23 6.62
N CYS K 195 21.32 6.51 6.85
CA CYS K 195 20.85 7.35 5.76
C CYS K 195 21.88 7.38 4.63
N PRO K 196 21.47 7.21 3.37
CA PRO K 196 22.43 7.23 2.26
C PRO K 196 22.64 8.69 1.86
N ASN K 197 23.85 9.28 2.02
CA ASN K 197 24.13 10.67 1.61
C ASN K 197 23.47 11.62 2.65
N VAL K 198 23.24 12.88 2.26
CA VAL K 198 22.43 13.80 3.08
C VAL K 198 20.98 13.58 2.67
N VAL K 199 20.08 13.50 3.63
CA VAL K 199 18.64 13.41 3.41
C VAL K 199 17.97 14.63 4.01
N ASP K 200 16.91 15.10 3.35
CA ASP K 200 16.09 16.19 3.84
C ASP K 200 15.01 15.65 4.76
N CYS K 201 14.97 16.17 5.98
CA CYS K 201 13.96 15.82 6.97
C CYS K 201 13.18 17.07 7.32
N PHE K 202 11.90 16.91 7.66
CA PHE K 202 11.02 18.03 7.94
C PHE K 202 10.40 17.92 9.33
N VAL K 203 10.60 18.95 10.12
CA VAL K 203 10.12 19.04 11.49
C VAL K 203 8.65 19.42 11.52
N SER K 204 7.96 18.94 12.55
CA SER K 204 6.57 19.31 12.82
C SER K 204 6.49 20.59 13.65
N ARG K 205 5.54 21.43 13.28
CA ARG K 205 5.17 22.64 14.04
C ARG K 205 6.35 23.53 14.42
N PRO K 206 7.27 23.80 13.49
CA PRO K 206 8.46 24.58 13.88
C PRO K 206 8.15 25.98 14.39
N THR K 207 7.19 26.67 13.78
CA THR K 207 6.88 28.04 14.18
C THR K 207 6.33 28.11 15.60
N GLU K 208 5.38 27.24 15.93
CA GLU K 208 4.80 27.23 17.26
C GLU K 208 5.86 26.90 18.30
N LYS K 209 6.72 25.94 17.99
CA LYS K 209 7.81 25.58 18.88
C LYS K 209 8.77 26.76 19.09
N THR K 210 9.05 27.50 18.02
CA THR K 210 9.85 28.71 18.16
C THR K 210 9.18 29.71 19.09
N ILE K 211 7.87 29.88 18.94
CA ILE K 211 7.14 30.83 19.76
C ILE K 211 7.25 30.45 21.22
N PHE K 212 7.09 29.17 21.53
CA PHE K 212 7.14 28.74 22.92
C PHE K 212 8.56 28.74 23.46
N ILE K 213 9.54 28.39 22.64
CA ILE K 213 10.93 28.54 23.02
C ILE K 213 11.22 29.96 23.48
N LEU K 214 10.84 30.93 22.67
CA LEU K 214 11.08 32.33 23.02
C LEU K 214 10.29 32.74 24.25
N PHE K 215 9.05 32.26 24.38
CA PHE K 215 8.25 32.57 25.55
C PHE K 215 8.93 32.09 26.84
N MET K 216 9.41 30.84 26.83
CA MET K 216 10.06 30.30 28.01
C MET K 216 11.39 30.98 28.28
N LEU K 217 12.13 31.34 27.24
CA LEU K 217 13.34 32.12 27.42
C LEU K 217 13.04 33.44 28.11
N SER K 218 12.00 34.12 27.67
CA SER K 218 11.59 35.37 28.31
C SER K 218 11.24 35.15 29.77
N VAL K 219 10.49 34.09 30.07
CA VAL K 219 10.11 33.80 31.45
C VAL K 219 11.36 33.56 32.30
N ALA K 220 12.32 32.81 31.78
CA ALA K 220 13.55 32.56 32.52
C ALA K 220 14.31 33.85 32.77
N SER K 221 14.38 34.72 31.77
CA SER K 221 15.04 36.01 31.96
C SER K 221 14.34 36.84 33.02
N VAL K 222 13.00 36.83 33.01
CA VAL K 222 12.24 37.54 34.02
C VAL K 222 12.55 37.02 35.41
N SER K 223 12.59 35.69 35.55
CA SER K 223 12.91 35.09 36.85
C SER K 223 14.30 35.48 37.32
N LEU K 224 15.26 35.48 36.39
CA LEU K 224 16.62 35.90 36.73
C LEU K 224 16.63 37.35 37.22
N PHE K 225 15.93 38.23 36.51
CA PHE K 225 15.82 39.62 36.93
C PHE K 225 15.20 39.73 38.32
N LEU K 226 14.18 38.91 38.59
CA LEU K 226 13.58 38.90 39.91
C LEU K 226 14.59 38.52 40.97
N ASN K 227 15.42 37.52 40.70
CA ASN K 227 16.47 37.15 41.65
C ASN K 227 17.43 38.31 41.90
N ILE K 228 17.81 39.02 40.84
CA ILE K 228 18.65 40.20 41.01
C ILE K 228 17.96 41.21 41.92
N LEU K 229 16.66 41.42 41.70
CA LEU K 229 15.90 42.31 42.57
C LEU K 229 15.92 41.82 44.01
N GLU K 230 15.85 40.52 44.21
CA GLU K 230 15.89 39.98 45.57
C GLU K 230 17.19 40.36 46.24
N MET K 231 18.30 40.17 45.54
CA MET K 231 19.60 40.51 46.12
C MET K 231 19.69 42.00 46.42
N SER K 232 19.26 42.84 45.48
CA SER K 232 19.31 44.29 45.72
C SER K 232 18.44 44.68 46.91
N HIS K 233 17.22 44.13 46.98
CA HIS K 233 16.31 44.44 48.08
C HIS K 233 16.90 44.04 49.41
N LEU K 234 17.55 42.87 49.48
CA LEU K 234 18.25 42.51 50.70
C LEU K 234 19.35 43.50 51.01
N GLY K 235 20.07 43.95 49.98
CA GLY K 235 21.12 44.93 50.19
C GLY K 235 20.60 46.22 50.81
N LEU K 236 19.46 46.70 50.31
CA LEU K 236 18.85 47.91 50.85
C LEU K 236 18.52 47.74 52.33
N GLY L 2 1.19 6.90 36.40
CA GLY L 2 0.73 6.12 37.53
C GLY L 2 0.37 6.98 38.74
N ASP L 3 -0.35 6.40 39.68
CA ASP L 3 -0.81 7.10 40.87
C ASP L 3 0.03 6.65 42.06
N TRP L 4 0.81 7.59 42.61
CA TRP L 4 1.67 7.33 43.75
C TRP L 4 1.14 7.96 45.04
N SER L 5 -0.14 8.32 45.07
CA SER L 5 -0.68 9.06 46.20
C SER L 5 -0.54 8.28 47.52
N PHE L 6 -0.87 6.99 47.50
CA PHE L 6 -0.82 6.20 48.72
C PHE L 6 0.61 6.11 49.25
N LEU L 7 1.55 5.79 48.37
CA LEU L 7 2.95 5.74 48.76
C LEU L 7 3.42 7.09 49.27
N GLY L 8 3.01 8.16 48.58
CA GLY L 8 3.39 9.48 49.03
C GLY L 8 2.88 9.79 50.42
N ASN L 9 1.64 9.39 50.71
CA ASN L 9 1.07 9.64 52.02
C ASN L 9 1.87 8.93 53.10
N ILE L 10 2.19 7.65 52.88
CA ILE L 10 2.94 6.92 53.90
C ILE L 10 4.34 7.51 54.07
N LEU L 11 4.99 7.84 52.96
CA LEU L 11 6.32 8.44 53.05
C LEU L 11 6.27 9.77 53.81
N GLU L 12 5.25 10.59 53.55
CA GLU L 12 5.09 11.81 54.32
C GLU L 12 4.93 11.50 55.80
N GLU L 13 4.20 10.44 56.13
CA GLU L 13 4.06 10.04 57.53
C GLU L 13 5.41 9.74 58.14
N VAL L 14 6.22 8.93 57.45
CA VAL L 14 7.54 8.59 57.98
C VAL L 14 8.47 9.78 58.05
N ASN L 15 8.22 10.85 57.29
CA ASN L 15 9.10 12.02 57.40
C ASN L 15 9.13 12.55 58.83
N GLU L 16 7.99 12.58 59.51
CA GLU L 16 7.95 13.14 60.86
C GLU L 16 8.92 12.42 61.79
N HIS L 17 9.02 11.09 61.67
CA HIS L 17 9.85 10.29 62.55
C HIS L 17 11.19 9.92 61.91
N SER L 18 11.67 10.73 60.98
CA SER L 18 12.91 10.45 60.28
C SER L 18 13.95 11.52 60.56
N THR L 19 15.21 11.16 60.31
CA THR L 19 16.32 12.06 60.50
C THR L 19 16.34 13.12 59.40
N VAL L 20 17.08 14.20 59.65
CA VAL L 20 17.19 15.28 58.68
C VAL L 20 17.72 14.74 57.36
N ILE L 21 18.75 13.92 57.42
CA ILE L 21 19.27 13.29 56.20
C ILE L 21 18.18 12.43 55.57
N GLY L 22 17.40 11.74 56.39
CA GLY L 22 16.31 10.94 55.86
C GLY L 22 15.27 11.78 55.13
N ARG L 23 14.94 12.95 55.69
CA ARG L 23 14.01 13.83 54.99
C ARG L 23 14.58 14.28 53.66
N VAL L 24 15.89 14.58 53.62
CA VAL L 24 16.51 14.94 52.36
C VAL L 24 16.37 13.81 51.36
N TRP L 25 16.56 12.58 51.84
CA TRP L 25 16.47 11.41 50.98
C TRP L 25 15.07 11.26 50.41
N LEU L 26 14.05 11.42 51.25
CA LEU L 26 12.68 11.26 50.77
C LEU L 26 12.31 12.36 49.76
N THR L 27 12.69 13.61 50.04
CA THR L 27 12.40 14.66 49.06
C THR L 27 13.12 14.40 47.75
N VAL L 28 14.36 13.91 47.80
CA VAL L 28 15.05 13.52 46.58
C VAL L 28 14.27 12.45 45.84
N LEU L 29 13.75 11.47 46.59
CA LEU L 29 12.99 10.40 45.97
C LEU L 29 11.78 10.96 45.23
N PHE L 30 11.03 11.85 45.88
CA PHE L 30 9.82 12.37 45.26
C PHE L 30 10.14 13.26 44.06
N ILE L 31 11.05 14.21 44.24
CA ILE L 31 11.28 15.23 43.22
C ILE L 31 12.09 14.70 42.05
N PHE L 32 13.10 13.88 42.32
CA PHE L 32 14.06 13.51 41.29
C PHE L 32 13.88 12.09 40.77
N ARG L 33 12.94 11.33 41.32
CA ARG L 33 12.64 10.01 40.77
C ARG L 33 11.19 9.92 40.31
N ILE L 34 10.24 10.06 41.22
CA ILE L 34 8.83 9.91 40.86
C ILE L 34 8.41 10.99 39.87
N LEU L 35 8.77 12.24 40.18
CA LEU L 35 8.38 13.35 39.32
C LEU L 35 9.06 13.29 37.97
N ILE L 36 10.31 12.81 37.91
CA ILE L 36 10.99 12.67 36.64
C ILE L 36 10.31 11.60 35.78
N LEU L 37 9.99 10.45 36.39
CA LEU L 37 9.33 9.41 35.63
C LEU L 37 7.99 9.88 35.11
N GLY L 38 7.22 10.58 35.95
CA GLY L 38 5.92 11.03 35.53
C GLY L 38 5.96 12.10 34.46
N THR L 39 6.69 13.19 34.74
CA THR L 39 6.69 14.32 33.84
C THR L 39 7.48 14.06 32.56
N ALA L 40 8.60 13.35 32.66
CA ALA L 40 9.57 13.30 31.57
C ALA L 40 9.77 11.91 30.99
N ALA L 41 10.16 10.93 31.81
CA ALA L 41 10.68 9.68 31.25
C ALA L 41 9.59 8.86 30.56
N GLU L 42 8.38 8.83 31.13
CA GLU L 42 7.32 8.02 30.55
C GLU L 42 6.98 8.47 29.14
N PHE L 43 7.01 9.77 28.87
CA PHE L 43 6.82 10.27 27.52
C PHE L 43 7.97 9.85 26.60
N VAL L 44 9.20 9.83 27.11
CA VAL L 44 10.34 9.40 26.30
C VAL L 44 10.15 7.97 25.84
N TRP L 45 9.82 7.08 26.77
CA TRP L 45 9.73 5.66 26.50
C TRP L 45 8.35 5.26 25.98
N GLY L 46 7.48 6.23 25.72
CA GLY L 46 6.12 5.92 25.35
C GLY L 46 6.02 5.14 24.05
N ASP L 47 6.82 5.50 23.05
CA ASP L 47 6.77 4.90 21.73
C ASP L 47 7.94 3.95 21.49
N GLU L 48 8.34 3.21 22.53
CA GLU L 48 9.50 2.34 22.42
C GLU L 48 9.31 1.27 21.36
N GLN L 49 8.20 0.54 21.41
CA GLN L 49 7.97 -0.55 20.48
C GLN L 49 7.41 -0.06 19.15
N SER L 50 6.53 0.94 19.18
CA SER L 50 5.90 1.41 17.95
C SER L 50 6.93 1.97 16.97
N ASP L 51 7.88 2.76 17.45
CA ASP L 51 8.90 3.34 16.58
C ASP L 51 10.16 2.49 16.47
N PHE L 52 10.23 1.38 17.17
CA PHE L 52 11.23 0.36 16.88
C PHE L 52 11.01 -0.18 15.47
N VAL L 53 12.04 -0.08 14.63
CA VAL L 53 11.95 -0.51 13.24
C VAL L 53 13.11 -1.44 12.91
N CYS L 54 12.80 -2.51 12.22
CA CYS L 54 13.78 -3.49 11.76
C CYS L 54 13.73 -3.58 10.25
N ASN L 55 14.90 -3.70 9.63
CA ASN L 55 15.03 -3.78 8.17
C ASN L 55 14.77 -5.20 7.71
N THR L 56 13.50 -5.57 7.60
CA THR L 56 13.13 -6.89 7.15
C THR L 56 11.68 -6.88 6.68
N GLN L 57 11.34 -7.90 5.89
CA GLN L 57 9.97 -8.17 5.49
C GLN L 57 9.40 -9.39 6.21
N GLN L 58 10.00 -9.77 7.32
CA GLN L 58 9.65 -11.01 8.00
C GLN L 58 8.67 -10.73 9.11
N PRO L 59 7.48 -11.34 9.11
CA PRO L 59 6.55 -11.13 10.22
C PRO L 59 7.11 -11.65 11.53
N GLY L 60 6.80 -10.93 12.61
CA GLY L 60 7.23 -11.28 13.93
C GLY L 60 8.67 -10.99 14.28
N CYS L 61 9.52 -10.67 13.31
CA CYS L 61 10.91 -10.36 13.62
C CYS L 61 11.02 -9.14 14.53
N GLU L 62 10.25 -8.09 14.26
CA GLU L 62 10.34 -6.89 15.08
C GLU L 62 9.95 -7.17 16.52
N ASN L 63 8.89 -7.96 16.74
CA ASN L 63 8.46 -8.26 18.09
C ASN L 63 9.53 -9.02 18.86
N VAL L 64 10.07 -10.08 18.27
CA VAL L 64 11.05 -10.89 18.96
C VAL L 64 12.33 -10.10 19.20
N CYS L 65 12.73 -9.29 18.22
CA CYS L 65 13.94 -8.49 18.39
C CYS L 65 13.77 -7.42 19.44
N TYR L 66 12.63 -6.73 19.47
CA TYR L 66 12.40 -5.75 20.53
C TYR L 66 12.43 -6.42 21.89
N ASP L 67 11.78 -7.57 22.02
CA ASP L 67 11.79 -8.30 23.28
C ASP L 67 13.21 -8.66 23.70
N GLU L 68 14.03 -9.13 22.76
CA GLU L 68 15.39 -9.49 23.09
C GLU L 68 16.22 -8.27 23.48
N ALA L 69 16.04 -7.17 22.75
CA ALA L 69 16.79 -5.95 23.03
C ALA L 69 16.40 -5.34 24.37
N PHE L 70 15.11 -5.33 24.67
CA PHE L 70 14.59 -4.75 25.90
C PHE L 70 13.77 -5.80 26.63
N PRO L 71 14.41 -6.69 27.37
CA PRO L 71 13.64 -7.70 28.10
C PRO L 71 12.66 -7.07 29.07
N ILE L 72 13.12 -6.09 29.82
CA ILE L 72 12.26 -5.26 30.66
C ILE L 72 12.49 -3.79 30.27
N SER L 73 11.43 -3.00 30.17
CA SER L 73 11.67 -1.60 29.86
C SER L 73 12.33 -0.87 31.03
N HIS L 74 13.09 0.17 30.71
CA HIS L 74 13.81 0.93 31.73
C HIS L 74 12.86 1.56 32.73
N ILE L 75 11.79 2.20 32.25
CA ILE L 75 10.87 2.88 33.17
C ILE L 75 10.27 1.89 34.15
N ARG L 76 9.95 0.69 33.69
CA ARG L 76 9.42 -0.33 34.58
C ARG L 76 10.43 -0.72 35.65
N LEU L 77 11.68 -0.91 35.25
CA LEU L 77 12.72 -1.24 36.21
C LEU L 77 12.87 -0.13 37.26
N TRP L 78 12.76 1.13 36.84
CA TRP L 78 12.84 2.23 37.79
C TRP L 78 11.64 2.26 38.74
N VAL L 79 10.46 1.92 38.24
CA VAL L 79 9.30 1.76 39.11
C VAL L 79 9.60 0.74 40.20
N LEU L 80 10.07 -0.43 39.80
CA LEU L 80 10.37 -1.47 40.79
C LEU L 80 11.43 -1.00 41.77
N GLN L 81 12.45 -0.30 41.26
CA GLN L 81 13.50 0.19 42.13
C GLN L 81 12.95 1.13 43.18
N ILE L 82 12.08 2.04 42.77
CA ILE L 82 11.49 2.99 43.71
C ILE L 82 10.69 2.25 44.77
N ILE L 83 9.89 1.28 44.36
CA ILE L 83 9.02 0.59 45.30
C ILE L 83 9.84 -0.20 46.32
N PHE L 84 10.82 -0.95 45.85
CA PHE L 84 11.62 -1.75 46.77
C PHE L 84 12.43 -0.86 47.70
N VAL L 85 12.98 0.23 47.16
CA VAL L 85 13.75 1.15 47.99
C VAL L 85 12.87 1.77 49.07
N SER L 86 11.63 2.14 48.73
CA SER L 86 10.73 2.71 49.72
C SER L 86 10.29 1.70 50.76
N THR L 87 10.21 0.41 50.41
CA THR L 87 9.64 -0.56 51.34
C THR L 87 10.29 -0.58 52.72
N PRO L 88 11.61 -0.45 52.86
CA PRO L 88 12.19 -0.37 54.22
C PRO L 88 11.63 0.77 55.05
N SER L 89 11.42 1.94 54.45
CA SER L 89 10.81 3.03 55.18
C SER L 89 9.42 2.65 55.65
N LEU L 90 8.68 1.92 54.82
CA LEU L 90 7.35 1.46 55.23
C LEU L 90 7.45 0.54 56.44
N VAL L 91 8.42 -0.37 56.43
CA VAL L 91 8.60 -1.26 57.56
C VAL L 91 8.92 -0.46 58.83
N TYR L 92 9.81 0.52 58.70
CA TYR L 92 10.22 1.31 59.86
C TYR L 92 9.05 2.10 60.43
N VAL L 93 8.29 2.77 59.56
CA VAL L 93 7.16 3.56 60.03
C VAL L 93 6.12 2.66 60.66
N GLY L 94 5.91 1.47 60.09
CA GLY L 94 4.97 0.54 60.69
C GLY L 94 5.40 0.13 62.09
N HIS L 95 6.68 -0.16 62.27
CA HIS L 95 7.19 -0.50 63.59
C HIS L 95 6.98 0.65 64.57
N ALA L 96 7.29 1.87 64.14
CA ALA L 96 7.13 3.04 65.01
C ALA L 96 5.67 3.22 65.40
N VAL L 97 4.75 3.15 64.44
CA VAL L 97 3.32 3.29 64.74
C VAL L 97 2.86 2.19 65.68
N HIS L 98 3.37 0.98 65.50
CA HIS L 98 3.01 -0.10 66.41
C HIS L 98 3.43 0.25 67.83
N HIS L 99 4.67 0.71 68.00
CA HIS L 99 5.12 1.10 69.34
C HIS L 99 4.24 2.20 69.91
N VAL L 100 3.88 3.18 69.09
CA VAL L 100 3.00 4.26 69.55
C VAL L 100 1.66 3.69 70.03
N ARG L 101 1.06 2.79 69.25
CA ARG L 101 -0.23 2.25 69.66
C ARG L 101 -0.11 1.48 70.97
N MET L 102 1.01 0.77 71.16
CA MET L 102 1.23 0.07 72.42
C MET L 102 1.35 1.05 73.57
N GLU L 103 2.09 2.14 73.38
CA GLU L 103 2.18 3.16 74.41
C GLU L 103 0.81 3.75 74.73
N GLU L 104 0.01 3.99 73.69
CA GLU L 104 -1.36 4.48 73.91
C GLU L 104 -2.13 3.50 74.79
N LYS L 105 -2.00 2.20 74.51
CA LYS L 105 -2.65 1.21 75.35
C LYS L 105 -2.18 1.34 76.80
N ARG L 106 -0.87 1.48 77.00
CA ARG L 106 -0.31 1.61 78.33
C ARG L 106 -0.82 2.88 79.00
N LEU L 150 14.21 7.68 69.02
CA LEU L 150 15.09 6.86 68.20
C LEU L 150 16.18 6.23 69.07
N GLU L 151 15.79 5.27 69.90
CA GLU L 151 16.73 4.61 70.80
C GLU L 151 16.45 3.11 70.84
N GLY L 152 17.46 2.37 71.27
CA GLY L 152 17.32 0.94 71.48
C GLY L 152 16.90 0.18 70.24
N THR L 153 15.89 -0.67 70.40
CA THR L 153 15.45 -1.55 69.31
C THR L 153 14.99 -0.74 68.10
N LEU L 154 14.29 0.36 68.34
CA LEU L 154 13.82 1.20 67.25
C LEU L 154 14.99 1.73 66.43
N LEU L 155 16.04 2.20 67.11
CA LEU L 155 17.22 2.70 66.40
C LEU L 155 17.86 1.60 65.56
N ARG L 156 17.99 0.40 66.13
CA ARG L 156 18.56 -0.71 65.37
C ARG L 156 17.72 -1.03 64.14
N THR L 157 16.39 -1.00 64.28
CA THR L 157 15.52 -1.19 63.13
C THR L 157 15.76 -0.13 62.08
N TYR L 158 15.93 1.12 62.51
CA TYR L 158 16.20 2.21 61.57
C TYR L 158 17.48 1.94 60.78
N VAL L 159 18.53 1.53 61.49
CA VAL L 159 19.80 1.24 60.82
C VAL L 159 19.63 0.07 59.85
N CYS L 160 18.91 -0.97 60.27
CA CYS L 160 18.66 -2.10 59.39
C CYS L 160 17.95 -1.68 58.12
N HIS L 161 16.96 -0.79 58.25
CA HIS L 161 16.23 -0.31 57.09
C HIS L 161 17.15 0.48 56.17
N ILE L 162 18.05 1.28 56.73
CA ILE L 162 19.05 1.97 55.93
C ILE L 162 19.89 0.97 55.15
N ILE L 163 20.32 -0.09 55.82
CA ILE L 163 21.14 -1.11 55.16
C ILE L 163 20.38 -1.75 54.01
N PHE L 164 19.12 -2.09 54.23
CA PHE L 164 18.32 -2.69 53.16
C PHE L 164 18.18 -1.73 51.99
N LYS L 165 17.96 -0.45 52.27
CA LYS L 165 17.89 0.54 51.19
C LYS L 165 19.17 0.56 50.38
N THR L 166 20.31 0.56 51.06
CA THR L 166 21.59 0.55 50.36
C THR L 166 21.75 -0.69 49.50
N LEU L 167 21.40 -1.86 50.04
CA LEU L 167 21.53 -3.09 49.28
C LEU L 167 20.63 -3.08 48.04
N PHE L 168 19.38 -2.64 48.19
CA PHE L 168 18.48 -2.62 47.05
C PHE L 168 18.96 -1.65 46.00
N GLU L 169 19.49 -0.49 46.42
CA GLU L 169 19.97 0.49 45.46
C GLU L 169 21.15 -0.06 44.68
N VAL L 170 22.11 -0.66 45.38
CA VAL L 170 23.26 -1.24 44.70
C VAL L 170 22.82 -2.36 43.76
N GLY L 171 21.86 -3.17 44.21
CA GLY L 171 21.41 -4.27 43.39
C GLY L 171 20.79 -3.80 42.09
N PHE L 172 19.91 -2.80 42.18
CA PHE L 172 19.28 -2.28 40.97
C PHE L 172 20.28 -1.60 40.06
N ILE L 173 21.24 -0.87 40.64
CA ILE L 173 22.27 -0.25 39.80
C ILE L 173 23.05 -1.31 39.03
N VAL L 174 23.50 -2.35 39.72
CA VAL L 174 24.28 -3.40 39.08
C VAL L 174 23.45 -4.13 38.04
N GLY L 175 22.18 -4.39 38.36
CA GLY L 175 21.32 -5.07 37.41
C GLY L 175 21.13 -4.27 36.14
N HIS L 176 20.84 -2.98 36.28
CA HIS L 176 20.74 -2.12 35.11
C HIS L 176 22.04 -2.15 34.32
N TYR L 177 23.19 -2.08 35.00
CA TYR L 177 24.45 -2.03 34.30
C TYR L 177 24.64 -3.29 33.45
N PHE L 178 24.42 -4.46 34.04
CA PHE L 178 24.61 -5.70 33.29
C PHE L 178 23.58 -5.85 32.18
N LEU L 179 22.33 -5.45 32.43
CA LEU L 179 21.32 -5.49 31.38
C LEU L 179 21.71 -4.63 30.18
N TYR L 180 21.95 -3.34 30.43
CA TYR L 180 22.11 -2.36 29.34
C TYR L 180 23.41 -1.56 29.35
N GLY L 181 24.36 -1.88 30.21
CA GLY L 181 25.39 -0.89 30.40
C GLY L 181 24.77 0.41 30.83
N PHE L 182 25.28 1.53 30.31
CA PHE L 182 24.65 2.82 30.53
C PHE L 182 24.51 3.65 29.25
N ARG L 183 24.75 3.06 28.08
CA ARG L 183 24.54 3.74 26.81
C ARG L 183 23.66 2.88 25.92
N ILE L 184 22.54 3.44 25.46
CA ILE L 184 21.66 2.79 24.49
C ILE L 184 22.13 3.19 23.10
N LEU L 185 22.62 2.21 22.35
CA LEU L 185 23.01 2.44 20.97
C LEU L 185 21.79 2.43 20.06
N PRO L 186 21.83 3.19 18.95
CA PRO L 186 20.71 3.14 18.01
C PRO L 186 20.55 1.83 17.29
N LEU L 187 21.65 1.16 16.94
CA LEU L 187 21.60 -0.07 16.17
C LEU L 187 21.60 -1.28 17.10
N TYR L 188 20.61 -2.15 16.92
CA TYR L 188 20.58 -3.47 17.53
C TYR L 188 20.59 -4.52 16.43
N ARG L 189 21.61 -5.38 16.41
CA ARG L 189 21.64 -6.49 15.47
C ARG L 189 21.04 -7.73 16.12
N CYS L 190 20.05 -8.32 15.44
CA CYS L 190 19.20 -9.36 16.00
C CYS L 190 19.27 -10.62 15.15
N SER L 191 19.52 -11.76 15.78
CA SER L 191 19.55 -13.05 15.12
C SER L 191 18.53 -14.03 15.68
N ARG L 192 17.42 -13.52 16.22
CA ARG L 192 16.44 -14.35 16.90
C ARG L 192 15.38 -14.82 15.91
N TRP L 193 15.04 -16.10 16.00
CA TRP L 193 14.03 -16.66 15.12
C TRP L 193 12.69 -15.96 15.40
N PRO L 194 11.92 -15.62 14.37
CA PRO L 194 11.94 -15.97 12.95
C PRO L 194 12.81 -15.12 12.02
N CYS L 195 13.58 -14.18 12.56
CA CYS L 195 14.39 -13.33 11.71
C CYS L 195 15.34 -14.18 10.87
N PRO L 196 15.46 -13.92 9.55
CA PRO L 196 16.36 -14.71 8.72
C PRO L 196 17.75 -14.08 8.82
N ASN L 197 18.78 -14.77 9.39
CA ASN L 197 20.15 -14.23 9.48
C ASN L 197 20.18 -13.17 10.60
N VAL L 198 21.17 -12.27 10.57
CA VAL L 198 21.18 -11.09 11.45
C VAL L 198 20.41 -10.01 10.71
N VAL L 199 19.54 -9.30 11.41
CA VAL L 199 18.82 -8.14 10.89
C VAL L 199 19.20 -6.91 11.68
N ASP L 200 19.25 -5.78 11.00
CA ASP L 200 19.51 -4.48 11.62
C ASP L 200 18.21 -3.88 12.11
N CYS L 201 18.14 -3.57 13.39
CA CYS L 201 16.99 -2.91 14.00
C CYS L 201 17.44 -1.57 14.56
N PHE L 202 16.53 -0.60 14.57
CA PHE L 202 16.85 0.76 15.00
C PHE L 202 15.94 1.21 16.13
N VAL L 203 16.57 1.62 17.22
CA VAL L 203 15.91 2.07 18.43
C VAL L 203 15.43 3.50 18.29
N SER L 204 14.32 3.82 18.96
CA SER L 204 13.81 5.17 19.05
C SER L 204 14.46 5.95 20.20
N ARG L 205 14.76 7.21 19.91
CA ARG L 205 15.23 8.18 20.91
C ARG L 205 16.40 7.68 21.76
N PRO L 206 17.41 7.06 21.16
CA PRO L 206 18.49 6.50 22.00
C PRO L 206 19.24 7.53 22.82
N THR L 207 19.50 8.72 22.27
CA THR L 207 20.26 9.73 22.99
C THR L 207 19.52 10.22 24.23
N GLU L 208 18.24 10.54 24.09
CA GLU L 208 17.46 11.02 25.22
C GLU L 208 17.37 9.96 26.30
N LYS L 209 17.18 8.70 25.89
CA LYS L 209 17.15 7.61 26.84
C LYS L 209 18.48 7.45 27.57
N THR L 210 19.59 7.63 26.85
CA THR L 210 20.89 7.62 27.51
C THR L 210 21.00 8.74 28.53
N ILE L 211 20.51 9.92 28.19
CA ILE L 211 20.57 11.06 29.09
C ILE L 211 19.80 10.75 30.37
N PHE L 212 18.62 10.18 30.24
CA PHE L 212 17.81 9.90 31.42
C PHE L 212 18.35 8.72 32.21
N ILE L 213 18.88 7.71 31.52
CA ILE L 213 19.57 6.62 32.20
C ILE L 213 20.66 7.17 33.12
N LEU L 214 21.51 8.03 32.57
CA LEU L 214 22.60 8.59 33.36
C LEU L 214 22.07 9.49 34.48
N PHE L 215 21.01 10.25 34.21
CA PHE L 215 20.42 11.08 35.24
C PHE L 215 19.94 10.25 36.43
N MET L 216 19.21 9.17 36.14
CA MET L 216 18.70 8.32 37.21
C MET L 216 19.82 7.59 37.93
N LEU L 217 20.85 7.18 37.21
CA LEU L 217 22.01 6.58 37.86
C LEU L 217 22.65 7.56 38.84
N SER L 218 22.80 8.82 38.42
CA SER L 218 23.33 9.85 39.32
C SER L 218 22.44 10.02 40.54
N VAL L 219 21.13 10.05 40.35
CA VAL L 219 20.22 10.21 41.48
C VAL L 219 20.37 9.04 42.45
N ALA L 220 20.47 7.83 41.93
CA ALA L 220 20.63 6.67 42.78
C ALA L 220 21.94 6.74 43.56
N SER L 221 23.02 7.16 42.90
CA SER L 221 24.29 7.32 43.59
C SER L 221 24.20 8.37 44.69
N VAL L 222 23.50 9.47 44.42
CA VAL L 222 23.30 10.51 45.42
C VAL L 222 22.56 9.95 46.62
N SER L 223 21.49 9.19 46.37
CA SER L 223 20.72 8.60 47.46
C SER L 223 21.58 7.65 48.29
N LEU L 224 22.40 6.84 47.62
CA LEU L 224 23.30 5.95 48.33
C LEU L 224 24.26 6.73 49.23
N PHE L 225 24.84 7.80 48.68
CA PHE L 225 25.71 8.66 49.47
C PHE L 225 24.98 9.24 50.67
N LEU L 226 23.73 9.64 50.48
CA LEU L 226 22.93 10.14 51.59
C LEU L 226 22.78 9.07 52.67
N ASN L 227 22.53 7.84 52.28
CA ASN L 227 22.44 6.76 53.26
C ASN L 227 23.74 6.60 54.03
N ILE L 228 24.87 6.67 53.33
CA ILE L 228 26.16 6.62 54.01
C ILE L 228 26.27 7.76 55.02
N LEU L 229 25.84 8.95 54.63
CA LEU L 229 25.84 10.07 55.56
C LEU L 229 24.94 9.80 56.76
N GLU L 230 23.81 9.14 56.54
CA GLU L 230 22.93 8.81 57.66
C GLU L 230 23.65 7.93 58.66
N MET L 231 24.33 6.90 58.16
CA MET L 231 25.05 6.01 59.07
C MET L 231 26.16 6.75 59.81
N SER L 232 26.93 7.57 59.10
CA SER L 232 27.99 8.32 59.77
C SER L 232 27.42 9.27 60.82
N HIS L 233 26.33 9.98 60.48
CA HIS L 233 25.71 10.91 61.41
C HIS L 233 25.24 10.19 62.66
N LEU L 234 24.63 9.02 62.50
CA LEU L 234 24.27 8.23 63.66
C LEU L 234 25.50 7.86 64.47
N GLY L 235 26.59 7.51 63.79
CA GLY L 235 27.81 7.16 64.49
C GLY L 235 28.33 8.32 65.34
N LEU L 236 28.30 9.52 64.80
CA LEU L 236 28.73 10.71 65.54
C LEU L 236 27.89 10.88 66.81
C1 MC3 M . 28.99 15.18 -20.10
C2 MC3 M . 28.32 14.29 -21.15
C3 MC3 M . 26.82 14.57 -21.10
C4 MC3 M . 29.59 11.01 -18.27
C5 MC3 M . 28.62 9.87 -18.60
C6 MC3 M . 26.63 11.13 -18.22
C7 MC3 M . 26.57 8.79 -18.26
C8 MC3 M . 27.54 9.91 -16.43
C11 MC3 M . 24.87 14.30 -22.36
C12 MC3 M . 24.15 13.89 -23.63
C13 MC3 M . 25.02 12.95 -24.44
C14 MC3 M . 24.37 12.71 -25.80
C15 MC3 M . 25.16 11.70 -26.61
C16 MC3 M . 24.35 11.35 -27.85
C17 MC3 M . 25.26 10.78 -28.93
C18 MC3 M . 24.39 10.28 -30.08
C19 MC3 M . 25.26 9.79 -31.23
C20 MC3 M . 24.37 9.52 -32.44
C21 MC3 M . 25.23 9.21 -33.65
C22 MC3 M . 24.38 9.25 -34.93
C31 MC3 M . 29.31 13.55 -23.18
C32 MC3 M . 29.32 13.68 -24.70
C33 MC3 M . 29.64 12.35 -25.34
C34 MC3 M . 29.28 12.44 -26.82
C35 MC3 M . 29.63 11.15 -27.56
C36 MC3 M . 29.15 11.27 -28.99
C37 MC3 M . 29.52 10.03 -29.80
C38 MC3 M . 29.20 10.31 -31.26
C39 MC3 M . 29.64 9.14 -32.13
C40 MC3 M . 29.66 9.60 -33.58
C41 MC3 M . 29.89 8.42 -34.50
C42 MC3 M . 29.71 8.85 -35.95
C43 MC3 M . 30.98 9.51 -36.46
N MC3 M . 27.37 9.94 -17.87
O2 MC3 M . 28.82 14.61 -22.41
O3 MC3 M . 26.19 13.88 -22.14
O11 MC3 M . 24.31 14.96 -21.56
O31 MC3 M . 29.72 12.56 -22.67
O1P MC3 M . 30.80 13.95 -17.95
O2P MC3 M . 28.76 13.40 -16.68
O3P MC3 M . 28.54 14.79 -18.83
O4P MC3 M . 29.19 12.18 -18.91
P MC3 M . 29.34 13.59 -18.06
H11 MC3 M . 29.95 15.06 -20.14
H12 MC3 M . 28.75 16.10 -20.26
H2 MC3 M . 28.48 13.36 -20.95
H31 MC3 M . 26.66 15.52 -21.19
H32 MC3 M . 26.46 14.25 -20.26
H41 MC3 M . 30.47 10.76 -18.61
H42 MC3 M . 29.64 11.16 -17.32
H51 MC3 M . 28.43 9.89 -19.54
H52 MC3 M . 29.06 9.03 -18.38
H61 MC3 M . 26.58 11.20 -19.19
H62 MC3 M . 25.72 11.05 -17.87
H63 MC3 M . 27.05 11.91 -17.85
H71 MC3 M . 27.04 7.98 -18.01
H72 MC3 M . 25.72 8.82 -17.80
H73 MC3 M . 26.43 8.81 -19.22
H81 MC3 M . 27.92 10.74 -16.13
H82 MC3 M . 26.68 9.79 -16.01
H83 MC3 M . 28.13 9.17 -16.18
H121 MC3 M . 23.97 14.68 -24.17
H122 MC3 M . 23.33 13.45 -23.41
H131 MC3 M . 25.11 12.10 -23.98
H132 MC3 M . 25.90 13.33 -24.57
H141 MC3 M . 24.33 13.54 -26.27
H142 MC3 M . 23.47 12.37 -25.65
H151 MC3 M . 25.31 10.90 -26.09
H152 MC3 M . 26.00 12.09 -26.88
H161 MC3 M . 23.94 12.15 -28.19
H162 MC3 M . 23.69 10.70 -27.61
H171 MC3 M . 25.77 10.04 -28.57
H172 MC3 M . 25.86 11.46 -29.25
H181 MC3 M . 23.83 11.01 -30.39
H182 MC3 M . 23.84 9.55 -29.76
H191 MC3 M . 25.70 8.97 -30.97
H192 MC3 M . 25.91 10.46 -31.45
H201 MC3 M . 23.83 10.30 -32.61
H202 MC3 M . 23.80 8.75 -32.25
H211 MC3 M . 25.61 8.32 -33.56
H212 MC3 M . 25.94 9.85 -33.72
H221 MC3 M . 23.61 9.81 -34.77
H222 MC3 M . 24.09 8.35 -35.16
H321 MC3 M . 28.45 13.99 -24.99
H322 MC3 M . 29.99 14.33 -24.95
H331 MC3 M . 30.59 12.16 -25.27
H332 MC3 M . 29.12 11.65 -24.93
H341 MC3 M . 28.33 12.59 -26.91
H342 MC3 M . 29.76 13.17 -27.22
H351 MC3 M . 30.59 11.03 -27.54
H352 MC3 M . 29.20 10.41 -27.12
H361 MC3 M . 28.20 11.38 -29.00
H362 MC3 M . 29.55 12.05 -29.40
H371 MC3 M . 30.47 9.85 -29.70
H372 MC3 M . 29.00 9.27 -29.49
H381 MC3 M . 28.25 10.44 -31.36
H382 MC3 M . 29.66 11.11 -31.53
H391 MC3 M . 30.52 8.85 -31.87
H392 MC3 M . 29.01 8.42 -32.03
H401 MC3 M . 28.81 10.02 -33.79
H402 MC3 M . 30.37 10.24 -33.70
H411 MC3 M . 30.79 8.09 -34.37
H412 MC3 M . 29.26 7.73 -34.28
H421 MC3 M . 29.50 8.08 -36.50
H422 MC3 M . 28.98 9.48 -36.01
H431 MC3 M . 31.53 9.77 -35.70
H432 MC3 M . 31.47 8.89 -37.02
C12 MC3 N . 30.95 18.52 -24.65
C13 MC3 N . 30.86 17.26 -25.50
C14 MC3 N . 30.98 17.65 -26.97
C15 MC3 N . 30.92 16.37 -27.83
C16 MC3 N . 31.13 16.74 -29.29
C17 MC3 N . 31.12 15.45 -30.13
C18 MC3 N . 31.19 15.80 -31.61
C19 MC3 N . 31.17 14.52 -32.43
C20 MC3 N . 31.11 14.89 -33.91
C21 MC3 N . 31.21 13.64 -34.77
C22 MC3 N . 31.15 14.07 -36.24
C23 MC3 N . 31.39 12.86 -37.14
C24 MC3 N . 31.25 13.28 -38.60
H121 MC3 N . 31.87 18.83 -24.63
H122 MC3 N . 30.66 18.31 -23.74
H131 MC3 N . 30.02 16.82 -25.35
H132 MC3 N . 31.58 16.66 -25.27
H141 MC3 N . 31.81 18.10 -27.12
H142 MC3 N . 30.24 18.23 -27.21
H151 MC3 N . 30.06 15.95 -27.72
H152 MC3 N . 31.62 15.78 -27.55
H161 MC3 N . 31.97 17.18 -29.41
H162 MC3 N . 30.41 17.32 -29.59
H171 MC3 N . 30.31 14.96 -29.95
H172 MC3 N . 31.89 14.91 -29.89
H181 MC3 N . 32.00 16.28 -31.79
H182 MC3 N . 30.42 16.34 -31.84
H191 MC3 N . 30.38 13.99 -32.20
H192 MC3 N . 31.96 14.00 -32.25
H201 MC3 N . 31.85 15.48 -34.12
H202 MC3 N . 30.27 15.34 -34.10
H211 MC3 N . 30.46 13.05 -34.58
H212 MC3 N . 32.05 13.19 -34.60
H221 MC3 N . 31.83 14.73 -36.41
H222 MC3 N . 30.28 14.44 -36.44
H231 MC3 N . 30.73 12.17 -36.94
H232 MC3 N . 32.28 12.50 -36.98
H241 MC3 N . 31.94 13.92 -38.82
H242 MC3 N . 31.36 12.49 -39.17
H243 MC3 N . 30.38 13.66 -38.75
C12 MC3 O . 33.35 15.58 -20.96
C13 MC3 O . 34.15 15.52 -22.25
C14 MC3 O . 33.45 14.60 -23.25
C15 MC3 O . 34.28 14.51 -24.53
C16 MC3 O . 33.51 13.65 -25.54
C17 MC3 O . 34.28 13.56 -26.86
C18 MC3 O . 33.49 12.73 -27.86
C19 MC3 O . 34.39 12.42 -29.04
C20 MC3 O . 33.61 11.70 -30.14
C21 MC3 O . 34.57 11.40 -31.29
C22 MC3 O . 33.80 10.95 -32.53
C23 MC3 O . 34.79 10.84 -33.69
C24 MC3 O . 34.04 10.57 -34.99
H121 MC3 O . 32.48 15.97 -21.13
H122 MC3 O . 33.82 16.12 -20.31
H131 MC3 O . 35.04 15.17 -22.06
H132 MC3 O . 34.23 16.41 -22.63
H141 MC3 O . 32.57 14.97 -23.46
H142 MC3 O . 33.35 13.72 -22.86
H151 MC3 O . 35.13 14.11 -24.34
H152 MC3 O . 34.41 15.39 -24.90
H161 MC3 O . 32.64 14.05 -25.71
H162 MC3 O . 33.39 12.76 -25.18
H171 MC3 O . 35.14 13.14 -26.69
H172 MC3 O . 34.42 14.45 -27.20
H181 MC3 O . 32.72 13.24 -28.16
H182 MC3 O . 33.20 11.91 -27.45
H191 MC3 O . 35.12 11.86 -28.74
H192 MC3 O . 34.75 13.25 -29.40
H201 MC3 O . 32.89 12.25 -30.46
H202 MC3 O . 33.26 10.86 -29.80
H211 MC3 O . 35.18 10.70 -31.03
H212 MC3 O . 35.07 12.21 -31.51
H221 MC3 O . 33.11 11.59 -32.74
H222 MC3 O . 33.39 10.08 -32.35
H231 MC3 O . 35.41 10.12 -33.52
H232 MC3 O . 35.28 11.67 -33.77
H241 MC3 O . 34.67 10.54 -35.72
H242 MC3 O . 33.58 9.73 -34.92
H243 MC3 O . 33.39 11.28 -35.14
C16 MC3 P . 35.36 18.76 -27.14
C17 MC3 P . 35.95 17.61 -27.96
C18 MC3 P . 35.21 17.49 -29.28
C19 MC3 P . 35.92 16.50 -30.19
C20 MC3 P . 35.23 16.47 -31.55
C21 MC3 P . 35.94 15.50 -32.48
C22 MC3 P . 35.36 15.63 -33.89
C23 MC3 P . 36.15 14.73 -34.84
C24 MC3 P . 35.59 14.91 -36.26
H161 MC3 P . 34.40 18.81 -27.32
H162 MC3 P . 35.51 18.61 -26.20
H171 MC3 P . 35.86 16.78 -27.46
H172 MC3 P . 36.89 17.78 -28.13
H181 MC3 P . 35.17 18.36 -29.72
H182 MC3 P . 34.31 17.18 -29.12
H191 MC3 P . 35.89 15.61 -29.79
H192 MC3 P . 36.84 16.76 -30.30
H201 MC3 P . 35.24 17.35 -31.94
H202 MC3 P . 34.31 16.18 -31.44
H211 MC3 P . 35.83 14.60 -32.16
H212 MC3 P . 36.89 15.71 -32.50
H221 MC3 P . 35.43 16.55 -34.19
H222 MC3 P . 34.43 15.35 -33.87
H231 MC3 P . 36.05 13.81 -34.57
H232 MC3 P . 37.08 14.98 -34.83
H241 MC3 P . 36.06 14.30 -36.87
H242 MC3 P . 34.65 14.69 -36.27
H243 MC3 P . 35.73 15.81 -36.56
C14 MC3 Q . 32.16 21.99 -28.21
C15 MC3 Q . 32.96 21.13 -29.18
C16 MC3 Q . 32.14 20.91 -30.45
C17 MC3 Q . 32.99 20.15 -31.47
C18 MC3 Q . 32.24 20.07 -32.80
C19 MC3 Q . 32.97 19.11 -33.73
C20 MC3 Q . 32.27 19.04 -35.09
C21 MC3 Q . 33.00 18.04 -35.98
C22 MC3 Q . 32.40 18.06 -37.38
C23 MC3 Q . 33.20 17.14 -38.29
C24 MC3 Q . 32.73 17.28 -39.73
H141 MC3 Q . 32.49 21.86 -27.31
H142 MC3 Q . 31.22 21.73 -28.24
H151 MC3 Q . 33.16 20.28 -28.77
H152 MC3 Q . 33.79 21.59 -29.40
H161 MC3 Q . 31.89 21.76 -30.82
H162 MC3 Q . 31.35 20.39 -30.23
H171 MC3 Q . 33.16 19.25 -31.15
H172 MC3 Q . 33.83 20.61 -31.60
H181 MC3 Q . 32.19 20.95 -33.20
H182 MC3 Q . 31.34 19.74 -32.64
H191 MC3 Q . 32.99 18.22 -33.34
H192 MC3 Q . 33.88 19.42 -33.86
H201 MC3 Q . 32.29 19.91 -35.50
H202 MC3 Q . 31.35 18.76 -34.97
H211 MC3 Q . 32.91 17.15 -35.60
H212 MC3 Q . 33.94 18.28 -36.03
H221 MC3 Q . 32.44 18.97 -37.74
H222 MC3 Q . 31.47 17.77 -37.35
H231 MC3 Q . 33.08 16.22 -38.00
H232 MC3 Q . 34.14 17.37 -38.25
H241 MC3 Q . 33.21 16.66 -40.30
H242 MC3 Q . 31.77 17.09 -39.78
H243 MC3 Q . 32.89 18.20 -40.03
C2 MC3 R . 36.42 -9.87 -12.25
C3 MC3 R . 35.96 -11.33 -12.37
C11 MC3 R . 35.96 -12.79 -14.20
C12 MC3 R . 36.67 -12.82 -15.55
C13 MC3 R . 35.98 -13.78 -16.52
C14 MC3 R . 36.67 -13.62 -17.88
C15 MC3 R . 36.01 -14.50 -18.93
C16 MC3 R . 36.67 -14.23 -20.27
C17 MC3 R . 36.02 -15.04 -21.38
C18 MC3 R . 36.77 -14.76 -22.69
C19 MC3 R . 36.23 -15.62 -23.82
C20 MC3 R . 37.01 -15.32 -25.09
C21 MC3 R . 36.45 -16.11 -26.26
C22 MC3 R . 37.30 -15.85 -27.50
C23 MC3 R . 36.79 -16.69 -28.68
C24 MC3 R . 37.69 -16.48 -29.89
C31 MC3 R . 37.48 -8.19 -13.49
C32 MC3 R . 37.94 -7.59 -14.82
C33 MC3 R . 37.83 -8.65 -15.91
C34 MC3 R . 37.95 -7.98 -17.29
C35 MC3 R . 38.01 -9.08 -18.35
C36 MC3 R . 37.99 -8.47 -19.75
C37 MC3 R . 38.08 -9.60 -20.76
C38 MC3 R . 38.19 -9.04 -22.18
C39 MC3 R . 38.33 -10.22 -23.14
C40 MC3 R . 38.54 -9.73 -24.56
C41 MC3 R . 38.84 -10.91 -25.46
C42 MC3 R . 38.89 -10.47 -26.91
C43 MC3 R . 39.03 -11.68 -27.82
C44 MC3 R . 38.93 -11.26 -29.29
O2 MC3 R . 37.06 -9.52 -13.43
O3 MC3 R . 35.55 -11.57 -13.68
O11 MC3 R . 35.76 -13.80 -13.61
O31 MC3 R . 37.46 -7.52 -12.51
H2 MC3 R . 37.03 -9.79 -11.51
H31 MC3 R . 35.22 -11.49 -11.76
H32 MC3 R . 36.69 -11.92 -12.15
H121 MC3 R . 37.59 -13.11 -15.42
H122 MC3 R . 36.66 -11.93 -15.93
H131 MC3 R . 35.05 -13.54 -16.61
H132 MC3 R . 36.08 -14.69 -16.21
H141 MC3 R . 37.59 -13.88 -17.80
H142 MC3 R . 36.61 -12.70 -18.16
H151 MC3 R . 35.07 -14.29 -18.99
H152 MC3 R . 36.12 -15.44 -18.69
H161 MC3 R . 37.61 -14.45 -20.21
H162 MC3 R . 36.59 -13.29 -20.48
H171 MC3 R . 35.10 -14.79 -21.47
H172 MC3 R . 36.08 -15.99 -21.18
H181 MC3 R . 37.71 -14.95 -22.56
H182 MC3 R . 36.66 -13.82 -22.91
H191 MC3 R . 35.29 -15.42 -23.96
H192 MC3 R . 36.32 -16.56 -23.59
H201 MC3 R . 37.95 -15.55 -24.95
H202 MC3 R . 36.95 -14.36 -25.28
H211 MC3 R . 35.54 -15.85 -26.43
H212 MC3 R . 36.47 -17.06 -26.05
H221 MC3 R . 38.22 -16.10 -27.32
H222 MC3 R . 37.25 -14.92 -27.73
H231 MC3 R . 35.89 -16.41 -28.89
H232 MC3 R . 36.79 -17.62 -28.43
H241 MC3 R . 37.76 -15.54 -30.09
H242 MC3 R . 37.30 -16.93 -30.66
H243 MC3 R . 38.56 -16.86 -29.71
H321 MC3 R . 37.39 -6.83 -15.04
H322 MC3 R . 38.87 -7.30 -14.73
H331 MC3 R . 38.54 -9.29 -15.80
H332 MC3 R . 36.98 -9.08 -15.84
H341 MC3 R . 37.18 -7.42 -17.44
H342 MC3 R . 38.75 -7.45 -17.32
H351 MC3 R . 38.82 -9.60 -18.24
H352 MC3 R . 37.24 -9.67 -18.25
H361 MC3 R . 37.16 -7.98 -19.87
H362 MC3 R . 38.73 -7.87 -19.85
H371 MC3 R . 38.86 -10.14 -20.57
H372 MC3 R . 37.28 -10.15 -20.69
H381 MC3 R . 37.39 -8.54 -22.39
H382 MC3 R . 38.96 -8.47 -22.24
H391 MC3 R . 39.09 -10.76 -22.87
H392 MC3 R . 37.53 -10.75 -23.10
H401 MC3 R . 37.74 -9.28 -24.87
H402 MC3 R . 39.28 -9.10 -24.58
H411 MC3 R . 39.70 -11.29 -25.21
H412 MC3 R . 38.15 -11.58 -25.35
H421 MC3 R . 38.09 -9.98 -27.13
H422 MC3 R . 39.66 -9.89 -27.05
H431 MC3 R . 39.89 -12.10 -27.67
H432 MC3 R . 38.33 -12.32 -27.62
H441 MC3 R . 38.05 -10.89 -29.45
H442 MC3 R . 39.61 -10.61 -29.48
H443 MC3 R . 39.05 -12.04 -29.85
C11 MC3 S . 33.52 -8.03 -14.63
C12 MC3 S . 33.08 -9.10 -15.61
C13 MC3 S . 33.88 -8.98 -16.90
C14 MC3 S . 33.62 -10.17 -17.82
C15 MC3 S . 34.18 -9.87 -19.20
C16 MC3 S . 33.71 -10.87 -20.24
C17 MC3 S . 34.31 -10.47 -21.59
C18 MC3 S . 33.77 -11.34 -22.73
C19 MC3 S . 34.58 -11.05 -23.99
C20 MC3 S . 34.07 -11.87 -25.17
C21 MC3 S . 34.96 -11.61 -26.37
C22 MC3 S . 34.45 -12.35 -27.60
C23 MC3 S . 35.24 -11.89 -28.83
C24 MC3 S . 34.55 -12.38 -30.11
H121 MC3 S . 32.13 -8.99 -15.81
H122 MC3 S . 33.22 -9.98 -15.22
H131 MC3 S . 34.82 -8.94 -16.68
H132 MC3 S . 33.61 -8.17 -17.35
H141 MC3 S . 32.68 -10.32 -17.88
H142 MC3 S . 34.06 -10.95 -17.46
H151 MC3 S . 35.16 -9.90 -19.16
H152 MC3 S . 33.91 -8.98 -19.47
H161 MC3 S . 32.75 -10.84 -20.30
H162 MC3 S . 34.02 -11.75 -20.01
H171 MC3 S . 34.08 -9.54 -21.77
H172 MC3 S . 35.27 -10.55 -21.55
H181 MC3 S . 32.84 -11.14 -22.88
H182 MC3 S . 33.87 -12.27 -22.49
H191 MC3 S . 35.50 -11.26 -23.83
H192 MC3 S . 34.50 -10.11 -24.20
H201 MC3 S . 33.16 -11.61 -25.37
H202 MC3 S . 34.09 -12.81 -24.94
H211 MC3 S . 35.86 -11.92 -26.16
H212 MC3 S . 34.98 -10.66 -26.55
H221 MC3 S . 33.52 -12.17 -27.73
H222 MC3 S . 34.58 -13.31 -27.47
H231 MC3 S . 36.13 -12.26 -28.79
H232 MC3 S . 35.28 -10.93 -28.84
H241 MC3 S . 33.67 -12.00 -30.16
H242 MC3 S . 35.07 -12.10 -30.87
H243 MC3 S . 34.49 -13.35 -30.09
C12 MC3 T . 40.79 -10.60 -12.59
C13 MC3 T . 40.97 -11.76 -13.56
C14 MC3 T . 40.77 -11.26 -15.00
C15 MC3 T . 40.98 -12.43 -15.97
C16 MC3 T . 40.72 -11.94 -17.39
C17 MC3 T . 40.94 -13.08 -18.37
C18 MC3 T . 40.60 -12.61 -19.78
C19 MC3 T . 40.87 -13.74 -20.77
C20 MC3 T . 40.69 -13.23 -22.20
C21 MC3 T . 41.18 -14.29 -23.18
C22 MC3 T . 41.05 -13.80 -24.62
C23 MC3 T . 41.51 -14.90 -25.57
C24 MC3 T . 41.59 -14.37 -27.00
H121 MC3 T . 39.95 -10.15 -12.79
H122 MC3 T . 40.76 -10.94 -11.68
H131 MC3 T . 40.31 -12.45 -13.37
H132 MC3 T . 41.86 -12.13 -13.46
H141 MC3 T . 41.42 -10.56 -15.18
H142 MC3 T . 39.87 -10.92 -15.10
H151 MC3 T . 40.38 -13.14 -15.76
H152 MC3 T . 41.90 -12.74 -15.91
H161 MC3 T . 41.32 -11.20 -17.60
H162 MC3 T . 39.80 -11.63 -17.46
H171 MC3 T . 40.38 -13.83 -18.13
H172 MC3 T . 41.87 -13.35 -18.34
H181 MC3 T . 41.14 -11.85 -20.01
H182 MC3 T . 39.67 -12.37 -19.82
H191 MC3 T . 40.26 -14.46 -20.61
H192 MC3 T . 41.78 -14.05 -20.67
H201 MC3 T . 41.21 -12.42 -22.33
H202 MC3 T . 39.75 -13.04 -22.36
H211 MC3 T . 40.64 -15.09 -23.07
H212 MC3 T . 42.10 -14.50 -22.99
H221 MC3 T . 41.60 -13.01 -24.74
H222 MC3 T . 40.12 -13.58 -24.80
H231 MC3 T . 40.88 -15.63 -25.53
H232 MC3 T . 42.39 -15.21 -25.29
H241 MC3 T . 42.14 -13.56 -27.01
H242 MC3 T . 41.98 -15.04 -27.57
H243 MC3 T . 40.70 -14.16 -27.32
C15 MC3 U . 42.33 -7.59 -16.30
C16 MC3 U . 42.26 -7.07 -17.74
C17 MC3 U . 42.29 -8.26 -18.70
C18 MC3 U . 42.34 -7.76 -20.14
C19 MC3 U . 42.52 -8.94 -21.08
C20 MC3 U . 42.60 -8.44 -22.52
C21 MC3 U . 42.63 -9.64 -23.46
C22 MC3 U . 42.84 -9.18 -24.91
C23 MC3 U . 43.01 -10.39 -25.81
C24 MC3 U . 43.42 -9.93 -27.21
H151 MC3 U . 42.15 -6.86 -15.68
H152 MC3 U . 41.68 -8.28 -16.17
H161 MC3 U . 43.01 -6.49 -17.91
H162 MC3 U . 41.44 -6.58 -17.86
H171 MC3 U . 41.50 -8.80 -18.57
H172 MC3 U . 43.07 -8.79 -18.52
H181 MC3 U . 43.07 -7.14 -20.24
H182 MC3 U . 41.51 -7.31 -20.35
H191 MC3 U . 41.78 -9.55 -20.99
H192 MC3 U . 43.35 -9.40 -20.85
H201 MC3 U . 43.41 -7.91 -22.65
H202 MC3 U . 41.83 -7.90 -22.72
H211 MC3 U . 41.79 -10.11 -23.40
H212 MC3 U . 43.35 -10.23 -23.21
H221 MC3 U . 43.64 -8.62 -24.95
H222 MC3 U . 42.07 -8.67 -25.18
H231 MC3 U . 42.17 -10.87 -25.86
H232 MC3 U . 43.70 -10.96 -25.45
H241 MC3 U . 43.45 -10.69 -27.80
H242 MC3 U . 42.79 -9.28 -27.53
H243 MC3 U . 44.30 -9.53 -27.16
C15 MC3 V . 44.86 -10.17 -14.42
C16 MC3 V . 45.25 -11.28 -15.39
C17 MC3 V . 45.27 -10.73 -16.82
C18 MC3 V . 45.46 -11.88 -17.80
C19 MC3 V . 45.35 -11.36 -19.23
C20 MC3 V . 45.69 -12.49 -20.20
C21 MC3 V . 45.42 -12.02 -21.63
C22 MC3 V . 45.70 -13.18 -22.59
C23 MC3 V . 45.52 -12.70 -24.03
C24 MC3 V . 45.99 -13.79 -24.99
H151 MC3 V . 44.59 -10.56 -13.58
H152 MC3 V . 44.14 -9.65 -14.79
H161 MC3 V . 44.61 -12.01 -15.33
H162 MC3 V . 46.14 -11.62 -15.16
H171 MC3 V . 46.00 -10.10 -16.91
H172 MC3 V . 44.43 -10.28 -17.00
H181 MC3 V . 44.77 -12.55 -17.66
H182 MC3 V . 46.33 -12.29 -17.66
H191 MC3 V . 45.98 -10.62 -19.35
H192 MC3 V . 44.45 -11.04 -19.40
H201 MC3 V . 45.14 -13.26 -19.99
H202 MC3 V . 46.63 -12.72 -20.11
H211 MC3 V . 46.00 -11.28 -21.84
H212 MC3 V . 44.49 -11.75 -21.71
H221 MC3 V . 45.09 -13.91 -22.41
H222 MC3 V . 46.61 -13.49 -22.48
H231 MC3 V . 46.03 -11.89 -24.18
H232 MC3 V . 44.57 -12.52 -24.18
H241 MC3 V . 45.90 -13.48 -25.90
H242 MC3 V . 46.91 -14.01 -24.81
H243 MC3 V . 45.43 -14.59 -24.87
C15 MC3 W . 42.71 -2.40 -16.52
C16 MC3 W . 43.33 -3.37 -17.52
C17 MC3 W . 43.10 -2.87 -18.94
C18 MC3 W . 43.60 -3.90 -19.95
C19 MC3 W . 43.50 -3.35 -21.36
C20 MC3 W . 43.94 -4.40 -22.37
C21 MC3 W . 43.65 -3.91 -23.78
C22 MC3 W . 44.04 -4.99 -24.80
C23 MC3 W . 43.67 -4.51 -26.21
C24 MC3 W . 44.27 -5.44 -27.25
H151 MC3 W . 43.36 -1.73 -16.28
H152 MC3 W . 41.94 -1.97 -16.93
H161 MC3 W . 42.92 -4.25 -17.42
H162 MC3 W . 44.28 -3.45 -17.35
H171 MC3 W . 43.58 -2.04 -19.07
H172 MC3 W . 42.16 -2.71 -19.08
H181 MC3 W . 43.06 -4.71 -19.88
H182 MC3 W . 44.52 -4.12 -19.75
H191 MC3 W . 44.06 -2.56 -21.44
H192 MC3 W . 42.58 -3.08 -21.55
H201 MC3 W . 43.46 -5.23 -22.20
H202 MC3 W . 44.89 -4.57 -22.27
H211 MC3 W . 44.15 -3.10 -23.96
H212 MC3 W . 42.70 -3.72 -23.86
H221 MC3 W . 43.57 -5.80 -24.60
H222 MC3 W . 44.99 -5.14 -24.75
H231 MC3 W . 44.01 -3.61 -26.34
H232 MC3 W . 42.70 -4.50 -26.29
H241 MC3 W . 44.09 -5.09 -28.14
H242 MC3 W . 45.22 -5.50 -27.12
H243 MC3 W . 43.87 -6.32 -27.16
C13 MC3 X . 38.25 -3.51 -17.16
C14 MC3 X . 38.77 -3.08 -18.53
C15 MC3 X . 38.89 -4.29 -19.44
C16 MC3 X . 39.31 -3.85 -20.84
C17 MC3 X . 39.24 -5.04 -21.79
C18 MC3 X . 39.48 -4.58 -23.23
C19 MC3 X . 39.22 -5.74 -24.19
C20 MC3 X . 39.65 -5.35 -25.61
C21 MC3 X . 39.48 -6.57 -26.52
C22 MC3 X . 40.11 -6.29 -27.88
C23 MC3 X . 40.05 -7.55 -28.75
C24 MC3 X . 40.62 -7.25 -30.13
H131 MC3 X . 37.57 -2.88 -16.86
H132 MC3 X . 38.98 -3.50 -16.52
H141 MC3 X . 39.64 -2.66 -18.43
H142 MC3 X . 38.15 -2.44 -18.92
H151 MC3 X . 39.56 -4.90 -19.09
H152 MC3 X . 38.04 -4.76 -19.48
H161 MC3 X . 40.22 -3.52 -20.81
H162 MC3 X . 38.72 -3.15 -21.15
H171 MC3 X . 38.38 -5.45 -21.73
H172 MC3 X . 39.93 -5.69 -21.55
H181 MC3 X . 40.40 -4.28 -23.33
H182 MC3 X . 38.88 -3.84 -23.44
H191 MC3 X . 38.27 -5.95 -24.20
H192 MC3 X . 39.72 -6.51 -23.89
H201 MC3 X . 40.58 -5.08 -25.60
H202 MC3 X . 39.09 -4.64 -25.93
H211 MC3 X . 38.54 -6.75 -26.63
H212 MC3 X . 39.91 -7.34 -26.12
H221 MC3 X . 41.04 -6.03 -27.77
H222 MC3 X . 39.63 -5.58 -28.33
H231 MC3 X . 39.12 -7.83 -28.83
H232 MC3 X . 40.57 -8.25 -28.33
H241 MC3 X . 40.50 -8.03 -30.70
H242 MC3 X . 40.15 -6.49 -30.51
H243 MC3 X . 41.56 -7.05 -30.05
C2 MC3 Y . 24.56 19.23 -24.51
C3 MC3 Y . 25.51 18.03 -24.46
C11 MC3 Y . 26.37 16.67 -26.17
C12 MC3 Y . 26.49 16.80 -27.69
C13 MC3 Y . 26.74 15.46 -28.34
C14 MC3 Y . 26.70 15.67 -29.86
C15 MC3 Y . 26.89 14.35 -30.60
C16 MC3 Y . 26.73 14.62 -32.09
C17 MC3 Y . 26.86 13.33 -32.90
C18 MC3 Y . 26.75 13.68 -34.38
C19 MC3 Y . 26.96 12.43 -35.24
C20 MC3 Y . 26.86 12.85 -36.71
C21 MC3 Y . 27.01 11.61 -37.60
C22 MC3 Y . 26.98 12.04 -39.07
C23 MC3 Y . 27.18 10.84 -39.98
C24 MC3 Y . 27.23 11.28 -41.43
C31 MC3 Y . 23.45 20.61 -26.05
C32 MC3 Y . 22.93 20.91 -27.46
C33 MC3 Y . 23.53 19.91 -28.44
C34 MC3 Y . 22.77 19.95 -29.77
C35 MC3 Y . 23.51 19.08 -30.78
C36 MC3 Y . 22.71 18.97 -32.07
C37 MC3 Y . 23.49 18.12 -33.05
C38 MC3 Y . 22.81 18.09 -34.41
C39 MC3 Y . 23.68 17.26 -35.36
C40 MC3 Y . 23.09 17.28 -36.77
C41 MC3 Y . 24.06 16.58 -37.71
C42 MC3 Y . 23.43 16.43 -39.09
C43 MC3 Y . 24.33 15.59 -39.98
C44 MC3 Y . 23.64 15.31 -41.31
O2 MC3 Y . 24.36 19.57 -25.85
O3 MC3 Y . 25.24 17.19 -25.54
O11 MC3 Y . 27.22 16.14 -25.55
O31 MC3 Y . 23.09 21.26 -25.13
H2 MC3 Y . 24.96 19.97 -24.04
H31 MC3 Y . 25.38 17.55 -23.63
H32 MC3 Y . 26.42 18.34 -24.51
H121 MC3 Y . 27.22 17.40 -27.90
H122 MC3 Y . 25.67 17.18 -28.04
H131 MC3 Y . 26.05 14.84 -28.09
H132 MC3 Y . 27.61 15.12 -28.09
H141 MC3 Y . 27.41 16.27 -30.11
H142 MC3 Y . 25.85 16.05 -30.10
H151 MC3 Y . 26.22 13.72 -30.31
H152 MC3 Y . 27.77 14.00 -30.42
H161 MC3 Y . 27.42 15.25 -32.37
H162 MC3 Y . 25.86 15.01 -32.26
H171 MC3 Y . 26.16 12.73 -32.65
H172 MC3 Y . 27.72 12.92 -32.72
H181 MC3 Y . 27.41 14.34 -34.60
H182 MC3 Y . 25.86 14.04 -34.55
H191 MC3 Y . 26.28 11.78 -35.03
H192 MC3 Y . 27.84 12.06 -35.06
H201 MC3 Y . 27.57 13.47 -36.91
H202 MC3 Y . 26.01 13.26 -36.86
H211 MC3 Y . 26.28 11.00 -37.43
H212 MC3 Y . 27.85 11.17 -37.41
H221 MC3 Y . 27.69 12.69 -39.23
H222 MC3 Y . 26.12 12.46 -39.26
H231 MC3 Y . 26.44 10.22 -39.85
H232 MC3 Y . 28.01 10.40 -39.75
H241 MC3 Y . 26.44 11.80 -41.64
H242 MC3 Y . 27.25 10.50 -42.01
H243 MC3 Y . 28.03 11.82 -41.58
H321 MC3 Y . 21.97 20.83 -27.47
H322 MC3 Y . 23.18 21.81 -27.71
H331 MC3 Y . 24.46 20.13 -28.59
H332 MC3 Y . 23.48 19.02 -28.07
H341 MC3 Y . 21.88 19.61 -29.63
H342 MC3 Y . 22.74 20.86 -30.09
H351 MC3 Y . 24.38 19.45 -30.96
H352 MC3 Y . 23.62 18.19 -30.41
H361 MC3 Y . 21.86 18.56 -31.89
H362 MC3 Y . 22.57 19.86 -32.44
H371 MC3 Y . 24.38 18.49 -33.15
H372 MC3 Y . 23.56 17.22 -32.70
H381 MC3 Y . 21.94 17.68 -34.32
H382 MC3 Y . 22.72 18.99 -34.75
H391 MC3 Y . 24.57 17.64 -35.38
H392 MC3 Y . 23.71 16.35 -35.04
H401 MC3 Y . 22.24 16.79 -36.77
H402 MC3 Y . 22.94 18.18 -37.05
H411 MC3 Y . 24.87 17.11 -37.78
H412 MC3 Y . 24.28 15.70 -37.36
H421 MC3 Y . 22.56 16.00 -39.00
H422 MC3 Y . 23.31 17.31 -39.49
H431 MC3 Y . 25.15 16.07 -40.16
H432 MC3 Y . 24.53 14.76 -39.55
H441 MC3 Y . 22.83 14.79 -41.15
H442 MC3 Y . 23.39 16.15 -41.74
H443 MC3 Y . 24.23 14.81 -41.89
C11 MC3 Z . 21.05 17.27 -25.69
C12 MC3 Z . 21.53 16.04 -26.44
C13 MC3 Z . 21.58 16.35 -27.94
C14 MC3 Z . 22.26 15.21 -28.71
C15 MC3 Z . 22.03 15.42 -30.20
C16 MC3 Z . 22.41 14.17 -31.00
C17 MC3 Z . 22.11 14.45 -32.47
C18 MC3 Z . 22.35 13.22 -33.34
C19 MC3 Z . 22.27 13.63 -34.81
C20 MC3 Z . 22.46 12.43 -35.72
C21 MC3 Z . 22.46 12.90 -37.16
C22 MC3 Z . 22.58 11.73 -38.13
C23 MC3 Z . 22.36 12.22 -39.56
C24 MC3 Z . 22.16 11.04 -40.51
H121 MC3 Z . 20.91 15.31 -26.30
H122 MC3 Z . 22.41 15.79 -26.14
H131 MC3 Z . 22.08 17.17 -28.07
H132 MC3 Z . 20.68 16.46 -28.27
H141 MC3 Z . 21.90 14.37 -28.42
H142 MC3 Z . 23.21 15.23 -28.53
H151 MC3 Z . 22.55 16.16 -30.51
H152 MC3 Z . 21.10 15.60 -30.35
H161 MC3 Z . 21.89 13.43 -30.70
H162 MC3 Z . 23.35 14.00 -30.89
H171 MC3 Z . 21.20 14.74 -32.55
H172 MC3 Z . 22.69 15.16 -32.78
H181 MC3 Z . 21.66 12.56 -33.16
H182 MC3 Z . 23.22 12.85 -33.15
H191 MC3 Z . 22.96 14.28 -34.99
H192 MC3 Z . 21.41 14.03 -34.98
H201 MC3 Z . 21.73 11.81 -35.59
H202 MC3 Z . 23.30 11.99 -35.52
H211 MC3 Z . 23.22 13.49 -37.29
H212 MC3 Z . 21.64 13.38 -37.34
H221 MC3 Z . 21.91 11.06 -37.92
H222 MC3 Z . 23.46 11.34 -38.06
H231 MC3 Z . 23.13 12.73 -39.85
H232 MC3 Z . 21.57 12.79 -39.59
H241 MC3 Z . 21.37 10.54 -40.23
H242 MC3 Z . 22.03 11.36 -41.41
H243 MC3 Z . 22.92 10.46 -40.47
C12 MC3 AA . 27.35 22.12 -26.40
C13 MC3 AA . 28.22 21.33 -27.37
C14 MC3 AA . 27.42 21.02 -28.64
C15 MC3 AA . 28.30 20.26 -29.63
C16 MC3 AA . 27.48 19.90 -30.85
C17 MC3 AA . 28.35 19.15 -31.85
C18 MC3 AA . 27.50 18.71 -33.05
C19 MC3 AA . 28.39 18.01 -34.07
C20 MC3 AA . 27.58 17.71 -35.33
C21 MC3 AA . 28.54 17.21 -36.42
C22 MC3 AA . 27.77 16.96 -37.72
C23 MC3 AA . 28.74 16.43 -38.77
C24 MC3 AA . 28.05 16.35 -40.13
H121 MC3 AA . 26.50 21.66 -26.28
H122 MC3 AA . 27.80 22.19 -25.54
H131 MC3 AA . 28.49 20.50 -26.96
H132 MC3 AA . 29.00 21.86 -27.60
H141 MC3 AA . 27.12 21.85 -29.05
H142 MC3 AA . 26.65 20.49 -28.42
H151 MC3 AA . 28.63 19.45 -29.21
H152 MC3 AA . 29.05 20.80 -29.89
H161 MC3 AA . 27.14 20.70 -31.27
H162 MC3 AA . 26.73 19.33 -30.59
H171 MC3 AA . 28.73 18.37 -31.42
H172 MC3 AA . 29.06 19.73 -32.15
H181 MC3 AA . 27.10 19.49 -33.45
H182 MC3 AA . 26.81 18.10 -32.75
H191 MC3 AA . 28.71 17.17 -33.70
H192 MC3 AA . 29.14 18.57 -34.29
H201 MC3 AA . 27.15 18.53 -35.64
H202 MC3 AA . 26.92 17.04 -35.14
H211 MC3 AA . 28.94 16.39 -36.12
H212 MC3 AA . 29.21 17.88 -36.58
H221 MC3 AA . 27.37 17.79 -38.03
H222 MC3 AA . 27.07 16.30 -37.56
H231 MC3 AA . 29.03 15.54 -38.51
H232 MC3 AA . 29.51 17.02 -38.82
H241 MC3 AA . 27.66 17.22 -40.34
H242 MC3 AA . 28.70 16.11 -40.81
H243 MC3 AA . 27.36 15.68 -40.11
C15 MC3 BA . 24.90 23.88 -30.42
C16 MC3 BA . 24.15 23.67 -31.73
C17 MC3 BA . 24.96 22.76 -32.64
C18 MC3 BA . 24.28 22.64 -34.00
C19 MC3 BA . 25.18 21.85 -34.95
C20 MC3 BA . 24.51 21.75 -36.32
C21 MC3 BA . 25.34 20.83 -37.21
C22 MC3 BA . 24.78 20.82 -38.63
C23 MC3 BA . 25.70 20.01 -39.53
C24 MC3 BA . 25.26 20.17 -40.99
H151 MC3 BA . 24.32 24.33 -29.78
H152 MC3 BA . 25.17 23.02 -30.06
H161 MC3 BA . 24.02 24.52 -32.16
H162 MC3 BA . 23.28 23.26 -31.55
H171 MC3 BA . 25.02 21.88 -32.24
H172 MC3 BA . 25.85 23.12 -32.75
H181 MC3 BA . 24.11 23.52 -34.36
H182 MC3 BA . 23.43 22.18 -33.91
H191 MC3 BA . 25.31 20.96 -34.60
H192 MC3 BA . 26.03 22.30 -35.03
H201 MC3 BA . 24.47 22.63 -36.73
H202 MC3 BA . 23.62 21.39 -36.23
H211 MC3 BA . 25.32 19.93 -36.85
H212 MC3 BA . 26.26 21.14 -37.23
H221 MC3 BA . 24.71 21.73 -38.96
H222 MC3 BA . 23.90 20.42 -38.61
H231 MC3 BA . 25.67 19.08 -39.28
H232 MC3 BA . 26.61 20.33 -39.45
H241 MC3 BA . 25.78 19.58 -41.55
H242 MC3 BA . 24.31 19.93 -41.06
H243 MC3 BA . 25.37 21.09 -41.27
C15 MC3 CA . 28.72 24.99 -29.57
C16 MC3 CA . 29.67 24.38 -30.62
C17 MC3 CA . 28.93 24.27 -31.95
C18 MC3 CA . 29.79 23.49 -32.94
C19 MC3 CA . 29.01 23.28 -34.24
C20 MC3 CA . 29.94 22.62 -35.26
C21 MC3 CA . 29.13 22.24 -36.50
C22 MC3 CA . 30.05 21.53 -37.50
C23 MC3 CA . 29.27 21.21 -38.77
C24 MC3 CA . 30.23 20.69 -39.84
H151 MC3 CA . 29.08 24.82 -28.69
H152 MC3 CA . 27.85 24.58 -29.65
H161 MC3 CA . 29.94 23.51 -30.33
H162 MC3 CA . 30.44 24.95 -30.72
H171 MC3 CA . 28.76 25.16 -32.30
H172 MC3 CA . 28.09 23.81 -31.82
H181 MC3 CA . 30.02 22.63 -32.56
H182 MC3 CA . 30.61 23.99 -33.12
H191 MC3 CA . 28.71 24.13 -34.58
H192 MC3 CA . 28.26 22.70 -34.07
H201 MC3 CA . 30.34 21.83 -34.87
H202 MC3 CA . 30.64 23.25 -35.51
H211 MC3 CA . 28.77 23.03 -36.90
H212 MC3 CA . 28.41 21.64 -36.24
H221 MC3 CA . 30.37 20.71 -37.11
H222 MC3 CA . 30.79 22.10 -37.72
H231 MC3 CA . 28.83 22.02 -39.10
H232 MC3 CA . 28.60 20.54 -38.58
H241 MC3 CA . 29.74 20.53 -40.67
H242 MC3 CA . 30.92 21.35 -40.00
H243 MC3 CA . 30.63 19.86 -39.53
C15 MC3 DA . 20.72 26.97 -30.76
C16 MC3 DA . 21.65 26.61 -31.91
C17 MC3 DA . 20.83 26.29 -33.16
C18 MC3 DA . 21.76 25.80 -34.27
C19 MC3 DA . 20.95 25.61 -35.56
C20 MC3 DA . 21.86 25.06 -36.65
C21 MC3 DA . 21.02 24.68 -37.87
C22 MC3 DA . 21.92 24.09 -38.96
C23 MC3 DA . 21.05 23.64 -40.14
C24 MC3 DA . 21.93 23.29 -41.34
H151 MC3 DA . 20.55 27.93 -30.77
H152 MC3 DA . 19.89 26.48 -30.86
H161 MC3 DA . 22.19 25.84 -31.67
H162 MC3 DA . 22.24 27.37 -32.10
H171 MC3 DA . 20.36 27.08 -33.45
H172 MC3 DA . 20.19 25.60 -32.95
H181 MC3 DA . 22.16 24.96 -34.02
H182 MC3 DA . 22.46 26.46 -34.43
H191 MC3 DA . 20.58 26.46 -35.84
H192 MC3 DA . 20.24 24.98 -35.40
H201 MC3 DA . 22.34 24.29 -36.33
H202 MC3 DA . 22.51 25.74 -36.91
H211 MC3 DA . 20.58 25.47 -38.21
H212 MC3 DA . 20.36 24.03 -37.61
H221 MC3 DA . 22.41 23.33 -38.61
H222 MC3 DA . 22.55 24.77 -39.26
H231 MC3 DA . 20.45 24.36 -40.39
H232 MC3 DA . 20.53 22.87 -39.87
H241 MC3 DA . 21.38 23.07 -42.09
H242 MC3 DA . 22.50 24.04 -41.55
H243 MC3 DA . 22.48 22.52 -41.11
C13 MC3 EA . 19.22 22.70 -29.76
C14 MC3 EA . 18.86 22.93 -31.22
C15 MC3 EA . 19.76 22.07 -32.11
C16 MC3 EA . 19.33 22.23 -33.57
C17 MC3 EA . 20.09 21.23 -34.44
C18 MC3 EA . 19.54 21.24 -35.86
C19 MC3 EA . 20.19 20.11 -36.66
C20 MC3 EA . 19.82 20.23 -38.14
C21 MC3 EA . 20.55 19.16 -38.93
C22 MC3 EA . 20.37 19.40 -40.43
C23 MC3 EA . 21.22 18.39 -41.21
C24 MC3 EA . 21.00 18.59 -42.71
H131 MC3 EA . 18.41 22.60 -29.23
H132 MC3 EA . 19.72 23.47 -29.42
H141 MC3 EA . 18.98 23.86 -31.44
H142 MC3 EA . 17.93 22.67 -31.36
H151 MC3 EA . 20.68 22.37 -32.02
H152 MC3 EA . 19.69 21.15 -31.85
H161 MC3 EA . 19.52 23.13 -33.87
H162 MC3 EA . 18.38 22.06 -33.64
H171 MC3 EA . 20.00 20.35 -34.06
H172 MC3 EA . 21.03 21.48 -34.46
H181 MC3 EA . 19.74 22.09 -36.28
H182 MC3 EA . 18.58 21.11 -35.83
H191 MC3 EA . 19.87 19.26 -36.33
H192 MC3 EA . 21.15 20.17 -36.57
H201 MC3 EA . 20.06 21.11 -38.47
H202 MC3 EA . 18.86 20.10 -38.25
H211 MC3 EA . 20.20 18.29 -38.70
H212 MC3 EA . 21.50 19.19 -38.71
H221 MC3 EA . 20.66 20.29 -40.65
H222 MC3 EA . 19.45 19.28 -40.67
H231 MC3 EA . 20.97 17.50 -40.96
H232 MC3 EA . 22.16 18.53 -41.01
H241 MC3 EA . 21.47 17.89 -43.20
H242 MC3 EA . 20.05 18.53 -42.90
H243 MC3 EA . 21.32 19.46 -42.97
C1 MC3 FA . -1.71 24.91 -29.17
C2 MC3 FA . -1.52 23.58 -29.91
C3 MC3 FA . -2.51 22.58 -29.33
C4 MC3 FA . 2.43 23.63 -27.68
C5 MC3 FA . 2.83 22.14 -27.64
C6 MC3 FA . 0.82 21.39 -26.57
C7 MC3 FA . 2.74 20.06 -26.59
C8 MC3 FA . 2.67 21.98 -25.22
C11 MC3 FA . -3.55 20.55 -29.81
C12 MC3 FA . -3.83 19.38 -30.73
C13 MC3 FA . -2.74 19.29 -31.80
C14 MC3 FA . -3.16 18.25 -32.83
C15 MC3 FA . -2.08 18.07 -33.87
C16 MC3 FA . -2.44 16.87 -34.74
C17 MC3 FA . -1.70 16.94 -36.07
C18 MC3 FA . -1.97 15.64 -36.83
C19 MC3 FA . -1.34 15.70 -38.21
C20 MC3 FA . -1.82 14.49 -39.03
C21 MC3 FA . -1.36 14.63 -40.47
C22 MC3 FA . -2.08 13.61 -41.36
C31 MC3 FA . -0.79 23.34 -32.16
C32 MC3 FA . -1.20 22.97 -33.58
C33 MC3 FA . -0.06 22.29 -34.30
C34 MC3 FA . -0.62 21.61 -35.55
C35 MC3 FA . 0.50 20.96 -36.36
C36 MC3 FA . -0.13 20.22 -37.53
C37 MC3 FA . 0.93 19.58 -38.41
C38 MC3 FA . 0.25 19.05 -39.66
C39 MC3 FA . 1.28 18.49 -40.64
C40 MC3 FA . 0.61 18.32 -41.99
C41 MC3 FA . 1.54 17.57 -42.94
C42 MC3 FA . 0.80 17.24 -44.23
C43 MC3 FA . 0.80 18.44 -45.16
N MC3 FA . 2.27 21.43 -26.50
O2 MC3 FA . -1.78 23.78 -31.27
O3 MC3 FA . -2.47 21.40 -30.07
O11 MC3 FA . -4.23 20.72 -28.85
O31 MC3 FA . 0.34 23.27 -31.83
O1P MC3 FA . 0.68 26.28 -27.81
O2P MC3 FA . 0.32 24.78 -25.90
O3P MC3 FA . -1.37 24.73 -27.83
O4P MC3 FA . 1.12 23.77 -28.13
P MC3 FA . 0.20 24.92 -27.40
H11 MC3 FA . -1.12 25.59 -29.56
H12 MC3 FA . -2.63 25.19 -29.24
H2 MC3 FA . -0.62 23.27 -29.78
H31 MC3 FA . -3.41 22.96 -29.35
H32 MC3 FA . -2.28 22.39 -28.41
H41 MC3 FA . 3.03 24.07 -28.31
H42 MC3 FA . 2.53 24.02 -26.81
H51 MC3 FA . 2.52 21.72 -28.45
H52 MC3 FA . 3.78 22.09 -27.59
H61 MC3 FA . 0.54 21.11 -27.46
H62 MC3 FA . 0.49 20.76 -25.92
H63 MC3 FA . 0.46 22.28 -26.38
H71 MC3 FA . 3.70 20.05 -26.53
H72 MC3 FA . 2.37 19.55 -25.85
H73 MC3 FA . 2.45 19.68 -27.42
H81 MC3 FA . 2.23 22.83 -25.08
H82 MC3 FA . 2.40 21.36 -24.52
H83 MC3 FA . 3.63 22.10 -25.21
H121 MC3 FA . -4.69 19.51 -31.16
H122 MC3 FA . -3.84 18.56 -30.23
H131 MC3 FA . -1.92 19.03 -31.39
H132 MC3 FA . -2.65 20.16 -32.23
H141 MC3 FA . -3.97 18.54 -33.26
H142 MC3 FA . -3.32 17.41 -32.37
H151 MC3 FA . -1.23 17.89 -33.44
H152 MC3 FA . -2.01 18.86 -34.43
H161 MC3 FA . -3.40 16.89 -34.90
H162 MC3 FA . -2.19 16.06 -34.28
H171 MC3 FA . -0.76 17.03 -35.91
H172 MC3 FA . -2.03 17.69 -36.58
H181 MC3 FA . -2.92 15.51 -36.92
H182 MC3 FA . -1.59 14.91 -36.34
H191 MC3 FA . -0.38 15.68 -38.14
H192 MC3 FA . -1.62 16.52 -38.66
H201 MC3 FA . -2.78 14.45 -39.00
H202 MC3 FA . -1.44 13.69 -38.64
H211 MC3 FA . -0.40 14.46 -40.51
H212 MC3 FA . -1.54 15.52 -40.79
H221 MC3 FA . -2.91 13.37 -40.93
H222 MC3 FA . -1.52 12.83 -41.47
H321 MC3 FA . -1.96 22.37 -33.54
H322 MC3 FA . -1.45 23.77 -34.05
H331 MC3 FA . 0.60 22.95 -34.57
H332 MC3 FA . 0.35 21.62 -33.73
H341 MC3 FA . -1.25 20.93 -35.29
H342 MC3 FA . -1.06 22.28 -36.10
H351 MC3 FA . 1.11 21.64 -36.69
H352 MC3 FA . 0.98 20.33 -35.80
H361 MC3 FA . -0.71 19.53 -37.19
H362 MC3 FA . -0.65 20.84 -38.06
H371 MC3 FA . 1.59 20.24 -38.66
H372 MC3 FA . 1.36 18.85 -37.94
H381 MC3 FA . -0.37 18.35 -39.41
H382 MC3 FA . -0.24 19.77 -40.08
H391 MC3 FA . 2.02 19.09 -40.71
H392 MC3 FA . 1.58 17.62 -40.31
H401 MC3 FA . -0.21 17.83 -41.89
H402 MC3 FA . 0.42 19.20 -42.36
H411 MC3 FA . 2.30 18.13 -43.14
H412 MC3 FA . 1.83 16.76 -42.50
H421 MC3 FA . 1.23 16.49 -44.66
H422 MC3 FA . -0.12 17.00 -44.01
H431 MC3 FA . 1.01 19.24 -44.65
H432 MC3 FA . 1.47 18.31 -45.85
C12 MC3 GA . -4.39 26.92 -34.12
C13 MC3 GA . -3.55 25.90 -34.89
C14 MC3 GA . -4.11 25.76 -36.30
C15 MC3 GA . -3.25 24.77 -37.09
C16 MC3 GA . -3.73 24.68 -38.52
C17 MC3 GA . -2.83 23.72 -39.30
C18 MC3 GA . -3.37 23.51 -40.70
C19 MC3 GA . -2.48 22.55 -41.46
C20 MC3 GA . -3.12 22.27 -42.83
C21 MC3 GA . -2.20 21.40 -43.66
C22 MC3 GA . -2.87 21.14 -45.01
C23 MC3 GA . -1.92 20.40 -45.94
C24 MC3 GA . -2.62 20.08 -47.25
H121 MC3 GA . -4.17 27.81 -34.43
H122 MC3 GA . -4.18 26.85 -33.17
H131 MC3 GA . -3.59 25.03 -34.44
H132 MC3 GA . -2.63 26.20 -34.93
H141 MC3 GA . -4.08 26.62 -36.74
H142 MC3 GA . -5.02 25.44 -36.26
H151 MC3 GA . -3.32 23.90 -36.67
H152 MC3 GA . -2.33 25.06 -37.07
H161 MC3 GA . -3.69 25.55 -38.93
H162 MC3 GA . -4.65 24.35 -38.54
H171 MC3 GA . -2.81 22.87 -38.84
H172 MC3 GA . -1.93 24.08 -39.34
H181 MC3 GA . -3.40 24.37 -41.16
H182 MC3 GA . -4.27 23.15 -40.65
H191 MC3 GA . -2.40 21.72 -40.97
H192 MC3 GA . -1.60 22.93 -41.58
H201 MC3 GA . -3.27 23.11 -43.28
H202 MC3 GA . -3.97 21.81 -42.69
H211 MC3 GA . -2.04 20.56 -43.22
H212 MC3 GA . -1.35 21.85 -43.80
H221 MC3 GA . -3.11 22.00 -45.42
H222 MC3 GA . -3.66 20.61 -44.88
H231 MC3 GA . -1.64 19.56 -45.52
H232 MC3 GA . -1.13 20.94 -46.11
H241 MC3 GA . -2.86 20.91 -47.70
H242 MC3 GA . -2.02 19.57 -47.82
H243 MC3 GA . -3.43 19.57 -47.07
C12 MC3 HA . 0.03 28.27 -31.54
C13 MC3 HA . 0.24 28.48 -33.03
C14 MC3 HA . 0.44 27.12 -33.71
C15 MC3 HA . 0.69 27.33 -35.21
C16 MC3 HA . 0.81 25.96 -35.87
C17 MC3 HA . 1.02 26.11 -37.38
C18 MC3 HA . 1.11 24.75 -38.03
C19 MC3 HA . 1.60 24.91 -39.46
C20 MC3 HA . 1.59 23.59 -40.20
C21 MC3 HA . 2.10 23.82 -41.62
C22 MC3 HA . 1.83 22.60 -42.50
C23 MC3 HA . 2.19 22.96 -43.94
C24 MC3 HA . 1.78 21.85 -44.88
H121 MC3 HA . -0.78 27.76 -31.39
H122 MC3 HA . -0.04 29.13 -31.10
H131 MC3 HA . 1.03 29.03 -33.19
H132 MC3 HA . -0.54 28.91 -33.42
H141 MC3 HA . -0.36 26.58 -33.59
H142 MC3 HA . 1.20 26.68 -33.32
H151 MC3 HA . 1.51 27.83 -35.33
H152 MC3 HA . -0.05 27.81 -35.60
H161 MC3 HA . 0.00 25.45 -35.72
H162 MC3 HA . 1.56 25.48 -35.49
H171 MC3 HA . 1.85 26.59 -37.53
H172 MC3 HA . 0.28 26.61 -37.75
H181 MC3 HA . 0.23 24.33 -38.04
H182 MC3 HA . 1.73 24.19 -37.54
H191 MC3 HA . 2.50 25.26 -39.44
H192 MC3 HA . 1.03 25.54 -39.92
H201 MC3 HA . 0.69 23.23 -40.24
H202 MC3 HA . 2.17 22.96 -39.76
H211 MC3 HA . 3.05 23.99 -41.60
H212 MC3 HA . 1.64 24.59 -42.00
H221 MC3 HA . 0.90 22.36 -42.45
H222 MC3 HA . 2.38 21.87 -42.19
H231 MC3 HA . 3.15 23.10 -44.00
H232 MC3 HA . 1.74 23.78 -44.18
H241 MC3 HA . 1.99 22.10 -45.79
H242 MC3 HA . 2.26 21.03 -44.65
H243 MC3 HA . 0.83 21.68 -44.79
C16 MC3 IA . -2.82 29.73 -38.03
C17 MC3 IA . -1.71 29.32 -39.01
C18 MC3 IA . -2.25 28.28 -39.97
C19 MC3 IA . -1.24 28.01 -41.08
C20 MC3 IA . -1.84 27.04 -42.10
C21 MC3 IA . -0.85 26.80 -43.23
C22 MC3 IA . -1.53 25.99 -44.33
C23 MC3 IA . -0.58 25.81 -45.50
C24 MC3 IA . -1.28 25.06 -46.63
H161 MC3 IA . -3.38 28.97 -37.85
H162 MC3 IA . -2.42 30.06 -37.21
H171 MC3 IA . -0.97 28.95 -38.51
H172 MC3 IA . -1.40 30.10 -39.51
H181 MC3 IA . -3.08 28.60 -40.37
H182 MC3 IA . -2.43 27.45 -39.49
H191 MC3 IA . -0.44 27.61 -40.70
H192 MC3 IA . -1.01 28.83 -41.52
H201 MC3 IA . -2.65 27.43 -42.47
H202 MC3 IA . -2.06 26.21 -41.67
H211 MC3 IA . -0.10 26.30 -42.88
H212 MC3 IA . -0.55 27.65 -43.58
H221 MC3 IA . -2.33 26.45 -44.63
H222 MC3 IA . -1.78 25.12 -43.98
H231 MC3 IA . 0.20 25.31 -45.22
H232 MC3 IA . -0.30 26.69 -45.83
H241 MC3 IA . -0.65 24.90 -47.36
H242 MC3 IA . -1.60 24.21 -46.30
H243 MC3 IA . -2.03 25.58 -46.96
C14 MC3 JA . -7.37 28.70 -37.88
C15 MC3 JA . -6.43 28.56 -39.07
C16 MC3 JA . -6.91 27.43 -39.97
C17 MC3 JA . -6.05 27.36 -41.22
C18 MC3 JA . -6.64 26.33 -42.19
C19 MC3 JA . -5.64 26.10 -43.33
C20 MC3 JA . -6.21 25.11 -44.34
C21 MC3 JA . -5.18 24.85 -45.43
C22 MC3 JA . -5.79 23.99 -46.53
C23 MC3 JA . -4.78 23.82 -47.67
C24 MC3 JA . -5.43 23.10 -48.84
H141 MC3 JA . -6.91 29.16 -37.16
H142 MC3 JA . -7.64 27.82 -37.58
H151 MC3 JA . -5.53 28.38 -38.76
H152 MC3 JA . -6.43 29.39 -39.58
H161 MC3 JA . -7.84 27.59 -40.22
H162 MC3 JA . -6.84 26.59 -39.48
H171 MC3 JA . -5.15 27.10 -40.98
H172 MC3 JA . -6.02 28.23 -41.64
H181 MC3 JA . -7.47 26.66 -42.55
H182 MC3 JA . -6.79 25.50 -41.72
H191 MC3 JA . -4.82 25.74 -42.96
H192 MC3 JA . -5.45 26.94 -43.77
H201 MC3 JA . -7.02 25.48 -44.74
H202 MC3 JA . -6.43 24.27 -43.90
H211 MC3 JA . -4.41 24.41 -45.05
H212 MC3 JA . -4.90 25.71 -45.81
H221 MC3 JA . -6.58 24.40 -46.87
H222 MC3 JA . -6.01 23.11 -46.17
H231 MC3 JA . -4.02 23.31 -47.35
H232 MC3 JA . -4.48 24.70 -47.96
H241 MC3 JA . -4.78 22.97 -49.54
H242 MC3 JA . -5.77 22.24 -48.54
H243 MC3 JA . -6.16 23.64 -49.17
C2 MC3 KA . -8.24 22.38 -31.70
C3 MC3 KA . -6.74 22.47 -31.99
C11 MC3 KA . -5.51 21.87 -33.89
C12 MC3 KA . -5.85 21.59 -35.35
C13 MC3 KA . -4.73 20.85 -36.06
C14 MC3 KA . -5.23 20.48 -37.45
C15 MC3 KA . -4.18 19.68 -38.22
C16 MC3 KA . -4.78 19.26 -39.55
C17 MC3 KA . -3.80 18.41 -40.35
C18 MC3 KA . -4.45 18.07 -41.69
C19 MC3 KA . -3.48 17.29 -42.58
C20 MC3 KA . -4.15 16.99 -43.91
C21 MC3 KA . -3.22 16.16 -44.79
C22 MC3 KA . -3.89 15.94 -46.15
C23 MC3 KA . -2.96 15.15 -47.07
C24 MC3 KA . -3.60 15.00 -48.45
C31 MC3 KA . -10.28 21.82 -32.74
C32 MC3 KA . -11.07 21.16 -33.86
C33 MC3 KA . -10.12 20.78 -35.00
C34 MC3 KA . -10.80 19.82 -35.96
C35 MC3 KA . -9.90 19.60 -37.17
C36 MC3 KA . -10.48 18.53 -38.09
C37 MC3 KA . -9.56 18.38 -39.28
C38 MC3 KA . -10.15 17.42 -40.31
C39 MC3 KA . -9.21 17.35 -41.51
C40 MC3 KA . -9.80 16.48 -42.60
C41 MC3 KA . -8.91 16.58 -43.83
C42 MC3 KA . -9.39 15.59 -44.89
C43 MC3 KA . -8.39 15.56 -46.05
C44 MC3 KA . -8.78 14.47 -47.05
O2 MC3 KA . -8.89 22.01 -32.87
O3 MC3 KA . -6.39 21.47 -32.90
O11 MC3 KA . -4.51 22.44 -33.62
O31 MC3 KA . -10.83 22.16 -31.75
H2 MC3 KA . -8.57 23.24 -31.40
H31 MC3 KA . -6.25 22.36 -31.17
H32 MC3 KA . -6.54 23.34 -32.37
H121 MC3 KA . -6.01 22.43 -35.81
H122 MC3 KA . -6.67 21.06 -35.39
H131 MC3 KA . -4.51 20.05 -35.57
H132 MC3 KA . -3.95 21.41 -36.13
H141 MC3 KA . -5.42 21.28 -37.95
H142 MC3 KA . -6.04 19.96 -37.38
H151 MC3 KA . -3.94 18.89 -37.70
H152 MC3 KA . -3.40 20.22 -38.37
H161 MC3 KA . -5.01 20.05 -40.06
H162 MC3 KA . -5.59 18.74 -39.39
H171 MC3 KA . -3.61 17.59 -39.86
H172 MC3 KA . -2.99 18.90 -40.50
H181 MC3 KA . -4.70 18.88 -42.14
H182 MC3 KA . -5.23 17.52 -41.53
H191 MC3 KA . -3.23 16.45 -42.14
H192 MC3 KA . -2.67 17.82 -42.72
H201 MC3 KA . -4.35 17.82 -44.35
H202 MC3 KA . -4.97 16.51 -43.74
H211 MC3 KA . -3.05 15.31 -44.37
H212 MC3 KA . -2.38 16.63 -44.92
H221 MC3 KA . -4.09 16.79 -46.56
H222 MC3 KA . -4.71 15.44 -46.02
H231 MC3 KA . -2.80 14.28 -46.69
H232 MC3 KA . -2.11 15.62 -47.15
H241 MC3 KA . -4.48 14.62 -48.36
H242 MC3 KA . -3.05 14.42 -48.99
H243 MC3 KA . -3.65 15.87 -48.88
H321 MC3 KA . -11.50 20.35 -33.53
H322 MC3 KA . -11.73 21.77 -34.19
H331 MC3 KA . -9.86 21.58 -35.47
H332 MC3 KA . -9.34 20.35 -34.63
H341 MC3 KA . -10.96 18.97 -35.51
H342 MC3 KA . -11.65 20.19 -36.25
H351 MC3 KA . -9.80 20.43 -37.65
H352 MC3 KA . -9.02 19.31 -36.86
H361 MC3 KA . -10.54 17.69 -37.62
H362 MC3 KA . -11.36 18.81 -38.38
H371 MC3 KA . -9.42 19.25 -39.70
H372 MC3 KA . -8.70 18.04 -38.98
H381 MC3 KA . -10.25 16.54 -39.91
H382 MC3 KA . -11.02 17.74 -40.59
H391 MC3 KA . -9.07 18.25 -41.84
H392 MC3 KA . -8.37 16.98 -41.22
H401 MC3 KA . -9.84 15.56 -42.30
H402 MC3 KA . -10.70 16.79 -42.82
H411 MC3 KA . -8.96 17.47 -44.20
H412 MC3 KA . -7.99 16.37 -43.59
H421 MC3 KA . -9.45 14.70 -44.50
H422 MC3 KA . -10.25 15.86 -45.22
H431 MC3 KA . -8.41 16.41 -46.51
H432 MC3 KA . -7.51 15.39 -45.72
H441 MC3 KA . -8.73 13.60 -46.61
H442 MC3 KA . -9.68 14.61 -47.36
H443 MC3 KA . -8.17 14.48 -47.80
C11 MC3 LA . -8.66 18.21 -31.54
C12 MC3 LA . -7.53 17.68 -32.41
C13 MC3 LA . -8.05 17.45 -33.82
C14 MC3 LA . -6.91 17.12 -34.79
C15 MC3 LA . -7.49 16.60 -36.09
C16 MC3 LA . -6.42 15.97 -36.98
C17 MC3 LA . -7.10 15.46 -38.25
C18 MC3 LA . -6.12 14.69 -39.14
C19 MC3 LA . -6.79 14.42 -40.48
C20 MC3 LA . -5.87 13.63 -41.40
C21 MC3 LA . -6.56 13.47 -42.76
C22 MC3 LA . -5.71 12.62 -43.70
C23 MC3 LA . -6.52 12.29 -44.95
C24 MC3 LA . -5.83 11.19 -45.76
H121 MC3 LA . -7.20 16.85 -32.05
H122 MC3 LA . -6.81 18.32 -32.45
H131 MC3 LA . -8.51 18.25 -34.14
H132 MC3 LA . -8.68 16.70 -33.81
H141 MC3 LA . -6.35 16.46 -34.39
H142 MC3 LA . -6.40 17.92 -34.96
H151 MC3 LA . -7.89 17.33 -36.57
H152 MC3 LA . -8.16 15.93 -35.90
H161 MC3 LA . -6.01 15.24 -36.52
H162 MC3 LA . -5.76 16.64 -37.21
H171 MC3 LA . -7.83 14.87 -38.00
H172 MC3 LA . -7.46 16.21 -38.74
H181 MC3 LA . -5.89 13.86 -38.72
H182 MC3 LA . -5.33 15.24 -39.28
H191 MC3 LA . -7.03 15.26 -40.90
H192 MC3 LA . -7.60 13.91 -40.33
H201 MC3 LA . -5.71 12.76 -41.02
H202 MC3 LA . -5.04 14.10 -41.52
H211 MC3 LA . -6.68 14.34 -43.14
H212 MC3 LA . -7.42 13.04 -42.62
H221 MC3 LA . -5.45 11.80 -43.26
H222 MC3 LA . -4.92 13.11 -43.95
H231 MC3 LA . -6.60 13.09 -45.50
H232 MC3 LA . -7.40 11.98 -44.70
H241 MC3 LA . -5.76 10.39 -45.23
H242 MC3 LA . -6.34 11.01 -46.56
H243 MC3 LA . -4.94 11.49 -46.01
C12 MC3 MA . -9.59 25.58 -34.46
C13 MC3 MA . -8.69 25.53 -35.68
C14 MC3 MA . -9.09 24.36 -36.58
C15 MC3 MA . -8.19 24.32 -37.82
C16 MC3 MA . -8.55 23.11 -38.66
C17 MC3 MA . -7.67 23.08 -39.90
C18 MC3 MA . -7.99 21.83 -40.72
C19 MC3 MA . -7.15 21.82 -41.99
C20 MC3 MA . -7.57 20.66 -42.88
C21 MC3 MA . -6.88 20.80 -44.24
C22 MC3 MA . -7.31 19.67 -45.18
C23 MC3 MA . -6.58 19.81 -46.51
C24 MC3 MA . -7.15 18.83 -47.53
H121 MC3 MA . -9.62 24.70 -34.05
H122 MC3 MA . -9.25 26.23 -33.83
H131 MC3 MA . -7.77 25.41 -35.40
H132 MC3 MA . -8.76 26.36 -36.18
H141 MC3 MA . -10.01 24.46 -36.85
H142 MC3 MA . -8.99 23.53 -36.09
H151 MC3 MA . -7.27 24.26 -37.55
H152 MC3 MA . -8.32 25.13 -38.33
H161 MC3 MA . -9.48 23.18 -38.93
H162 MC3 MA . -8.42 22.30 -38.15
H171 MC3 MA . -6.74 23.08 -39.64
H172 MC3 MA . -7.85 23.87 -40.45
H181 MC3 MA . -8.92 21.82 -40.96
H182 MC3 MA . -7.78 21.05 -40.20
H191 MC3 MA . -6.22 21.72 -41.76
H192 MC3 MA . -7.28 22.66 -42.48
H201 MC3 MA . -8.53 20.67 -43.01
H202 MC3 MA . -7.32 19.82 -42.47
H211 MC3 MA . -5.92 20.75 -44.11
H212 MC3 MA . -7.11 21.65 -44.63
H221 MC3 MA . -8.27 19.73 -45.32
H222 MC3 MA . -7.10 18.81 -44.78
H231 MC3 MA . -5.64 19.63 -46.37
H232 MC3 MA . -6.68 20.72 -46.83
H241 MC3 MA . -8.10 18.94 -47.59
H242 MC3 MA . -6.74 19.00 -48.40
H243 MC3 MA . -6.94 17.92 -47.26
C15 MC3 NA . -13.12 23.44 -37.33
C16 MC3 NA . -13.59 22.34 -38.29
C17 MC3 NA . -12.59 22.21 -39.43
C18 MC3 NA . -13.12 21.20 -40.46
C19 MC3 NA . -12.19 21.18 -41.66
C20 MC3 NA . -12.71 20.20 -42.70
C21 MC3 NA . -11.69 20.07 -43.83
C22 MC3 NA . -12.25 19.20 -44.95
C23 MC3 NA . -11.29 19.19 -46.13
C24 MC3 NA . -11.93 18.50 -47.33
H151 MC3 NA . -13.67 23.42 -36.53
H152 MC3 NA . -12.19 23.28 -37.09
H161 MC3 NA . -14.46 22.59 -38.64
H162 MC3 NA . -13.66 21.50 -37.81
H171 MC3 NA . -11.75 21.89 -39.08
H172 MC3 NA . -12.46 23.06 -39.85
H181 MC3 NA . -14.01 21.46 -40.73
H182 MC3 NA . -13.15 20.31 -40.06
H191 MC3 NA . -11.29 20.91 -41.38
H192 MC3 NA . -12.14 22.07 -42.05
H201 MC3 NA . -13.54 20.53 -43.06
H202 MC3 NA . -12.85 19.33 -42.30
H211 MC3 NA . -10.88 19.66 -43.48
H212 MC3 NA . -11.48 20.95 -44.18
H221 MC3 NA . -13.11 19.55 -45.24
H222 MC3 NA . -12.37 18.29 -44.62
H231 MC3 NA . -10.48 18.73 -45.88
H232 MC3 NA . -11.07 20.11 -46.37
H241 MC3 NA . -11.29 18.42 -48.04
H242 MC3 NA . -12.23 17.61 -47.06
H243 MC3 NA . -12.69 19.02 -47.63
C15 MC3 OA . -11.90 27.29 -37.92
C16 MC3 OA . -11.13 27.36 -39.23
C17 MC3 OA . -11.67 26.33 -40.21
C18 MC3 OA . -10.77 26.28 -41.44
C19 MC3 OA . -11.25 25.17 -42.37
C20 MC3 OA . -10.43 25.22 -43.67
C21 MC3 OA . -10.77 24.01 -44.53
C22 MC3 OA . -9.91 24.03 -45.79
C23 MC3 OA . -10.30 22.87 -46.70
C24 MC3 OA . -9.58 23.01 -48.04
H151 MC3 OA . -11.39 27.72 -37.21
H152 MC3 OA . -12.04 26.36 -37.68
H161 MC3 OA . -10.19 27.19 -39.06
H162 MC3 OA . -11.22 28.25 -39.61
H171 MC3 OA . -12.57 26.58 -40.48
H172 MC3 OA . -11.70 25.46 -39.79
H181 MC3 OA . -9.86 26.10 -41.17
H182 MC3 OA . -10.81 27.13 -41.91
H191 MC3 OA . -12.19 25.30 -42.58
H192 MC3 OA . -11.12 24.30 -41.94
H201 MC3 OA . -9.48 25.21 -43.45
H202 MC3 OA . -10.64 26.03 -44.15
H211 MC3 OA . -11.71 24.04 -44.78
H212 MC3 OA . -10.60 23.19 -44.03
H221 MC3 OA . -8.98 23.95 -45.55
H222 MC3 OA . -10.04 24.86 -46.27
H231 MC3 OA . -11.26 22.87 -46.85
H232 MC3 OA . -10.05 22.04 -46.28
H241 MC3 OA . -9.86 22.28 -48.64
H242 MC3 OA . -9.80 23.86 -48.44
H243 MC3 OA . -8.62 22.95 -47.90
C15 MC3 PA . -17.91 21.79 -36.15
C16 MC3 PA . -17.36 21.98 -37.56
C17 MC3 PA . -17.76 20.79 -38.43
C18 MC3 PA . -17.10 20.90 -39.80
C19 MC3 PA . -17.61 19.78 -40.72
C20 MC3 PA . -16.90 19.86 -42.06
C21 MC3 PA . -17.26 18.63 -42.90
C22 MC3 PA . -16.53 18.68 -44.24
C23 MC3 PA . -16.83 17.40 -45.02
C24 MC3 PA . -16.31 17.54 -46.46
H151 MC3 PA . -18.80 22.18 -36.09
H152 MC3 PA . -17.95 20.84 -35.95
H161 MC3 PA . -16.40 22.04 -37.53
H162 MC3 PA . -17.72 22.79 -37.94
H171 MC3 PA . -18.73 20.77 -38.54
H172 MC3 PA . -17.47 19.96 -38.00
H181 MC3 PA . -16.14 20.83 -39.71
H182 MC3 PA . -17.32 21.76 -40.20
H191 MC3 PA . -18.56 19.88 -40.84
H192 MC3 PA . -17.42 18.92 -40.31
H201 MC3 PA . -15.95 19.89 -41.93
H202 MC3 PA . -17.19 20.66 -42.53
H211 MC3 PA . -18.22 18.62 -43.05
H212 MC3 PA . -17.00 17.83 -42.41
H221 MC3 PA . -15.58 18.74 -44.08
H222 MC3 PA . -16.82 19.46 -44.74
H231 MC3 PA . -17.79 17.25 -45.04
H232 MC3 PA . -16.40 16.66 -44.59
H241 MC3 PA . -16.57 16.75 -46.96
H242 MC3 PA . -16.69 18.32 -46.86
H243 MC3 PA . -15.35 17.61 -46.44
C13 MC3 QA . -14.93 18.57 -34.67
C14 MC3 QA . -15.59 17.97 -35.91
C15 MC3 QA . -14.59 17.94 -37.07
C16 MC3 QA . -15.24 17.25 -38.27
C17 MC3 QA . -14.18 17.03 -39.36
C18 MC3 QA . -14.76 16.18 -40.49
C19 MC3 QA . -13.64 15.83 -41.47
C20 MC3 QA . -14.23 15.16 -42.71
C21 MC3 QA . -13.11 14.91 -43.72
C22 MC3 QA . -13.70 14.44 -45.05
C23 MC3 QA . -12.58 14.31 -46.09
C24 MC3 QA . -13.15 13.80 -47.40
H131 MC3 QA . -15.17 18.04 -33.89
H132 MC3 QA . -15.24 19.48 -34.54
H141 MC3 QA . -16.35 18.52 -36.16
H142 MC3 QA . -15.89 17.07 -35.71
H151 MC3 QA . -14.35 18.84 -37.32
H152 MC3 QA . -13.79 17.46 -36.80
H161 MC3 QA . -15.94 17.80 -38.62
H162 MC3 QA . -15.60 16.39 -38.00
H171 MC3 QA . -13.41 16.59 -38.97
H172 MC3 QA . -13.91 17.89 -39.71
H181 MC3 QA . -15.44 16.68 -40.95
H182 MC3 QA . -15.15 15.37 -40.12
H191 MC3 QA . -13.03 15.21 -41.04
H192 MC3 QA . -13.17 16.62 -41.73
H201 MC3 QA . -14.90 15.73 -43.11
H202 MC3 QA . -14.63 14.31 -42.46
H211 MC3 QA . -12.52 14.22 -43.37
H212 MC3 QA . -12.61 15.72 -43.85
H221 MC3 QA . -14.34 15.10 -45.36
H222 MC3 QA . -14.12 13.59 -44.94
H231 MC3 QA . -11.91 13.69 -45.76
H232 MC3 QA . -12.16 15.18 -46.24
H241 MC3 QA . -12.43 13.63 -48.03
H242 MC3 QA . -13.63 12.97 -47.24
H243 MC3 QA . -13.76 14.46 -47.76
C1 MC3 RA . -27.43 3.68 -26.61
C2 MC3 RA . -26.38 2.87 -27.37
C3 MC3 RA . -25.93 1.72 -26.47
C4 MC3 RA . -23.93 6.64 -26.71
C5 MC3 RA . -22.49 6.14 -26.81
C6 MC3 RA . -22.68 4.49 -25.09
C7 MC3 RA . -20.59 5.24 -25.80
C8 MC3 RA . -21.95 6.65 -24.50
C11 MC3 RA . -24.86 -0.35 -26.54
C12 MC3 RA . -24.22 -1.49 -27.31
C13 MC3 RA . -23.80 -1.02 -28.69
C14 MC3 RA . -23.35 -2.22 -29.51
C15 MC3 RA . -22.84 -1.80 -30.87
C16 MC3 RA . -22.21 -3.00 -31.55
C17 MC3 RA . -22.15 -2.79 -33.05
C18 MC3 RA . -21.35 -3.93 -33.67
C19 MC3 RA . -21.35 -3.83 -35.19
C20 MC3 RA . -20.75 -5.10 -35.77
C21 MC3 RA . -20.91 -5.10 -37.28
C22 MC3 RA . -20.62 -6.49 -37.86
C31 MC3 RA . -26.24 2.62 -29.73
C32 MC3 RA . -26.42 1.68 -30.91
C33 MC3 RA . -25.41 1.98 -31.99
C34 MC3 RA . -25.38 0.79 -32.96
C35 MC3 RA . -24.43 1.06 -34.12
C36 MC3 RA . -24.36 -0.19 -34.98
C37 MC3 RA . -23.46 0.02 -36.19
C38 MC3 RA . -23.61 -1.18 -37.10
C39 MC3 RA . -22.80 -0.98 -38.38
C40 MC3 RA . -23.28 -1.99 -39.41
C41 MC3 RA . -22.36 -1.97 -40.62
C42 MC3 RA . -22.72 -3.13 -41.56
C43 MC3 RA . -23.91 -2.73 -42.43
N MC3 RA . -21.96 5.64 -25.55
O2 MC3 RA . -26.94 2.37 -28.55
O3 MC3 RA . -25.08 0.87 -27.18
O11 MC3 RA . -25.17 -0.50 -25.41
O31 MC3 RA . -25.54 3.57 -29.83
O1P MC3 RA . -27.08 6.70 -26.20
O2P MC3 RA . -25.62 6.17 -24.29
O3P MC3 RA . -26.85 4.24 -25.48
O4P MC3 RA . -24.82 5.56 -26.66
P MC3 RA . -26.10 5.70 -25.64
H11 MC3 RA . -27.78 4.38 -27.19
H12 MC3 RA . -28.16 3.09 -26.35
H2 MC3 RA . -25.62 3.44 -27.58
H31 MC3 RA . -26.72 1.23 -26.18
H32 MC3 RA . -25.47 2.07 -25.70
H41 MC3 RA . -24.12 7.16 -27.51
H42 MC3 RA . -24.05 7.20 -25.93
H51 MC3 RA . -22.45 5.43 -27.46
H52 MC3 RA . -21.93 6.88 -27.11
H61 MC3 RA . -22.77 3.85 -25.82
H62 MC3 RA . -22.19 4.07 -24.36
H63 MC3 RA . -23.56 4.75 -24.79
H71 MC3 RA . -20.07 6.00 -26.09
H72 MC3 RA . -20.20 4.88 -24.97
H73 MC3 RA . -20.58 4.55 -26.48
H81 MC3 RA . -22.86 6.81 -24.21
H82 MC3 RA . -21.43 6.31 -23.75
H83 MC3 RA . -21.56 7.47 -24.83
H121 MC3 RA . -24.86 -2.23 -27.40
H122 MC3 RA . -23.45 -1.80 -26.83
H131 MC3 RA . -23.08 -0.39 -28.61
H132 MC3 RA . -24.56 -0.60 -29.13
H141 MC3 RA . -24.09 -2.83 -29.62
H142 MC3 RA . -22.63 -2.67 -29.02
H151 MC3 RA . -22.18 -1.10 -30.77
H152 MC3 RA . -23.58 -1.47 -31.41
H161 MC3 RA . -22.75 -3.78 -31.36
H162 MC3 RA . -21.31 -3.11 -31.21
H171 MC3 RA . -21.71 -1.95 -33.25
H172 MC3 RA . -23.04 -2.79 -33.41
H181 MC3 RA . -21.75 -4.77 -33.41
H182 MC3 RA . -20.44 -3.90 -33.35
H191 MC3 RA . -20.82 -3.07 -35.46
H192 MC3 RA . -22.26 -3.73 -35.50
H201 MC3 RA . -21.20 -5.87 -35.40
H202 MC3 RA . -19.81 -5.14 -35.55
H211 MC3 RA . -20.29 -4.47 -37.67
H212 MC3 RA . -21.82 -4.86 -37.52
H221 MC3 RA . -20.75 -7.15 -37.16
H222 MC3 RA . -19.70 -6.52 -38.16
H321 MC3 RA . -26.30 0.77 -30.60
H322 MC3 RA . -27.32 1.78 -31.26
H331 MC3 RA . -25.67 2.77 -32.48
H332 MC3 RA . -24.54 2.10 -31.61
H341 MC3 RA . -25.09 0.01 -32.49
H342 MC3 RA . -26.27 0.66 -33.31
H351 MC3 RA . -24.74 1.81 -34.64
H352 MC3 RA . -23.55 1.26 -33.76
H361 MC3 RA . -24.03 -0.92 -34.45
H362 MC3 RA . -25.26 -0.41 -35.29
H371 MC3 RA . -23.72 0.83 -36.65
H372 MC3 RA . -22.54 0.09 -35.90
H381 MC3 RA . -23.30 -1.97 -36.65
H382 MC3 RA . -24.55 -1.28 -37.33
H391 MC3 RA . -22.94 -0.09 -38.72
H392 MC3 RA . -21.87 -1.12 -38.19
H401 MC3 RA . -23.27 -2.88 -39.02
H402 MC3 RA . -24.18 -1.77 -39.69
H411 MC3 RA . -22.48 -1.13 -41.09
H412 MC3 RA . -21.45 -2.06 -40.33
H421 MC3 RA . -21.97 -3.33 -42.12
H422 MC3 RA . -22.95 -3.90 -41.03
H431 MC3 RA . -24.36 -1.97 -42.04
H432 MC3 RA . -23.60 -2.50 -43.31
C12 MC3 SA . -31.47 1.21 -30.27
C13 MC3 SA . -30.33 1.07 -31.29
C14 MC3 SA . -30.79 0.14 -32.40
C15 MC3 SA . -29.67 0.02 -33.44
C16 MC3 SA . -30.13 -0.83 -34.61
C17 MC3 SA . -29.02 -0.89 -35.66
C18 MC3 SA . -29.42 -1.84 -36.78
C19 MC3 SA . -28.29 -1.91 -37.80
C20 MC3 SA . -28.65 -2.97 -38.85
C21 MC3 SA . -27.62 -2.99 -39.96
C22 MC3 SA . -28.03 -4.05 -40.98
C23 MC3 SA . -27.10 -4.00 -42.19
C24 MC3 SA . -27.45 -5.11 -43.16
H121 MC3 SA . -32.16 1.79 -30.64
H122 MC3 SA . -31.12 1.63 -29.45
H131 MC3 SA . -29.56 0.70 -30.85
H132 MC3 SA . -30.12 1.94 -31.66
H141 MC3 SA . -31.58 0.50 -32.83
H142 MC3 SA . -30.98 -0.74 -32.04
H151 MC3 SA . -28.90 -0.39 -33.03
H152 MC3 SA . -29.44 0.91 -33.76
H161 MC3 SA . -30.92 -0.44 -35.01
H162 MC3 SA . -30.33 -1.73 -34.31
H171 MC3 SA . -28.21 -1.20 -35.24
H172 MC3 SA . -28.88 0.00 -36.03
H181 MC3 SA . -30.23 -1.53 -37.20
H182 MC3 SA . -29.56 -2.72 -36.41
H191 MC3 SA . -27.46 -2.16 -37.37
H192 MC3 SA . -28.19 -1.05 -38.23
H201 MC3 SA . -29.52 -2.77 -39.22
H202 MC3 SA . -28.68 -3.84 -38.42
H211 MC3 SA . -26.75 -3.20 -39.60
H212 MC3 SA . -27.59 -2.12 -40.40
H221 MC3 SA . -28.94 -3.89 -41.27
H222 MC3 SA . -27.97 -4.92 -40.57
H231 MC3 SA . -26.18 -4.12 -41.89
H232 MC3 SA . -27.18 -3.14 -42.63
H241 MC3 SA . -28.36 -4.98 -43.49
H242 MC3 SA . -26.84 -5.11 -43.91
H243 MC3 SA . -27.41 -5.97 -42.71
C12 MC3 TA . -29.81 6.18 -29.45
C13 MC3 TA . -30.18 6.00 -30.92
C14 MC3 TA . -29.08 5.21 -31.62
C15 MC3 TA . -29.41 5.07 -33.11
C16 MC3 TA . -28.34 4.21 -33.77
C17 MC3 TA . -28.66 4.01 -35.26
C18 MC3 TA . -27.59 3.12 -35.89
C19 MC3 TA . -27.78 3.17 -37.40
C20 MC3 TA . -26.82 2.20 -38.09
C21 MC3 TA . -27.03 2.31 -39.60
C22 MC3 TA . -26.32 1.17 -40.33
C23 MC3 TA . -26.72 1.22 -41.79
C24 MC3 TA . -26.18 -0.01 -42.53
H121 MC3 TA . -29.77 5.31 -29.01
H122 MC3 TA . -30.48 6.72 -29.01
H131 MC3 TA . -30.25 6.87 -31.34
H132 MC3 TA . -31.01 5.53 -31.00
H141 MC3 TA . -29.00 4.33 -31.23
H142 MC3 TA . -28.23 5.67 -31.53
H151 MC3 TA . -29.43 5.94 -33.52
H152 MC3 TA . -30.27 4.64 -33.21
H161 MC3 TA . -28.30 3.35 -33.34
H162 MC3 TA . -27.47 4.65 -33.69
H171 MC3 TA . -28.66 4.87 -35.69
H172 MC3 TA . -29.52 3.59 -35.34
H181 MC3 TA . -27.71 2.21 -35.58
H182 MC3 TA . -26.72 3.44 -35.65
H191 MC3 TA . -27.60 4.07 -37.71
H192 MC3 TA . -28.68 2.93 -37.63
H201 MC3 TA . -26.99 1.30 -37.80
H202 MC3 TA . -25.90 2.44 -37.89
H211 MC3 TA . -26.68 3.15 -39.92
H212 MC3 TA . -27.98 2.26 -39.79
H221 MC3 TA . -26.59 0.31 -39.94
H222 MC3 TA . -25.36 1.28 -40.23
H231 MC3 TA . -26.36 2.02 -42.20
H232 MC3 TA . -27.69 1.24 -41.86
H241 MC3 TA . -26.47 0.02 -43.45
H242 MC3 TA . -25.22 -0.01 -42.49
H243 MC3 TA . -26.53 -0.81 -42.10
C16 MC3 UA . -33.78 2.82 -34.49
C17 MC3 UA . -33.06 3.16 -35.79
C18 MC3 UA . -32.66 1.87 -36.50
C19 MC3 UA . -32.13 2.18 -37.89
C20 MC3 UA . -31.85 0.87 -38.63
C21 MC3 UA . -31.35 1.17 -40.04
C22 MC3 UA . -31.24 -0.13 -40.83
C23 MC3 UA . -30.84 0.17 -42.26
C24 MC3 UA . -30.80 -1.14 -43.06
H161 MC3 UA . -33.40 2.01 -34.11
H162 MC3 UA . -33.68 3.55 -33.86
H171 MC3 UA . -32.27 3.68 -35.60
H172 MC3 UA . -33.66 3.67 -36.37
H181 MC3 UA . -33.43 1.29 -36.57
H182 MC3 UA . -31.97 1.42 -35.99
H191 MC3 UA . -31.31 2.70 -37.82
H192 MC3 UA . -32.79 2.69 -38.38
H201 MC3 UA . -32.66 0.35 -38.68
H202 MC3 UA . -31.16 0.38 -38.15
H211 MC3 UA . -30.47 1.59 -39.99
H212 MC3 UA . -31.97 1.77 -40.48
H221 MC3 UA . -32.10 -0.59 -40.82
H222 MC3 UA . -30.58 -0.70 -40.41
H231 MC3 UA . -29.97 0.58 -42.28
H232 MC3 UA . -31.49 0.76 -42.66
H241 MC3 UA . -30.48 -0.96 -43.97
H242 MC3 UA . -30.18 -1.76 -42.63
H243 MC3 UA . -31.68 -1.54 -43.10
C14 MC3 VA . -35.24 -1.24 -32.71
C15 MC3 VA . -34.88 -0.94 -34.16
C16 MC3 VA . -34.35 -2.21 -34.82
C17 MC3 VA . -34.10 -1.96 -36.30
C18 MC3 VA . -33.74 -3.27 -36.99
C19 MC3 VA . -33.25 -2.97 -38.41
C20 MC3 VA . -32.92 -4.26 -39.15
C21 MC3 VA . -32.39 -3.93 -40.54
C22 MC3 VA . -32.20 -5.21 -41.34
C23 MC3 VA . -31.77 -4.86 -42.77
C24 MC3 VA . -31.73 -6.11 -43.63
H141 MC3 VA . -35.24 -0.42 -32.20
H142 MC3 VA . -34.58 -1.85 -32.33
H151 MC3 VA . -34.19 -0.26 -34.19
H152 MC3 VA . -35.67 -0.63 -34.63
H161 MC3 VA . -35.01 -2.93 -34.73
H162 MC3 VA . -33.53 -2.48 -34.39
H171 MC3 VA . -33.37 -1.33 -36.40
H172 MC3 VA . -34.90 -1.59 -36.70
H181 MC3 VA . -34.51 -3.85 -37.03
H182 MC3 VA . -33.03 -3.71 -36.50
H191 MC3 VA . -32.46 -2.42 -38.37
H192 MC3 VA . -33.94 -2.49 -38.89
H201 MC3 VA . -33.72 -4.80 -39.23
H202 MC3 VA . -32.25 -4.76 -38.66
H211 MC3 VA . -31.55 -3.46 -40.46
H212 MC3 VA . -33.03 -3.36 -41.00
H221 MC3 VA . -33.03 -5.71 -41.38
H222 MC3 VA . -31.51 -5.75 -40.93
H231 MC3 VA . -30.89 -4.45 -42.75
H232 MC3 VA . -32.41 -4.23 -43.15
H241 MC3 VA . -31.43 -5.89 -44.52
H242 MC3 VA . -31.13 -6.76 -43.23
H243 MC3 VA . -32.63 -6.50 -43.68
C2 MC3 WA . -29.18 -3.56 -26.62
C3 MC3 WA . -28.55 -2.43 -27.44
C11 MC3 WA . -27.80 -2.37 -29.66
C12 MC3 WA . -28.03 -3.23 -30.90
C13 MC3 WA . -26.97 -2.99 -31.95
C14 MC3 WA . -27.19 -3.99 -33.08
C15 MC3 WA . -26.13 -3.85 -34.17
C16 MC3 WA . -26.36 -4.95 -35.19
C17 MC3 WA . -25.30 -4.89 -36.29
C18 MC3 WA . -25.61 -5.98 -37.32
C19 MC3 WA . -24.63 -5.92 -38.49
C20 MC3 WA . -25.00 -7.01 -39.49
C21 MC3 WA . -24.01 -7.01 -40.65
C22 MC3 WA . -24.44 -8.06 -41.68
C23 MC3 WA . -23.48 -8.04 -42.87
C24 MC3 WA . -23.96 -9.04 -43.92
C31 MC3 WA . -29.97 -5.76 -26.87
C32 MC3 WA . -30.04 -7.08 -27.63
C33 MC3 WA . -29.48 -6.90 -29.03
C34 MC3 WA . -29.21 -8.25 -29.68
C35 MC3 WA . -28.81 -8.03 -31.13
C36 MC3 WA . -28.40 -9.34 -31.79
C37 MC3 WA . -28.03 -9.06 -33.23
C38 MC3 WA . -27.74 -10.37 -33.97
C39 MC3 WA . -27.44 -10.03 -35.43
C40 MC3 WA . -27.23 -11.30 -36.24
C41 MC3 WA . -27.10 -10.92 -37.71
C42 MC3 WA . -26.72 -12.15 -38.53
C43 MC3 WA . -26.42 -11.74 -39.97
C44 MC3 WA . -25.90 -12.95 -40.75
O2 MC3 WA . -29.45 -4.63 -27.49
O3 MC3 WA . -27.72 -2.99 -28.41
O11 MC3 WA . -27.69 -1.20 -29.76
O31 MC3 WA . -30.35 -5.70 -25.75
H2 MC3 WA . -30.01 -3.25 -26.23
H31 MC3 WA . -28.03 -1.87 -26.85
H32 MC3 WA . -29.24 -1.91 -27.86
H121 MC3 WA . -28.90 -3.03 -31.27
H122 MC3 WA . -28.00 -4.17 -30.63
H131 MC3 WA . -26.08 -3.11 -31.57
H132 MC3 WA . -27.05 -2.08 -32.30
H141 MC3 WA . -28.06 -3.85 -33.47
H142 MC3 WA . -27.15 -4.89 -32.72
H151 MC3 WA . -25.25 -3.95 -33.78
H152 MC3 WA . -26.22 -2.99 -34.59
H161 MC3 WA . -27.23 -4.84 -35.59
H162 MC3 WA . -26.32 -5.81 -34.76
H171 MC3 WA . -24.43 -5.04 -35.91
H172 MC3 WA . -25.32 -4.02 -36.73
H181 MC3 WA . -26.51 -5.86 -37.64
H182 MC3 WA . -25.54 -6.84 -36.89
H191 MC3 WA . -23.74 -6.06 -38.17
H192 MC3 WA . -24.70 -5.05 -38.91
H201 MC3 WA . -25.90 -6.84 -39.83
H202 MC3 WA . -24.99 -7.87 -39.04
H211 MC3 WA . -23.13 -7.23 -40.31
H212 MC3 WA . -23.99 -6.14 -41.07
H221 MC3 WA . -25.33 -7.86 -41.99
H222 MC3 WA . -24.42 -8.94 -41.26
H231 MC3 WA . -22.60 -8.29 -42.57
H232 MC3 WA . -23.46 -7.16 -43.25
H241 MC3 WA . -24.07 -9.91 -43.53
H242 MC3 WA . -23.30 -9.10 -44.63
H243 MC3 WA . -24.79 -8.72 -44.30
H321 MC3 WA . -29.54 -7.76 -27.16
H322 MC3 WA . -30.98 -7.37 -27.69
H331 MC3 WA . -30.10 -6.39 -29.57
H332 MC3 WA . -28.64 -6.41 -28.97
H341 MC3 WA . -28.50 -8.70 -29.21
H342 MC3 WA . -30.01 -8.79 -29.65
H351 MC3 WA . -29.54 -7.63 -31.62
H352 MC3 WA . -28.05 -7.41 -31.16
H361 MC3 WA . -27.64 -9.71 -31.32
H362 MC3 WA . -29.14 -9.96 -31.74
H371 MC3 WA . -28.77 -8.61 -33.66
H372 MC3 WA . -27.25 -8.50 -33.26
H381 MC3 WA . -26.98 -10.81 -33.57
H382 MC3 WA . -28.51 -10.94 -33.93
H391 MC3 WA . -28.18 -9.52 -35.80
H392 MC3 WA . -26.63 -9.49 -35.47
H401 MC3 WA . -26.42 -11.75 -35.95
H402 MC3 WA . -27.99 -11.89 -36.12
H411 MC3 WA . -27.94 -10.57 -38.03
H412 MC3 WA . -26.40 -10.25 -37.81
H421 MC3 WA . -25.95 -12.58 -38.14
H422 MC3 WA . -27.47 -12.78 -38.52
H431 MC3 WA . -27.23 -11.42 -40.39
H432 MC3 WA . -25.76 -11.05 -39.98
H441 MC3 WA . -25.07 -13.25 -40.36
H442 MC3 WA . -26.55 -13.66 -40.72
H443 MC3 WA . -25.75 -12.69 -41.67
C11 MC3 XA . -25.89 -6.13 -26.33
C12 MC3 XA . -25.05 -5.82 -27.55
C13 MC3 XA . -25.40 -6.78 -28.68
C14 MC3 XA . -24.72 -6.36 -29.99
C15 MC3 XA . -24.85 -7.48 -31.00
C16 MC3 XA . -23.96 -7.26 -32.21
C17 MC3 XA . -24.13 -8.45 -33.15
C18 MC3 XA . -23.17 -8.38 -34.33
C19 MC3 XA . -23.55 -9.45 -35.35
C20 MC3 XA . -22.59 -9.46 -36.53
C21 MC3 XA . -23.08 -10.49 -37.54
C22 MC3 XA . -22.12 -10.58 -38.73
C23 MC3 XA . -22.51 -11.76 -39.61
C24 MC3 XA . -21.40 -12.06 -40.62
H121 MC3 XA . -24.11 -5.92 -27.33
H122 MC3 XA . -25.21 -4.91 -27.84
H131 MC3 XA . -26.35 -6.78 -28.81
H132 MC3 XA . -25.10 -7.67 -28.44
H141 MC3 XA . -23.80 -6.16 -29.82
H142 MC3 XA . -25.17 -5.57 -30.33
H151 MC3 XA . -25.77 -7.54 -31.30
H152 MC3 XA . -24.60 -8.31 -30.57
H161 MC3 XA . -23.04 -7.21 -31.93
H162 MC3 XA . -24.22 -6.45 -32.66
H171 MC3 XA . -23.95 -9.27 -32.65
H172 MC3 XA . -25.03 -8.47 -33.48
H181 MC3 XA . -22.26 -8.53 -34.03
H182 MC3 XA . -23.22 -7.51 -34.74
H191 MC3 XA . -24.44 -9.29 -35.65
H192 MC3 XA . -23.51 -10.32 -34.91
H201 MC3 XA . -21.71 -9.69 -36.23
H202 MC3 XA . -22.58 -8.58 -36.94
H211 MC3 XA . -23.96 -10.22 -37.86
H212 MC3 XA . -23.14 -11.35 -37.12
H221 MC3 XA . -21.22 -10.69 -38.42
H222 MC3 XA . -22.17 -9.75 -39.25
H231 MC3 XA . -23.32 -11.55 -40.09
H232 MC3 XA . -22.65 -12.54 -39.05
H241 MC3 XA . -20.59 -12.30 -40.14
H242 MC3 XA . -21.67 -12.81 -41.18
H243 MC3 XA . -21.24 -11.28 -41.16
C12 MC3 YA . -33.10 -3.68 -28.72
C13 MC3 YA . -32.83 -3.36 -30.19
C14 MC3 YA . -32.25 -4.59 -30.88
C15 MC3 YA . -31.99 -4.28 -32.36
C16 MC3 YA . -31.35 -5.49 -33.01
C17 MC3 YA . -31.11 -5.20 -34.49
C18 MC3 YA . -30.39 -6.37 -35.14
C19 MC3 YA . -30.19 -6.10 -36.62
C20 MC3 YA . -29.63 -7.34 -37.30
C21 MC3 YA . -29.64 -7.13 -38.82
C22 MC3 YA . -29.12 -8.37 -39.54
C23 MC3 YA . -29.12 -8.12 -41.04
C24 MC3 YA . -28.80 -9.42 -41.79
H121 MC3 YA . -32.30 -4.06 -28.32
H122 MC3 YA . -33.34 -2.86 -28.25
H131 MC3 YA . -32.20 -2.63 -30.25
H132 MC3 YA . -33.66 -3.11 -30.62
H141 MC3 YA . -32.86 -5.33 -30.80
H142 MC3 YA . -31.40 -4.82 -30.46
H151 MC3 YA . -31.41 -3.52 -32.44
H152 MC3 YA . -32.84 -4.10 -32.79
H161 MC3 YA . -31.92 -6.26 -32.93
H162 MC3 YA . -30.49 -5.67 -32.58
H171 MC3 YA . -30.58 -4.40 -34.58
H172 MC3 YA . -31.96 -5.06 -34.93
H181 MC3 YA . -30.91 -7.17 -35.02
H182 MC3 YA . -29.52 -6.48 -34.72
H191 MC3 YA . -29.59 -5.36 -36.74
H192 MC3 YA . -31.05 -5.89 -37.03
H201 MC3 YA . -30.15 -8.12 -37.08
H202 MC3 YA . -28.70 -7.48 -37.01
H211 MC3 YA . -29.09 -6.38 -39.04
H212 MC3 YA . -30.55 -6.96 -39.10
H221 MC3 YA . -29.69 -9.14 -39.33
H222 MC3 YA . -28.21 -8.57 -39.24
H231 MC3 YA . -28.45 -7.45 -41.25
H232 MC3 YA . -30.00 -7.80 -41.31
H241 MC3 YA . -29.40 -10.12 -41.50
H242 MC3 YA . -28.91 -9.26 -42.75
H243 MC3 YA . -27.88 -9.67 -41.62
C15 MC3 ZA . -33.69 -8.46 -30.13
C16 MC3 ZA . -33.22 -9.72 -30.85
C17 MC3 ZA . -32.81 -9.36 -32.28
C18 MC3 ZA . -32.44 -10.63 -33.05
C19 MC3 ZA . -32.19 -10.28 -34.51
C20 MC3 ZA . -31.85 -11.54 -35.29
C21 MC3 ZA . -31.44 -11.16 -36.71
C22 MC3 ZA . -31.22 -12.41 -37.56
C23 MC3 ZA . -30.96 -12.02 -39.00
C24 MC3 ZA . -30.94 -13.26 -39.89
H151 MC3 ZA . -33.81 -8.66 -29.18
H152 MC3 ZA . -33.05 -7.76 -30.24
H161 MC3 ZA . -33.93 -10.37 -30.87
H162 MC3 ZA . -32.46 -10.09 -30.38
H171 MC3 ZA . -32.04 -8.77 -32.25
H172 MC3 ZA . -33.54 -8.91 -32.72
H181 MC3 ZA . -33.18 -11.27 -32.99
H182 MC3 ZA . -31.65 -11.02 -32.67
H191 MC3 ZA . -31.45 -9.65 -34.56
H192 MC3 ZA . -32.98 -9.86 -34.88
H201 MC3 ZA . -32.62 -12.12 -35.33
H202 MC3 ZA . -31.12 -12.01 -34.86
H211 MC3 ZA . -30.61 -10.65 -36.67
H212 MC3 ZA . -32.13 -10.62 -37.11
H221 MC3 ZA . -32.02 -12.97 -37.51
H222 MC3 ZA . -30.46 -12.90 -37.20
H231 MC3 ZA . -30.10 -11.57 -39.06
H232 MC3 ZA . -31.65 -11.42 -39.30
H241 MC3 ZA . -30.69 -13.01 -40.78
H242 MC3 ZA . -30.31 -13.90 -39.53
H243 MC3 ZA . -31.83 -13.65 -39.89
C15 MC3 AB . -36.39 -5.57 -31.12
C16 MC3 AB . -36.32 -5.31 -32.62
C17 MC3 AB . -35.94 -6.61 -33.34
C18 MC3 AB . -35.67 -6.31 -34.81
C19 MC3 AB . -35.17 -7.57 -35.51
C20 MC3 AB . -35.05 -7.29 -37.01
C21 MC3 AB . -34.39 -8.48 -37.69
C22 MC3 AB . -34.21 -8.18 -39.18
C23 MC3 AB . -33.63 -9.39 -39.89
C24 MC3 AB . -33.64 -9.16 -41.40
H151 MC3 AB . -36.36 -4.73 -30.64
H152 MC3 AB . -35.65 -6.12 -30.84
H161 MC3 AB . -35.66 -4.63 -32.80
H162 MC3 AB . -37.19 -5.01 -32.94
H171 MC3 AB . -36.66 -7.24 -33.26
H172 MC3 AB . -35.14 -6.97 -32.93
H181 MC3 AB . -34.99 -5.61 -34.88
H182 MC3 AB . -36.49 -6.00 -35.23
H191 MC3 AB . -35.80 -8.29 -35.36
H192 MC3 AB . -34.31 -7.81 -35.15
H201 MC3 AB . -34.52 -6.49 -37.14
H202 MC3 AB . -35.93 -7.15 -37.38
H211 MC3 AB . -34.95 -9.26 -37.59
H212 MC3 AB . -33.52 -8.64 -37.29
H221 MC3 AB . -33.61 -7.42 -39.29
H222 MC3 AB . -35.08 -7.96 -39.58
H231 MC3 AB . -34.15 -10.18 -39.68
H232 MC3 AB . -32.71 -9.53 -39.58
H241 MC3 AB . -33.30 -9.94 -41.85
H242 MC3 AB . -34.54 -8.98 -41.69
H243 MC3 AB . -33.07 -8.39 -41.61
C15 MC3 BB . -34.56 -12.75 -27.30
C16 MC3 BB . -34.71 -12.64 -28.82
C17 MC3 BB . -34.09 -13.87 -29.48
C18 MC3 BB . -34.12 -13.71 -31.01
C19 MC3 BB . -33.63 -14.99 -31.68
C20 MC3 BB . -33.60 -14.80 -33.19
C21 MC3 BB . -32.93 -16.00 -33.84
C22 MC3 BB . -32.85 -15.81 -35.35
C23 MC3 BB . -32.10 -16.99 -35.98
C24 MC3 BB . -32.22 -16.94 -37.50
H151 MC3 BB . -35.32 -13.21 -26.93
H152 MC3 BB . -33.75 -13.24 -27.10
H161 MC3 BB . -34.26 -11.85 -29.14
H162 MC3 BB . -35.65 -12.59 -29.05
H171 MC3 BB . -34.59 -14.66 -29.24
H172 MC3 BB . -33.17 -13.97 -29.19
H181 MC3 BB . -33.54 -12.97 -31.26
H182 MC3 BB . -35.03 -13.52 -31.29
H191 MC3 BB . -34.22 -15.72 -31.45
H192 MC3 BB . -32.73 -15.20 -31.36
H201 MC3 BB . -33.10 -14.00 -33.40
H202 MC3 BB . -34.51 -14.72 -33.52
H211 MC3 BB . -33.43 -16.81 -33.63
H212 MC3 BB . -32.03 -16.09 -33.48
H221 MC3 BB . -32.38 -14.99 -35.55
H222 MC3 BB . -33.74 -15.76 -35.72
H231 MC3 BB . -32.47 -17.82 -35.65
H232 MC3 BB . -31.16 -16.94 -35.72
H241 MC3 BB . -31.81 -17.73 -37.88
H242 MC3 BB . -33.16 -16.92 -37.74
H243 MC3 BB . -31.78 -16.14 -37.83
C13 MC3 CB . -30.04 -11.76 -27.00
C14 MC3 CB . -30.12 -12.97 -27.92
C15 MC3 CB . -29.81 -12.57 -29.35
C16 MC3 CB . -29.81 -13.80 -30.25
C17 MC3 CB . -29.31 -13.43 -31.64
C18 MC3 CB . -29.12 -14.68 -32.49
C19 MC3 CB . -28.43 -14.31 -33.80
C20 MC3 CB . -28.42 -15.51 -34.75
C21 MC3 CB . -27.84 -15.08 -36.09
C22 MC3 CB . -28.02 -16.18 -37.13
C23 MC3 CB . -27.54 -15.69 -38.50
C24 MC3 CB . -27.66 -16.82 -39.52
H131 MC3 CB . -29.57 -12.00 -26.19
H132 MC3 CB . -30.93 -11.46 -26.78
H141 MC3 CB . -31.02 -13.34 -27.87
H142 MC3 CB . -29.49 -13.65 -27.62
H151 MC3 CB . -30.49 -11.95 -29.67
H152 MC3 CB . -28.94 -12.13 -29.39
H161 MC3 CB . -30.71 -14.15 -30.31
H162 MC3 CB . -29.23 -14.48 -29.86
H171 MC3 CB . -28.46 -12.96 -31.56
H172 MC3 CB . -29.95 -12.84 -32.07
H181 MC3 CB . -29.98 -15.08 -32.67
H182 MC3 CB . -28.57 -15.32 -32.01
H191 MC3 CB . -27.52 -14.05 -33.63
H192 MC3 CB . -28.91 -13.57 -34.21
H201 MC3 CB . -29.33 -15.83 -34.88
H202 MC3 CB . -27.88 -16.22 -34.37
H211 MC3 CB . -26.89 -14.89 -35.98
H212 MC3 CB . -28.28 -14.27 -36.40
H221 MC3 CB . -28.96 -16.42 -37.19
H222 MC3 CB . -27.50 -16.96 -36.87
H231 MC3 CB . -26.61 -15.42 -38.43
H232 MC3 CB . -28.09 -14.95 -38.78
H241 MC3 CB . -27.28 -16.53 -40.36
H242 MC3 CB . -27.19 -17.61 -39.19
H243 MC3 CB . -28.60 -17.04 -39.64
C1 MC3 DB . -22.47 -27.30 -14.98
C2 MC3 DB . -21.41 -27.15 -16.07
C3 MC3 DB . -20.04 -27.17 -15.39
C4 MC3 DB . -23.16 -22.96 -16.34
C5 MC3 DB . -22.01 -22.15 -16.95
C6 MC3 DB . -20.40 -22.70 -15.27
C7 MC3 DB . -20.08 -20.86 -16.69
C8 MC3 DB . -21.70 -20.76 -14.98
C11 MC3 DB . -17.77 -27.50 -15.84
C12 MC3 DB . -16.64 -27.86 -16.79
C13 MC3 DB . -17.09 -27.69 -18.23
C14 MC3 DB . -16.01 -28.24 -19.15
C15 MC3 DB . -16.39 -28.01 -20.61
C16 MC3 DB . -15.19 -28.40 -21.47
C17 MC3 DB . -15.63 -28.68 -22.89
C18 MC3 DB . -14.38 -28.88 -23.75
C19 MC3 DB . -14.78 -29.27 -25.17
C20 MC3 DB . -13.52 -29.69 -25.93
C21 MC3 DB . -13.90 -30.26 -27.28
C22 MC3 DB . -12.70 -30.97 -27.92
C31 MC3 DB . -21.60 -27.89 -18.32
C32 MC3 DB . -21.13 -28.91 -19.35
C33 MC3 DB . -21.08 -28.27 -20.74
C34 MC3 DB . -20.27 -29.18 -21.64
C35 MC3 DB . -20.23 -28.65 -23.07
C36 MC3 DB . -19.32 -29.54 -23.90
C37 MC3 DB . -19.27 -29.08 -25.35
C38 MC3 DB . -18.53 -30.15 -26.14
C39 MC3 DB . -18.54 -29.80 -27.63
C40 MC3 DB . -18.13 -31.03 -28.42
C41 MC3 DB . -17.92 -30.67 -29.88
C42 MC3 DB . -17.33 -31.86 -30.63
C43 MC3 DB . -18.44 -32.83 -31.01
N MC3 DB . -21.08 -21.63 -15.96
O2 MC3 DB . -21.51 -28.22 -16.97
O3 MC3 DB . -19.03 -27.18 -16.36
O11 MC3 DB . -17.58 -27.48 -14.67
O31 MC3 DB . -22.03 -26.85 -18.67
O1P MC3 DB . -24.73 -25.24 -14.73
O2P MC3 DB . -23.15 -23.82 -13.46
O3P MC3 DB . -22.41 -26.18 -14.14
O4P MC3 DB . -22.71 -24.23 -15.97
P MC3 DB . -23.28 -24.86 -14.56
H11 MC3 DB . -23.35 -27.34 -15.40
H12 MC3 DB . -22.30 -28.11 -14.48
H2 MC3 DB . -21.52 -26.31 -16.53
H31 MC3 DB . -19.97 -27.96 -14.83
H32 MC3 DB . -19.94 -26.38 -14.84
H41 MC3 DB . -23.85 -23.07 -17.01
H42 MC3 DB . -23.53 -22.51 -15.56
H51 MC3 DB . -21.53 -22.71 -17.56
H52 MC3 DB . -22.40 -21.40 -17.43
H61 MC3 DB . -20.05 -23.33 -15.92
H62 MC3 DB . -19.66 -22.32 -14.77
H63 MC3 DB . -21.01 -23.14 -14.67
H71 MC3 DB . -20.50 -20.12 -17.14
H72 MC3 DB . -19.43 -20.51 -16.05
H73 MC3 DB . -19.64 -21.43 -17.32
H81 MC3 DB . -22.25 -21.28 -14.39
H82 MC3 DB . -21.01 -20.31 -14.47
H83 MC3 DB . -22.25 -20.10 -15.43
H121 MC3 DB . -16.37 -28.79 -16.64
H122 MC3 DB . -15.89 -27.28 -16.62
H131 MC3 DB . -17.23 -26.75 -18.42
H132 MC3 DB . -17.92 -28.17 -18.37
H141 MC3 DB . -15.92 -29.18 -18.99
H142 MC3 DB . -15.19 -27.79 -18.96
H151 MC3 DB . -16.61 -27.09 -20.75
H152 MC3 DB . -17.13 -28.58 -20.84
H161 MC3 DB . -14.78 -29.18 -21.10
H162 MC3 DB . -14.56 -27.66 -21.47
H171 MC3 DB . -16.14 -27.94 -23.23
H172 MC3 DB . -16.16 -29.48 -22.90
H181 MC3 DB . -13.84 -29.58 -23.36
H182 MC3 DB . -13.89 -28.05 -23.78
H191 MC3 DB . -15.19 -28.52 -25.61
H192 MC3 DB . -15.39 -30.02 -25.13
H201 MC3 DB . -13.04 -30.35 -25.42
H202 MC3 DB . -12.96 -28.90 -26.06
H211 MC3 DB . -14.19 -29.55 -27.87
H212 MC3 DB . -14.62 -30.90 -27.18
H221 MC3 DB . -12.08 -31.23 -27.22
H222 MC3 DB . -12.25 -30.36 -28.53
H321 MC3 DB . -20.25 -29.23 -19.11
H322 MC3 DB . -21.75 -29.64 -19.36
H331 MC3 DB . -21.97 -28.18 -21.09
H332 MC3 DB . -20.65 -27.41 -20.68
H341 MC3 DB . -19.36 -29.25 -21.31
H342 MC3 DB . -20.68 -30.06 -21.65
H351 MC3 DB . -21.12 -28.64 -23.44
H352 MC3 DB . -19.87 -27.75 -23.05
H361 MC3 DB . -18.44 -29.53 -23.53
H362 MC3 DB . -19.65 -30.45 -23.86
H371 MC3 DB . -20.17 -28.99 -25.69
H372 MC3 DB . -18.80 -28.24 -25.41
H381 MC3 DB . -17.62 -30.20 -25.84
H382 MC3 DB . -18.96 -31.00 -26.02
H391 MC3 DB . -19.41 -29.50 -27.89
H392 MC3 DB . -17.90 -29.09 -27.79
H401 MC3 DB . -17.32 -31.39 -28.06
H402 MC3 DB . -18.84 -31.68 -28.36
H411 MC3 DB . -18.78 -30.43 -30.27
H412 MC3 DB . -17.32 -29.92 -29.93
H421 MC3 DB . -16.88 -31.55 -31.42
H422 MC3 DB . -16.70 -32.31 -30.05
H431 MC3 DB . -19.23 -32.64 -30.48
H432 MC3 DB . -18.65 -32.72 -31.95
C12 MC3 EB . -23.22 -32.89 -16.95
C13 MC3 EB . -22.72 -32.39 -18.30
C14 MC3 EB . -22.40 -33.59 -19.18
C15 MC3 EB . -21.93 -33.10 -20.56
C16 MC3 EB . -21.69 -34.28 -21.48
C17 MC3 EB . -21.27 -33.76 -22.86
C18 MC3 EB . -20.90 -34.93 -23.76
C19 MC3 EB . -20.47 -34.40 -25.12
C20 MC3 EB . -19.98 -35.58 -25.96
C21 MC3 EB . -19.66 -35.12 -27.37
C22 MC3 EB . -19.18 -36.33 -28.18
C23 MC3 EB . -18.97 -35.94 -29.64
C24 MC3 EB . -18.42 -37.13 -30.42
H121 MC3 EB . -24.12 -33.22 -17.04
H122 MC3 EB . -23.22 -32.15 -16.31
H131 MC3 EB . -21.92 -31.85 -18.18
H132 MC3 EB . -23.40 -31.86 -18.72
H141 MC3 EB . -23.19 -34.14 -19.29
H142 MC3 EB . -21.69 -34.12 -18.77
H151 MC3 EB . -21.10 -32.60 -20.45
H152 MC3 EB . -22.61 -32.53 -20.93
H161 MC3 EB . -22.50 -34.80 -21.57
H162 MC3 EB . -20.99 -34.84 -21.12
H171 MC3 EB . -20.51 -33.17 -22.76
H172 MC3 EB . -22.01 -33.27 -23.25
H181 MC3 EB . -21.66 -35.51 -23.86
H182 MC3 EB . -20.16 -35.42 -23.36
H191 MC3 EB . -19.75 -33.76 -25.01
H192 MC3 EB . -21.22 -33.98 -25.56
H201 MC3 EB . -20.67 -36.26 -26.00
H202 MC3 EB . -19.18 -35.96 -25.56
H211 MC3 EB . -18.95 -34.45 -27.34
H212 MC3 EB . -20.45 -34.75 -27.79
H221 MC3 EB . -19.84 -37.03 -28.12
H222 MC3 EB . -18.34 -36.64 -27.82
H231 MC3 EB . -18.34 -35.20 -29.69
H232 MC3 EB . -19.82 -35.66 -30.02
H241 MC3 EB . -19.07 -37.84 -30.41
H242 MC3 EB . -18.26 -36.86 -31.34
H243 MC3 EB . -17.60 -37.42 -30.01
C12 MC3 FB . -26.34 -28.62 -16.78
C13 MC3 FB . -26.67 -29.44 -18.02
C14 MC3 FB . -25.58 -29.23 -19.07
C15 MC3 FB . -25.94 -30.01 -20.34
C16 MC3 FB . -24.79 -29.85 -21.34
C17 MC3 FB . -25.08 -30.65 -22.61
C18 MC3 FB . -23.93 -30.51 -23.58
C19 MC3 FB . -24.36 -31.07 -24.93
C20 MC3 FB . -23.19 -31.07 -25.92
C21 MC3 FB . -23.69 -31.63 -27.25
C22 MC3 FB . -22.52 -31.93 -28.18
C23 MC3 FB . -23.06 -32.64 -29.41
C24 MC3 FB . -21.91 -33.13 -30.28
H121 MC3 FB . -25.51 -28.93 -16.39
H122 MC3 FB . -27.05 -28.71 -16.13
H131 MC3 FB . -27.52 -29.15 -18.38
H132 MC3 FB . -26.72 -30.37 -17.79
H141 MC3 FB . -24.73 -29.54 -18.73
H142 MC3 FB . -25.52 -28.28 -19.29
H151 MC3 FB . -26.76 -29.68 -20.71
H152 MC3 FB . -26.04 -30.95 -20.12
H161 MC3 FB . -23.97 -30.17 -20.95
H162 MC3 FB . -24.70 -28.92 -21.57
H171 MC3 FB . -25.90 -30.31 -23.02
H172 MC3 FB . -25.20 -31.58 -22.38
H181 MC3 FB . -23.17 -31.00 -23.26
H182 MC3 FB . -23.69 -29.58 -23.68
H191 MC3 FB . -25.08 -30.53 -25.29
H192 MC3 FB . -24.67 -31.98 -24.81
H201 MC3 FB . -22.47 -31.62 -25.58
H202 MC3 FB . -22.88 -30.16 -26.06
H211 MC3 FB . -24.27 -30.98 -27.67
H212 MC3 FB . -24.18 -32.45 -27.08
H221 MC3 FB . -21.87 -32.49 -27.73
H222 MC3 FB . -22.10 -31.09 -28.44
H231 MC3 FB . -23.62 -32.04 -29.92
H232 MC3 FB . -23.59 -33.41 -29.13
H241 MC3 FB . -22.27 -33.61 -31.05
H242 MC3 FB . -21.40 -32.37 -30.59
H243 MC3 FB . -21.33 -33.71 -29.76
C16 MC3 GB . -26.59 -35.07 -20.05
C17 MC3 GB . -26.76 -34.71 -21.53
C18 MC3 GB . -25.61 -35.32 -22.33
C19 MC3 GB . -25.88 -35.16 -23.82
C20 MC3 GB . -24.79 -35.88 -24.62
C21 MC3 GB . -25.05 -35.75 -26.11
C22 MC3 GB . -24.06 -36.63 -26.88
C23 MC3 GB . -24.40 -36.58 -28.36
C24 MC3 GB . -23.44 -37.50 -29.12
H161 MC3 GB . -25.64 -35.11 -19.84
H162 MC3 GB . -27.01 -34.40 -19.50
H171 MC3 GB . -26.74 -33.75 -21.63
H172 MC3 GB . -27.60 -35.07 -21.85
H181 MC3 GB . -25.53 -36.27 -22.12
H182 MC3 GB . -24.79 -34.88 -22.10
H191 MC3 GB . -25.88 -34.22 -24.05
H192 MC3 GB . -26.74 -35.54 -24.04
H201 MC3 GB . -24.77 -36.81 -24.37
H202 MC3 GB . -23.92 -35.48 -24.41
H211 MC3 GB . -24.95 -34.82 -26.38
H212 MC3 GB . -25.96 -36.03 -26.30
H221 MC3 GB . -24.14 -37.54 -26.56
H222 MC3 GB . -23.17 -36.29 -26.73
H231 MC3 GB . -24.29 -35.67 -28.69
H232 MC3 GB . -25.31 -36.87 -28.51
H241 MC3 GB . -23.61 -37.43 -30.08
H242 MC3 GB . -22.53 -37.23 -28.95
H243 MC3 GB . -23.58 -38.41 -28.85
C14 MC3 HB . -23.59 -37.91 -17.87
C15 MC3 HB . -23.94 -37.90 -19.36
C16 MC3 HB . -22.74 -38.39 -20.16
C17 MC3 HB . -23.12 -38.50 -21.63
C18 MC3 HB . -21.98 -39.15 -22.41
C19 MC3 HB . -22.26 -39.03 -23.91
C20 MC3 HB . -21.15 -39.70 -24.71
C21 MC3 HB . -21.44 -39.53 -26.20
C22 MC3 HB . -20.43 -40.32 -27.02
C23 MC3 HB . -20.79 -40.22 -28.51
C24 MC3 HB . -19.89 -41.14 -29.32
H141 MC3 HB . -24.19 -37.31 -17.39
H142 MC3 HB . -22.67 -37.62 -17.75
H151 MC3 HB . -24.17 -37.00 -19.62
H152 MC3 HB . -24.70 -38.49 -19.51
H161 MC3 HB . -22.47 -39.27 -19.84
H162 MC3 HB . -22.01 -37.77 -20.05
H171 MC3 HB . -23.28 -37.61 -21.99
H172 MC3 HB . -23.92 -39.03 -21.72
H181 MC3 HB . -21.90 -40.08 -22.17
H182 MC3 HB . -21.15 -38.69 -22.21
H191 MC3 HB . -22.30 -38.08 -24.16
H192 MC3 HB . -23.11 -39.45 -24.10
H201 MC3 HB . -21.13 -40.65 -24.50
H202 MC3 HB . -20.30 -39.30 -24.50
H211 MC3 HB . -21.38 -38.59 -26.43
H212 MC3 HB . -22.34 -39.85 -26.40
H221 MC3 HB . -20.45 -41.25 -26.75
H222 MC3 HB . -19.54 -39.96 -26.88
H231 MC3 HB . -20.67 -39.31 -28.80
H232 MC3 HB . -21.71 -40.48 -28.63
H241 MC3 HB . -20.10 -41.05 -30.26
H242 MC3 HB . -18.96 -40.91 -29.16
H243 MC3 HB . -20.05 -42.07 -29.04
C2 MC3 IB . -17.34 -32.66 -14.36
C3 MC3 IB . -18.11 -31.78 -15.35
C11 MC3 IB . -18.22 -31.83 -17.70
C12 MC3 IB . -17.86 -32.85 -18.77
C13 MC3 IB . -17.73 -32.21 -20.14
C14 MC3 IB . -17.23 -33.28 -21.10
C15 MC3 IB . -17.02 -32.70 -22.50
C16 MC3 IB . -16.42 -33.78 -23.38
C17 MC3 IB . -16.14 -33.26 -24.78
C18 MC3 IB . -15.59 -34.41 -25.63
C19 MC3 IB . -15.38 -33.97 -27.07
C20 MC3 IB . -14.86 -35.16 -27.87
C21 MC3 IB . -14.57 -34.74 -29.31
C22 MC3 IB . -14.12 -35.95 -30.12
C23 MC3 IB . -13.88 -35.56 -31.57
C24 MC3 IB . -13.51 -36.79 -32.39
C31 MC3 IB . -15.95 -34.56 -14.31
C32 MC3 IB . -15.04 -35.58 -14.99
C33 MC3 IB . -15.18 -35.44 -16.51
C34 MC3 IB . -14.04 -36.18 -17.21
C35 MC3 IB . -14.31 -36.18 -18.71
C36 MC3 IB . -13.13 -36.78 -19.46
C37 MC3 IB . -13.46 -36.78 -20.94
C38 MC3 IB . -12.38 -37.49 -21.74
C39 MC3 IB . -12.79 -37.50 -23.21
C40 MC3 IB . -11.78 -38.29 -24.04
C41 MC3 IB . -12.32 -38.41 -25.46
C42 MC3 IB . -11.26 -39.05 -26.36
C43 MC3 IB . -11.73 -39.02 -27.81
C44 MC3 IB . -10.62 -39.51 -28.73
O2 MC3 IB . -16.75 -33.71 -15.08
O3 MC3 IB . -17.42 -31.73 -16.56
O11 MC3 IB . -19.16 -31.13 -17.83
O31 MC3 IB . -15.97 -34.48 -13.13
H2 MC3 IB . -17.94 -33.01 -13.70
H31 MC3 IB . -18.21 -30.89 -14.99
H32 MC3 IB . -18.98 -32.16 -15.50
H121 MC3 IB . -18.55 -33.53 -18.80
H122 MC3 IB . -17.02 -33.27 -18.53
H131 MC3 IB . -17.10 -31.48 -20.10
H132 MC3 IB . -18.59 -31.89 -20.43
H141 MC3 IB . -17.88 -33.99 -21.16
H142 MC3 IB . -16.39 -33.63 -20.78
H151 MC3 IB . -16.41 -31.95 -22.45
H152 MC3 IB . -17.87 -32.41 -22.86
H161 MC3 IB . -17.05 -34.53 -23.43
H162 MC3 IB . -15.59 -34.10 -22.98
H171 MC3 IB . -15.49 -32.55 -24.74
H172 MC3 IB . -16.96 -32.93 -25.18
H181 MC3 IB . -16.22 -35.15 -25.61
H182 MC3 IB . -14.75 -34.71 -25.25
H191 MC3 IB . -14.73 -33.25 -27.09
H192 MC3 IB . -16.22 -33.66 -27.44
H201 MC3 IB . -15.53 -35.86 -27.88
H202 MC3 IB . -14.05 -35.49 -27.46
H211 MC3 IB . -13.87 -34.06 -29.32
H212 MC3 IB . -15.38 -34.36 -29.71
H221 MC3 IB . -14.81 -36.64 -30.08
H222 MC3 IB . -13.30 -36.30 -29.74
H231 MC3 IB . -13.16 -34.92 -31.61
H232 MC3 IB . -14.69 -35.17 -31.93
H241 MC3 IB . -12.76 -37.24 -31.97
H242 MC3 IB . -13.25 -36.52 -33.28
H243 MC3 IB . -14.27 -37.39 -32.44
H321 MC3 IB . -14.12 -35.41 -14.74
H322 MC3 IB . -15.30 -36.47 -14.72
H331 MC3 IB . -16.02 -35.81 -16.78
H332 MC3 IB . -15.15 -34.51 -16.75
H341 MC3 IB . -13.21 -35.73 -17.03
H342 MC3 IB . -14.01 -37.09 -16.89
H351 MC3 IB . -15.11 -36.68 -18.90
H352 MC3 IB . -14.43 -35.26 -19.01
H361 MC3 IB . -12.34 -36.25 -19.31
H362 MC3 IB . -12.98 -37.68 -19.16
H371 MC3 IB . -14.30 -37.23 -21.09
H372 MC3 IB . -13.53 -35.86 -21.25
H381 MC3 IB . -11.53 -37.02 -21.64
H382 MC3 IB . -12.28 -38.40 -21.42
H391 MC3 IB . -13.67 -37.91 -23.29
H392 MC3 IB . -12.83 -36.59 -23.53
H401 MC3 IB . -10.93 -37.81 -24.06
H402 MC3 IB . -11.66 -39.16 -23.66
H411 MC3 IB . -13.11 -38.96 -25.46
H412 MC3 IB . -12.54 -37.53 -25.81
H421 MC3 IB . -10.43 -38.56 -26.27
H422 MC3 IB . -11.12 -39.97 -26.09
H431 MC3 IB . -12.50 -39.60 -27.91
H432 MC3 IB . -11.97 -38.12 -28.06
H441 MC3 IB . -9.86 -38.92 -28.66
H442 MC3 IB . -10.34 -40.41 -28.47
H443 MC3 IB . -10.93 -39.53 -29.64
C11 MC3 JB . -13.44 -31.42 -15.27
C12 MC3 JB . -13.51 -30.95 -16.72
C13 MC3 JB . -13.11 -32.10 -17.64
C14 MC3 JB . -13.38 -31.74 -19.10
C15 MC3 JB . -12.70 -32.76 -20.00
C16 MC3 JB . -12.66 -32.30 -21.45
C17 MC3 JB . -11.94 -33.37 -22.27
C18 MC3 JB . -11.74 -32.94 -23.72
C19 MC3 JB . -11.24 -34.13 -24.53
C20 MC3 JB . -10.99 -33.75 -25.98
C21 MC3 JB . -10.58 -34.99 -26.75
C22 MC3 JB . -10.25 -34.65 -28.20
C23 MC3 JB . -9.64 -35.87 -28.88
C24 MC3 JB . -9.01 -35.48 -30.22
H121 MC3 JB . -12.89 -30.22 -16.84
H122 MC3 JB . -14.41 -30.67 -16.93
H131 MC3 JB . -13.63 -32.89 -17.42
H132 MC3 JB . -12.17 -32.28 -17.53
H141 MC3 JB . -13.03 -30.85 -19.28
H142 MC3 JB . -14.33 -31.75 -19.26
H151 MC3 JB . -13.18 -33.59 -19.95
H152 MC3 JB . -11.79 -32.89 -19.70
H161 MC3 JB . -12.18 -31.47 -21.52
H162 MC3 JB . -13.56 -32.20 -21.78
H171 MC3 JB . -11.08 -33.54 -21.87
H172 MC3 JB . -12.46 -34.18 -22.26
H181 MC3 JB . -11.09 -32.23 -23.76
H182 MC3 JB . -12.58 -32.63 -24.08
H191 MC3 JB . -11.91 -34.84 -24.49
H192 MC3 JB . -10.42 -34.46 -24.13
H201 MC3 JB . -10.28 -33.10 -26.02
H202 MC3 JB . -11.80 -33.37 -26.37
H211 MC3 JB . -11.32 -35.62 -26.74
H212 MC3 JB . -9.80 -35.39 -26.33
H221 MC3 JB . -9.62 -33.92 -28.23
H222 MC3 JB . -11.06 -34.40 -28.67
H231 MC3 JB . -10.33 -36.53 -29.04
H232 MC3 JB . -8.95 -36.25 -28.31
H241 MC3 JB . -8.30 -34.83 -30.07
H242 MC3 JB . -8.64 -36.26 -30.65
H243 MC3 JB . -9.68 -35.09 -30.78
C12 MC3 KB . -19.67 -36.40 -14.91
C13 MC3 KB . -20.09 -36.45 -16.38
C14 MC3 KB . -18.90 -36.87 -17.24
C15 MC3 KB . -19.32 -36.96 -18.70
C16 MC3 KB . -18.11 -37.31 -19.55
C17 MC3 KB . -18.52 -37.41 -21.01
C18 MC3 KB . -17.29 -37.69 -21.88
C19 MC3 KB . -17.72 -37.84 -23.33
C20 MC3 KB . -16.52 -38.27 -24.18
C21 MC3 KB . -17.01 -38.64 -25.58
C22 MC3 KB . -15.84 -39.13 -26.44
C23 MC3 KB . -16.36 -39.45 -27.84
C24 MC3 KB . -15.26 -40.13 -28.66
H121 MC3 KB . -18.86 -35.86 -14.83
H122 MC3 KB . -20.38 -35.99 -14.39
H131 MC3 KB . -20.39 -35.57 -16.66
H132 MC3 KB . -20.81 -37.09 -16.49
H141 MC3 KB . -18.57 -37.74 -16.94
H142 MC3 KB . -18.18 -36.23 -17.14
H151 MC3 KB . -19.67 -36.10 -18.99
H152 MC3 KB . -19.99 -37.64 -18.81
H161 MC3 KB . -17.75 -38.16 -19.26
H162 MC3 KB . -17.43 -36.63 -19.46
H171 MC3 KB . -18.93 -36.58 -21.29
H172 MC3 KB . -19.16 -38.14 -21.11
H181 MC3 KB . -16.87 -38.50 -21.58
H182 MC3 KB . -16.67 -36.95 -21.80
H191 MC3 KB . -18.05 -37.00 -23.66
H192 MC3 KB . -18.42 -38.51 -23.40
H201 MC3 KB . -16.11 -39.05 -23.78
H202 MC3 KB . -15.88 -37.55 -24.23
H211 MC3 KB . -17.40 -37.85 -25.99
H212 MC3 KB . -17.68 -39.34 -25.51
H221 MC3 KB . -15.47 -39.93 -26.04
H222 MC3 KB . -15.17 -38.44 -26.49
H231 MC3 KB . -16.62 -38.62 -28.28
H232 MC3 KB . -17.13 -40.03 -27.77
H241 MC3 KB . -14.93 -40.90 -28.17
H242 MC3 KB . -15.63 -40.41 -29.51
H243 MC3 KB . -14.54 -39.50 -28.83
C15 MC3 LB . -16.27 -39.92 -16.02
C16 MC3 LB . -15.11 -40.46 -16.86
C17 MC3 LB . -15.49 -40.37 -18.34
C18 MC3 LB . -14.39 -41.02 -19.19
C19 MC3 LB . -14.84 -41.06 -20.64
C20 MC3 LB . -13.77 -41.73 -21.49
C21 MC3 LB . -14.16 -41.62 -22.97
C22 MC3 LB . -13.17 -42.40 -23.83
C23 MC3 LB . -13.65 -42.41 -25.28
C24 MC3 LB . -12.78 -43.35 -26.11
H151 MC3 LB . -15.97 -39.82 -15.09
H152 MC3 LB . -16.55 -39.06 -16.35
H161 MC3 LB . -14.95 -41.38 -16.62
H162 MC3 LB . -14.32 -39.93 -16.69
H171 MC3 LB . -15.58 -39.44 -18.59
H172 MC3 LB . -16.33 -40.82 -18.49
H181 MC3 LB . -14.22 -41.92 -18.87
H182 MC3 LB . -13.58 -40.50 -19.12
H191 MC3 LB . -14.99 -40.16 -20.96
H192 MC3 LB . -15.67 -41.56 -20.71
H201 MC3 LB . -13.69 -42.67 -21.25
H202 MC3 LB . -12.92 -41.29 -21.36
H211 MC3 LB . -14.15 -40.69 -23.23
H212 MC3 LB . -15.05 -41.99 -23.09
H221 MC3 LB . -13.10 -43.31 -23.51
H222 MC3 LB . -12.30 -41.98 -23.78
H231 MC3 LB . -13.60 -41.52 -25.64
H232 MC3 LB . -14.57 -42.71 -25.31
H241 MC3 LB . -13.03 -43.28 -27.04
H242 MC3 LB . -11.85 -43.11 -26.00
H243 MC3 LB . -12.91 -44.26 -25.80
C15 MC3 MB . -20.26 -40.72 -15.97
C16 MC3 MB . -20.74 -40.97 -17.40
C17 MC3 MB . -19.60 -41.60 -18.21
C18 MC3 MB . -20.01 -41.67 -19.68
C19 MC3 MB . -18.84 -42.19 -20.50
C20 MC3 MB . -19.31 -42.39 -21.95
C21 MC3 MB . -18.11 -42.73 -22.82
C22 MC3 MB . -18.56 -42.88 -24.27
C23 MC3 MB . -17.39 -43.30 -25.15
C24 MC3 MB . -17.89 -43.63 -26.55
H151 MC3 MB . -20.86 -40.10 -15.53
H152 MC3 MB . -19.37 -40.35 -15.98
H161 MC3 MB . -21.00 -40.14 -17.80
H162 MC3 MB . -21.50 -41.58 -17.38
H171 MC3 MB . -19.44 -42.50 -17.87
H172 MC3 MB . -18.81 -41.07 -18.11
H181 MC3 MB . -20.25 -40.78 -19.98
H182 MC3 MB . -20.77 -42.27 -19.77
H191 MC3 MB . -18.54 -43.04 -20.14
H192 MC3 MB . -18.12 -41.55 -20.48
H201 MC3 MB . -19.72 -41.57 -22.27
H202 MC3 MB . -19.95 -43.12 -21.98
H211 MC3 MB . -17.72 -43.57 -22.53
H212 MC3 MB . -17.45 -42.03 -22.76
H221 MC3 MB . -18.90 -42.03 -24.59
H222 MC3 MB . -19.26 -43.55 -24.33
H231 MC3 MB . -16.96 -44.08 -24.76
H232 MC3 MB . -16.75 -42.58 -25.19
H241 MC3 MB . -17.14 -43.95 -27.10
H242 MC3 MB . -18.56 -44.33 -26.50
H243 MC3 MB . -18.27 -42.84 -26.95
C15 MC3 NB . -12.58 -42.11 -13.07
C16 MC3 NB . -13.04 -42.62 -14.43
C17 MC3 NB . -11.83 -43.03 -15.27
C18 MC3 NB . -12.29 -43.41 -16.68
C19 MC3 NB . -11.09 -43.94 -17.48
C20 MC3 NB . -11.53 -44.26 -18.90
C21 MC3 NB . -10.31 -44.59 -19.75
C22 MC3 NB . -10.74 -44.88 -21.19
C23 MC3 NB . -9.49 -45.13 -22.04
C24 MC3 NB . -9.90 -45.66 -23.42
H151 MC3 NB . -12.52 -42.86 -12.45
H152 MC3 NB . -11.70 -41.69 -13.17
H161 MC3 NB . -13.53 -41.93 -14.89
H162 MC3 NB . -13.62 -43.40 -14.30
H171 MC3 NB . -11.38 -43.78 -14.86
H172 MC3 NB . -11.22 -42.28 -15.33
H181 MC3 NB . -12.66 -42.63 -17.13
H182 MC3 NB . -12.97 -44.10 -16.63
H191 MC3 NB . -10.75 -44.74 -17.05
H192 MC3 NB . -10.40 -43.26 -17.51
H201 MC3 NB . -12.00 -43.50 -19.28
H202 MC3 NB . -12.14 -45.02 -18.89
H211 MC3 NB . -9.87 -45.37 -19.39
H212 MC3 NB . -9.70 -43.85 -19.74
H221 MC3 NB . -11.22 -44.12 -21.55
H222 MC3 NB . -11.31 -45.66 -21.21
H231 MC3 NB . -8.93 -45.79 -21.61
H232 MC3 NB . -9.01 -44.30 -22.14
H241 MC3 NB . -9.11 -45.88 -23.93
H242 MC3 NB . -10.44 -46.45 -23.31
H243 MC3 NB . -10.40 -44.98 -23.89
C13 MC3 OB . -11.01 -37.96 -14.41
C14 MC3 OB . -10.23 -38.98 -15.23
C15 MC3 OB . -10.69 -38.93 -16.69
C16 MC3 OB . -9.83 -39.88 -17.52
C17 MC3 OB . -10.16 -39.70 -19.00
C18 MC3 OB . -9.18 -40.49 -19.86
C19 MC3 OB . -9.41 -40.15 -21.33
C20 MC3 OB . -8.60 -41.09 -22.22
C21 MC3 OB . -8.91 -40.80 -23.68
C22 MC3 OB . -8.29 -41.86 -24.58
C23 MC3 OB . -8.72 -41.63 -26.03
C24 MC3 OB . -8.05 -42.65 -26.94
H131 MC3 OB . -10.41 -37.48 -13.82
H132 MC3 OB . -11.68 -38.42 -13.87
H141 MC3 OB . -10.37 -39.86 -14.87
H142 MC3 OB . -9.28 -38.75 -15.19
H151 MC3 OB . -11.62 -39.22 -16.74
H152 MC3 OB . -10.61 -38.03 -17.03
H161 MC3 OB . -10.02 -40.80 -17.26
H162 MC3 OB . -8.90 -39.69 -17.37
H171 MC3 OB . -10.10 -38.76 -19.23
H172 MC3 OB . -11.06 -40.01 -19.17
H181 MC3 OB . -9.33 -41.44 -19.73
H182 MC3 OB . -8.28 -40.27 -19.61
H191 MC3 OB . -9.12 -39.24 -21.50
H192 MC3 OB . -10.35 -40.25 -21.55
H201 MC3 OB . -8.82 -42.01 -22.02
H202 MC3 OB . -7.65 -40.94 -22.07
H211 MC3 OB . -8.56 -39.93 -23.92
H212 MC3 OB . -9.88 -40.80 -23.81
H221 MC3 OB . -8.59 -42.74 -24.31
H222 MC3 OB . -7.33 -41.81 -24.53
H231 MC3 OB . -8.46 -40.74 -26.30
H232 MC3 OB . -9.68 -41.73 -26.10
H241 MC3 OB . -8.26 -42.45 -27.87
H242 MC3 OB . -7.09 -42.62 -26.81
H243 MC3 OB . -8.37 -43.54 -26.72
C1 MC3 PB . 8.22 -37.04 -5.91
C2 MC3 PB . 8.44 -36.45 -7.30
C3 MC3 PB . 9.29 -35.20 -7.16
C4 MC3 PB . 4.00 -35.59 -6.93
C5 MC3 PB . 3.78 -34.44 -7.90
C6 MC3 PB . 5.40 -32.97 -6.92
C7 MC3 PB . 3.75 -32.14 -8.36
C8 MC3 PB . 3.17 -32.84 -6.18
C11 MC3 PB . 10.64 -33.76 -8.40
C12 MC3 PB . 11.34 -33.36 -9.68
C13 MC3 PB . 10.68 -34.05 -10.87
C14 MC3 PB . 11.51 -33.78 -12.12
C15 MC3 PB . 10.85 -34.39 -13.34
C16 MC3 PB . 11.61 -33.92 -14.57
C17 MC3 PB . 11.34 -34.85 -15.74
C18 MC3 PB . 11.96 -34.25 -16.99
C19 MC3 PB . 11.82 -35.19 -18.18
C20 MC3 PB . 12.66 -34.67 -19.34
C21 MC3 PB . 12.68 -35.69 -20.47
C22 MC3 PB . 13.75 -35.34 -21.48
C31 MC3 PB . 8.50 -37.69 -9.34
C32 MC3 PB . 9.39 -38.20 -10.47
C33 MC3 PB . 8.62 -38.22 -11.78
C34 MC3 PB . 9.62 -38.36 -12.91
C35 MC3 PB . 8.90 -38.46 -14.26
C36 MC3 PB . 9.96 -38.50 -15.36
C37 MC3 PB . 9.31 -38.64 -16.73
C38 MC3 PB . 10.42 -38.90 -17.74
C39 MC3 PB . 9.83 -39.15 -19.13
C40 MC3 PB . 10.91 -39.75 -20.00
C41 MC3 PB . 10.42 -39.83 -21.44
C42 MC3 PB . 11.58 -40.24 -22.35
C43 MC3 PB . 11.74 -41.76 -22.31
N MC3 PB . 4.01 -33.12 -7.32
O2 MC3 PB . 9.10 -37.40 -8.10
O3 MC3 PB . 9.63 -34.72 -8.42
O11 MC3 PB . 10.96 -33.24 -7.38
O31 MC3 PB . 7.35 -37.56 -9.50
O1P MC3 PB . 5.40 -37.58 -4.86
O2P MC3 PB . 5.28 -35.20 -4.25
O3P MC3 PB . 7.50 -36.13 -5.14
O4P MC3 PB . 5.36 -35.83 -6.74
P MC3 PB . 5.85 -36.20 -5.22
H11 MC3 PB . 7.74 -37.87 -5.98
H12 MC3 PB . 9.08 -37.20 -5.50
H2 MC3 PB . 7.59 -36.22 -7.70
H31 MC3 PB . 10.10 -35.41 -6.67
H32 MC3 PB . 8.80 -34.52 -6.68
H41 MC3 PB . 3.59 -36.39 -7.31
H42 MC3 PB . 3.59 -35.40 -6.07
H51 MC3 PB . 4.37 -34.55 -8.66
H52 MC3 PB . 2.86 -34.47 -8.21
H61 MC3 PB . 5.98 -33.25 -7.66
H62 MC3 PB . 5.57 -32.04 -6.72
H63 MC3 PB . 5.58 -33.52 -6.14
H71 MC3 PB . 2.83 -32.20 -8.62
H72 MC3 PB . 3.92 -31.26 -8.00
H73 MC3 PB . 4.34 -32.31 -9.10
H81 MC3 PB . 3.44 -33.38 -5.43
H82 MC3 PB . 3.26 -31.90 -5.95
H83 MC3 PB . 2.24 -33.03 -6.41
H121 MC3 PB . 12.27 -33.62 -9.65
H122 MC3 PB . 11.27 -32.40 -9.80
H131 MC3 PB . 9.79 -33.69 -11.00
H132 MC3 PB . 10.62 -35.00 -10.70
H141 MC3 PB . 12.39 -34.18 -12.00
H142 MC3 PB . 11.60 -32.83 -12.23
H151 MC3 PB . 9.94 -34.09 -13.40
H152 MC3 PB . 10.88 -35.35 -13.29
H161 MC3 PB . 12.55 -33.92 -14.38
H162 MC3 PB . 11.32 -33.03 -14.81
H171 MC3 PB . 10.39 -34.94 -15.88
H172 MC3 PB . 11.73 -35.71 -15.57
H181 MC3 PB . 12.90 -34.09 -16.83
H182 MC3 PB . 11.53 -33.42 -17.20
H191 MC3 PB . 10.89 -35.24 -18.44
H192 MC3 PB . 12.13 -36.07 -17.92
H201 MC3 PB . 13.56 -34.51 -19.04
H202 MC3 PB . 12.28 -33.84 -19.67
H211 MC3 PB . 11.81 -35.70 -20.91
H212 MC3 PB . 12.86 -36.57 -20.11
H221 MC3 PB . 14.44 -34.79 -21.06
H222 MC3 PB . 13.36 -34.85 -22.22
H321 MC3 PB . 10.16 -37.62 -10.56
H322 MC3 PB . 9.69 -39.10 -10.25
H331 MC3 PB . 8.01 -38.97 -11.79
H332 MC3 PB . 8.13 -37.39 -11.88
H341 MC3 PB . 10.21 -37.60 -12.93
H342 MC3 PB . 10.14 -39.17 -12.78
H351 MC3 PB . 8.37 -39.27 -14.29
H352 MC3 PB . 8.35 -37.68 -14.37
H361 MC3 PB . 10.48 -37.69 -15.33
H362 MC3 PB . 10.55 -39.25 -15.21
H371 MC3 PB . 8.70 -39.40 -16.72
H372 MC3 PB . 8.84 -37.83 -16.96
H381 MC3 PB . 11.00 -38.12 -17.78
H382 MC3 PB . 10.93 -39.67 -17.46
H391 MC3 PB . 9.08 -39.75 -19.05
H392 MC3 PB . 9.53 -38.30 -19.51
H401 MC3 PB . 11.70 -39.21 -19.96
H402 MC3 PB . 11.11 -40.64 -19.69
H411 MC3 PB . 9.71 -40.48 -21.50
H412 MC3 PB . 10.10 -38.96 -21.71
H421 MC3 PB . 11.40 -39.97 -23.26
H422 MC3 PB . 12.40 -39.83 -22.04
H431 MC3 PB . 11.29 -42.11 -21.54
H432 MC3 PB . 11.35 -42.15 -23.11
C12 MC3 QB . 12.11 -41.30 -7.47
C13 MC3 QB . 11.69 -41.04 -8.92
C14 MC3 QB . 12.68 -41.71 -9.86
C15 MC3 QB . 12.24 -41.50 -11.30
C16 MC3 QB . 13.16 -42.23 -12.25
C17 MC3 QB . 12.67 -42.04 -13.69
C18 MC3 QB . 13.67 -42.66 -14.66
C19 MC3 QB . 13.17 -42.44 -16.09
C20 MC3 QB . 14.25 -42.96 -17.05
C21 MC3 QB . 13.74 -42.88 -18.48
C22 MC3 QB . 14.84 -43.42 -19.40
C23 MC3 QB . 14.33 -43.48 -20.84
C24 MC3 QB . 15.45 -43.94 -21.76
H121 MC3 QB . 11.91 -42.22 -7.23
H122 MC3 QB . 11.62 -40.70 -6.88
H131 MC3 QB . 11.68 -40.09 -9.09
H132 MC3 QB . 10.80 -41.41 -9.06
H141 MC3 QB . 12.71 -42.67 -9.67
H142 MC3 QB . 13.56 -41.34 -9.72
H151 MC3 QB . 12.27 -40.54 -11.50
H152 MC3 QB . 11.34 -41.82 -11.41
H161 MC3 QB . 13.16 -43.18 -12.04
H162 MC3 QB . 14.07 -41.88 -12.17
H171 MC3 QB . 12.60 -41.09 -13.87
H172 MC3 QB . 11.81 -42.46 -13.79
H181 MC3 QB . 13.73 -43.60 -14.48
H182 MC3 QB . 14.52 -42.24 -14.55
H191 MC3 QB . 13.03 -41.50 -16.24
H192 MC3 QB . 12.35 -42.92 -16.22
H201 MC3 QB . 14.44 -43.88 -16.84
H202 MC3 QB . 15.05 -42.43 -16.96
H211 MC3 QB . 13.55 -41.95 -18.71
H212 MC3 QB . 12.94 -43.41 -18.59
H221 MC3 QB . 15.10 -44.30 -19.11
H222 MC3 QB . 15.61 -42.83 -19.37
H231 MC3 QB . 14.03 -42.60 -21.12
H232 MC3 QB . 13.58 -44.10 -20.89
H241 MC3 QB . 15.72 -44.84 -21.52
H242 MC3 QB . 15.13 -43.94 -22.68
H243 MC3 QB . 16.20 -43.33 -21.68
C12 MC3 RB . 6.98 -41.31 -6.20
C13 MC3 RB . 7.25 -42.40 -7.23
C14 MC3 RB . 7.42 -41.75 -8.61
C15 MC3 RB . 7.65 -42.84 -9.66
C16 MC3 RB . 7.90 -42.16 -11.01
C17 MC3 RB . 8.16 -43.22 -12.09
C18 MC3 RB . 8.45 -42.52 -13.41
C19 MC3 RB . 8.43 -43.58 -14.51
C20 MC3 RB . 8.83 -42.97 -15.85
C21 MC3 RB . 8.79 -44.06 -16.91
C22 MC3 RB . 9.44 -43.59 -18.21
C23 MC3 RB . 9.53 -44.77 -19.16
C24 MC3 RB . 10.35 -44.41 -20.39
H121 MC3 RB . 7.75 -40.73 -6.14
H122 MC3 RB . 6.82 -41.73 -5.33
H131 MC3 RB . 6.49 -43.02 -7.26
H132 MC3 RB . 8.05 -42.89 -7.00
H141 MC3 RB . 8.19 -41.16 -8.59
H142 MC3 RB . 6.63 -41.25 -8.83
H151 MC3 RB . 6.87 -43.41 -9.72
H152 MC3 RB . 8.42 -43.38 -9.42
H161 MC3 RB . 8.67 -41.58 -10.94
H162 MC3 RB . 7.12 -41.64 -11.26
H171 MC3 RB . 7.39 -43.78 -12.18
H172 MC3 RB . 8.93 -43.75 -11.83
H181 MC3 RB . 9.32 -42.11 -13.38
H182 MC3 RB . 7.78 -41.87 -13.58
H191 MC3 RB . 7.53 -43.94 -14.59
H192 MC3 RB . 9.05 -44.29 -14.29
H201 MC3 RB . 9.73 -42.61 -15.80
H202 MC3 RB . 8.21 -42.26 -16.09
H211 MC3 RB . 7.86 -44.28 -17.10
H212 MC3 RB . 9.25 -44.84 -16.59
H221 MC3 RB . 10.34 -43.27 -18.01
H222 MC3 RB . 8.92 -42.88 -18.59
H231 MC3 RB . 8.63 -45.03 -19.43
H232 MC3 RB . 9.95 -45.52 -18.70
H241 MC3 RB . 10.42 -45.17 -20.97
H242 MC3 RB . 9.91 -43.68 -20.86
H243 MC3 RB . 11.24 -44.13 -20.11
C16 MC3 SB . 11.59 -46.05 -9.16
C17 MC3 SB . 10.91 -46.43 -10.48
C18 MC3 SB . 11.85 -46.12 -11.63
C19 MC3 SB . 11.27 -46.68 -12.93
C20 MC3 SB . 12.28 -46.47 -14.07
C21 MC3 SB . 11.74 -47.05 -15.36
C22 MC3 SB . 12.82 -47.00 -16.43
C23 MC3 SB . 12.33 -47.67 -17.70
C24 MC3 SB . 13.43 -47.66 -18.76
H161 MC3 SB . 12.15 -45.27 -9.30
H162 MC3 SB . 10.91 -45.85 -8.50
H171 MC3 SB . 10.09 -45.92 -10.58
H172 MC3 SB . 10.70 -47.38 -10.48
H181 MC3 SB . 12.72 -46.52 -11.46
H182 MC3 SB . 11.95 -45.16 -11.72
H191 MC3 SB . 10.45 -46.23 -13.15
H192 MC3 SB . 11.11 -47.63 -12.84
H201 MC3 SB . 13.12 -46.89 -13.84
H202 MC3 SB . 12.43 -45.51 -14.18
H211 MC3 SB . 10.97 -46.54 -15.65
H212 MC3 SB . 11.47 -47.97 -15.21
H221 MC3 SB . 13.62 -47.46 -16.12
H222 MC3 SB . 13.04 -46.07 -16.62
H231 MC3 SB . 11.56 -47.18 -18.05
H232 MC3 SB . 12.07 -48.59 -17.51
H241 MC3 SB . 13.10 -48.05 -19.59
H242 MC3 SB . 13.72 -46.75 -18.92
H243 MC3 SB . 14.18 -48.19 -18.45
C14 MC3 TB . 15.93 -44.64 -8.20
C15 MC3 TB . 15.45 -45.35 -9.46
C16 MC3 TB . 16.31 -44.93 -10.64
C17 MC3 TB . 15.91 -45.72 -11.88
C18 MC3 TB . 16.89 -45.41 -13.01
C19 MC3 TB . 16.34 -46.02 -14.31
C20 MC3 TB . 17.33 -45.79 -15.46
C21 MC3 TB . 16.74 -46.36 -16.75
C22 MC3 TB . 17.75 -46.25 -17.87
C23 MC3 TB . 17.20 -46.92 -19.13
C24 MC3 TB . 18.27 -46.97 -20.21
H141 MC3 TB . 15.21 -44.61 -7.54
H142 MC3 TB . 16.19 -43.73 -8.42
H151 MC3 TB . 14.53 -45.11 -9.63
H152 MC3 TB . 15.51 -46.30 -9.33
H161 MC3 TB . 17.25 -45.10 -10.43
H162 MC3 TB . 16.19 -43.98 -10.80
H171 MC3 TB . 15.02 -45.47 -12.15
H172 MC3 TB . 15.94 -46.67 -11.67
H181 MC3 TB . 17.75 -45.81 -12.82
H182 MC3 TB . 16.99 -44.46 -13.12
H191 MC3 TB . 15.50 -45.61 -14.53
H192 MC3 TB . 16.23 -46.98 -14.19
H201 MC3 TB . 18.17 -46.23 -15.27
H202 MC3 TB . 17.47 -44.83 -15.57
H211 MC3 TB . 15.93 -45.85 -16.98
H212 MC3 TB . 16.50 -47.27 -16.60
H221 MC3 TB . 18.57 -46.70 -17.62
H222 MC3 TB . 17.94 -45.32 -18.06
H231 MC3 TB . 16.43 -46.41 -19.45
H232 MC3 TB . 16.91 -47.82 -18.92
H241 MC3 TB . 17.89 -47.36 -21.02
H242 MC3 TB . 18.58 -46.07 -20.40
H243 MC3 TB . 19.01 -47.52 -19.90
C2 MC3 UB . 15.46 -35.81 -7.18
C3 MC3 UB . 14.13 -36.23 -7.82
C11 MC3 UB . 13.66 -37.04 -9.97
C12 MC3 UB . 14.49 -37.66 -11.09
C13 MC3 UB . 13.74 -37.61 -12.42
C14 MC3 UB . 14.69 -38.09 -13.50
C15 MC3 UB . 14.05 -38.03 -14.88
C16 MC3 UB . 15.10 -38.43 -15.91
C17 MC3 UB . 14.52 -38.35 -17.33
C18 MC3 UB . 15.59 -38.81 -18.31
C19 MC3 UB . 15.05 -38.83 -19.74
C20 MC3 UB . 16.15 -39.32 -20.67
C21 MC3 UB . 15.65 -39.29 -22.12
C22 MC3 UB . 16.74 -39.86 -23.03
C23 MC3 UB . 16.25 -39.88 -24.48
C24 MC3 UB . 17.31 -40.52 -25.37
C31 MC3 UB . 17.77 -35.77 -7.62
C32 MC3 UB . 18.95 -35.83 -8.58
C33 MC3 UB . 18.47 -36.32 -9.95
C34 MC3 UB . 19.53 -36.06 -11.01
C35 MC3 UB . 19.09 -36.71 -12.32
C36 MC3 UB . 20.06 -36.35 -13.44
C37 MC3 UB . 19.59 -37.05 -14.71
C38 MC3 UB . 20.59 -36.84 -15.84
C39 MC3 UB . 20.09 -37.60 -17.06
C40 MC3 UB . 21.10 -37.50 -18.20
C41 MC3 UB . 20.65 -38.42 -19.33
C42 MC3 UB . 21.55 -38.21 -20.55
C43 MC3 UB . 20.99 -39.00 -21.73
C44 MC3 UB . 21.79 -38.68 -22.99
O2 MC3 UB . 16.50 -36.16 -8.04
O3 MC3 UB . 14.21 -36.02 -9.20
O11 MC3 UB . 12.57 -37.43 -9.76
O31 MC3 UB . 17.93 -35.39 -6.51
H2 MC3 UB . 15.58 -36.29 -6.34
H31 MC3 UB . 13.42 -35.71 -7.44
H32 MC3 UB . 13.97 -37.18 -7.64
H121 MC3 UB . 14.69 -38.58 -10.88
H122 MC3 UB . 15.32 -37.16 -11.18
H131 MC3 UB . 13.47 -36.70 -12.61
H132 MC3 UB . 12.97 -38.18 -12.38
H141 MC3 UB . 14.95 -39.01 -13.32
H142 MC3 UB . 15.49 -37.55 -13.50
H151 MC3 UB . 13.75 -37.13 -15.05
H152 MC3 UB . 13.30 -38.64 -14.92
H161 MC3 UB . 15.38 -39.34 -15.74
H162 MC3 UB . 15.86 -37.84 -15.85
H171 MC3 UB . 14.28 -37.43 -17.52
H172 MC3 UB . 13.74 -38.91 -17.40
H181 MC3 UB . 15.88 -39.70 -18.07
H182 MC3 UB . 16.34 -38.20 -18.26
H191 MC3 UB . 14.78 -37.93 -19.99
H192 MC3 UB . 14.29 -39.43 -19.78
H201 MC3 UB . 16.40 -40.23 -20.43
H202 MC3 UB . 16.92 -38.74 -20.58
H211 MC3 UB . 15.46 -38.37 -22.38
H212 MC3 UB . 14.86 -39.83 -22.20
H221 MC3 UB . 16.97 -40.75 -22.75
H222 MC3 UB . 17.54 -39.30 -22.98
H231 MC3 UB . 16.08 -38.97 -24.77
H232 MC3 UB . 15.44 -40.40 -24.52
H241 MC3 UB . 18.16 -40.07 -25.25
H242 MC3 UB . 17.04 -40.44 -26.30
H243 MC3 UB . 17.41 -41.46 -25.14
H321 MC3 UB . 19.34 -34.95 -8.68
H322 MC3 UB . 19.62 -36.44 -8.24
H331 MC3 UB . 18.29 -37.27 -9.90
H332 MC3 UB . 17.66 -35.85 -10.18
H341 MC3 UB . 19.62 -35.10 -11.14
H342 MC3 UB . 20.38 -36.42 -10.73
H351 MC3 UB . 19.07 -37.67 -12.20
H352 MC3 UB . 18.21 -36.40 -12.54
H361 MC3 UB . 20.06 -35.40 -13.58
H362 MC3 UB . 20.95 -36.65 -13.21
H371 MC3 UB . 19.50 -38.00 -14.54
H372 MC3 UB . 18.73 -36.70 -14.97
H381 MC3 UB . 20.65 -35.89 -16.05
H382 MC3 UB . 21.46 -37.16 -15.58
H391 MC3 UB . 19.97 -38.53 -16.82
H392 MC3 UB . 19.25 -37.23 -17.35
H401 MC3 UB . 21.14 -36.59 -18.52
H402 MC3 UB . 21.98 -37.77 -17.89
H411 MC3 UB . 20.71 -39.34 -19.05
H412 MC3 UB . 19.74 -38.21 -19.57
H421 MC3 UB . 21.59 -37.27 -20.77
H422 MC3 UB . 22.44 -38.53 -20.34
H431 MC3 UB . 21.06 -39.94 -21.55
H432 MC3 UB . 20.07 -38.76 -21.88
H441 MC3 UB . 21.70 -37.74 -23.21
H442 MC3 UB . 22.73 -38.88 -22.84
H443 MC3 UB . 21.47 -39.20 -23.73
C11 MC3 VB . 16.26 -32.37 -9.42
C12 MC3 VB . 15.55 -32.60 -10.74
C13 MC3 VB . 16.53 -33.21 -11.75
C14 MC3 VB . 15.79 -33.65 -13.02
C15 MC3 VB . 16.82 -33.96 -14.10
C16 MC3 VB . 16.17 -34.11 -15.47
C17 MC3 VB . 17.27 -34.39 -16.49
C18 MC3 VB . 16.73 -34.42 -17.92
C19 MC3 VB . 17.83 -34.94 -18.85
C20 MC3 VB . 17.34 -34.95 -20.30
C21 MC3 VB . 18.44 -35.56 -21.16
C22 MC3 VB . 18.03 -35.55 -22.64
C23 MC3 VB . 19.23 -35.95 -23.49
C24 MC3 VB . 18.97 -35.64 -24.96
H121 MC3 VB . 15.22 -31.77 -11.08
H122 MC3 VB . 14.81 -33.21 -10.62
H131 MC3 VB . 16.96 -33.97 -11.35
H132 MC3 VB . 17.19 -32.54 -11.99
H141 MC3 VB . 15.21 -32.95 -13.31
H142 MC3 VB . 15.28 -34.44 -12.83
H151 MC3 VB . 17.28 -34.77 -13.88
H152 MC3 VB . 17.46 -33.23 -14.14
H161 MC3 VB . 15.71 -33.30 -15.70
H162 MC3 VB . 15.55 -34.84 -15.46
H171 MC3 VB . 17.94 -33.68 -16.42
H172 MC3 VB . 17.68 -35.23 -16.29
H181 MC3 VB . 16.46 -33.53 -18.19
H182 MC3 VB . 15.97 -35.01 -17.95
H191 MC3 VB . 18.08 -35.83 -18.58
H192 MC3 VB . 18.59 -34.35 -18.78
H201 MC3 VB . 17.15 -34.06 -20.59
H202 MC3 VB . 16.55 -35.50 -20.36
H211 MC3 VB . 18.59 -36.47 -20.88
H212 MC3 VB . 19.25 -35.05 -21.04
H221 MC3 VB . 17.75 -34.67 -22.89
H222 MC3 VB . 17.32 -36.18 -22.78
H231 MC3 VB . 19.40 -36.89 -23.39
H232 MC3 VB . 20.02 -35.46 -23.20
H241 MC3 VB . 18.83 -34.70 -25.07
H242 MC3 VB . 19.73 -35.92 -25.49
H243 MC3 VB . 18.18 -36.12 -25.25
C12 MC3 WB . 17.27 -39.86 -6.85
C13 MC3 WB . 16.81 -40.66 -8.07
C14 MC3 WB . 17.61 -40.22 -9.30
C15 MC3 WB . 17.17 -41.03 -10.51
C16 MC3 WB . 17.92 -40.54 -11.73
C17 MC3 WB . 17.50 -41.36 -12.95
C18 MC3 WB . 18.19 -40.82 -14.20
C19 MC3 WB . 17.81 -41.66 -15.41
C20 MC3 WB . 18.63 -41.23 -16.62
C21 MC3 WB . 18.40 -42.23 -17.76
C22 MC3 WB . 19.24 -41.84 -18.98
C23 MC3 WB . 18.96 -42.84 -20.11
C24 MC3 WB . 19.93 -42.61 -21.26
H121 MC3 WB . 17.26 -38.92 -7.06
H122 MC3 WB . 16.67 -40.04 -6.11
H131 MC3 WB . 15.87 -40.49 -8.22
H132 MC3 WB . 16.95 -41.60 -7.91
H141 MC3 WB . 18.56 -40.36 -9.13
H142 MC3 WB . 17.45 -39.28 -9.47
H151 MC3 WB . 16.22 -40.93 -10.65
H152 MC3 WB . 17.37 -41.97 -10.37
H161 MC3 WB . 18.87 -40.64 -11.60
H162 MC3 WB . 17.72 -39.60 -11.89
H171 MC3 WB . 16.54 -41.30 -13.06
H172 MC3 WB . 17.75 -42.28 -12.82
H181 MC3 WB . 19.15 -40.85 -14.08
H182 MC3 WB . 17.91 -39.90 -14.35
H191 MC3 WB . 16.87 -41.55 -15.60
H192 MC3 WB . 18.00 -42.59 -15.22
H201 MC3 WB . 19.57 -41.22 -16.39
H202 MC3 WB . 18.35 -40.35 -16.90
H211 MC3 WB . 17.46 -42.22 -18.00
H212 MC3 WB . 18.65 -43.11 -17.46
H221 MC3 WB . 20.18 -41.88 -18.74
H222 MC3 WB . 19.00 -40.95 -19.27
H231 MC3 WB . 18.05 -42.71 -20.42
H232 MC3 WB . 19.06 -43.74 -19.77
H241 MC3 WB . 20.84 -42.62 -20.93
H242 MC3 WB . 19.82 -43.32 -21.92
H243 MC3 WB . 19.75 -41.76 -21.68
C15 MC3 XB . 21.75 -39.49 -9.10
C16 MC3 XB . 22.62 -39.14 -10.30
C17 MC3 XB . 22.06 -39.82 -11.55
C18 MC3 XB . 23.00 -39.59 -12.73
C19 MC3 XB . 22.51 -40.40 -13.93
C20 MC3 XB . 23.46 -40.19 -15.10
C21 MC3 XB . 22.87 -40.87 -16.34
C22 MC3 XB . 23.86 -40.79 -17.50
C23 MC3 XB . 23.34 -41.60 -18.68
C24 MC3 XB . 24.40 -41.69 -19.77
H151 MC3 XB . 22.00 -38.93 -8.34
H152 MC3 XB . 20.82 -39.33 -9.32
H161 MC3 XB . 23.52 -39.45 -10.14
H162 MC3 XB . 22.62 -38.18 -10.43
H171 MC3 XB . 21.19 -39.46 -11.75
H172 MC3 XB . 21.98 -40.78 -11.38
H181 MC3 XB . 23.90 -39.85 -12.50
H182 MC3 XB . 23.00 -38.64 -12.96
H191 MC3 XB . 21.61 -40.11 -14.17
H192 MC3 XB . 22.49 -41.34 -13.69
H201 MC3 XB . 24.33 -40.56 -14.91
H202 MC3 XB . 23.54 -39.24 -15.29
H211 MC3 XB . 22.05 -40.43 -16.59
H212 MC3 XB . 22.70 -41.80 -16.14
H221 MC3 XB . 24.72 -41.14 -17.23
H222 MC3 XB . 23.96 -39.86 -17.77
H231 MC3 XB . 22.54 -41.17 -19.04
H232 MC3 XB . 23.10 -42.50 -18.38
H241 MC3 XB . 24.03 -42.13 -20.54
H242 MC3 XB . 24.69 -40.80 -20.00
H243 MC3 XB . 25.15 -42.20 -19.43
C15 MC3 YB . 20.37 -43.04 -7.62
C16 MC3 YB . 20.05 -43.96 -8.78
C17 MC3 YB . 21.00 -43.67 -9.94
C18 MC3 YB . 20.55 -44.47 -11.17
C19 MC3 YB . 21.42 -44.09 -12.36
C20 MC3 YB . 21.06 -45.00 -13.54
C21 MC3 YB . 21.79 -44.52 -14.79
C22 MC3 YB . 21.39 -45.39 -15.98
C23 MC3 YB . 22.18 -44.96 -17.21
C24 MC3 YB . 21.92 -45.95 -18.35
H151 MC3 YB . 19.61 -43.01 -7.00
H152 MC3 YB . 20.52 -42.14 -7.95
H161 MC3 YB . 19.13 -43.83 -9.06
H162 MC3 YB . 20.16 -44.89 -8.50
H171 MC3 YB . 21.90 -43.93 -9.69
H172 MC3 YB . 20.98 -42.72 -10.14
H181 MC3 YB . 19.63 -44.26 -11.37
H182 MC3 YB . 20.64 -45.41 -10.99
H191 MC3 YB . 22.36 -44.21 -12.13
H192 MC3 YB . 21.27 -43.17 -12.60
H201 MC3 YB . 20.11 -44.97 -13.69
H202 MC3 YB . 21.33 -45.90 -13.34
H211 MC3 YB . 22.75 -44.58 -14.65
H212 MC3 YB . 21.56 -43.59 -14.97
H221 MC3 YB . 20.44 -45.27 -16.15
H222 MC3 YB . 21.58 -46.32 -15.78
H231 MC3 YB . 23.13 -44.95 -17.01
H232 MC3 YB . 21.89 -44.08 -17.49
H241 MC3 YB . 22.45 -45.71 -19.12
H242 MC3 YB . 22.16 -46.84 -18.06
H243 MC3 YB . 20.98 -45.94 -18.58
C15 MC3 ZB . 26.06 -36.95 -7.67
C16 MC3 ZB . 25.97 -38.00 -8.78
C17 MC3 ZB . 26.76 -37.53 -9.99
C18 MC3 ZB . 26.57 -38.52 -11.15
C19 MC3 ZB . 27.46 -38.12 -12.33
C20 MC3 ZB . 27.23 -39.07 -13.49
C21 MC3 ZB . 27.97 -38.55 -14.72
C22 MC3 ZB . 27.71 -39.47 -15.92
C23 MC3 ZB . 28.39 -38.90 -17.16
C24 MC3 ZB . 28.35 -39.92 -18.29
H151 MC3 ZB . 26.83 -37.12 -7.12
H152 MC3 ZB . 26.13 -36.07 -8.08
H161 MC3 ZB . 25.05 -38.14 -9.03
H162 MC3 ZB . 26.35 -38.83 -8.45
H171 MC3 ZB . 27.71 -37.47 -9.78
H172 MC3 ZB . 26.45 -36.65 -10.27
H181 MC3 ZB . 25.64 -38.51 -11.43
H182 MC3 ZB . 26.81 -39.41 -10.85
H191 MC3 ZB . 28.40 -38.16 -12.05
H192 MC3 ZB . 27.25 -37.21 -12.60
H201 MC3 ZB . 26.28 -39.12 -13.68
H202 MC3 ZB . 27.57 -39.95 -13.26
H211 MC3 ZB . 28.93 -38.53 -14.54
H212 MC3 ZB . 27.66 -37.66 -14.93
H221 MC3 ZB . 26.75 -39.54 -16.07
H222 MC3 ZB . 28.06 -40.36 -15.73
H231 MC3 ZB . 29.31 -38.69 -16.95
H232 MC3 ZB . 27.93 -38.09 -17.43
H241 MC3 ZB . 28.84 -39.58 -19.05
H242 MC3 ZB . 28.74 -40.74 -18.00
H243 MC3 ZB . 27.43 -40.08 -18.55
C13 MC3 AC . 23.13 -33.84 -9.49
C14 MC3 AC . 24.22 -34.03 -10.54
C15 MC3 AC . 23.66 -34.81 -11.73
C16 MC3 AC . 24.73 -34.91 -12.81
C17 MC3 AC . 24.11 -35.51 -14.07
C18 MC3 AC . 25.12 -35.45 -15.23
C19 MC3 AC . 24.42 -35.87 -16.53
C20 MC3 AC . 25.44 -36.02 -17.65
C21 MC3 AC . 24.74 -36.54 -18.90
C22 MC3 AC . 25.77 -36.92 -19.96
C23 MC3 AC . 25.07 -37.56 -21.16
C24 MC3 AC . 26.09 -37.87 -22.25
H131 MC3 AC . 23.16 -32.92 -9.15
H132 MC3 AC . 23.29 -34.44 -8.74
H141 MC3 AC . 24.96 -34.52 -10.15
H142 MC3 AC . 24.54 -33.16 -10.83
H151 MC3 AC . 23.41 -35.70 -11.44
H152 MC3 AC . 22.89 -34.35 -12.07
H161 MC3 AC . 25.45 -35.48 -12.50
H162 MC3 AC . 25.08 -34.03 -13.01
H171 MC3 AC . 23.31 -35.01 -14.31
H172 MC3 AC . 23.87 -36.43 -13.91
H181 MC3 AC . 25.86 -36.05 -15.05
H182 MC3 AC . 25.45 -34.54 -15.32
H191 MC3 AC . 23.77 -35.20 -16.78
H192 MC3 AC . 23.97 -36.72 -16.38
H201 MC3 AC . 26.14 -36.64 -17.38
H202 MC3 AC . 25.85 -35.16 -17.85
H211 MC3 AC . 24.15 -35.86 -19.24
H212 MC3 AC . 24.22 -37.33 -18.67
H221 MC3 AC . 26.41 -37.55 -19.59
H222 MC3 AC . 26.24 -36.12 -20.25
H231 MC3 AC . 24.41 -36.95 -21.50
H232 MC3 AC . 24.65 -38.38 -20.88
H241 MC3 AC . 25.63 -38.20 -23.04
H242 MC3 AC . 26.58 -37.06 -22.47
H243 MC3 AC . 26.70 -38.55 -21.92
C1 MC3 BC . 33.96 -15.81 -8.46
C2 MC3 BC . 33.31 -15.73 -9.84
C3 MC3 BC . 32.72 -14.34 -10.02
C4 MC3 BC . 30.37 -18.60 -7.90
C5 MC3 BC . 29.10 -18.42 -8.73
C6 MC3 BC . 28.92 -16.06 -8.40
C7 MC3 BC . 27.09 -17.31 -9.14
C8 MC3 BC . 27.79 -17.50 -6.91
C11 MC3 BC . 31.97 -12.85 -11.66
C12 MC3 BC . 31.74 -12.48 -13.11
C13 MC3 BC . 31.74 -13.73 -13.97
C14 MC3 BC . 31.71 -13.32 -15.44
C15 MC3 BC . 31.63 -14.52 -16.34
C16 MC3 BC . 31.38 -14.05 -17.77
C17 MC3 BC . 31.79 -15.12 -18.76
C18 MC3 BC . 31.36 -14.67 -20.16
C19 MC3 BC . 31.84 -15.66 -21.21
C20 MC3 BC . 31.61 -15.07 -22.59
C21 MC3 BC . 32.24 -15.96 -23.65
C22 MC3 BC . 32.30 -15.23 -24.99
C31 MC3 BC . 33.97 -16.97 -11.77
C32 MC3 BC . 34.62 -16.91 -13.14
C33 MC3 BC . 33.98 -17.90 -14.08
C34 MC3 BC . 34.39 -17.55 -15.50
C35 MC3 BC . 33.84 -18.56 -16.50
C36 MC3 BC . 34.20 -18.09 -17.91
C37 MC3 BC . 33.71 -19.08 -18.96
C38 MC3 BC . 34.29 -18.67 -20.29
C39 MC3 BC . 33.92 -19.68 -21.38
C40 MC3 BC . 34.82 -19.44 -22.58
C41 MC3 BC . 34.34 -20.28 -23.75
C42 MC3 BC . 35.10 -19.88 -25.02
C43 MC3 BC . 36.46 -20.59 -25.04
N MC3 BC . 28.25 -17.34 -8.27
O2 MC3 BC . 34.27 -15.98 -10.83
O3 MC3 BC . 32.25 -14.18 -11.32
O11 MC3 BC . 31.91 -12.03 -10.82
O31 MC3 BC . 33.23 -17.85 -11.50
O1P MC3 BC . 33.16 -17.99 -6.47
O2P MC3 BC . 31.23 -16.59 -5.85
O3P MC3 BC . 32.99 -15.64 -7.49
O4P MC3 BC . 31.31 -17.62 -8.21
P MC3 BC . 32.17 -16.97 -6.97
H11 MC3 BC . 34.39 -16.66 -8.35
H12 MC3 BC . 34.62 -15.10 -8.39
H2 MC3 BC . 32.59 -16.39 -9.90
H31 MC3 BC . 33.41 -13.67 -9.85
H32 MC3 BC . 32.00 -14.20 -9.39
H41 MC3 BC . 30.75 -19.47 -8.10
H42 MC3 BC . 30.17 -18.56 -6.95
H51 MC3 BC . 29.35 -18.25 -9.64
H52 MC3 BC . 28.60 -19.25 -8.70
H61 MC3 BC . 29.30 -15.99 -9.29
H62 MC3 BC . 28.27 -15.35 -8.27
H63 MC3 BC . 29.61 -15.99 -7.74
H71 MC3 BC . 26.61 -18.15 -9.06
H72 MC3 BC . 26.50 -16.58 -8.87
H73 MC3 BC . 27.38 -17.18 -10.06
H81 MC3 BC . 28.53 -17.37 -6.30
H82 MC3 BC . 27.10 -16.85 -6.72
H83 MC3 BC . 27.43 -18.40 -6.78
H121 MC3 BC . 32.45 -11.89 -13.41
H122 MC3 BC . 30.89 -12.03 -13.19
H131 MC3 BC . 30.96 -14.26 -13.78
H132 MC3 BC . 32.54 -14.25 -13.80
H141 MC3 BC . 32.51 -12.82 -15.64
H142 MC3 BC . 30.93 -12.75 -15.58
H151 MC3 BC . 30.90 -15.09 -16.07
H152 MC3 BC . 32.46 -15.02 -16.31
H161 MC3 BC . 31.91 -13.26 -17.92
H162 MC3 BC . 30.45 -13.85 -17.88
H171 MC3 BC . 31.34 -15.95 -18.55
H172 MC3 BC . 32.74 -15.24 -18.74
H181 MC3 BC . 31.75 -13.81 -20.34
H182 MC3 BC . 30.40 -14.62 -20.19
H191 MC3 BC . 31.34 -16.49 -21.12
H192 MC3 BC . 32.78 -15.83 -21.08
H201 MC3 BC . 32.00 -14.18 -22.63
H202 MC3 BC . 30.66 -15.01 -22.76
H211 MC3 BC . 31.71 -16.77 -23.75
H212 MC3 BC . 33.15 -16.19 -23.38
H221 MC3 BC . 32.27 -14.27 -24.84
H222 MC3 BC . 31.55 -15.49 -25.54
H321 MC3 BC . 34.51 -16.01 -13.50
H322 MC3 BC . 35.56 -17.10 -13.05
H331 MC3 BC . 34.29 -18.79 -13.87
H332 MC3 BC . 33.02 -17.87 -14.00
H341 MC3 BC . 34.06 -16.67 -15.73
H342 MC3 BC . 35.36 -17.55 -15.56
H351 MC3 BC . 34.22 -19.43 -16.34
H352 MC3 BC . 32.88 -18.60 -16.41
H361 MC3 BC . 33.80 -17.23 -18.07
H362 MC3 BC . 35.17 -18.00 -17.98
H371 MC3 BC . 34.03 -19.97 -18.73
H372 MC3 BC . 32.75 -19.06 -19.00
H381 MC3 BC . 33.94 -17.81 -20.54
H382 MC3 BC . 35.26 -18.61 -20.22
H391 MC3 BC . 34.06 -20.57 -21.04
H392 MC3 BC . 33.00 -19.55 -21.62
H401 MC3 BC . 34.77 -18.49 -22.83
H402 MC3 BC . 35.72 -19.67 -22.36
H411 MC3 BC . 34.50 -21.22 -23.55
H412 MC3 BC . 33.39 -20.13 -23.89
H421 MC3 BC . 34.60 -20.15 -25.79
H422 MC3 BC . 35.24 -18.93 -25.02
H431 MC3 BC . 36.68 -20.90 -24.15
H432 MC3 BC . 36.42 -21.35 -25.64
C12 MC3 CC . 39.20 -15.60 -11.32
C13 MC3 CC . 38.48 -16.21 -12.52
C14 MC3 CC . 39.38 -16.10 -13.75
C15 MC3 CC . 38.67 -16.75 -14.94
C16 MC3 CC . 39.58 -16.72 -16.16
C17 MC3 CC . 38.87 -17.42 -17.32
C18 MC3 CC . 39.71 -17.29 -18.59
C19 MC3 CC . 38.99 -17.98 -19.74
C20 MC3 CC . 39.79 -17.72 -21.03
C21 MC3 CC . 39.18 -18.50 -22.18
C22 MC3 CC . 40.01 -18.22 -23.43
C23 MC3 CC . 39.51 -19.09 -24.59
C24 MC3 CC . 40.29 -18.74 -25.86
H121 MC3 CC . 39.92 -16.18 -11.03
H122 MC3 CC . 38.58 -15.47 -10.59
H131 MC3 CC . 37.66 -15.75 -12.67
H132 MC3 CC . 38.31 -17.15 -12.34
H141 MC3 CC . 40.22 -16.55 -13.59
H142 MC3 CC . 39.54 -15.16 -13.94
H151 MC3 CC . 37.86 -16.27 -15.13
H152 MC3 CC . 38.46 -17.67 -14.72
H161 MC3 CC . 40.40 -17.18 -15.96
H162 MC3 CC . 39.77 -15.80 -16.41
H171 MC3 CC . 38.01 -17.02 -17.46
H172 MC3 CC . 38.77 -18.36 -17.11
H181 MC3 CC . 40.57 -17.71 -18.45
H182 MC3 CC . 39.83 -16.36 -18.79
H191 MC3 CC . 38.11 -17.62 -19.84
H192 MC3 CC . 38.94 -18.93 -19.57
H201 MC3 CC . 40.70 -18.01 -20.90
H202 MC3 CC . 39.78 -16.78 -21.23
H211 MC3 CC . 38.27 -18.21 -22.32
H212 MC3 CC . 39.19 -19.45 -21.99
H221 MC3 CC . 40.94 -18.42 -23.26
H222 MC3 CC . 39.92 -17.29 -23.68
H231 MC3 CC . 38.57 -18.91 -24.74
H232 MC3 CC . 39.65 -20.02 -24.37
H241 MC3 CC . 41.23 -18.95 -25.73
H242 MC3 CC . 39.95 -19.26 -26.60
H243 MC3 CC . 40.20 -17.80 -26.05
C12 MC3 DC . 36.83 -19.22 -8.29
C13 MC3 DC . 37.67 -19.93 -9.35
C14 MC3 DC . 36.95 -19.84 -10.69
C15 MC3 DC . 37.76 -20.58 -11.76
C16 MC3 DC . 37.06 -20.42 -13.10
C17 MC3 DC . 37.86 -21.11 -14.21
C18 MC3 DC . 37.16 -20.90 -15.55
C19 MC3 DC . 37.82 -21.83 -16.57
C20 MC3 DC . 37.24 -21.58 -17.96
C21 MC3 DC . 37.92 -22.54 -18.93
C22 MC3 DC . 37.61 -22.15 -20.38
C23 MC3 DC . 38.45 -23.03 -21.30
C24 MC3 DC . 38.33 -22.55 -22.74
H121 MC3 DC . 36.75 -18.27 -8.50
H122 MC3 DC . 37.26 -19.32 -7.42
H131 MC3 DC . 37.78 -20.85 -9.10
H132 MC3 DC . 38.53 -19.50 -9.42
H141 MC3 DC . 36.85 -18.91 -10.95
H142 MC3 DC . 36.07 -20.24 -10.62
H151 MC3 DC . 37.81 -21.52 -11.53
H152 MC3 DC . 38.64 -20.20 -11.81
H161 MC3 DC . 36.98 -19.47 -13.32
H162 MC3 DC . 36.17 -20.81 -13.06
H171 MC3 DC . 37.91 -22.05 -14.01
H172 MC3 DC . 38.74 -20.73 -14.24
H181 MC3 DC . 37.28 -19.98 -15.84
H182 MC3 DC . 36.23 -21.11 -15.47
H191 MC3 DC . 37.65 -22.74 -16.31
H192 MC3 DC . 38.76 -21.67 -16.59
H201 MC3 DC . 37.42 -20.67 -18.24
H202 MC3 DC . 36.29 -21.75 -17.97
H211 MC3 DC . 37.60 -23.44 -18.78
H212 MC3 DC . 38.87 -22.51 -18.80
H221 MC3 DC . 37.84 -21.22 -20.53
H222 MC3 DC . 36.67 -22.29 -20.56
H231 MC3 DC . 38.16 -23.94 -21.23
H232 MC3 DC . 39.39 -22.97 -21.03
H241 MC3 DC . 38.89 -23.10 -23.31
H242 MC3 DC . 37.40 -22.64 -23.02
H243 MC3 DC . 38.60 -21.62 -22.80
C16 MC3 EC . 42.56 -19.14 -12.71
C17 MC3 EC . 42.27 -20.26 -13.69
C18 MC3 EC . 42.27 -19.71 -15.11
C19 MC3 EC . 42.18 -20.85 -16.12
C20 MC3 EC . 42.29 -20.29 -17.53
C21 MC3 EC . 42.24 -21.43 -18.55
C22 MC3 EC . 42.55 -20.87 -19.94
C23 MC3 EC . 42.60 -22.01 -20.94
C24 MC3 EC . 42.96 -21.46 -22.32
H161 MC3 EC . 42.17 -18.31 -13.04
H162 MC3 EC . 42.18 -19.35 -11.84
H171 MC3 EC . 41.40 -20.65 -13.49
H172 MC3 EC . 42.95 -20.96 -13.62
H181 MC3 EC . 43.07 -19.20 -15.26
H182 MC3 EC . 41.50 -19.12 -15.23
H191 MC3 EC . 41.33 -21.31 -16.02
H192 MC3 EC . 42.90 -21.47 -15.96
H201 MC3 EC . 43.13 -19.82 -17.63
H202 MC3 EC . 41.55 -19.68 -17.70
H211 MC3 EC . 41.36 -21.82 -18.54
H212 MC3 EC . 42.90 -22.10 -18.31
H221 MC3 EC . 43.40 -20.41 -19.93
H222 MC3 EC . 41.85 -20.24 -20.19
H231 MC3 EC . 41.74 -22.45 -20.99
H232 MC3 EC . 43.27 -22.66 -20.67
H241 MC3 EC . 42.93 -22.18 -22.98
H242 MC3 EC . 42.31 -20.78 -22.58
H243 MC3 EC . 43.84 -21.07 -22.29
C14 MC3 FC . 43.81 -14.68 -13.37
C15 MC3 FC . 43.91 -15.83 -14.37
C16 MC3 FC . 43.77 -15.28 -15.78
C17 MC3 FC . 43.98 -16.40 -16.80
C18 MC3 FC . 44.01 -15.81 -18.21
C19 MC3 FC . 43.97 -16.95 -19.22
C20 MC3 FC . 44.04 -16.41 -20.65
C21 MC3 FC . 43.96 -17.56 -21.64
C22 MC3 FC . 44.17 -17.05 -23.05
C23 MC3 FC . 44.19 -18.24 -24.02
C24 MC3 FC . 44.58 -17.75 -25.42
H141 MC3 FC . 43.56 -15.03 -12.50
H142 MC3 FC . 43.14 -14.05 -13.66
H151 MC3 FC . 43.20 -16.47 -14.20
H152 MC3 FC . 44.77 -16.27 -14.27
H161 MC3 FC . 44.43 -14.59 -15.93
H162 MC3 FC . 42.88 -14.90 -15.90
H171 MC3 FC . 43.25 -17.03 -16.73
H172 MC3 FC . 44.82 -16.84 -16.61
H181 MC3 FC . 44.81 -15.29 -18.33
H182 MC3 FC . 43.24 -15.24 -18.34
H191 MC3 FC . 43.15 -17.45 -19.12
H192 MC3 FC . 44.72 -17.54 -19.07
H201 MC3 FC . 44.88 -15.94 -20.77
H202 MC3 FC . 43.31 -15.80 -20.80
H211 MC3 FC . 43.09 -17.98 -21.57
H212 MC3 FC . 44.64 -18.21 -21.42
H221 MC3 FC . 45.02 -16.58 -23.11
H222 MC3 FC . 43.46 -16.45 -23.30
H231 MC3 FC . 43.32 -18.64 -24.05
H232 MC3 FC . 44.85 -18.89 -23.72
H241 MC3 FC . 44.55 -18.50 -26.04
H242 MC3 FC . 43.96 -17.07 -25.71
H243 MC3 FC . 45.48 -17.38 -25.39
C1 MC3 GC . -8.78 -25.43 27.40
C2 MC3 GC . -8.97 -24.11 28.14
C3 MC3 GC . -9.81 -23.19 27.25
C4 MC3 GC . -4.52 -23.73 27.33
C5 MC3 GC . -4.28 -22.22 27.39
C6 MC3 GC . -5.88 -21.65 25.71
C7 MC3 GC . -4.22 -20.13 26.34
C8 MC3 GC . -3.65 -22.02 25.06
C11 MC3 GC . -11.13 -21.27 27.33
C12 MC3 GC . -11.81 -20.15 28.09
C13 MC3 GC . -11.16 -19.98 29.45
C14 MC3 GC . -11.98 -18.99 30.27
C15 MC3 GC . -11.31 -18.73 31.61
C16 MC3 GC . -12.06 -17.59 32.29
C17 MC3 GC . -11.80 -17.60 33.79
C18 MC3 GC . -12.42 -16.35 34.40
C19 MC3 GC . -12.27 -16.37 35.92
C20 MC3 GC . -13.10 -15.23 36.51
C21 MC3 GC . -13.13 -15.35 38.02
C22 MC3 GC . -14.20 -14.41 38.61
C31 MC3 GC . -9.05 -23.83 30.50
C32 MC3 GC . -9.94 -23.52 31.70
C33 MC3 GC . -9.15 -22.74 32.75
C34 MC3 GC . -10.15 -22.14 33.73
C35 MC3 GC . -9.43 -21.40 34.85
C36 MC3 GC . -10.48 -20.74 35.74
C37 MC3 GC . -9.83 -20.02 36.91
C38 MC3 GC . -10.94 -19.58 37.85
C39 MC3 GC . -10.34 -18.93 39.11
C40 MC3 GC . -11.43 -18.85 40.16
C41 MC3 GC . -10.94 -18.03 41.35
C42 MC3 GC . -12.09 -17.79 42.32
C43 MC3 GC . -12.28 -19.00 43.22
N MC3 GC . -4.50 -21.54 26.13
O2 MC3 GC . -9.64 -24.34 29.34
O3 MC3 GC . -10.13 -22.02 27.94
O11 MC3 GC . -11.44 -21.49 26.20
O31 MC3 GC . -7.89 -23.64 30.55
O1P MC3 GC . -5.96 -26.55 26.92
O2P MC3 GC . -5.81 -25.05 24.97
O3P MC3 GC . -8.04 -25.19 26.24
O4P MC3 GC . -5.88 -24.01 27.33
P MC3 GC . -6.41 -25.22 26.35
H11 MC3 GC . -8.29 -26.05 27.97
H12 MC3 GC . -9.64 -25.79 27.17
H2 MC3 GC . -8.11 -23.69 28.30
H31 MC3 GC . -10.62 -23.64 26.99
H32 MC3 GC . -9.30 -22.96 26.46
H41 MC3 GC . -4.12 -24.13 28.12
H42 MC3 GC . -4.11 -24.11 26.54
H51 MC3 GC . -4.87 -21.84 28.05
H52 MC3 GC . -3.36 -22.07 27.66
H61 MC3 GC . -6.46 -21.40 26.46
H62 MC3 GC . -6.03 -21.03 24.98
H63 MC3 GC . -6.07 -22.55 25.43
H71 MC3 GC . -3.29 -20.02 26.59
H72 MC3 GC . -4.37 -19.65 25.51
H73 MC3 GC . -4.80 -19.79 27.02
H81 MC3 GC . -3.94 -22.91 24.79
H82 MC3 GC . -3.72 -21.42 24.30
H83 MC3 GC . -2.73 -22.06 25.36
H121 MC3 GC . -12.75 -20.37 28.22
H122 MC3 GC . -11.73 -19.33 27.60
H131 MC3 GC . -10.26 -19.64 29.34
H132 MC3 GC . -11.12 -20.83 29.91
H141 MC3 GC . -12.85 -19.36 30.42
H142 MC3 GC . -12.05 -18.17 29.78
H151 MC3 GC . -10.39 -18.47 31.48
H152 MC3 GC . -11.37 -19.51 32.16
H161 MC3 GC . -13.01 -17.69 32.13
H162 MC3 GC . -11.76 -16.75 31.92
H171 MC3 GC . -10.85 -17.61 33.95
H172 MC3 GC . -12.21 -18.39 34.18
H181 MC3 GC . -13.36 -16.32 34.17
H182 MC3 GC . -11.96 -15.57 34.05
H191 MC3 GC . -11.35 -16.26 36.16
H192 MC3 GC . -12.60 -17.21 36.25
H201 MC3 GC . -14.00 -15.28 36.16
H202 MC3 GC . -12.70 -14.38 36.26
H211 MC3 GC . -12.26 -15.09 38.37
H212 MC3 GC . -13.32 -16.25 38.28
H221 MC3 GC . -14.87 -14.24 37.93
H222 MC3 GC . -13.79 -13.58 38.88
H321 MC3 GC . -10.69 -22.99 31.41
H322 MC3 GC . -10.25 -24.35 32.08
H331 MC3 GC . -8.56 -23.34 33.22
H332 MC3 GC . -8.65 -22.03 32.33
H341 MC3 GC . -10.73 -21.52 33.27
H342 MC3 GC . -10.68 -22.85 34.11
H351 MC3 GC . -8.91 -22.03 35.37
H352 MC3 GC . -8.86 -20.73 34.47
H361 MC3 GC . -10.99 -20.11 35.21
H362 MC3 GC . -11.09 -21.41 36.08
H371 MC3 GC . -9.23 -20.62 37.37
H372 MC3 GC . -9.35 -19.24 36.59
H381 MC3 GC . -11.50 -18.93 37.41
H382 MC3 GC . -11.46 -20.34 38.11
H391 MC3 GC . -9.61 -19.47 39.43
H392 MC3 GC . -10.04 -18.04 38.89
H401 MC3 GC . -12.21 -18.44 39.79
H402 MC3 GC . -11.64 -19.75 40.47
H411 MC3 GC . -10.23 -18.52 41.80
H412 MC3 GC . -10.60 -17.19 41.02
H421 MC3 GC . -11.90 -17.01 42.86
H422 MC3 GC . -12.90 -17.64 41.81
H431 MC3 GC . -11.83 -19.77 42.82
H432 MC3 GC . -11.90 -18.82 44.08
C12 MC3 HC . -12.72 -27.76 31.23
C13 MC3 HC . -12.29 -26.68 32.21
C14 MC3 HC . -13.29 -26.62 33.36
C15 MC3 HC . -12.83 -25.55 34.37
C16 MC3 HC . -13.76 -25.55 35.57
C17 MC3 HC . -13.26 -24.51 36.58
C18 MC3 HC . -14.25 -24.39 37.73
C19 MC3 HC . -13.75 -23.35 38.72
C20 MC3 HC . -14.83 -23.15 39.79
C21 MC3 HC . -14.32 -22.21 40.87
C22 MC3 HC . -15.42 -22.05 41.92
C23 MC3 HC . -14.90 -21.22 43.10
C24 MC3 HC . -16.02 -21.00 44.10
H121 MC3 HC . -12.53 -28.63 31.61
H122 MC3 HC . -12.23 -27.66 30.40
H131 MC3 HC . -12.26 -25.82 31.76
H132 MC3 HC . -11.41 -26.89 32.56
H141 MC3 HC . -13.33 -27.48 33.80
H142 MC3 HC . -14.16 -26.38 33.02
H151 MC3 HC . -12.84 -24.68 33.94
H152 MC3 HC . -11.93 -25.76 34.66
H161 MC3 HC . -13.78 -26.41 35.98
H162 MC3 HC . -14.66 -25.31 35.28
H171 MC3 HC . -13.17 -23.65 36.14
H172 MC3 HC . -12.40 -24.80 36.93
H181 MC3 HC . -14.35 -25.24 38.17
H182 MC3 HC . -15.11 -24.11 37.37
H191 MC3 HC . -13.60 -22.51 38.26
H192 MC3 HC . -12.94 -23.66 39.13
H201 MC3 HC . -15.04 -24.01 40.19
H202 MC3 HC . -15.62 -22.77 39.39
H211 MC3 HC . -14.12 -21.34 40.48
H212 MC3 HC . -13.53 -22.58 41.29
H221 MC3 HC . -15.69 -22.92 42.24
H222 MC3 HC . -16.18 -21.60 41.53
H231 MC3 HC . -14.59 -20.36 42.77
H232 MC3 HC . -14.17 -21.69 43.53
H241 MC3 HC . -16.30 -21.85 44.46
H242 MC3 HC . -15.70 -20.44 44.83
H243 MC3 HC . -16.77 -20.57 43.66
C12 MC3 IC . -7.60 -28.64 30.26
C13 MC3 IC . -7.88 -28.85 31.75
C14 MC3 IC . -8.04 -27.50 32.43
C15 MC3 IC . -8.27 -27.70 33.93
C16 MC3 IC . -8.50 -26.33 34.57
C17 MC3 IC . -8.78 -26.49 36.07
C18 MC3 IC . -9.05 -25.13 36.69
C19 MC3 IC . -9.03 -25.28 38.20
C20 MC3 IC . -9.42 -23.97 38.88
C21 MC3 IC . -9.38 -24.18 40.39
C22 MC3 IC . -10.04 -23.01 41.12
C23 MC3 IC . -10.13 -23.35 42.60
C24 MC3 IC . -10.94 -22.29 43.34
H121 MC3 IC . -8.36 -28.21 29.85
H122 MC3 IC . -7.45 -29.50 29.84
H131 MC3 IC . -7.13 -29.33 32.15
H132 MC3 IC . -8.69 -29.37 31.86
H141 MC3 IC . -8.79 -27.03 32.05
H142 MC3 IC . -7.23 -26.97 32.30
H151 MC3 IC . -7.50 -28.13 34.33
H152 MC3 IC . -9.05 -28.26 34.06
H161 MC3 IC . -9.27 -25.91 34.15
H162 MC3 IC . -7.72 -25.78 34.45
H171 MC3 IC . -8.01 -26.90 36.49
H172 MC3 IC . -9.55 -27.06 36.19
H181 MC3 IC . -9.92 -24.82 36.41
H182 MC3 IC . -8.36 -24.51 36.42
H191 MC3 IC . -8.15 -25.54 38.49
H192 MC3 IC . -9.68 -25.97 38.46
H201 MC3 IC . -10.31 -23.71 38.61
H202 MC3 IC . -8.79 -23.28 38.64
H211 MC3 IC . -8.47 -24.25 40.68
H212 MC3 IC . -9.87 -25.00 40.61
H221 MC3 IC . -10.93 -22.85 40.76
H222 MC3 IC . -9.49 -22.21 40.99
H231 MC3 IC . -9.24 -23.40 42.97
H232 MC3 IC . -10.56 -24.21 42.69
H241 MC3 IC . -11.01 -22.54 44.27
H242 MC3 IC . -10.49 -21.44 43.26
H243 MC3 IC . -11.82 -22.22 42.93
C16 MC3 JC . -12.26 -30.48 35.49
C17 MC3 JC . -11.58 -29.97 36.76
C18 MC3 JC . -12.51 -29.00 37.48
C19 MC3 JC . -11.95 -28.66 38.85
C20 MC3 JC . -12.94 -27.78 39.61
C21 MC3 JC . -12.40 -27.45 40.99
C22 MC3 JC . -13.48 -26.73 41.80
C23 MC3 JC . -12.98 -26.49 43.21
C24 MC3 JC . -14.09 -25.82 44.03
H161 MC3 JC . -12.81 -29.76 35.12
H162 MC3 JC . -11.59 -30.74 34.84
H171 MC3 JC . -10.76 -29.52 36.53
H172 MC3 JC . -11.39 -30.73 37.35
H181 MC3 JC . -13.39 -29.41 37.58
H182 MC3 JC . -12.60 -28.20 36.96
H191 MC3 JC . -11.10 -28.19 38.75
H192 MC3 JC . -11.79 -29.47 39.36
H201 MC3 JC . -13.78 -28.24 39.69
H202 MC3 JC . -13.07 -26.95 39.11
H211 MC3 JC . -11.62 -26.88 40.90
H212 MC3 JC . -12.14 -28.27 41.44
H221 MC3 JC . -14.28 -27.28 41.83
H222 MC3 JC . -13.67 -25.88 41.37
H231 MC3 JC . -12.20 -25.91 43.19
H232 MC3 JC . -12.74 -27.33 43.62
H241 MC3 JC . -13.75 -25.61 44.93
H242 MC3 JC . -14.35 -24.99 43.60
H243 MC3 JC . -14.84 -26.41 44.11
C14 MC3 KC . -16.59 -29.89 33.83
C15 MC3 KC . -16.11 -29.68 35.27
C16 MC3 KC . -16.97 -28.60 35.93
C17 MC3 KC . -16.57 -28.48 37.40
C18 MC3 KC . -17.54 -27.53 38.11
C19 MC3 KC . -17.00 -27.21 39.50
C20 MC3 KC . -17.96 -26.30 40.26
C21 MC3 KC . -17.37 -25.97 41.63
C22 MC3 KC . -18.38 -25.17 42.44
C23 MC3 KC . -17.83 -24.94 43.85
C24 MC3 KC . -18.89 -24.30 44.73
H141 MC3 KC . -15.88 -30.29 33.31
H142 MC3 KC . -16.83 -29.03 33.44
H151 MC3 KC . -15.19 -29.40 35.26
H152 MC3 KC . -16.19 -30.51 35.76
H161 MC3 KC . -17.90 -28.86 35.88
H162 MC3 KC . -16.83 -27.76 35.48
H171 MC3 KC . -15.67 -28.12 37.46
H172 MC3 KC . -16.60 -29.34 37.82
H181 MC3 KC . -18.41 -27.94 38.18
H182 MC3 KC . -17.61 -26.70 37.60
H191 MC3 KC . -16.13 -26.77 39.43
H192 MC3 KC . -16.89 -28.04 39.99
H201 MC3 KC . -18.81 -26.75 40.37
H202 MC3 KC . -18.10 -25.48 39.75
H211 MC3 KC . -16.56 -25.44 41.51
H212 MC3 KC . -17.16 -26.79 42.09
H221 MC3 KC . -19.21 -25.67 42.51
H222 MC3 KC . -18.56 -24.32 42.02
H231 MC3 KC . -17.06 -24.35 43.79
H232 MC3 KC . -17.56 -25.78 44.24
H241 MC3 KC . -18.53 -24.12 45.61
H242 MC3 KC . -19.20 -23.47 44.32
H243 MC3 KC . -19.65 -24.91 44.81
C2 MC3 LC . 16.90 -17.18 31.51
C3 MC3 LC . 17.69 -15.90 31.75
C11 MC3 LC . 17.81 -14.49 33.63
C12 MC3 LC . 17.44 -14.64 35.10
C13 MC3 LC . 17.33 -13.29 35.79
C14 MC3 LC . 16.82 -13.52 37.20
C15 MC3 LC . 16.62 -12.20 37.94
C16 MC3 LC . 16.01 -12.52 39.31
C17 MC3 LC . 15.74 -11.24 40.09
C18 MC3 LC . 15.19 -11.62 41.46
C19 MC3 LC . 14.99 -10.37 42.33
C20 MC3 LC . 14.45 -10.81 43.69
C21 MC3 LC . 14.18 -9.58 44.56
C22 MC3 LC . 13.71 -10.04 45.94
C23 MC3 LC . 13.48 -8.83 46.84
C24 MC3 LC . 13.10 -9.29 48.24
C31 MC3 LC . 15.47 -18.69 32.63
C32 MC3 LC . 14.56 -19.06 33.79
C33 MC3 LC . 14.71 -18.02 34.90
C34 MC3 LC . 13.57 -18.16 35.90
C35 MC3 LC . 13.84 -17.23 37.08
C36 MC3 LC . 12.65 -17.23 38.04
C37 MC3 LC . 12.99 -16.32 39.21
C38 MC3 LC . 11.89 -16.37 40.27
C39 MC3 LC . 12.32 -15.49 41.44
C40 MC3 LC . 11.30 -15.58 42.57
C41 MC3 LC . 11.85 -14.81 43.77
C42 MC3 LC . 10.79 -14.75 44.86
C43 MC3 LC . 11.26 -13.84 45.99
C44 MC3 LC . 10.15 -13.64 47.02
O2 MC3 LC . 16.29 -17.57 32.71
O3 MC3 LC . 16.99 -15.10 32.67
O11 MC3 LC . 18.76 -13.87 33.31
O31 MC3 LC . 15.50 -19.36 31.65
H2 MC3 LC . 17.49 -17.88 31.21
H31 MC3 LC . 17.80 -15.42 30.92
H32 MC3 LC . 18.56 -16.13 32.11
H121 MC3 LC . 18.12 -15.16 35.55
H122 MC3 LC . 16.59 -15.10 35.17
H131 MC3 LC . 16.71 -12.72 35.30
H132 MC3 LC . 18.19 -12.86 35.82
H141 MC3 LC . 17.45 -14.06 37.69
H142 MC3 LC . 15.97 -13.98 37.16
H151 MC3 LC . 16.03 -11.64 37.45
H152 MC3 LC . 17.47 -11.77 38.06
H161 MC3 LC . 16.62 -13.08 39.81
H162 MC3 LC . 15.17 -12.99 39.18
H171 MC3 LC . 15.10 -10.68 39.61
H172 MC3 LC . 16.57 -10.74 40.20
H181 MC3 LC . 15.80 -12.21 41.90
H182 MC3 LC . 14.34 -12.05 41.34
H191 MC3 LC . 14.35 -9.78 41.90
H192 MC3 LC . 15.83 -9.92 42.43
H201 MC3 LC . 15.11 -11.37 44.12
H202 MC3 LC . 13.63 -11.30 43.56
H211 MC3 LC . 13.49 -9.04 44.14
H212 MC3 LC . 14.99 -9.05 44.64
H221 MC3 LC . 14.38 -10.61 46.34
H222 MC3 LC . 12.89 -10.54 45.85
H231 MC3 LC . 12.77 -8.28 46.47
H232 MC3 LC . 14.30 -8.31 46.89
H241 MC3 LC . 12.34 -9.90 48.19
H242 MC3 LC . 12.85 -8.52 48.78
H243 MC3 LC . 13.85 -9.75 48.66
H321 MC3 LC . 13.64 -19.07 33.48
H322 MC3 LC . 14.80 -19.93 34.12
H331 MC3 LC . 15.56 -18.16 35.35
H332 MC3 LC . 14.70 -17.14 34.51
H341 MC3 LC . 12.73 -17.90 35.48
H342 MC3 LC . 13.51 -19.07 36.21
H351 MC3 LC . 14.63 -17.53 37.55
H352 MC3 LC . 13.98 -16.34 36.76
H361 MC3 LC . 11.87 -16.89 37.59
H362 MC3 LC . 12.50 -18.13 38.36
H371 MC3 LC . 13.83 -16.60 39.60
H372 MC3 LC . 13.08 -15.42 38.89
H381 MC3 LC . 11.06 -16.05 39.90
H382 MC3 LC . 11.78 -17.29 40.58
H391 MC3 LC . 13.19 -15.77 41.75
H392 MC3 LC . 12.37 -14.58 41.14
H401 MC3 LC . 10.47 -15.18 42.29
H402 MC3 LC . 11.17 -16.51 42.81
H411 MC3 LC . 12.63 -15.26 44.12
H412 MC3 LC . 12.08 -13.91 43.50
H421 MC3 LC . 9.96 -14.40 44.49
H422 MC3 LC . 10.63 -15.64 45.22
H431 MC3 LC . 12.02 -14.24 46.43
H432 MC3 LC . 11.52 -12.98 45.63
H441 MC3 LC . 9.39 -13.20 46.59
H442 MC3 LC . 9.86 -14.51 47.36
H443 MC3 LC . 10.46 -13.10 47.75
C11 MC3 MC . 13.02 -15.59 31.44
C12 MC3 MC . 13.11 -14.34 32.29
C13 MC3 MC . 12.70 -14.67 33.73
C14 MC3 MC . 12.97 -13.48 34.66
C15 MC3 MC . 12.29 -13.72 35.99
C16 MC3 MC . 12.26 -12.47 36.85
C17 MC3 MC . 11.53 -12.80 38.15
C18 MC3 MC . 11.34 -11.56 39.03
C19 MC3 MC . 10.83 -12.00 40.40
C20 MC3 MC . 10.59 -10.79 41.30
C21 MC3 MC . 10.17 -11.30 42.68
C22 MC3 MC . 9.85 -10.13 43.61
C23 MC3 MC . 9.22 -10.67 44.89
C24 MC3 MC . 8.61 -9.53 45.71
H121 MC3 MC . 12.51 -13.67 31.94
H122 MC3 MC . 14.02 -13.99 32.29
H131 MC3 MC . 13.20 -15.44 34.03
H132 MC3 MC . 11.75 -14.86 33.75
H141 MC3 MC . 12.64 -12.67 34.25
H142 MC3 MC . 13.93 -13.40 34.80
H151 MC3 MC . 12.75 -14.42 36.47
H152 MC3 MC . 11.38 -14.00 35.83
H161 MC3 MC . 11.80 -11.76 36.39
H162 MC3 MC . 13.17 -12.19 37.05
H171 MC3 MC . 10.66 -13.17 37.94
H172 MC3 MC . 12.04 -13.45 38.64
H181 MC3 MC . 10.70 -10.97 38.62
H182 MC3 MC . 12.19 -11.11 39.13
H191 MC3 MC . 11.48 -12.58 40.81
H192 MC3 MC . 10.00 -12.48 40.28
H201 MC3 MC . 9.89 -10.24 40.93
H202 MC3 MC . 11.40 -10.28 41.38
H211 MC3 MC . 10.89 -11.82 43.05
H212 MC3 MC . 9.39 -11.86 42.58
H221 MC3 MC . 9.23 -9.53 43.18
H222 MC3 MC . 10.66 -9.66 43.82
H231 MC3 MC . 9.90 -11.10 45.42
H232 MC3 MC . 8.53 -11.30 44.67
H241 MC3 MC . 7.91 -9.10 45.18
H242 MC3 MC . 8.23 -9.87 46.51
H243 MC3 MC . 9.29 -8.88 45.91
C12 MC3 NC . 19.17 -19.83 34.25
C13 MC3 NC . 19.60 -18.98 35.45
C14 MC3 NC . 18.40 -18.76 36.38
C15 MC3 NC . 18.83 -17.94 37.59
C16 MC3 NC . 17.61 -17.67 38.46
C17 MC3 NC . 18.05 -16.86 39.68
C18 MC3 NC . 16.81 -16.52 40.53
C19 MC3 NC . 17.25 -15.76 41.77
C20 MC3 NC . 16.04 -15.57 42.70
C21 MC3 NC . 16.53 -15.00 44.03
C22 MC3 NC . 15.36 -14.83 45.00
C23 MC3 NC . 15.88 -14.23 46.31
C24 MC3 NC . 14.78 -14.24 47.37
H121 MC3 NC . 18.38 -19.45 33.86
H122 MC3 NC . 19.89 -19.84 33.60
H131 MC3 NC . 19.91 -18.11 35.13
H132 MC3 NC . 20.30 -19.43 35.93
H141 MC3 NC . 18.07 -19.62 36.68
H142 MC3 NC . 17.70 -18.30 35.90
H151 MC3 NC . 19.20 -17.09 37.29
H152 MC3 NC . 19.50 -18.42 38.09
H161 MC3 NC . 17.24 -18.52 38.76
H162 MC3 NC . 16.95 -17.18 37.97
H171 MC3 NC . 18.47 -16.04 39.39
H172 MC3 NC . 18.67 -17.38 40.21
H181 MC3 NC . 16.37 -17.35 40.79
H182 MC3 NC . 16.20 -15.99 40.01
H191 MC3 NC . 17.59 -14.89 41.52
H192 MC3 NC . 17.93 -16.26 42.24
H201 MC3 NC . 15.62 -16.42 42.86
H202 MC3 NC . 15.42 -14.96 42.29
H211 MC3 NC . 16.94 -14.13 43.87
H212 MC3 NC . 17.19 -15.59 44.41
H221 MC3 NC . 14.97 -15.70 45.18
H222 MC3 NC . 14.70 -14.25 44.61
H231 MC3 NC . 16.16 -13.32 46.14
H232 MC3 NC . 16.64 -14.74 46.61
H241 MC3 NC . 14.43 -15.14 47.45
H242 MC3 NC . 15.15 -13.95 48.21
H243 MC3 NC . 14.08 -13.64 47.11
C15 MC3 OC . 15.72 -21.88 37.28
C16 MC3 OC . 14.56 -21.76 38.27
C17 MC3 OC . 14.95 -20.79 39.38
C18 MC3 OC . 13.84 -20.76 40.44
C19 MC3 OC . 14.31 -19.90 41.62
C20 MC3 OC . 13.23 -19.89 42.69
C21 MC3 OC . 13.63 -18.91 43.79
C22 MC3 OC . 12.62 -18.97 44.95
C23 MC3 OC . 13.12 -18.10 46.09
C24 MC3 OC . 12.24 -18.32 47.32
H151 MC3 OC . 15.42 -22.36 36.49
H152 MC3 OC . 16.02 -20.99 37.01
H161 MC3 OC . 14.38 -22.63 38.64
H162 MC3 OC . 13.77 -21.44 37.80
H171 MC3 OC . 15.05 -19.90 39.00
H172 MC3 OC . 15.78 -21.07 39.78
H181 MC3 OC . 13.66 -21.66 40.74
H182 MC3 OC . 13.03 -20.38 40.06
H191 MC3 OC . 14.47 -19.01 41.31
H192 MC3 OC . 15.12 -20.27 41.98
H201 MC3 OC . 13.14 -20.78 43.08
H202 MC3 OC . 12.38 -19.61 42.31
H211 MC3 OC . 13.63 -18.01 43.43
H212 MC3 OC . 14.51 -19.13 44.12
H221 MC3 OC . 12.54 -19.89 45.25
H222 MC3 OC . 11.76 -18.66 44.63
H231 MC3 OC . 13.08 -17.17 45.82
H232 MC3 OC . 14.03 -18.33 46.31
H241 MC3 OC . 12.49 -17.69 48.01
H242 MC3 OC . 11.31 -18.17 47.08
H243 MC3 OC . 12.36 -19.23 47.64
C15 MC3 PC . 19.70 -22.60 37.75
C16 MC3 PC . 20.18 -21.93 39.04
C17 MC3 PC . 19.05 -21.91 40.05
C18 MC3 PC . 19.46 -21.06 41.26
C19 MC3 PC . 18.28 -20.94 42.22
C20 MC3 PC . 18.75 -20.22 43.49
C21 MC3 PC . 17.56 -19.93 44.38
C22 MC3 PC . 18.02 -19.16 45.62
C23 MC3 PC . 16.83 -18.95 46.56
C24 MC3 PC . 17.34 -18.34 47.87
H151 MC3 PC . 20.31 -22.37 37.02
H152 MC3 PC . 18.81 -22.29 37.53
H161 MC3 PC . 20.45 -21.02 38.84
H162 MC3 PC . 20.93 -22.42 39.40
H171 MC3 PC . 18.85 -22.81 40.34
H172 MC3 PC . 18.25 -21.53 39.65
H181 MC3 PC . 19.72 -20.18 40.96
H182 MC3 PC . 20.20 -21.48 41.70
H191 MC3 PC . 17.96 -21.83 42.46
H192 MC3 PC . 17.57 -20.44 41.81
H201 MC3 PC . 19.18 -19.39 43.24
H202 MC3 PC . 19.39 -20.78 43.96
H211 MC3 PC . 17.15 -20.77 44.66
H212 MC3 PC . 16.90 -19.41 43.89
H221 MC3 PC . 18.37 -18.30 45.34
H222 MC3 PC . 18.71 -19.66 46.08
H231 MC3 PC . 16.40 -19.79 46.74
H232 MC3 PC . 16.21 -18.33 46.14
H241 MC3 PC . 16.59 -18.24 48.48
H242 MC3 PC . 18.00 -18.94 48.27
H243 MC3 PC . 17.74 -17.48 47.70
C15 MC3 QC . 11.98 -25.36 36.28
C16 MC3 QC . 12.45 -24.93 37.67
C17 MC3 QC . 11.24 -24.71 38.57
C18 MC3 QC . 11.69 -24.15 39.92
C19 MC3 QC . 10.49 -24.06 40.87
C20 MC3 QC . 10.94 -23.45 42.20
C21 MC3 QC . 9.71 -23.16 43.06
C22 MC3 QC . 10.14 -22.52 44.38
C23 MC3 QC . 8.90 -22.17 45.20
C24 MC3 QC . 9.31 -21.74 46.61
H151 MC3 QC . 11.90 -26.33 36.25
H152 MC3 QC . 11.11 -24.96 36.10
H161 MC3 QC . 12.95 -24.10 37.61
H162 MC3 QC . 13.01 -25.62 38.05
H171 MC3 QC . 10.77 -25.55 38.71
H172 MC3 QC . 10.62 -24.08 38.15
H181 MC3 QC . 12.08 -23.27 39.80
H182 MC3 QC . 12.36 -24.74 40.31
H191 MC3 QC . 10.13 -24.95 41.03
H192 MC3 QC . 9.81 -23.50 40.48
H201 MC3 QC . 11.41 -22.62 42.03
H202 MC3 QC . 11.52 -24.07 42.66
H211 MC3 QC . 9.26 -24.00 43.25
H212 MC3 QC . 9.11 -22.58 42.58
H221 MC3 QC . 10.65 -21.71 44.19
H222 MC3 QC . 10.70 -23.13 44.88
H231 MC3 QC . 8.31 -22.95 45.25
H232 MC3 QC . 8.41 -21.45 44.76
H241 MC3 QC . 8.51 -21.60 47.14
H242 MC3 QC . 9.83 -22.44 47.01
H243 MC3 QC . 9.82 -20.93 46.56
C13 MC3 RC . 10.48 -21.23 34.77
C14 MC3 RC . 9.69 -21.52 36.04
C15 MC3 RC . 10.17 -20.60 37.17
C16 MC3 RC . 9.29 -20.82 38.40
C17 MC3 RC . 9.64 -19.77 39.46
C18 MC3 RC . 8.64 -19.86 40.62
C19 MC3 RC . 8.89 -18.68 41.57
C20 MC3 RC . 8.07 -18.86 42.85
C21 MC3 RC . 8.40 -17.74 43.82
C22 MC3 RC . 7.76 -18.01 45.18
C23 MC3 RC . 8.20 -16.94 46.18
C24 MC3 RC . 7.52 -17.18 47.53
H131 MC3 RC . 9.89 -21.21 34.01
H132 MC3 RC . 11.14 -21.94 34.63
H141 MC3 RC . 9.82 -22.44 36.30
H142 MC3 RC . 8.75 -21.36 35.87
H151 MC3 RC . 11.08 -20.79 37.38
H152 MC3 RC . 10.10 -19.68 36.88
H161 MC3 RC . 9.46 -21.70 38.76
H162 MC3 RC . 8.36 -20.74 38.16
H171 MC3 RC . 9.59 -18.88 39.05
H172 MC3 RC . 10.54 -19.93 39.79
H181 MC3 RC . 8.78 -20.69 41.10
H182 MC3 RC . 7.74 -19.82 40.28
H191 MC3 RC . 8.61 -17.85 41.14
H192 MC3 RC . 9.83 -18.64 41.80
H201 MC3 RC . 8.27 -19.71 43.25
H202 MC3 RC . 7.12 -18.82 42.62
H211 MC3 RC . 8.06 -16.90 43.47
H212 MC3 RC . 9.36 -17.68 43.92
H221 MC3 RC . 8.04 -18.87 45.50
H222 MC3 RC . 6.80 -17.99 45.10
H231 MC3 RC . 7.96 -16.07 45.85
H232 MC3 RC . 9.16 -16.98 46.30
H241 MC3 RC . 7.74 -16.46 48.13
H242 MC3 RC . 6.56 -17.22 47.39
H243 MC3 RC . 7.82 -18.02 47.89
C2 MC3 SC . -15.99 -23.57 27.61
C3 MC3 SC . -14.67 -23.53 28.37
C11 MC3 SC . -14.19 -22.85 30.57
C12 MC3 SC . -15.02 -22.62 31.83
C13 MC3 SC . -14.27 -21.78 32.85
C14 MC3 SC . -15.23 -21.49 34.00
C15 MC3 SC . -14.57 -20.60 35.05
C16 MC3 SC . -15.61 -20.26 36.10
C17 MC3 SC . -15.03 -19.33 37.17
C18 MC3 SC . -16.10 -19.07 38.22
C19 MC3 SC . -15.55 -18.22 39.36
C20 MC3 SC . -16.66 -18.02 40.40
C21 MC3 SC . -16.16 -17.11 41.52
C22 MC3 SC . -17.25 -16.98 42.58
C23 MC3 SC . -16.75 -16.12 43.74
C24 MC3 SC . -17.81 -16.06 44.83
C31 MC3 SC . -18.29 -23.23 27.92
C32 MC3 SC . -19.47 -22.66 28.71
C33 MC3 SC . -18.99 -22.21 30.08
C34 MC3 SC . -20.04 -21.33 30.75
C35 MC3 SC . -19.61 -21.05 32.19
C36 MC3 SC . -20.56 -20.06 32.85
C37 MC3 SC . -20.10 -19.84 34.28
C38 MC3 SC . -21.08 -18.96 35.03
C39 MC3 SC . -20.59 -18.82 36.47
C40 MC3 SC . -21.59 -18.03 37.30
C41 MC3 SC . -21.15 -18.06 38.76
C42 MC3 SC . -22.04 -17.14 39.59
C43 MC3 SC . -21.49 -17.03 41.00
C44 MC3 SC . -22.28 -15.99 41.80
O2 MC3 SC . -17.03 -23.29 28.50
O3 MC3 SC . -14.73 -22.51 29.33
O11 MC3 SC . -13.10 -23.30 30.65
O31 MC3 SC . -18.45 -23.61 26.81
H2 MC3 SC . -16.11 -24.45 27.23
H31 MC3 SC . -13.94 -23.35 27.76
H32 MC3 SC . -14.52 -24.37 28.81
H121 MC3 SC . -15.24 -23.48 32.22
H122 MC3 SC . -15.84 -22.17 31.58
H131 MC3 SC . -13.98 -20.96 32.45
H132 MC3 SC . -13.51 -22.27 33.18
H141 MC3 SC . -15.49 -22.31 34.42
H142 MC3 SC . -16.01 -21.04 33.66
H151 MC3 SC . -14.25 -19.78 34.63
H152 MC3 SC . -13.83 -21.07 35.46
H161 MC3 SC . -15.91 -21.08 36.52
H162 MC3 SC . -16.37 -19.82 35.68
H171 MC3 SC . -14.76 -18.49 36.76
H172 MC3 SC . -14.26 -19.75 37.58
H181 MC3 SC . -16.42 -19.92 38.58
H182 MC3 SC . -16.85 -18.61 37.81
H191 MC3 SC . -15.27 -17.37 39.01
H192 MC3 SC . -14.80 -18.68 39.77
H201 MC3 SC . -16.91 -18.87 40.76
H202 MC3 SC . -17.42 -17.61 39.97
H211 MC3 SC . -15.94 -16.24 41.16
H212 MC3 SC . -15.37 -17.50 41.92
H221 MC3 SC . -17.49 -17.86 42.92
H222 MC3 SC . -18.03 -16.56 42.18
H231 MC3 SC . -16.56 -15.23 43.42
H232 MC3 SC . -15.94 -16.52 44.10
H241 MC3 SC . -18.65 -15.75 44.45
H242 MC3 SC . -17.54 -15.43 45.52
H243 MC3 SC . -17.93 -16.93 45.23
H321 MC3 SC . -19.85 -21.90 28.23
H322 MC3 SC . -20.15 -23.34 28.81
H331 MC3 SC . -18.82 -22.99 30.63
H332 MC3 SC . -18.17 -21.71 29.98
H341 MC3 SC . -20.12 -20.50 30.27
H342 MC3 SC . -20.89 -21.79 30.75
H351 MC3 SC . -19.59 -21.88 32.69
H352 MC3 SC . -18.71 -20.67 32.18
H361 MC3 SC . -20.54 -19.23 32.37
H362 MC3 SC . -21.45 -20.42 32.84
H371 MC3 SC . -20.02 -20.69 34.72
H372 MC3 SC . -19.23 -19.41 34.27
H381 MC3 SC . -21.12 -18.09 34.62
H382 MC3 SC . -21.96 -19.37 35.02
H391 MC3 SC . -20.48 -19.71 36.85
H392 MC3 SC . -19.74 -18.36 36.47
H401 MC3 SC . -21.61 -17.11 36.99
H402 MC3 SC . -22.47 -18.42 37.22
H411 MC3 SC . -21.22 -18.96 39.10
H412 MC3 SC . -20.23 -17.76 38.83
H421 MC3 SC . -22.06 -16.26 39.18
H422 MC3 SC . -22.94 -17.50 39.62
H431 MC3 SC . -21.57 -17.89 41.45
H432 MC3 SC . -20.56 -16.77 40.98
H441 MC3 SC . -22.17 -15.12 41.39
H442 MC3 SC . -23.22 -16.23 41.80
H443 MC3 SC . -21.96 -15.96 42.71
C11 MC3 TC . -16.72 -19.46 27.25
C12 MC3 TC . -16.00 -18.84 28.44
C13 MC3 TC . -16.99 -18.68 29.60
C14 MC3 TC . -16.25 -18.26 30.88
C15 MC3 TC . -17.28 -17.82 31.91
C16 MC3 TC . -16.62 -17.11 33.09
C17 MC3 TC . -17.72 -16.68 34.05
C18 MC3 TC . -17.17 -15.84 35.21
C19 MC3 TC . -18.27 -15.66 36.25
C20 MC3 TC . -17.78 -14.80 37.41
C21 MC3 TC . -18.88 -14.72 38.46
C22 MC3 TC . -18.47 -13.81 39.61
C23 MC3 TC . -19.68 -13.58 40.53
C24 MC3 TC . -19.39 -12.44 41.51
H121 MC3 TC . -15.67 -17.97 28.19
H122 MC3 TC . -15.27 -19.41 28.72
H131 MC3 TC . -17.44 -19.52 29.75
H132 MC3 TC . -17.63 -18.00 29.37
H141 MC3 TC . -15.65 -17.54 30.68
H142 MC3 TC . -15.76 -19.01 31.22
H151 MC3 TC . -17.75 -18.59 32.24
H152 MC3 TC . -17.91 -17.22 31.50
H161 MC3 TC . -16.15 -16.33 32.78
H162 MC3 TC . -16.02 -17.71 33.54
H171 MC3 TC . -18.38 -16.16 33.57
H172 MC3 TC . -18.15 -17.47 34.42
H181 MC3 TC . -16.90 -14.98 34.88
H182 MC3 TC . -16.42 -16.30 35.61
H191 MC3 TC . -18.53 -16.52 36.59
H192 MC3 TC . -19.03 -15.23 35.84
H201 MC3 TC . -17.59 -13.91 37.09
H202 MC3 TC . -16.99 -15.19 37.80
H211 MC3 TC . -19.04 -15.61 38.80
H212 MC3 TC . -19.69 -14.37 38.05
H221 MC3 TC . -18.16 -12.96 39.27
H222 MC3 TC . -17.76 -14.23 40.12
H231 MC3 TC . -19.85 -14.39 41.03
H232 MC3 TC . -20.45 -13.35 39.99
H241 MC3 TC . -19.23 -11.62 41.01
H242 MC3 TC . -20.15 -12.32 42.08
H243 MC3 TC . -18.61 -12.64 42.03
C12 MC3 UC . -17.86 -26.94 29.83
C13 MC3 UC . -17.41 -26.82 31.28
C14 MC3 UC . -18.19 -25.70 31.97
C15 MC3 UC . -17.76 -25.60 33.44
C16 MC3 UC . -18.50 -24.45 34.09
C17 MC3 UC . -18.08 -24.35 35.56
C18 MC3 UC . -18.76 -23.15 36.20
C19 MC3 UC . -18.39 -23.08 37.68
C20 MC3 UC . -19.18 -21.97 38.36
C21 MC3 UC . -18.96 -22.07 39.87
C22 MC3 UC . -19.79 -21.00 40.60
C23 MC3 UC . -19.53 -21.10 42.10
C24 MC3 UC . -20.48 -20.19 42.86
H121 MC3 UC . -17.83 -26.06 29.41
H122 MC3 UC . -17.26 -27.53 29.35
H131 MC3 UC . -16.46 -26.60 31.30
H132 MC3 UC . -17.56 -27.66 31.73
H141 MC3 UC . -19.14 -25.90 31.93
H142 MC3 UC . -18.02 -24.86 31.53
H151 MC3 UC . -16.80 -25.45 33.48
H152 MC3 UC . -17.98 -26.42 33.89
H161 MC3 UC . -19.45 -24.60 34.04
H162 MC3 UC . -18.28 -23.62 33.64
H171 MC3 UC . -17.12 -24.26 35.61
H172 MC3 UC . -18.35 -25.16 36.02
H181 MC3 UC . -19.72 -23.23 36.12
H182 MC3 UC . -18.46 -22.34 35.76
H191 MC3 UC . -17.44 -22.89 37.77
H192 MC3 UC . -18.59 -23.93 38.11
H201 MC3 UC . -20.13 -22.09 38.17
H202 MC3 UC . -18.89 -21.11 38.04
H211 MC3 UC . -18.03 -21.92 40.06
H212 MC3 UC . -19.23 -22.94 40.18
H221 MC3 UC . -20.74 -21.16 40.42
H222 MC3 UC . -19.54 -20.12 40.28
H231 MC3 UC . -18.61 -20.82 42.27
H232 MC3 UC . -19.65 -22.02 42.39
H241 MC3 UC . -21.40 -20.40 42.60
H242 MC3 UC . -20.37 -20.34 43.82
H243 MC3 UC . -20.28 -19.26 42.67
C15 MC3 VC . -22.32 -25.18 31.35
C16 MC3 VC . -23.18 -24.16 32.08
C17 MC3 VC . -22.63 -23.94 33.48
C18 MC3 VC . -23.55 -23.01 34.27
C19 MC3 VC . -23.07 -22.91 35.71
C20 MC3 VC . -24.01 -22.01 36.50
C21 MC3 VC . -23.43 -21.80 37.90
C22 MC3 VC . -24.41 -21.00 38.76
C23 MC3 VC . -23.88 -20.93 40.19
C24 MC3 VC . -24.95 -20.32 41.10
H151 MC3 VC . -22.56 -25.20 30.41
H152 MC3 VC . -21.39 -24.94 31.43
H161 MC3 VC . -24.08 -24.48 32.13
H162 MC3 VC . -23.17 -23.32 31.59
H171 MC3 VC . -21.75 -23.54 33.42
H172 MC3 VC . -22.56 -24.79 33.94
H181 MC3 VC . -24.46 -23.35 34.24
H182 MC3 VC . -23.54 -22.12 33.87
H191 MC3 VC . -22.18 -22.55 35.73
H192 MC3 VC . -23.06 -23.80 36.10
H201 MC3 VC . -24.88 -22.42 36.58
H202 MC3 VC . -24.08 -21.15 36.06
H211 MC3 VC . -22.60 -21.31 37.83
H212 MC3 VC . -23.26 -22.66 38.31
H221 MC3 VC . -25.27 -21.44 38.75
H222 MC3 VC . -24.49 -20.11 38.40
H231 MC3 VC . -23.09 -20.39 40.21
H232 MC3 VC . -23.67 -21.82 40.50
H241 MC3 VC . -24.58 -20.19 41.98
H242 MC3 VC . -25.23 -19.47 40.73
H243 MC3 VC . -25.71 -20.91 41.14
C15 MC3 WC . -21.00 -28.90 32.36
C16 MC3 WC . -20.69 -28.94 33.86
C17 MC3 WC . -21.63 -27.97 34.59
C18 MC3 WC . -21.19 -27.85 36.05
C19 MC3 WC . -22.05 -26.81 36.75
C20 MC3 WC . -21.69 -26.80 38.24
C21 MC3 WC . -22.41 -25.64 38.92
C22 MC3 WC . -22.02 -25.60 40.40
C23 MC3 WC . -22.79 -24.50 41.11
C24 MC3 WC . -22.54 -24.59 42.62
H151 MC3 WC . -20.26 -29.29 31.87
H152 MC3 WC . -21.13 -27.99 32.08
H161 MC3 WC . -19.78 -28.66 34.00
H162 MC3 WC . -20.82 -29.83 34.20
H171 MC3 WC . -22.53 -28.32 34.55
H172 MC3 WC . -21.59 -27.11 34.17
H181 MC3 WC . -20.26 -27.58 36.08
H182 MC3 WC . -21.30 -28.71 36.48
H191 MC3 WC . -22.99 -27.03 36.64
H192 MC3 WC . -21.88 -25.93 36.37
H201 MC3 WC . -20.74 -26.70 38.34
H202 MC3 WC . -21.98 -27.64 38.64
H211 MC3 WC . -23.37 -25.77 38.85
H212 MC3 WC . -22.17 -24.81 38.50
H221 MC3 WC . -21.07 -25.42 40.47
H222 MC3 WC . -22.21 -26.45 40.82
H231 MC3 WC . -23.74 -24.60 40.94
H232 MC3 WC . -22.49 -23.64 40.78
H241 MC3 WC . -23.07 -23.91 43.08
H242 MC3 WC . -22.81 -25.46 42.93
H243 MC3 WC . -21.60 -24.44 42.79
C15 MC3 XC . -26.60 -23.99 28.63
C16 MC3 XC . -26.52 -24.13 30.15
C17 MC3 XC . -27.30 -23.01 30.82
C18 MC3 XC . -27.11 -23.08 32.34
C19 MC3 XC . -28.00 -22.03 33.01
C20 MC3 XC . -27.77 -22.06 34.52
C21 MC3 XC . -28.49 -20.88 35.17
C22 MC3 XC . -28.24 -20.88 36.68
C23 MC3 XC . -28.91 -19.65 37.30
C24 MC3 XC . -28.88 -19.76 38.82
H151 MC3 XC . -27.37 -24.46 28.30
H152 MC3 XC . -26.66 -23.04 28.41
H161 MC3 XC . -25.60 -24.10 30.44
H162 MC3 XC . -26.91 -24.99 30.41
H171 MC3 XC . -28.24 -23.08 30.61
H172 MC3 XC . -26.97 -22.15 30.50
H181 MC3 XC . -26.19 -22.91 32.56
H182 MC3 XC . -27.36 -23.96 32.65
H191 MC3 XC . -28.93 -22.22 32.82
H192 MC3 XC . -27.77 -21.15 32.68
H201 MC3 XC . -26.82 -22.01 34.71
H202 MC3 XC . -28.11 -22.90 34.88
H211 MC3 XC . -29.44 -20.96 35.01
H212 MC3 XC . -28.17 -20.06 34.78
H221 MC3 XC . -27.28 -20.85 36.85
H222 MC3 XC . -28.61 -21.69 37.07
H231 MC3 XC . -29.82 -19.60 37.00
H232 MC3 XC . -28.43 -18.86 37.02
H241 MC3 XC . -29.36 -19.02 39.21
H242 MC3 XC . -29.29 -20.59 39.10
H243 MC3 XC . -27.95 -19.74 39.13
C13 MC3 YC . -23.62 -20.47 28.17
C14 MC3 YC . -24.70 -19.96 29.11
C15 MC3 YC . -24.14 -19.85 30.53
C16 MC3 YC . -25.20 -19.24 31.44
C17 MC3 YC . -24.59 -18.95 32.81
C18 MC3 YC . -25.58 -18.17 33.68
C19 MC3 YC . -24.89 -17.72 34.96
C20 MC3 YC . -25.91 -17.13 35.93
C21 MC3 YC . -25.22 -16.79 37.24
C22 MC3 YC . -26.25 -16.41 38.31
C23 MC3 YC . -25.55 -16.19 39.65
C24 MC3 YC . -26.57 -15.76 40.70
H131 MC3 YC . -23.63 -19.95 27.35
H132 MC3 YC . -23.78 -21.40 27.95
H141 MC3 YC . -25.45 -20.57 29.10
H142 MC3 YC . -25.00 -19.08 28.81
H151 MC3 YC . -23.91 -20.73 30.85
H152 MC3 YC . -23.36 -19.28 30.52
H161 MC3 YC . -25.94 -19.87 31.55
H162 MC3 YC . -25.54 -18.42 31.05
H171 MC3 YC . -23.79 -18.42 32.69
H172 MC3 YC . -24.37 -19.78 33.24
H181 MC3 YC . -26.33 -18.74 33.90
H182 MC3 YC . -25.90 -17.40 33.19
H191 MC3 YC . -24.23 -17.04 34.75
H192 MC3 YC . -24.46 -18.48 35.38
H201 MC3 YC . -26.62 -17.78 36.10
H202 MC3 YC . -26.29 -16.32 35.55
H211 MC3 YC . -24.62 -16.05 37.10
H212 MC3 YC . -24.71 -17.56 37.55
H221 MC3 YC . -26.89 -17.12 38.40
H222 MC3 YC . -26.69 -15.59 38.05
H231 MC3 YC . -24.87 -15.51 39.55
H232 MC3 YC . -25.13 -17.02 39.94
H241 MC3 YC . -26.11 -15.54 41.52
H242 MC3 YC . -27.04 -14.98 40.37
H243 MC3 YC . -27.20 -16.47 40.85
C1 MC3 ZC . -34.15 -6.72 16.21
C2 MC3 ZC . -33.49 -5.82 17.26
C3 MC3 ZC . -32.89 -4.62 16.54
C4 MC3 ZC . -30.61 -9.33 17.51
C5 MC3 ZC . -29.33 -8.70 18.06
C6 MC3 ZC . -29.11 -7.04 16.35
C7 MC3 ZC . -27.30 -7.60 17.72
C8 MC3 ZC . -28.02 -9.12 16.06
C11 MC3 ZC . -32.09 -2.46 16.93
C12 MC3 ZC . -31.86 -1.27 17.84
C13 MC3 ZC . -31.87 -1.72 19.29
C14 MC3 ZC . -31.82 -0.50 20.19
C15 MC3 ZC . -31.76 -0.90 21.65
C16 MC3 ZC . -31.50 0.35 22.48
C17 MC3 ZC . -31.91 0.12 23.92
C18 MC3 ZC . -31.48 1.33 24.75
C19 MC3 ZC . -31.96 1.20 26.18
C20 MC3 ZC . -31.71 2.51 26.91
C21 MC3 ZC . -32.36 2.47 28.29
C22 MC3 ZC . -32.39 3.87 28.90
C31 MC3 ZC . -34.16 -5.60 19.53
C32 MC3 ZC . -34.81 -4.70 20.57
C33 MC3 ZC . -34.18 -4.92 21.93
C34 MC3 ZC . -34.58 -3.76 22.83
C35 MC3 ZC . -34.04 -3.95 24.25
C36 MC3 ZC . -34.38 -2.71 25.06
C37 MC3 ZC . -33.91 -2.85 26.50
C38 MC3 ZC . -34.46 -1.69 27.30
C39 MC3 ZC . -34.11 -1.83 28.77
C40 MC3 ZC . -34.99 -0.87 29.57
C41 MC3 ZC . -34.52 -0.83 31.02
C42 MC3 ZC . -35.27 0.27 31.77
C43 MC3 ZC . -36.64 -0.26 32.21
N MC3 ZC . -28.46 -8.13 17.04
O2 MC3 ZC . -34.45 -5.40 18.18
O3 MC3 ZC . -32.39 -3.70 17.47
O11 MC3 ZC . -32.03 -2.32 15.75
O31 MC3 ZC . -33.43 -6.47 19.87
O1P MC3 ZC . -33.40 -9.68 15.99
O2P MC3 ZC . -31.45 -8.98 14.65
O3P MC3 ZC . -33.18 -7.20 15.35
O4P MC3 ZC . -31.53 -8.35 17.14
P MC3 ZC . -32.39 -8.58 15.77
H11 MC3 ZC . -34.59 -7.46 16.65
H12 MC3 ZC . -34.81 -6.20 15.72
H2 MC3 ZC . -32.78 -6.31 17.71
H31 MC3 ZC . -33.57 -4.20 16.00
H32 MC3 ZC . -32.16 -4.92 15.97
H41 MC3 ZC . -31.00 -9.88 18.20
H42 MC3 ZC . -30.41 -9.88 16.73
H51 MC3 ZC . -29.58 -8.00 18.68
H52 MC3 ZC . -28.84 -9.38 18.54
H61 MC3 ZC . -29.48 -6.43 17.00
H62 MC3 ZC . -28.46 -6.57 15.81
H63 MC3 ZC . -29.81 -7.38 15.78
H71 MC3 ZC . -26.83 -8.32 18.17
H72 MC3 ZC . -26.71 -7.20 17.05
H73 MC3 ZC . -27.58 -6.93 18.34
H81 MC3 ZC . -28.77 -9.37 15.50
H82 MC3 ZC . -27.32 -8.72 15.52
H83 MC3 ZC . -27.68 -9.90 16.52
H121 MC3 ZC . -32.56 -0.61 17.71
H122 MC3 ZC . -31.00 -0.88 17.64
H131 MC3 ZC . -31.10 -2.28 19.47
H132 MC3 ZC . -32.68 -2.22 19.47
H141 MC3 ZC . -32.62 0.03 20.04
H142 MC3 ZC . -31.04 0.02 19.96
H151 MC3 ZC . -31.03 -1.53 21.79
H152 MC3 ZC . -32.59 -1.29 21.92
H161 MC3 ZC . -32.01 1.08 22.11
H162 MC3 ZC . -30.56 0.55 22.45
H171 MC3 ZC . -31.49 -0.67 24.27
H172 MC3 ZC . -32.87 0.03 23.97
H181 MC3 ZC . -31.85 2.13 24.36
H182 MC3 ZC . -30.51 1.38 24.75
H191 MC3 ZC . -31.48 0.48 26.63
H192 MC3 ZC . -32.91 1.01 26.18
H201 MC3 ZC . -32.08 3.24 26.40
H202 MC3 ZC . -30.76 2.65 27.01
H211 MC3 ZC . -31.85 1.89 28.87
H212 MC3 ZC . -33.26 2.14 28.22
H221 MC3 ZC . -32.36 4.54 28.19
H222 MC3 ZC . -31.64 3.99 29.49
H321 MC3 ZC . -34.68 -3.78 20.31
H322 MC3 ZC . -35.75 -4.89 20.61
H331 MC3 ZC . -34.50 -5.75 22.32
H332 MC3 ZC . -33.22 -4.95 21.85
H341 MC3 ZC . -34.22 -2.94 22.48
H342 MC3 ZC . -35.54 -3.71 22.88
H351 MC3 ZC . -34.44 -4.73 24.65
H352 MC3 ZC . -33.07 -4.05 24.20
H361 MC3 ZC . -33.96 -1.94 24.66
H362 MC3 ZC . -35.33 -2.58 25.06
H371 MC3 ZC . -34.22 -3.68 26.87
H372 MC3 ZC . -32.94 -2.83 26.53
H381 MC3 ZC . -34.10 -0.86 26.96
H382 MC3 ZC . -35.43 -1.68 27.20
H391 MC3 ZC . -34.26 -2.74 29.06
H392 MC3 ZC . -33.18 -1.59 28.90
H401 MC3 ZC . -34.93 0.01 29.19
H402 MC3 ZC . -35.90 -1.19 29.54
H411 MC3 ZC . -34.69 -1.69 31.43
H412 MC3 ZC . -33.58 -0.65 31.03
H421 MC3 ZC . -34.76 0.53 32.54
H422 MC3 ZC . -35.39 1.03 31.18
H431 MC3 ZC . -36.86 -1.04 31.70
H432 MC3 ZC . -36.61 -0.48 33.15
C12 MC3 AD . -39.37 -4.71 18.31
C13 MC3 AD . -38.67 -4.47 19.63
C14 MC3 AD . -39.54 -3.61 20.53
C15 MC3 AD . -38.84 -3.40 21.88
C16 MC3 AD . -39.75 -2.62 22.81
C17 MC3 AD . -39.04 -2.47 24.17
C18 MC3 AD . -39.87 -1.57 25.08
C19 MC3 AD . -39.17 -1.42 26.41
C20 MC3 AD . -39.94 -0.41 27.27
C21 MC3 AD . -39.33 -0.31 28.66
C22 MC3 AD . -40.16 0.68 29.47
C23 MC3 AD . -39.67 0.71 30.91
C24 MC3 AD . -40.44 1.77 31.70
H121 MC3 AD . -40.10 -5.34 18.43
H122 MC3 AD . -38.75 -5.08 17.66
H131 MC3 AD . -37.82 -4.03 19.48
H132 MC3 AD . -38.50 -5.32 20.07
H141 MC3 AD . -40.38 -4.05 20.67
H142 MC3 AD . -39.68 -2.75 20.11
H151 MC3 AD . -38.02 -2.91 21.73
H152 MC3 AD . -38.64 -4.27 22.27
H161 MC3 AD . -40.58 -3.09 22.94
H162 MC3 AD . -39.92 -1.74 22.44
H171 MC3 AD . -38.17 -2.08 24.04
H172 MC3 AD . -38.95 -3.34 24.57
H181 MC3 AD . -40.75 -1.97 25.22
H182 MC3 AD . -39.98 -0.71 24.66
H191 MC3 AD . -38.27 -1.09 26.28
H192 MC3 AD . -39.13 -2.27 26.87
H201 MC3 AD . -40.87 -0.70 27.33
H202 MC3 AD . -39.91 0.46 26.84
H211 MC3 AD . -38.42 -0.02 28.59
H212 MC3 AD . -39.36 -1.18 29.09
H221 MC3 AD . -41.09 0.44 29.44
H222 MC3 AD . -40.05 1.57 29.08
H231 MC3 AD . -38.73 0.92 30.93
H232 MC3 AD . -39.82 -0.16 31.32
H241 MC3 AD . -41.38 1.53 31.72
H242 MC3 AD . -40.10 1.80 32.60
H243 MC3 AD . -40.33 2.63 31.27
C12 MC3 BD . -37.08 -9.47 18.16
C13 MC3 BD . -37.92 -9.36 19.42
C14 MC3 BD . -37.19 -8.48 20.44
C15 MC3 BD . -38.01 -8.39 21.72
C16 MC3 BD . -37.30 -7.44 22.69
C17 MC3 BD . -38.11 -7.30 23.98
C18 MC3 BD . -37.40 -6.32 24.91
C19 MC3 BD . -38.05 -6.42 26.29
C20 MC3 BD . -37.48 -5.38 27.24
C21 MC3 BD . -38.16 -5.52 28.59
C22 MC3 BD . -37.85 -4.33 29.49
C23 MC3 BD . -38.69 -4.45 30.75
C24 MC3 BD . -38.54 -3.19 31.60
H121 MC3 BD . -36.98 -8.59 17.75
H122 MC3 BD . -37.51 -10.07 17.53
H131 MC3 BD . -38.05 -10.24 19.80
H132 MC3 BD . -38.78 -8.96 19.21
H141 MC3 BD . -37.07 -7.59 20.07
H142 MC3 BD . -36.32 -8.86 20.63
H151 MC3 BD . -38.08 -9.27 22.12
H152 MC3 BD . -38.89 -8.04 21.53
H161 MC3 BD . -37.20 -6.58 22.28
H162 MC3 BD . -36.42 -7.80 22.90
H171 MC3 BD . -38.17 -8.17 24.41
H172 MC3 BD . -38.98 -6.97 23.77
H181 MC3 BD . -37.50 -5.42 24.58
H182 MC3 BD . -36.46 -6.56 24.99
H191 MC3 BD . -37.90 -7.30 26.65
H192 MC3 BD . -39.01 -6.27 26.20
H201 MC3 BD . -37.63 -4.49 26.89
H202 MC3 BD . -36.52 -5.53 27.35
H211 MC3 BD . -37.85 -6.33 29.02
H212 MC3 BD . -39.11 -5.57 28.46
H221 MC3 BD . -38.05 -3.50 29.03
H222 MC3 BD . -36.90 -4.34 29.72
H231 MC3 BD . -38.41 -5.22 31.26
H232 MC3 BD . -39.62 -4.55 30.50
H241 MC3 BD . -39.12 -3.25 32.38
H242 MC3 BD . -37.63 -3.09 31.88
H243 MC3 BD . -38.81 -2.42 31.07
C16 MC3 CD . -42.78 -6.59 21.56
C17 MC3 CD . -42.50 -6.89 23.03
C18 MC3 CD . -42.48 -5.57 23.81
C19 MC3 CD . -42.41 -5.86 25.31
C20 MC3 CD . -42.51 -4.54 26.08
C21 MC3 CD . -42.48 -4.82 27.58
C22 MC3 CD . -42.76 -3.51 28.33
C23 MC3 CD . -42.82 -3.80 29.82
C24 MC3 CD . -43.15 -2.51 30.57
H161 MC3 CD . -42.38 -5.75 21.32
H162 MC3 CD . -42.41 -7.30 21.01
H171 MC3 CD . -41.65 -7.33 23.12
H172 MC3 CD . -43.19 -7.46 23.39
H181 MC3 CD . -43.28 -5.07 23.61
H182 MC3 CD . -41.71 -5.06 23.55
H191 MC3 CD . -41.57 -6.30 25.52
H192 MC3 CD . -43.15 -6.43 25.57
H201 MC3 CD . -43.34 -4.10 25.85
H202 MC3 CD . -41.76 -3.97 25.84
H211 MC3 CD . -41.59 -5.15 27.82
H212 MC3 CD . -43.14 -5.47 27.80
H221 MC3 CD . -43.60 -3.15 28.04
H222 MC3 CD . -42.05 -2.88 28.14
H231 MC3 CD . -41.96 -4.13 30.13
H232 MC3 CD . -43.50 -4.46 30.00
H241 MC3 CD . -43.15 -2.68 31.53
H242 MC3 CD . -42.51 -1.83 30.36
H243 MC3 CD . -44.04 -2.20 30.31
C14 MC3 DD . -43.96 -2.66 19.34
C15 MC3 DD . -44.06 -2.95 20.83
C16 MC3 DD . -43.90 -1.64 21.60
C17 MC3 DD . -44.13 -1.90 23.09
C18 MC3 DD . -44.14 -0.57 23.84
C19 MC3 DD . -44.12 -0.84 25.35
C20 MC3 DD . -44.18 0.47 26.13
C21 MC3 DD . -44.11 0.16 27.63
C22 MC3 DD . -44.30 1.44 28.43
C23 MC3 DD . -44.34 1.10 29.92
C24 MC3 DD . -44.70 2.35 30.72
H141 MC3 DD . -43.71 -3.48 18.87
H142 MC3 DD . -43.28 -1.99 19.19
H151 MC3 DD . -43.37 -3.57 21.09
H152 MC3 DD . -44.93 -3.34 21.02
H161 MC3 DD . -44.56 -1.00 21.29
H162 MC3 DD . -43.01 -1.29 21.46
H171 MC3 DD . -43.41 -2.46 23.44
H172 MC3 DD . -44.97 -2.35 23.22
H181 MC3 DD . -44.94 -0.07 23.62
H182 MC3 DD . -43.36 -0.05 23.61
H191 MC3 DD . -43.30 -1.32 25.58
H192 MC3 DD . -44.89 -1.40 25.58
H201 MC3 DD . -45.01 0.91 25.94
H202 MC3 DD . -43.44 1.02 25.88
H211 MC3 DD . -43.25 -0.23 27.83
H212 MC3 DD . -44.80 -0.48 27.86
H221 MC3 DD . -45.14 1.85 28.18
H222 MC3 DD . -43.58 2.05 28.25
H231 MC3 DD . -43.47 0.78 30.19
H232 MC3 DD . -45.00 0.41 30.08
H241 MC3 DD . -44.69 2.14 31.67
H242 MC3 DD . -44.07 3.05 30.53
H243 MC3 DD . -45.60 2.64 30.47
C2 MC3 ED . -36.50 0.32 15.53
C3 MC3 ED . -36.06 -0.75 16.52
C11 MC3 ED . -36.07 -0.78 18.87
C12 MC3 ED . -36.78 0.04 19.95
C13 MC3 ED . -36.10 -0.13 21.31
C14 MC3 ED . -36.78 0.83 22.28
C15 MC3 ED . -36.12 0.78 23.65
C16 MC3 ED . -36.78 1.84 24.53
C17 MC3 ED . -36.13 1.86 25.92
C18 MC3 ED . -36.87 2.90 26.77
C19 MC3 ED . -36.33 2.91 28.20
C20 MC3 ED . -37.11 3.94 29.00
C21 MC3 ED . -36.55 4.03 30.42
C22 MC3 ED . -37.39 5.01 31.24
C23 MC3 ED . -36.89 5.07 32.68
C24 MC3 ED . -37.77 5.98 33.50
C31 MC3 ED . -37.52 2.44 15.47
C32 MC3 ED . -37.97 3.72 16.15
C33 MC3 ED . -37.88 3.57 17.66
C34 MC3 ED . -37.97 4.94 18.34
C35 MC3 ED . -38.04 4.73 19.85
C36 MC3 ED . -38.01 6.07 20.57
C37 MC3 ED . -38.10 5.80 22.07
C38 MC3 ED . -38.20 7.12 22.84
C39 MC3 ED . -38.36 6.78 24.32
C40 MC3 ED . -38.55 8.06 25.13
C41 MC3 ED . -38.87 7.67 26.57
C42 MC3 ED . -38.90 8.92 27.45
C43 MC3 ED . -39.05 8.52 28.91
C44 MC3 ED . -38.93 9.75 29.81
O2 MC3 ED . -37.13 1.35 16.24
O3 MC3 ED . -35.65 -0.14 17.71
O11 MC3 ED . -35.89 -1.94 19.03
O31 MC3 ED . -37.51 2.36 14.29
H2 MC3 ED . -37.11 -0.06 14.90
H31 MC3 ED . -35.32 -1.26 16.15
H32 MC3 ED . -36.80 -1.34 16.71
H121 MC3 ED . -37.70 -0.25 20.02
H122 MC3 ED . -36.75 0.97 19.70
H131 MC3 ED . -35.16 0.09 21.23
H132 MC3 ED . -36.21 -1.04 21.62
H141 MC3 ED . -37.71 0.60 22.37
H142 MC3 ED . -36.71 1.73 21.94
H151 MC3 ED . -35.18 0.96 23.57
H152 MC3 ED . -36.26 -0.09 24.04
H161 MC3 ED . -37.72 1.63 24.62
H162 MC3 ED . -36.67 2.70 24.12
H171 MC3 ED . -35.20 2.10 25.84
H172 MC3 ED . -36.21 0.99 26.34
H181 MC3 ED . -37.81 2.69 26.78
H182 MC3 ED . -36.74 3.78 26.37
H191 MC3 ED . -35.39 3.14 28.18
H192 MC3 ED . -36.44 2.04 28.58
H201 MC3 ED . -38.04 3.68 29.04
H202 MC3 ED . -37.03 4.81 28.57
H211 MC3 ED . -35.64 4.33 30.39
H212 MC3 ED . -36.59 3.15 30.83
H221 MC3 ED . -38.32 4.72 31.24
H222 MC3 ED . -37.33 5.89 30.84
H231 MC3 ED . -35.98 5.40 32.67
H232 MC3 ED . -36.90 4.18 33.06
H241 MC3 ED . -37.84 6.85 33.08
H242 MC3 ED . -37.38 6.10 34.38
H243 MC3 ED . -38.65 5.60 33.58
H321 MC3 ED . -37.41 4.46 15.86
H322 MC3 ED . -38.89 3.92 15.90
H331 MC3 ED . -38.59 3.00 17.97
H332 MC3 ED . -37.02 3.17 17.88
H341 MC3 ED . -37.19 5.46 18.12
H342 MC3 ED . -38.76 5.39 18.03
H351 MC3 ED . -38.86 4.26 20.07
H352 MC3 ED . -37.29 4.20 20.13
H361 MC3 ED . -37.17 6.51 20.38
H362 MC3 ED . -38.74 6.62 20.28
H371 MC3 ED . -38.89 5.28 22.24
H372 MC3 ED . -37.32 5.32 22.36
H381 MC3 ED . -37.39 7.63 22.70
H382 MC3 ED . -38.96 7.62 22.53
H391 MC3 ED . -39.12 6.20 24.43
H392 MC3 ED . -37.56 6.32 24.63
H401 MC3 ED . -37.74 8.58 25.12
H402 MC3 ED . -39.28 8.57 24.77
H411 MC3 ED . -39.73 7.23 26.61
H412 MC3 ED . -38.19 7.06 26.91
H421 MC3 ED . -38.08 9.42 27.33
H422 MC3 ED . -39.66 9.46 27.19
H431 MC3 ED . -39.93 8.11 29.05
H432 MC3 ED . -38.36 7.88 29.15
H441 MC3 ED . -38.05 10.13 29.71
H442 MC3 ED . -39.61 10.40 29.55
H443 MC3 ED . -39.07 9.50 30.73
C11 MC3 FD . -33.55 3.20 16.29
C12 MC3 FD . -33.12 2.94 17.73
C13 MC3 FD . -33.92 3.85 18.66
C14 MC3 FD . -33.67 3.48 20.13
C15 MC3 FD . -34.22 4.57 21.02
C16 MC3 FD . -33.76 4.41 22.46
C17 MC3 FD . -34.35 5.57 23.27
C18 MC3 FD . -33.83 5.57 24.71
C19 MC3 FD . -34.62 6.59 25.52
C20 MC3 FD . -34.11 6.66 26.96
C21 MC3 FD . -34.99 7.62 27.74
C22 MC3 FD . -34.49 7.78 29.17
C23 MC3 FD . -35.26 8.91 29.85
C24 MC3 FD . -34.57 9.30 31.17
H121 MC3 FD . -32.18 3.14 17.82
H122 MC3 FD . -33.29 2.02 17.96
H131 MC3 FD . -34.86 3.77 18.47
H132 MC3 FD . -33.64 4.76 18.53
H141 MC3 FD . -32.73 3.37 20.27
H142 MC3 FD . -34.13 2.64 20.32
H151 MC3 FD . -35.19 4.54 21.00
H152 MC3 FD . -33.93 5.43 20.69
H161 MC3 FD . -32.80 4.46 22.49
H162 MC3 FD . -34.08 3.58 22.82
H171 MC3 FD . -34.10 6.40 22.85
H172 MC3 FD . -35.30 5.49 23.30
H181 MC3 FD . -32.89 5.82 24.72
H182 MC3 FD . -33.93 4.69 25.09
H191 MC3 FD . -35.54 6.34 25.52
H192 MC3 FD . -34.52 7.46 25.11
H201 MC3 FD . -33.20 6.99 26.96
H202 MC3 FD . -34.15 5.78 27.36
H211 MC3 FD . -35.89 7.27 27.76
H212 MC3 FD . -35.00 8.48 27.30
H221 MC3 FD . -33.54 8.00 29.17
H222 MC3 FD . -34.63 6.95 29.66
H231 MC3 FD . -36.15 8.61 30.05
H232 MC3 FD . -35.29 9.69 29.27
H241 MC3 FD . -33.68 9.62 30.98
H242 MC3 FD . -35.09 10.01 31.59
H243 MC3 FD . -34.52 8.53 31.74
C12 MC3 GD . -40.87 0.03 16.23
C13 MC3 GD . -41.07 -0.29 17.71
C14 MC3 GD . -40.86 0.98 18.53
C15 MC3 GD . -41.08 0.68 20.02
C16 MC3 GD . -40.80 1.93 20.83
C17 MC3 GD . -41.04 1.63 22.31
C18 MC3 GD . -40.67 2.87 23.14
C19 MC3 GD . -40.97 2.59 24.61
C20 MC3 GD . -40.76 3.87 25.42
C21 MC3 GD . -41.26 3.64 26.85
C22 MC3 GD . -41.12 4.91 27.68
C23 MC3 GD . -41.60 4.64 29.10
C24 MC3 GD . -41.66 5.94 29.90
H121 MC3 GD . -40.03 0.49 16.11
H122 MC3 GD . -40.87 -0.80 15.72
H131 MC3 GD . -40.42 -0.96 17.99
H132 MC3 GD . -41.97 -0.62 17.85
H141 MC3 GD . -41.48 1.66 18.25
H142 MC3 GD . -39.96 1.31 18.41
H151 MC3 GD . -40.48 -0.04 20.30
H152 MC3 GD . -42.00 0.40 20.16
H161 MC3 GD . -41.39 2.65 20.55
H162 MC3 GD . -39.88 2.20 20.70
H171 MC3 GD . -40.49 0.88 22.58
H172 MC3 GD . -41.97 1.42 22.44
H181 MC3 GD . -41.21 3.62 22.84
H182 MC3 GD . -39.74 3.07 23.03
H191 MC3 GD . -40.36 1.91 24.94
H192 MC3 GD . -41.88 2.29 24.71
H201 MC3 GD . -41.26 4.60 25.02
H202 MC3 GD . -39.83 4.11 25.44
H211 MC3 GD . -40.74 2.93 27.25
H212 MC3 GD . -42.19 3.38 26.82
H221 MC3 GD . -41.66 5.61 27.28
H222 MC3 GD . -40.20 5.19 27.69
H231 MC3 GD . -40.98 4.03 29.52
H232 MC3 GD . -42.48 4.23 29.07
H241 MC3 GD . -42.19 6.58 29.41
H242 MC3 GD . -42.07 5.76 30.76
H243 MC3 GD . -40.76 6.28 30.03
C15 MC3 HD . -42.36 4.72 17.29
C16 MC3 HD . -42.26 6.00 18.11
C17 MC3 HD . -42.31 5.66 19.59
C18 MC3 HD . -42.34 6.94 20.42
C19 MC3 HD . -42.54 6.59 21.89
C20 MC3 HD . -42.60 7.87 22.72
C21 MC3 HD . -42.64 7.50 24.20
C22 MC3 HD . -42.84 8.76 25.05
C23 MC3 HD . -43.02 8.36 26.51
C24 MC3 HD . -43.42 9.59 27.33
H151 MC3 HD . -42.17 4.91 16.35
H152 MC3 HD . -41.71 4.07 17.62
H161 MC3 HD . -43.01 6.57 17.88
H162 MC3 HD . -41.43 6.45 17.90
H171 MC3 HD . -41.53 5.14 19.83
H172 MC3 HD . -43.11 5.13 19.78
H181 MC3 HD . -43.06 7.51 20.11
H182 MC3 HD . -41.50 7.42 20.32
H191 MC3 HD . -41.81 6.04 22.20
H192 MC3 HD . -43.37 6.09 21.99
H201 MC3 HD . -43.40 8.37 22.49
H202 MC3 HD . -41.82 8.41 22.55
H211 MC3 HD . -41.81 7.08 24.45
H212 MC3 HD . -43.38 6.90 24.36
H221 MC3 HD . -43.63 9.24 24.74
H222 MC3 HD . -42.06 9.32 24.96
H231 MC3 HD . -42.19 8.00 26.85
H232 MC3 HD . -43.72 7.70 26.57
H241 MC3 HD . -43.45 9.35 28.27
H242 MC3 HD . -42.77 10.30 27.18
H243 MC3 HD . -44.30 9.90 27.04
C15 MC3 ID . -44.94 1.56 17.38
C16 MC3 ID . -45.34 1.29 18.83
C17 MC3 ID . -45.34 2.60 19.62
C18 MC3 ID . -45.54 2.30 21.10
C19 MC3 ID . -45.42 3.60 21.90
C20 MC3 ID . -45.76 3.30 23.36
C21 MC3 ID . -45.48 4.53 24.20
C22 MC3 ID . -45.78 4.23 25.67
C23 MC3 ID . -45.57 5.49 26.51
C24 MC3 ID . -46.05 5.23 27.94
H151 MC3 ID . -44.67 0.72 16.96
H152 MC3 ID . -44.19 2.18 17.36
H161 MC3 ID . -44.70 0.67 19.23
H162 MC3 ID . -46.23 0.89 18.86
H171 MC3 ID . -46.05 3.17 19.30
H172 MC3 ID . -44.48 3.05 19.49
H181 MC3 ID . -44.86 1.68 21.40
H182 MC3 ID . -46.41 1.91 21.23
H191 MC3 ID . -46.03 4.25 21.55
H192 MC3 ID . -44.51 3.92 21.84
H201 MC3 ID . -45.23 2.55 23.68
H202 MC3 ID . -46.71 3.07 23.43
H211 MC3 ID . -46.05 5.27 23.91
H212 MC3 ID . -44.55 4.79 24.11
H221 MC3 ID . -45.18 3.54 25.98
H222 MC3 ID . -46.70 3.92 25.77
H231 MC3 ID . -46.08 6.22 26.13
H232 MC3 ID . -44.63 5.70 26.53
H241 MC3 ID . -45.96 6.04 28.47
H242 MC3 ID . -46.98 4.96 27.92
H243 MC3 ID . -45.52 4.52 28.34
C15 MC3 JD . -42.64 8.94 14.27
C16 MC3 JD . -43.28 8.79 15.65
C17 MC3 JD . -43.03 10.07 16.46
C18 MC3 JD . -43.54 9.88 17.89
C19 MC3 JD . -43.42 11.19 18.67
C20 MC3 JD . -43.87 10.98 20.11
C21 MC3 JD . -43.57 12.23 20.92
C22 MC3 JD . -43.97 12.02 22.38
C23 MC3 JD . -43.59 13.25 23.20
C24 MC3 JD . -44.19 13.17 24.59
H151 MC3 JD . -43.29 9.33 13.66
H152 MC3 JD . -41.87 9.52 14.33
H161 MC3 JD . -42.87 8.04 16.12
H162 MC3 JD . -44.23 8.65 15.56
H171 MC3 JD . -43.50 10.81 16.05
H172 MC3 JD . -42.08 10.26 16.49
H181 MC3 JD . -43.01 9.19 18.34
H182 MC3 JD . -44.47 9.60 17.87
H191 MC3 JD . -43.98 11.86 18.24
H192 MC3 JD . -42.50 11.49 18.66
H201 MC3 JD . -43.41 10.22 20.49
H202 MC3 JD . -44.83 10.81 20.13
H211 MC3 JD . -44.06 12.98 20.55
H212 MC3 JD . -42.61 12.41 20.88
H221 MC3 JD . -43.51 11.24 22.74
H222 MC3 JD . -44.93 11.89 22.43
H231 MC3 JD . -43.91 14.05 22.75
H232 MC3 JD . -42.61 13.30 23.27
H241 MC3 JD . -44.00 13.99 25.08
H242 MC3 JD . -45.15 13.06 24.52
H243 MC3 JD . -43.82 12.42 25.06
C13 MC3 KD . -38.21 8.39 15.48
C14 MC3 KD . -38.71 9.58 16.30
C15 MC3 KD . -38.85 9.18 17.76
C16 MC3 KD . -39.25 10.40 18.59
C17 MC3 KD . -39.20 10.05 20.07
C18 MC3 KD . -39.42 11.30 20.92
C19 MC3 KD . -39.17 10.98 22.39
C20 MC3 KD . -39.59 12.16 23.27
C21 MC3 KD . -39.43 11.76 24.73
C22 MC3 KD . -40.05 12.82 25.64
C23 MC3 KD . -40.00 12.37 27.09
C24 MC3 KD . -40.56 13.45 28.00
H131 MC3 KD . -37.52 8.69 14.86
H132 MC3 KD . -38.94 8.02 14.97
H141 MC3 KD . -39.57 9.87 15.95
H142 MC3 KD . -38.08 10.31 16.21
H151 MC3 KD . -39.52 8.50 17.85
H152 MC3 KD . -38.00 8.83 18.08
H161 MC3 KD . -40.15 10.66 18.35
H162 MC3 KD . -38.65 11.13 18.40
H171 MC3 KD . -38.33 9.67 20.28
H172 MC3 KD . -39.89 9.40 20.27
H181 MC3 KD . -40.33 11.61 20.80
H182 MC3 KD . -38.80 12.00 20.63
H191 MC3 KD . -38.23 10.80 22.53
H192 MC3 KD . -39.68 10.19 22.63
H201 MC3 KD . -40.52 12.38 23.09
H202 MC3 KD . -39.02 12.91 23.08
H211 MC3 KD . -38.50 11.67 24.94
H212 MC3 KD . -39.88 10.91 24.89
H221 MC3 KD . -40.98 12.97 25.38
H222 MC3 KD . -39.55 13.64 25.54
H231 MC3 KD . -39.08 12.18 27.34
H232 MC3 KD . -40.53 11.57 27.20
H241 MC3 KD . -40.45 13.20 28.92
H242 MC3 KD . -40.08 14.29 27.83
H243 MC3 KD . -41.50 13.59 27.80
C1 MC3 LD . -28.64 24.78 6.35
C2 MC3 LD . -27.98 24.71 7.73
C3 MC3 LD . -26.47 24.88 7.54
C4 MC3 LD . -29.31 20.38 7.48
C5 MC3 LD . -28.37 19.67 8.44
C6 MC3 LD . -26.34 20.40 7.38
C7 MC3 LD . -26.34 18.57 8.85
C8 MC3 LD . -27.30 18.34 6.71
C11 MC3 LD . -24.52 25.41 8.70
C12 MC3 LD . -23.80 25.87 9.96
C13 MC3 LD . -24.69 25.63 11.17
C14 MC3 LD . -24.03 26.27 12.39
C15 MC3 LD . -24.84 25.99 13.64
C16 MC3 LD . -24.03 26.47 14.84
C17 MC3 LD . -24.93 26.68 16.04
C18 MC3 LD . -24.07 26.99 17.25
C19 MC3 LD . -24.94 27.32 18.46
C20 MC3 LD . -24.04 27.84 19.59
C21 MC3 LD . -24.91 28.35 20.73
C22 MC3 LD . -24.05 29.16 21.72
C31 MC3 LD . -28.98 25.39 9.78
C32 MC3 LD . -28.97 26.43 10.90
C33 MC3 LD . -29.31 25.79 12.23
C34 MC3 LD . -28.94 26.77 13.33
C35 MC3 LD . -29.31 26.20 14.70
C36 MC3 LD . -28.82 27.18 15.77
C37 MC3 LD . -29.20 26.70 17.16
C38 MC3 LD . -28.87 27.81 18.14
C39 MC3 LD . -29.32 27.44 19.55
C40 MC3 LD . -29.32 28.69 20.40
C41 MC3 LD . -29.57 28.33 21.86
C42 MC3 LD . -29.37 29.56 22.74
C43 MC3 LD . -30.63 30.41 22.73
N MC3 LD . -27.11 19.25 7.83
O2 MC3 LD . -28.48 25.75 8.52
O3 MC3 LD . -25.84 24.98 8.78
O11 MC3 LD . -23.96 25.43 7.66
O31 MC3 LD . -29.39 24.31 9.98
O1P MC3 LD . -30.48 22.52 5.40
O2P MC3 LD . -28.45 21.27 4.75
O3P MC3 LD . -28.21 23.69 5.59
O4P MC3 LD . -28.89 21.69 7.25
P MC3 LD . -29.02 22.27 5.73
H11 MC3 LD . -29.60 24.73 6.45
H12 MC3 LD . -28.39 25.60 5.92
H2 MC3 LD . -28.16 23.86 8.14
H31 MC3 LD . -26.30 25.68 7.02
H32 MC3 LD . -26.13 24.11 7.06
H41 MC3 LD . -30.20 20.41 7.88
H42 MC3 LD . -29.36 19.91 6.63
H51 MC3 LD . -28.17 20.25 9.17
H52 MC3 LD . -28.81 18.88 8.78
H61 MC3 LD . -26.29 21.05 8.10
H62 MC3 LD . -25.46 20.10 7.15
H63 MC3 LD . -26.77 20.79 6.60
H71 MC3 LD . -26.82 17.79 9.15
H72 MC3 LD . -25.49 18.30 8.47
H73 MC3 LD . -26.19 19.18 9.58
H81 MC3 LD . -27.67 18.82 5.96
H82 MC3 LD . -26.44 17.97 6.46
H83 MC3 LD . -27.89 17.63 6.96
H121 MC3 LD . -23.60 26.81 9.89
H122 MC3 LD . -22.99 25.36 10.06
H131 MC3 LD . -24.79 24.67 11.32
H132 MC3 LD . -25.56 26.02 11.03
H141 MC3 LD . -23.97 27.22 12.25
H142 MC3 LD . -23.15 25.90 12.49
H151 MC3 LD . -24.99 25.04 13.73
H152 MC3 LD . -25.67 26.47 13.61
H161 MC3 LD . -23.59 27.29 14.62
H162 MC3 LD . -23.36 25.79 15.06
H171 MC3 LD . -25.46 25.89 16.20
H172 MC3 LD . -25.52 27.43 15.86
H181 MC3 LD . -23.50 27.74 17.06
H182 MC3 LD . -23.53 26.21 17.46
H191 MC3 LD . -25.40 26.53 18.76
H192 MC3 LD . -25.58 28.00 18.21
H201 MC3 LD . -23.49 28.55 19.25
H202 MC3 LD . -23.48 27.11 19.91
H211 MC3 LD . -25.30 27.60 21.20
H212 MC3 LD . -25.60 28.92 20.39
H221 MC3 LD . -23.26 29.49 21.26
H222 MC3 LD . -23.78 28.59 22.45
H321 MC3 LD . -28.10 26.84 10.95
H322 MC3 LD . -29.62 27.12 10.69
H331 MC3 LD . -30.26 25.61 12.27
H332 MC3 LD . -28.81 24.97 12.33
H341 MC3 LD . -27.98 26.92 13.32
H342 MC3 LD . -29.40 27.60 13.19
H351 MC3 LD . -30.27 26.11 14.76
H352 MC3 LD . -28.88 25.34 14.82
H361 MC3 LD . -27.85 27.25 15.71
H362 MC3 LD . -29.21 28.04 15.61
H371 MC3 LD . -30.14 26.51 17.19
H372 MC3 LD . -28.70 25.91 17.39
H381 MC3 LD . -27.92 27.96 18.15
H382 MC3 LD . -29.32 28.62 17.86
H391 MC3 LD . -30.21 27.06 19.51
H392 MC3 LD . -28.71 26.78 19.92
H401 MC3 LD . -28.47 29.13 20.32
H402 MC3 LD . -30.03 29.28 20.10
H411 MC3 LD . -30.47 28.00 21.96
H412 MC3 LD . -28.95 27.64 22.12
H421 MC3 LD . -29.18 29.28 23.64
H422 MC3 LD . -28.63 30.08 22.39
H431 MC3 LD . -31.18 30.16 21.97
H432 MC3 LD . -31.13 30.27 23.54
C12 MC3 MD . -30.53 30.24 7.87
C13 MC3 MD . -30.45 29.78 9.32
C14 MC3 MD . -30.55 30.98 10.24
C15 MC3 MD . -30.51 30.52 11.70
C16 MC3 MD . -30.70 31.70 12.63
C17 MC3 MD . -30.72 31.20 14.08
C18 MC3 MD . -30.76 32.39 15.03
C19 MC3 MD . -30.76 31.88 16.47
C20 MC3 MD . -30.69 33.08 17.41
C21 MC3 MD . -30.80 32.63 18.86
C22 MC3 MD . -30.73 33.87 19.75
C23 MC3 MD . -30.98 33.47 21.20
C24 MC3 MD . -30.84 34.70 22.10
H121 MC3 MD . -31.43 30.49 7.66
H122 MC3 MD . -30.25 29.51 7.28
H131 MC3 MD . -29.61 29.32 9.48
H132 MC3 MD . -31.18 29.17 9.51
H141 MC3 MD . -31.38 31.45 10.08
H142 MC3 MD . -29.81 31.58 10.08
H151 MC3 MD . -29.65 30.10 11.88
H152 MC3 MD . -31.22 29.88 11.84
H161 MC3 MD . -31.55 32.13 12.44
H162 MC3 MD . -29.98 32.33 12.52
H171 MC3 MD . -29.91 30.69 14.25
H172 MC3 MD . -31.49 30.63 14.22
H181 MC3 MD . -31.57 32.89 14.87
H182 MC3 MD . -29.99 32.95 14.89
H191 MC3 MD . -29.99 31.32 16.61
H192 MC3 MD . -31.57 31.38 16.64
H201 MC3 MD . -31.42 33.69 17.20
H202 MC3 MD . -29.84 33.54 17.28
H211 MC3 MD . -30.07 32.04 19.07
H212 MC3 MD . -31.64 32.18 18.99
H221 MC3 MD . -31.40 34.51 19.47
H222 MC3 MD . -29.85 34.27 19.68
H231 MC3 MD . -30.34 32.80 21.47
H232 MC3 MD . -31.88 33.11 21.29
H241 MC3 MD . -31.50 35.36 21.86
H242 MC3 MD . -30.95 34.44 23.03
H243 MC3 MD . -29.95 35.08 21.98
C12 MC3 ND . -32.99 25.70 6.76
C13 MC3 ND . -33.79 26.46 7.81
C14 MC3 ND . -33.09 26.34 9.16
C15 MC3 ND . -33.91 27.06 10.23
C16 MC3 ND . -33.15 26.99 11.56
C17 MC3 ND . -33.92 27.74 12.65
C18 MC3 ND . -33.14 27.70 13.95
C19 MC3 ND . -34.04 28.19 15.07
C20 MC3 ND . -33.27 28.28 16.39
C21 MC3 ND . -34.22 28.78 17.47
C22 MC3 ND . -33.45 29.17 18.73
C23 MC3 ND . -34.43 29.81 19.70
C24 MC3 ND . -33.69 30.39 20.90
H121 MC3 ND . -32.12 26.10 6.65
H122 MC3 ND . -33.46 25.72 5.91
H131 MC3 ND . -34.69 26.09 7.88
H132 MC3 ND . -33.85 27.39 7.56
H141 MC3 ND . -32.21 26.74 9.11
H142 MC3 ND . -33.01 25.41 9.40
H151 MC3 ND . -34.77 26.64 10.32
H152 MC3 ND . -34.03 27.99 9.97
H161 MC3 ND . -32.28 27.40 11.45
H162 MC3 ND . -33.05 26.07 11.82
H171 MC3 ND . -34.79 27.33 12.77
H172 MC3 ND . -34.05 28.67 12.37
H181 MC3 ND . -32.36 28.27 13.88
H182 MC3 ND . -32.87 26.79 14.13
H191 MC3 ND . -34.78 27.58 15.18
H192 MC3 ND . -34.38 29.08 14.84
H201 MC3 ND . -32.54 28.91 16.29
H202 MC3 ND . -32.93 27.42 16.63
H211 MC3 ND . -34.84 28.08 17.69
H212 MC3 ND . -34.70 29.55 17.14
H221 MC3 ND . -32.76 29.80 18.50
H222 MC3 ND . -33.06 28.38 19.12
H231 MC3 ND . -35.07 29.15 20.00
H232 MC3 ND . -34.90 30.53 19.25
H241 MC3 ND . -34.31 30.83 21.49
H242 MC3 ND . -33.23 29.67 21.37
H243 MC3 ND . -33.02 31.03 20.59
C16 MC3 OD . -34.91 32.04 9.67
C17 MC3 OD . -35.52 31.64 11.01
C18 MC3 OD . -34.77 32.35 12.13
C19 MC3 OD . -35.49 32.14 13.46
C20 MC3 OD . -34.79 32.94 14.56
C21 MC3 OD . -35.52 32.76 15.88
C22 MC3 OD . -34.93 33.72 16.92
C23 MC3 OD . -35.72 33.62 18.21
C24 MC3 OD . -35.16 34.61 19.23
H161 MC3 OD . -33.96 32.17 9.78
H162 MC3 OD . -35.08 31.35 9.02
H171 MC3 OD . -35.45 30.69 11.13
H172 MC3 OD . -36.46 31.90 11.04
H181 MC3 OD . -34.72 33.30 11.94
H182 MC3 OD . -33.88 31.99 12.20
H191 MC3 OD . -35.48 31.20 13.69
H192 MC3 OD . -36.41 32.43 13.38
H201 MC3 OD . -34.79 33.88 14.31
H202 MC3 OD . -33.88 32.64 14.65
H211 MC3 OD . -35.42 31.85 16.18
H212 MC3 OD . -36.46 32.96 15.76
H221 MC3 OD . -34.98 34.62 16.58
H222 MC3 OD . -34.01 33.48 17.07
H231 MC3 OD . -35.64 32.72 18.57
H232 MC3 OD . -36.65 33.81 18.05
H241 MC3 OD . -35.63 34.51 20.08
H242 MC3 OD . -34.22 34.44 19.37
H243 MC3 OD . -35.28 35.51 18.90
C14 MC3 PD . -31.65 35.19 8.54
C15 MC3 PD . -32.47 35.12 9.83
C16 MC3 PD . -31.65 35.71 10.97
C17 MC3 PD . -32.50 35.76 12.24
C18 MC3 PD . -31.74 36.49 13.34
C19 MC3 PD . -32.49 36.32 14.67
C20 MC3 PD . -31.77 37.10 15.78
C21 MC3 PD . -32.52 36.87 17.09
C22 MC3 PD . -31.91 37.74 18.18
C23 MC3 PD . -32.73 37.59 19.47
C24 MC3 PD . -32.23 38.58 20.52
H141 MC3 PD . -32.00 34.54 7.91
H142 MC3 PD . -30.73 34.98 8.73
H151 MC3 PD . -32.69 34.20 10.02
H152 MC3 PD . -33.29 35.63 9.72
H161 MC3 PD . -31.38 36.62 10.74
H162 MC3 PD . -30.87 35.16 11.13
H171 MC3 PD . -32.69 34.85 12.54
H172 MC3 PD . -33.33 36.21 12.05
H181 MC3 PD . -31.69 37.44 13.12
H182 MC3 PD . -30.85 36.14 13.42
H191 MC3 PD . -32.52 35.39 14.90
H192 MC3 PD . -33.39 36.67 14.56
H201 MC3 PD . -31.78 38.05 15.56
H202 MC3 PD . -30.86 36.79 15.86
H211 MC3 PD . -32.45 35.93 17.34
H212 MC3 PD . -33.46 37.10 16.98
H221 MC3 PD . -31.94 38.67 17.91
H222 MC3 PD . -31.00 37.47 18.35
H231 MC3 PD . -32.63 36.68 19.80
H232 MC3 PD . -33.66 37.76 19.28
H241 MC3 PD . -32.72 38.45 21.34
H242 MC3 PD . -31.29 38.44 20.68
H243 MC3 PD . -32.37 39.48 20.19
C2 MC3 QD . -24.12 30.61 7.37
C3 MC3 QD . -25.10 29.65 8.05
C11 MC3 QD . -25.97 29.65 10.23
C12 MC3 QD . -26.08 30.69 11.35
C13 MC3 QD . -26.35 30.04 12.69
C14 MC3 QD . -26.30 31.13 13.75
C15 MC3 QD . -26.50 30.55 15.15
C16 MC3 QD . -26.32 31.68 16.16
C17 MC3 QD . -26.47 31.17 17.59
C18 MC3 QD . -26.35 32.35 18.54
C19 MC3 QD . -26.58 31.90 19.99
C20 MC3 QD . -26.46 33.13 20.90
C21 MC3 QD . -26.62 32.70 22.36
C22 MC3 QD . -26.58 33.95 23.24
C23 MC3 QD . -26.79 33.55 24.71
C24 MC3 QD . -26.83 34.80 25.58
C31 MC3 QD . -22.98 32.64 7.74
C32 MC3 QD . -22.45 33.73 8.66
C33 MC3 QD . -23.07 33.55 10.05
C34 MC3 QD . -22.31 34.39 11.07
C35 MC3 QD . -23.04 34.33 12.40
C36 MC3 QD . -22.24 35.04 13.49
C37 MC3 QD . -23.03 34.98 14.78
C38 MC3 QD . -22.34 35.78 15.88
C39 MC3 QD . -23.21 35.74 17.13
C40 MC3 QD . -22.61 36.59 18.23
C41 MC3 QD . -23.60 36.64 19.40
C42 MC3 QD . -22.96 37.37 20.58
C43 MC3 QD . -23.87 37.27 21.79
C44 MC3 QD . -23.17 37.85 23.02
O2 MC3 QD . -23.91 31.71 8.21
O3 MC3 QD . -24.83 29.65 9.43
O11 MC3 QD . -26.83 28.86 10.07
O31 MC3 QD . -22.61 32.58 6.61
H2 MC3 QD . -24.52 30.92 6.53
H31 MC3 QD . -24.98 28.76 7.69
H32 MC3 QD . -26.01 29.95 7.90
H121 MC3 QD . -26.80 31.29 11.14
H122 MC3 QD . -25.25 31.19 11.39
H131 MC3 QD . -25.67 29.37 12.88
H132 MC3 QD . -27.22 29.63 12.69
H141 MC3 QD . -26.99 31.78 13.58
H142 MC3 QD . -25.44 31.57 13.72
H151 MC3 QD . -25.83 29.86 15.32
H152 MC3 QD . -27.38 30.18 15.22
H161 MC3 QD . -27.00 32.36 15.99
H162 MC3 QD . -25.45 32.08 16.06
H171 MC3 QD . -25.78 30.51 17.77
H172 MC3 QD . -27.34 30.75 17.70
H181 MC3 QD . -27.00 33.02 18.31
H182 MC3 QD . -25.46 32.72 18.46
H191 MC3 QD . -25.90 31.25 20.23
H192 MC3 QD . -27.45 31.52 20.07
H201 MC3 QD . -27.16 33.76 20.67
H202 MC3 QD . -25.60 33.53 20.77
H211 MC3 QD . -25.90 32.11 22.60
H212 MC3 QD . -27.47 32.25 22.47
H221 MC3 QD . -27.28 34.56 22.98
H222 MC3 QD . -25.71 34.38 23.15
H231 MC3 QD . -26.06 32.98 24.99
H232 MC3 QD . -27.63 33.08 24.79
H241 MC3 QD . -26.03 35.34 25.42
H242 MC3 QD . -26.86 34.54 26.51
H243 MC3 QD . -27.61 35.32 25.36
H321 MC3 QD . -21.49 33.66 8.72
H322 MC3 QD . -22.69 34.59 8.31
H331 MC3 QD . -23.99 33.84 10.02
H332 MC3 QD . -23.03 32.62 10.30
H341 MC3 QD . -21.41 34.03 11.18
H342 MC3 QD . -22.25 35.30 10.76
H351 MC3 QD . -23.90 34.76 12.31
H352 MC3 QD . -23.17 33.41 12.66
H361 MC3 QD . -21.39 34.59 13.61
H362 MC3 QD . -22.09 35.97 13.23
H371 MC3 QD . -23.91 35.34 14.63
H372 MC3 QD . -23.11 34.06 15.06
H381 MC3 QD . -21.47 35.39 16.07
H382 MC3 QD . -22.23 36.70 15.59
H391 MC3 QD . -24.10 36.04 16.91
H392 MC3 QD . -23.27 34.82 17.43
H401 MC3 QD . -21.78 36.20 18.54
H402 MC3 QD . -22.45 37.48 17.90
H411 MC3 QD . -24.39 37.12 19.13
H412 MC3 QD . -23.83 35.74 19.67
H421 MC3 QD . -22.10 36.96 20.78
H422 MC3 QD . -22.83 38.30 20.35
H431 MC3 QD . -24.68 37.76 21.63
H432 MC3 QD . -24.09 36.34 21.97
H441 MC3 QD . -22.38 37.33 23.22
H442 MC3 QD . -22.92 38.77 22.85
H443 MC3 QD . -23.77 37.82 23.78
C11 MC3 RD . -20.64 29.75 9.52
C12 MC3 RD . -21.13 29.24 10.86
C13 MC3 RD . -21.18 30.42 11.85
C14 MC3 RD . -21.87 30.00 13.15
C15 MC3 RD . -21.62 31.07 14.20
C16 MC3 RD . -22.01 30.60 15.59
C17 MC3 RD . -21.71 31.72 16.58
C18 MC3 RD . -21.96 31.28 18.03
C19 MC3 RD . -21.86 32.50 18.94
C20 MC3 RD . -22.07 32.12 20.40
C21 MC3 RD . -22.06 33.39 21.24
C22 MC3 RD . -22.19 33.05 22.73
C23 MC3 RD . -21.95 34.32 23.55
C24 MC3 RD . -21.76 33.97 25.03
H121 MC3 RD . -20.53 28.58 11.20
H122 MC3 RD . -22.02 28.87 10.77
H131 MC3 RD . -21.65 31.15 11.46
H132 MC3 RD . -20.27 30.68 12.05
H141 MC3 RD . -21.51 29.15 13.45
H142 MC3 RD . -22.82 29.92 12.99
H151 MC3 RD . -22.14 31.86 13.99
H152 MC3 RD . -20.69 31.30 14.21
H161 MC3 RD . -21.51 29.81 15.83
H162 MC3 RD . -22.96 30.39 15.62
H171 MC3 RD . -20.79 31.98 16.48
H172 MC3 RD . -22.28 32.47 16.39
H181 MC3 RD . -21.29 30.63 18.29
H182 MC3 RD . -22.84 30.89 18.10
H191 MC3 RD . -22.54 33.14 18.68
H192 MC3 RD . -20.99 32.91 18.83
H201 MC3 RD . -21.35 31.54 20.68
H202 MC3 RD . -22.91 31.67 20.50
H211 MC3 RD . -22.80 33.94 20.97
H212 MC3 RD . -21.23 33.86 21.08
H221 MC3 RD . -21.53 32.39 22.97
H222 MC3 RD . -23.07 32.72 22.90
H231 MC3 RD . -22.72 34.90 23.46
H232 MC3 RD . -21.16 34.77 23.23
H241 MC3 RD . -20.98 33.40 25.12
H242 MC3 RD . -21.63 34.77 25.53
H243 MC3 RD . -22.54 33.50 25.34
C12 MC3 SD . -26.86 34.10 7.06
C13 MC3 SD . -27.74 34.10 8.30
C14 MC3 SD . -26.94 34.62 9.50
C15 MC3 SD . -27.82 34.64 10.74
C16 MC3 SD . -26.99 35.09 11.93
C17 MC3 SD . -27.88 35.13 13.17
C18 MC3 SD . -27.03 35.50 14.39
C19 MC3 SD . -27.92 35.60 15.62
C20 MC3 SD . -27.11 36.13 16.80
C21 MC3 SD . -28.06 36.42 17.97
C22 MC3 SD . -27.29 37.01 19.15
C23 MC3 SD . -28.27 37.25 20.31
C24 MC3 SD . -27.58 38.02 21.43
H121 MC3 SD . -26.03 33.65 7.25
H122 MC3 SD . -27.31 33.64 6.34
H131 MC3 SD . -28.03 33.19 8.49
H132 MC3 SD . -28.51 34.66 8.16
H141 MC3 SD . -26.63 35.51 9.31
H142 MC3 SD . -26.18 34.05 9.65
H151 MC3 SD . -28.16 33.74 10.91
H152 MC3 SD . -28.56 35.25 10.61
H161 MC3 SD . -26.64 35.98 11.77
H162 MC3 SD . -26.26 34.48 12.08
H171 MC3 SD . -28.27 34.25 13.32
H172 MC3 SD . -28.57 35.78 13.05
H181 MC3 SD . -26.61 36.37 14.24
H182 MC3 SD . -26.35 34.84 14.54
H191 MC3 SD . -28.26 34.71 15.85
H192 MC3 SD . -28.66 36.20 15.45
H201 MC3 SD . -26.67 36.95 16.55
H202 MC3 SD . -26.46 35.48 17.08
H211 MC3 SD . -28.49 35.59 18.24
H212 MC3 SD . -28.74 37.05 17.68
H221 MC3 SD . -26.89 37.84 18.89
H222 MC3 SD . -26.61 36.38 19.43
H231 MC3 SD . -28.58 36.40 20.64
H232 MC3 SD . -29.03 37.75 19.98
H241 MC3 SD . -27.17 38.82 21.06
H242 MC3 SD . -28.23 38.26 22.10
H243 MC3 SD . -26.89 37.46 21.83
C15 MC3 TD . -24.36 37.93 9.15
C16 MC3 TD . -23.60 38.55 10.33
C17 MC3 TD . -24.42 38.40 11.60
C18 MC3 TD . -23.73 39.14 12.75
C19 MC3 TD . -24.65 39.12 13.98
C20 MC3 TD . -23.98 39.87 15.12
C21 MC3 TD . -24.82 39.70 16.38
C22 MC3 TD . -24.24 40.56 17.52
C23 MC3 TD . -25.17 40.49 18.72
C24 MC3 TD . -24.72 41.51 19.78
H151 MC3 TD . -23.76 37.87 8.38
H152 MC3 TD . -24.65 37.03 9.40
H161 MC3 TD . -23.46 39.49 10.14
H162 MC3 TD . -22.75 38.11 10.43
H171 MC3 TD . -24.50 37.47 11.82
H172 MC3 TD . -25.31 38.77 11.46
H181 MC3 TD . -23.56 40.06 12.49
H182 MC3 TD . -22.90 38.71 12.96
H191 MC3 TD . -24.80 38.20 14.24
H192 MC3 TD . -25.48 39.54 13.76
H201 MC3 TD . -23.91 40.81 14.90
H202 MC3 TD . -23.09 39.51 15.28
H211 MC3 TD . -24.81 38.77 16.65
H212 MC3 TD . -25.73 39.98 16.20
H221 MC3 TD . -24.16 41.48 17.21
H222 MC3 TD . -23.37 40.22 17.75
H231 MC3 TD . -25.15 39.60 19.10
H232 MC3 TD . -26.08 40.71 18.44
H241 MC3 TD . -25.24 41.40 20.57
H242 MC3 TD . -23.79 41.35 19.98
H243 MC3 TD . -24.82 42.40 19.43
C15 MC3 UD . -28.18 38.34 7.79
C16 MC3 UD . -29.11 38.52 8.98
C17 MC3 UD . -28.38 39.24 10.10
C18 MC3 UD . -29.24 39.24 11.36
C19 MC3 UD . -28.46 39.86 12.51
C20 MC3 UD . -29.39 39.99 13.73
C21 MC3 UD . -28.59 40.43 14.94
C22 MC3 UD . -29.51 40.51 16.16
C23 MC3 UD . -28.72 41.03 17.36
C24 MC3 UD . -29.69 41.29 18.52
H151 MC3 UD . -28.53 37.65 7.19
H152 MC3 UD . -27.30 38.06 8.10
H161 MC3 UD . -29.41 37.65 9.29
H162 MC3 UD . -29.88 39.05 8.71
H171 MC3 UD . -28.18 40.15 9.83
H172 MC3 UD . -27.53 38.78 10.29
H181 MC3 UD . -29.49 38.34 11.58
H182 MC3 UD . -30.04 39.76 11.19
H191 MC3 UD . -28.14 40.74 12.26
H192 MC3 UD . -27.71 39.29 12.75
H201 MC3 UD . -29.81 39.13 13.90
H202 MC3 UD . -30.08 40.65 13.53
H211 MC3 UD . -28.20 41.31 14.77
H212 MC3 UD . -27.88 39.80 15.10
H221 MC3 UD . -29.84 39.63 16.36
H222 MC3 UD . -30.25 41.10 15.97
H231 MC3 UD . -28.28 41.86 17.12
H232 MC3 UD . -28.07 40.37 17.62
H241 MC3 UD . -29.19 41.66 19.28
H242 MC3 UD . -30.37 41.92 18.24
H243 MC3 UD . -30.11 40.46 18.78
C15 MC3 VD . -20.13 40.50 7.55
C16 MC3 VD . -21.07 40.94 8.67
C17 MC3 VD . -20.24 41.44 9.86
C18 MC3 VD . -21.17 41.76 11.03
C19 MC3 VD . -20.35 42.39 12.17
C20 MC3 VD . -21.27 42.65 13.36
C21 MC3 VD . -20.43 43.08 14.56
C22 MC3 VD . -21.33 43.30 15.78
C23 MC3 VD . -20.46 43.65 16.99
C24 MC3 VD . -21.34 44.13 18.14
H151 MC3 VD . -19.94 41.26 6.97
H152 MC3 VD . -19.30 40.17 7.93
H161 MC3 VD . -21.61 40.19 8.96
H162 MC3 VD . -21.64 41.66 8.35
H171 MC3 VD . -19.76 42.25 9.60
H172 MC3 VD . -19.60 40.76 10.12
H181 MC3 VD . -21.59 40.94 11.34
H182 MC3 VD . -21.86 42.38 10.74
H191 MC3 VD . -19.97 43.23 11.87
H192 MC3 VD . -19.65 41.78 12.44
H201 MC3 VD . -21.75 41.84 13.58
H202 MC3 VD . -21.90 43.35 13.14
H211 MC3 VD . -19.97 43.91 14.35
H212 MC3 VD . -19.78 42.39 14.76
H221 MC3 VD . -21.83 42.49 15.96
H222 MC3 VD . -21.95 44.03 15.59
H231 MC3 VD . -19.85 44.37 16.75
H232 MC3 VD . -19.95 42.88 17.25
H241 MC3 VD . -20.78 44.42 18.88
H242 MC3 VD . -21.89 44.86 17.85
H243 MC3 VD . -21.91 43.39 18.43
C13 MC3 WD . -18.70 36.49 9.39
C14 MC3 WD . -18.32 37.57 10.41
C15 MC3 WD . -19.24 37.46 11.63
C16 MC3 WD . -18.79 38.47 12.69
C17 MC3 WD . -19.58 38.24 13.98
C18 MC3 WD . -19.01 39.11 15.10
C19 MC3 WD . -19.67 38.72 16.42
C20 MC3 WD . -19.29 39.72 17.51
C21 MC3 WD . -20.05 39.37 18.79
C22 MC3 WD . -19.85 40.48 19.83
C23 MC3 WD . -20.71 40.18 21.06
C24 MC3 WD . -20.47 41.25 22.12
H131 MC3 WD . -17.90 36.09 9.04
H132 MC3 WD . -19.20 36.90 8.65
H141 MC3 WD . -18.43 38.44 10.00
H142 MC3 WD . -17.41 37.44 10.68
H151 MC3 WD . -20.15 37.65 11.37
H152 MC3 WD . -19.19 36.57 11.99
H161 MC3 WD . -18.97 39.37 12.36
H162 MC3 WD . -17.85 38.37 12.86
H171 MC3 WD . -19.50 37.30 14.23
H172 MC3 WD . -20.51 38.46 13.83
H181 MC3 WD . -19.20 40.04 14.90
H182 MC3 WD . -18.05 38.98 15.16
H191 MC3 WD . -19.37 37.84 16.69
H192 MC3 WD . -20.63 38.72 16.31
H201 MC3 WD . -19.52 40.62 17.23
H202 MC3 WD . -18.33 39.66 17.68
H211 MC3 WD . -19.70 38.54 19.14
H212 MC3 WD . -20.99 39.28 18.59
H221 MC3 WD . -20.12 41.33 19.46
H222 MC3 WD . -18.92 40.52 20.10
H231 MC3 WD . -20.46 39.31 21.42
H232 MC3 WD . -21.64 40.18 20.82
H241 MC3 WD . -20.95 41.02 22.93
H242 MC3 WD . -19.53 41.31 22.31
H243 MC3 WD . -20.78 42.11 21.79
C1 MC3 XD . 2.25 37.56 7.68
C2 MC3 XD . 2.05 36.98 9.08
C3 MC3 XD . 3.03 35.81 9.24
C4 MC3 XD . -1.92 35.69 7.28
C5 MC3 XD . -2.33 34.51 8.15
C6 MC3 XD . -0.35 33.23 7.78
C7 MC3 XD . -2.28 32.21 8.61
C8 MC3 XD . -2.19 32.88 6.35
C11 MC3 XD . 4.02 34.48 10.87
C12 MC3 XD . 4.30 34.12 12.33
C13 MC3 XD . 3.22 34.73 13.22
C14 MC3 XD . 3.62 34.53 14.67
C15 MC3 XD . 2.53 35.05 15.60
C16 MC3 XD . 2.90 34.64 17.02
C17 MC3 XD . 2.17 35.52 18.02
C18 MC3 XD . 2.41 34.95 19.42
C19 MC3 XD . 1.79 35.87 20.47
C20 MC3 XD . 2.25 35.41 21.86
C21 MC3 XD . 1.80 36.41 22.91
C22 MC3 XD . 2.51 36.14 24.24
C31 MC3 XD . 1.33 38.18 11.00
C32 MC3 XD . 1.75 38.75 12.35
C33 MC3 XD . 0.59 38.67 13.33
C34 MC3 XD . 1.14 38.90 14.73
C35 MC3 XD . 0.02 38.90 15.77
C36 MC3 XD . 0.65 39.03 17.15
C37 MC3 XD . -0.42 39.08 18.23
C38 MC3 XD . 0.27 39.42 19.54
C39 MC3 XD . -0.77 39.60 20.65
C40 MC3 XD . -0.10 40.28 21.83
C41 MC3 XD . -1.03 40.29 23.03
C42 MC3 XD . -0.29 40.80 24.26
C43 MC3 XD . -0.27 42.33 24.25
N MC3 XD . -1.79 33.24 7.70
O2 MC3 XD . 2.32 37.96 10.03
O3 MC3 XD . 2.97 35.33 10.55
O11 MC3 XD . 4.71 34.01 10.02
O31 MC3 XD . 0.20 37.93 10.78
O1P MC3 XD . -0.11 37.84 5.75
O2P MC3 XD . 0.20 35.47 5.17
O3P MC3 XD . 1.91 36.60 6.73
O4P MC3 XD . -0.60 36.07 7.54
P MC3 XD . 0.34 36.50 6.27
H11 MC3 XD . 1.68 38.34 7.57
H12 MC3 XD . 3.18 37.80 7.57
H2 MC3 XD . 1.15 36.65 9.17
H31 MC3 XD . 3.92 36.11 9.04
H32 MC3 XD . 2.78 35.09 8.64
H41 MC3 XD . -2.50 36.44 7.49
H42 MC3 XD . -2.01 35.48 6.34
H51 MC3 XD . -2.03 34.67 9.05
H52 MC3 XD . -3.30 34.45 8.14
H61 MC3 XD . -0.07 33.54 8.65
H62 MC3 XD . -0.02 32.32 7.66
H63 MC3 XD . 0.03 33.80 7.09
H71 MC3 XD . -3.25 32.18 8.56
H72 MC3 XD . -1.92 31.36 8.33
H73 MC3 XD . -2.00 32.43 9.51
H81 MC3 XD . -1.73 33.46 5.72
H82 MC3 XD . -1.94 31.96 6.18
H83 MC3 XD . -3.15 32.99 6.25
H121 MC3 XD . 5.16 34.48 12.59
H122 MC3 XD . 4.30 33.16 12.43
H131 MC3 XD . 2.38 34.29 13.05
H132 MC3 XD . 3.14 35.68 13.02
H141 MC3 XD . 4.44 35.01 14.84
H142 MC3 XD . 3.76 33.59 14.83
H151 MC3 XD . 1.69 34.67 15.36
H152 MC3 XD . 2.50 36.01 15.55
H161 MC3 XD . 3.84 34.73 17.14
H162 MC3 XD . 2.63 33.72 17.15
H171 MC3 XD . 1.22 35.51 17.84
H172 MC3 XD . 2.51 36.42 17.97
H181 MC3 XD . 3.36 34.89 19.58
H182 MC3 XD . 2.01 34.08 19.49
H191 MC3 XD . 0.83 35.81 20.42
H192 MC3 XD . 2.08 36.77 20.32
H201 MC3 XD . 3.21 35.34 21.87
H202 MC3 XD . 1.85 34.54 22.05
H211 MC3 XD . 0.84 36.32 23.04
H212 MC3 XD . 2.00 37.30 22.62
H221 MC3 XD . 3.34 35.67 24.06
H222 MC3 XD . 1.94 35.60 24.81
H321 MC3 XD . 2.50 38.24 12.69
H322 MC3 XD . 2.01 39.67 12.23
H331 MC3 XD . -0.06 39.36 13.13
H332 MC3 XD . 0.17 37.80 13.29
H341 MC3 XD . 1.76 38.19 14.95
H342 MC3 XD . 1.60 39.75 14.76
H351 MC3 XD . -0.56 39.65 15.60
H352 MC3 XD . -0.47 38.08 15.70
H361 MC3 XD . 1.22 38.27 17.30
H362 MC3 XD . 1.18 39.83 17.19
H371 MC3 XD . -1.07 39.77 18.01
H372 MC3 XD . -0.86 38.22 18.31
H381 MC3 XD . 0.87 38.71 19.78
H382 MC3 XD . 0.77 40.24 19.44
H391 MC3 XD . -1.50 40.12 20.34
H392 MC3 XD . -1.08 38.72 20.93
H401 MC3 XD . 0.71 39.82 22.06
H402 MC3 XD . 0.11 41.19 21.59
H411 MC3 XD . -1.78 40.87 22.84
H412 MC3 XD . -1.34 39.39 23.19
H421 MC3 XD . -0.73 40.49 25.06
H422 MC3 XD . 0.62 40.47 24.24
H431 MC3 XD . -0.48 42.65 23.36
H432 MC3 XD . -0.92 42.66 24.87
C12 MC3 YD . 4.99 42.15 10.36
C13 MC3 YD . 4.14 41.82 11.59
C14 MC3 YD . 4.71 42.58 12.79
C15 MC3 YD . 3.83 42.28 14.02
C16 MC3 YD . 4.32 43.10 15.20
C17 MC3 YD . 3.41 42.83 16.40
C18 MC3 YD . 3.96 43.53 17.64
C19 MC3 YD . 3.05 43.25 18.83
C20 MC3 YD . 3.70 43.85 20.08
C21 MC3 YD . 2.77 43.70 21.27
C22 MC3 YD . 3.44 44.32 22.49
C23 MC3 YD . 2.49 44.31 23.68
C24 MC3 YD . 3.19 44.86 24.91
H121 MC3 YD . 4.79 43.04 10.06
H122 MC3 YD . 4.78 41.51 9.65
H131 MC3 YD . 4.17 40.88 11.76
H132 MC3 YD . 3.23 42.10 11.43
H141 MC3 YD . 4.70 43.52 12.61
H142 MC3 YD . 5.61 42.28 12.96
H151 MC3 YD . 3.89 41.34 14.23
H152 MC3 YD . 2.92 42.53 13.82
H161 MC3 YD . 4.30 44.04 14.99
H162 MC3 YD . 5.23 42.84 15.43
H171 MC3 YD . 3.37 41.88 16.56
H172 MC3 YD . 2.52 43.17 16.21
H181 MC3 YD . 4.00 44.48 17.48
H182 MC3 YD . 4.85 43.19 17.82
H191 MC3 YD . 2.96 42.29 18.95
H192 MC3 YD . 2.19 43.64 18.68
H201 MC3 YD . 3.87 44.79 19.92
H202 MC3 YD . 4.53 43.40 20.26
H211 MC3 YD . 2.60 42.75 21.44
H212 MC3 YD . 1.93 44.15 21.10
H221 MC3 YD . 3.69 45.23 22.29
H222 MC3 YD . 4.23 43.81 22.72
H231 MC3 YD . 2.20 43.40 23.86
H232 MC3 YD . 1.71 44.85 23.48
H241 MC3 YD . 3.44 45.78 24.76
H242 MC3 YD . 2.59 44.81 25.67
H243 MC3 YD . 3.98 44.34 25.09
C12 MC3 ZD . 0.58 41.69 7.47
C13 MC3 ZD . 0.39 42.78 8.52
C14 MC3 ZD . 0.17 42.13 9.89
C15 MC3 ZD . -0.07 43.22 10.94
C16 MC3 ZD . -0.21 42.54 12.31
C17 MC3 ZD . -0.41 43.60 13.40
C18 MC3 ZD . -0.52 42.92 14.75
C19 MC3 ZD . -1.00 43.94 15.77
C20 MC3 ZD . -1.00 43.35 17.18
C21 MC3 ZD . -1.50 44.42 18.14
C22 MC3 ZD . -1.25 44.00 19.59
C23 MC3 ZD . -1.60 45.17 20.50
C24 MC3 ZD . -1.20 44.86 21.94
H121 MC3 ZD . 1.38 41.18 7.67
H122 MC3 ZD . 0.67 42.10 6.60
H131 MC3 ZD . -0.39 43.31 8.29
H132 MC3 ZD . 1.17 43.34 8.56
H141 MC3 ZD . 0.95 41.62 10.13
H142 MC3 ZD . -0.61 41.55 9.85
H151 MC3 ZD . -0.88 43.71 10.73
H152 MC3 ZD . 0.68 43.82 10.95
H161 MC3 ZD . 0.59 42.04 12.50
H162 MC3 ZD . -0.97 41.95 12.30
H171 MC3 ZD . -1.23 44.09 13.22
H172 MC3 ZD . 0.33 44.21 13.39
H181 MC3 ZD . 0.35 42.59 15.02
H182 MC3 ZD . -1.14 42.19 14.70
H191 MC3 ZD . -1.90 44.22 15.54
H192 MC3 ZD . -0.41 44.71 15.75
H201 MC3 ZD . -0.10 43.08 17.42
H202 MC3 ZD . -1.60 42.59 17.21
H211 MC3 ZD . -2.45 44.55 18.02
H212 MC3 ZD . -1.03 45.25 17.97
H221 MC3 ZD . -0.32 43.76 19.71
H222 MC3 ZD . -1.81 43.23 19.80
H231 MC3 ZD . -2.56 45.33 20.46
H232 MC3 ZD . -1.13 45.95 20.19
H241 MC3 ZD . -1.40 45.62 22.49
H242 MC3 ZD . -1.69 44.09 22.25
H243 MC3 ZD . -0.25 44.66 21.97
C16 MC3 AE . 3.48 46.80 11.71
C17 MC3 AE . 2.38 47.08 12.72
C18 MC3 AE . 2.92 46.85 14.13
C19 MC3 AE . 1.91 47.33 15.16
C20 MC3 AE . 2.50 47.20 16.56
C21 MC3 AE . 1.51 47.70 17.60
C22 MC3 AE . 2.18 47.73 18.97
C23 MC3 AE . 1.23 48.34 19.99
C24 MC3 AE . 1.93 48.42 21.35
H161 MC3 AE . 4.04 46.07 12.04
H162 MC3 AE . 3.09 46.54 10.86
H171 MC3 AE . 1.63 46.49 12.56
H172 MC3 AE . 2.10 48.00 12.64
H181 MC3 AE . 3.75 47.33 14.25
H182 MC3 AE . 3.07 45.91 14.26
H191 MC3 AE . 1.09 46.80 15.09
H192 MC3 AE . 1.69 48.26 14.99
H201 MC3 AE . 3.31 47.71 16.61
H202 MC3 AE . 2.69 46.26 16.74
H211 MC3 AE . 0.74 47.11 17.63
H212 MC3 AE . 1.21 48.59 17.35
H221 MC3 AE . 2.98 48.28 18.92
H222 MC3 AE . 2.41 46.83 19.23
H231 MC3 AE . 0.44 47.78 20.07
H232 MC3 AE . 0.96 49.22 19.71
H241 MC3 AE . 1.31 48.76 22.02
H242 MC3 AE . 2.22 47.54 21.61
H243 MC3 AE . 2.68 49.02 21.29
C14 MC3 BE . 8.02 45.82 12.24
C15 MC3 BE . 7.09 46.46 13.26
C16 MC3 BE . 7.56 46.10 14.67
C17 MC3 BE . 6.70 46.83 15.70
C18 MC3 BE . 7.27 46.61 17.09
C19 MC3 BE . 6.28 47.14 18.13
C20 MC3 BE . 6.84 46.97 19.54
C21 MC3 BE . 5.81 47.46 20.55
C22 MC3 BE . 6.41 47.44 21.95
C23 MC3 BE . 5.41 48.03 22.95
C24 MC3 BE . 6.05 48.17 24.32
H141 MC3 BE . 7.57 45.75 11.39
H142 MC3 BE . 8.28 44.93 12.54
H151 MC3 BE . 6.19 46.13 13.13
H152 MC3 BE . 7.10 47.42 13.15
H161 MC3 BE . 8.48 46.37 14.78
H162 MC3 BE . 7.48 45.15 14.80
H171 MC3 BE . 5.79 46.49 15.67
H172 MC3 BE . 6.69 47.78 15.50
H181 MC3 BE . 8.12 47.08 17.18
H182 MC3 BE . 7.41 45.66 17.24
H191 MC3 BE . 5.44 46.64 18.06
H192 MC3 BE . 6.11 48.07 17.96
H201 MC3 BE . 7.65 47.49 19.63
H202 MC3 BE . 7.04 46.04 19.71
H211 MC3 BE . 5.03 46.89 20.52
H212 MC3 BE . 5.55 48.37 20.33
H221 MC3 BE . 7.22 47.97 21.97
H222 MC3 BE . 6.61 46.53 22.21
H231 MC3 BE . 4.64 47.44 23.01
H232 MC3 BE . 5.13 48.90 22.64
H241 MC3 BE . 5.41 48.51 24.95
H242 MC3 BE . 6.38 47.30 24.62
H243 MC3 BE . 6.80 48.79 24.26
C2 MC3 CE . 8.76 37.02 11.27
C3 MC3 CE . 7.26 37.29 11.43
C11 MC3 CE . 6.03 38.02 13.29
C12 MC3 CE . 6.38 38.68 14.62
C13 MC3 CE . 5.25 38.55 15.63
C14 MC3 CE . 5.75 39.11 16.95
C15 MC3 CE . 4.70 38.96 18.04
C16 MC3 CE . 5.30 39.43 19.36
C17 MC3 CE . 4.31 39.27 20.51
C18 MC3 CE . 4.95 39.82 21.78
C19 MC3 CE . 3.97 39.76 22.95
C20 MC3 CE . 4.65 40.35 24.19
C21 MC3 CE . 3.72 40.25 25.39
C22 MC3 CE . 4.39 40.89 26.60
C23 MC3 CE . 3.45 40.86 27.80
C24 MC3 CE . 4.09 41.58 28.98
C31 MC3 CE . 10.79 37.18 12.44
C32 MC3 CE . 11.58 37.34 13.74
C33 MC3 CE . 10.63 37.75 14.86
C34 MC3 CE . 11.31 37.57 16.22
C35 MC3 CE . 10.41 38.16 17.30
C36 MC3 CE . 10.97 37.88 18.68
C37 MC3 CE . 10.06 38.51 19.71
C38 MC3 CE . 10.64 38.38 21.11
C39 MC3 CE . 9.70 39.07 22.09
C40 MC3 CE . 10.29 39.05 23.50
C41 MC3 CE . 9.40 39.90 24.41
C42 MC3 CE . 9.87 39.76 25.85
C43 MC3 CE . 8.89 40.46 26.78
C44 MC3 CE . 9.26 40.21 28.24
O2 MC3 CE . 9.42 37.43 12.42
O3 MC3 CE . 6.91 37.07 12.76
O11 MC3 CE . 5.03 38.30 12.73
O31 MC3 CE . 11.34 36.84 11.45
H2 MC3 CE . 9.10 37.50 10.50
H31 MC3 CE . 6.76 36.70 10.85
H32 MC3 CE . 7.08 38.21 11.20
H121 MC3 CE . 6.56 39.62 14.47
H122 MC3 CE . 7.19 38.27 14.98
H131 MC3 CE . 5.03 37.61 15.73
H132 MC3 CE . 4.48 39.05 15.33
H141 MC3 CE . 5.96 40.04 16.85
H142 MC3 CE . 6.55 38.63 17.22
H151 MC3 CE . 4.44 38.03 18.13
H152 MC3 CE . 3.93 39.49 17.82
H161 MC3 CE . 5.55 40.37 19.27
H162 MC3 CE . 6.10 38.92 19.55
H171 MC3 CE . 4.10 38.34 20.62
H172 MC3 CE . 3.50 39.77 20.31
H181 MC3 CE . 5.22 40.74 21.63
H182 MC3 CE . 5.73 39.29 21.99
H191 MC3 CE . 3.72 38.85 23.11
H192 MC3 CE . 3.18 40.28 22.73
H201 MC3 CE . 4.87 41.27 24.02
H202 MC3 CE . 5.46 39.85 24.36
H211 MC3 CE . 3.53 39.31 25.58
H212 MC3 CE . 2.88 40.71 25.19
H221 MC3 CE . 4.60 41.82 26.40
H222 MC3 CE . 5.20 40.41 26.81
H231 MC3 CE . 3.28 39.93 28.04
H232 MC3 CE . 2.62 41.30 27.57
H241 MC3 CE . 4.96 41.20 29.16
H242 MC3 CE . 3.54 41.46 29.77
H243 MC3 CE . 4.17 42.53 28.79
H321 MC3 CE . 12.00 36.49 13.97
H322 MC3 CE . 12.26 38.01 13.62
H331 MC3 CE . 10.39 38.67 14.74
H332 MC3 CE . 9.84 37.21 14.83
H341 MC3 CE . 11.44 36.63 16.39
H342 MC3 CE . 12.16 38.03 16.22
H351 MC3 CE . 10.32 39.12 17.17
H352 MC3 CE . 9.53 37.75 17.23
H361 MC3 CE . 11.02 36.93 18.83
H362 MC3 CE . 11.86 38.26 18.75
H371 MC3 CE . 9.94 39.45 19.51
H372 MC3 CE . 9.20 38.06 19.69
H381 MC3 CE . 10.72 37.44 21.35
H382 MC3 CE . 11.51 38.79 21.14
H391 MC3 CE . 9.57 39.99 21.81
H392 MC3 CE . 8.85 38.61 22.10
H401 MC3 CE . 10.31 38.14 23.83
H402 MC3 CE . 11.18 39.41 23.49
H411 MC3 CE . 9.46 40.82 24.14
H412 MC3 CE . 8.48 39.60 24.34
H421 MC3 CE . 9.92 38.82 26.09
H422 MC3 CE . 10.75 40.16 25.95
H431 MC3 CE . 8.91 41.42 26.62
H432 MC3 CE . 7.99 40.14 26.62
H441 MC3 CE . 9.19 39.26 28.42
H442 MC3 CE . 10.17 40.50 28.40
H443 MC3 CE . 8.66 40.69 28.82
C11 MC3 DE . 9.11 33.63 13.70
C12 MC3 DE . 7.98 33.76 14.71
C13 MC3 DE . 8.51 34.44 15.98
C14 MC3 DE . 7.37 34.79 16.93
C15 MC3 DE . 7.95 35.18 18.28
C16 MC3 DE . 6.87 35.24 19.36
C17 MC3 DE . 7.54 35.60 20.68
C18 MC3 DE . 6.56 35.57 21.85
C19 MC3 DE . 7.24 36.17 23.08
C20 MC3 DE . 6.31 36.13 24.29
C21 MC3 DE . 7.00 36.81 25.46
C22 MC3 DE . 6.14 36.74 26.72
C23 MC3 DE . 6.95 37.24 27.91
C24 MC3 DE . 6.24 36.89 29.22
H121 MC3 DE . 7.65 32.89 14.95
H122 MC3 DE . 7.26 34.30 14.34
H131 MC3 DE . 8.98 35.25 15.73
H132 MC3 DE . 9.11 33.84 16.43
H141 MC3 DE . 6.78 34.03 17.02
H142 MC3 DE . 6.87 35.53 16.57
H151 MC3 DE . 8.37 36.04 18.21
H152 MC3 DE . 8.60 34.52 18.54
H161 MC3 DE . 6.44 34.39 19.44
H162 MC3 DE . 6.22 35.92 19.13
H171 MC3 DE . 8.26 34.98 20.85
H172 MC3 DE . 7.91 36.49 20.61
H181 MC3 DE . 6.31 34.66 22.03
H182 MC3 DE . 5.78 36.09 21.62
H191 MC3 DE . 7.47 37.09 22.89
H192 MC3 DE . 8.04 35.67 23.27
H201 MC3 DE . 6.13 35.20 24.52
H202 MC3 DE . 5.48 36.58 24.08
H211 MC3 DE . 7.14 37.74 25.23
H212 MC3 DE . 7.85 36.39 25.62
H221 MC3 DE . 5.87 35.83 26.88
H222 MC3 DE . 5.36 37.30 26.60
H231 MC3 DE . 7.05 38.20 27.85
H232 MC3 DE . 7.83 36.83 27.90
H241 MC3 DE . 6.16 35.92 29.29
H242 MC3 DE . 6.75 37.22 29.96
H243 MC3 DE . 5.37 37.28 29.22
C12 MC3 EE . 10.18 41.22 11.48
C13 MC3 EE . 9.27 41.94 12.47
C14 MC3 EE . 9.66 41.56 13.90
C15 MC3 EE . 8.77 42.31 14.89
C16 MC3 EE . 9.13 41.88 16.30
C17 MC3 EE . 8.25 42.63 17.30
C18 MC3 EE . 8.55 42.13 18.72
C19 MC3 EE . 7.72 42.92 19.72
C20 MC3 EE . 8.12 42.54 21.14
C21 MC3 EE . 7.44 43.50 22.12
C22 MC3 EE . 7.86 43.18 23.56
C23 MC3 EE . 7.14 44.13 24.51
C24 MC3 EE . 7.69 43.97 25.92
H121 MC3 EE . 10.19 40.27 11.69
H122 MC3 EE . 9.84 41.34 10.58
H131 MC3 EE . 8.35 41.68 12.31
H132 MC3 EE . 9.37 42.90 12.35
H141 MC3 EE . 10.59 41.80 14.06
H142 MC3 EE . 9.55 40.62 14.02
H151 MC3 EE . 7.85 42.11 14.72
H152 MC3 EE . 8.91 43.26 14.80
H161 MC3 EE . 10.05 42.07 16.48
H162 MC3 EE . 8.97 40.92 16.40
H171 MC3 EE . 7.32 42.48 17.09
H172 MC3 EE . 8.45 43.58 17.24
H181 MC3 EE . 9.48 42.26 18.91
H182 MC3 EE . 8.32 41.19 18.78
H191 MC3 EE . 6.78 42.73 19.59
H192 MC3 EE . 7.86 43.88 19.59
H201 MC3 EE . 9.08 42.63 21.23
H202 MC3 EE . 7.85 41.63 21.33
H211 MC3 EE . 6.48 43.40 22.04
H212 MC3 EE . 7.69 44.40 21.91
H221 MC3 EE . 8.83 43.31 23.64
H222 MC3 EE . 7.63 42.27 23.76
H231 MC3 EE . 6.19 43.91 24.51
H232 MC3 EE . 7.26 45.04 24.21
H241 MC3 EE . 8.66 44.08 25.91
H242 MC3 EE . 7.30 44.65 26.50
H243 MC3 EE . 7.46 43.10 26.27
C15 MC3 FE . 13.68 41.24 15.08
C16 MC3 FE . 14.15 40.96 16.51
C17 MC3 FE . 13.15 41.56 17.49
C18 MC3 FE . 13.66 41.40 18.92
C19 MC3 FE . 12.74 42.13 19.88
C20 MC3 FE . 13.26 41.99 21.31
C21 MC3 FE . 12.24 42.60 22.27
C22 MC3 FE . 12.79 42.60 23.70
C23 MC3 FE . 11.83 43.33 24.62
C24 MC3 FE . 12.48 43.51 26.00
H151 MC3 FE . 14.22 40.71 14.46
H152 MC3 FE . 12.76 40.99 14.98
H161 MC3 FE . 15.02 41.35 16.64
H162 MC3 FE . 14.20 40.00 16.65
H171 MC3 FE . 12.30 41.11 17.40
H172 MC3 FE . 13.03 42.50 17.30
H181 MC3 FE . 14.56 41.75 18.99
H182 MC3 FE . 13.68 40.46 19.15
H191 MC3 FE . 11.84 41.76 19.82
H192 MC3 FE . 12.70 43.07 19.64
H201 MC3 FE . 14.10 42.46 21.40
H202 MC3 FE . 13.38 41.06 21.52
H211 MC3 FE . 11.42 42.08 22.24
H212 MC3 FE . 12.05 43.52 22.00
H221 MC3 FE . 13.66 43.03 23.71
H222 MC3 FE . 12.89 41.68 23.99
H231 MC3 FE . 11.02 42.83 24.70
H232 MC3 FE . 11.63 44.21 24.25
H241 MC3 FE . 11.83 43.90 26.60
H242 MC3 FE . 12.77 42.65 26.33
H243 MC3 FE . 13.25 44.09 25.92
C15 MC3 GE . 12.53 44.65 13.17
C16 MC3 GE . 11.76 45.54 14.15
C17 MC3 GE . 12.30 45.31 15.57
C18 MC3 GE . 11.41 46.04 16.56
C19 MC3 GE . 11.88 45.73 17.98
C20 MC3 GE . 11.06 46.58 18.97
C21 MC3 GE . 11.39 46.15 20.39
C22 MC3 GE . 10.53 46.96 21.37
C23 MC3 GE . 10.91 46.60 22.80
C24 MC3 GE . 10.20 47.54 23.77
H151 MC3 GE . 12.04 44.58 12.34
H152 MC3 GE . 12.65 43.77 13.55
H161 MC3 GE . 10.83 45.30 14.12
H162 MC3 GE . 11.88 46.47 13.91
H171 MC3 GE . 13.21 45.67 15.62
H172 MC3 GE . 12.31 44.37 15.76
H181 MC3 GE . 10.49 45.74 16.46
H182 MC3 GE . 11.45 47.00 16.40
H191 MC3 GE . 12.81 45.94 18.07
H192 MC3 GE . 11.73 44.79 18.17
H201 MC3 GE . 10.12 46.46 18.79
H202 MC3 GE . 11.29 47.51 18.85
H211 MC3 GE . 12.32 46.31 20.57
H212 MC3 GE . 11.20 45.21 20.50
H221 MC3 GE . 9.60 46.75 21.23
H222 MC3 GE . 10.69 47.90 21.23
H231 MC3 GE . 11.87 46.67 22.92
H232 MC3 GE . 10.64 45.68 22.98
H241 MC3 GE . 10.47 47.33 24.68
H242 MC3 GE . 10.44 48.45 23.57
H243 MC3 GE . 9.24 47.43 23.69
C15 MC3 HE . 18.45 39.14 15.19
C16 MC3 HE . 17.91 40.16 16.19
C17 MC3 HE . 18.30 39.75 17.60
C18 MC3 HE . 17.64 40.70 18.61
C19 MC3 HE . 18.14 40.37 20.02
C20 MC3 HE . 17.44 41.27 21.03
C21 MC3 HE . 17.78 40.81 22.45
C22 MC3 HE . 17.05 41.68 23.47
C23 MC3 HE . 17.35 41.15 24.88
C24 MC3 HE . 16.84 42.15 25.93
H151 MC3 HE . 19.34 39.40 14.91
H152 MC3 HE . 18.47 38.26 15.62
H161 MC3 HE . 16.94 40.20 16.12
H162 MC3 HE . 18.29 41.03 15.99
H171 MC3 HE . 19.26 39.78 17.71
H172 MC3 HE . 17.99 38.84 17.77
H181 MC3 HE . 16.68 40.59 18.58
H182 MC3 HE . 17.87 41.61 18.40
H191 MC3 HE . 19.10 40.51 20.07
H192 MC3 HE . 17.94 39.44 20.23
H201 MC3 HE . 16.48 41.23 20.90
H202 MC3 HE . 17.74 42.19 20.91
H211 MC3 HE . 18.74 40.87 22.58
H212 MC3 HE . 17.51 39.89 22.56
H221 MC3 HE . 16.10 41.65 23.31
H222 MC3 HE . 17.36 42.59 23.40
H231 MC3 HE . 18.30 41.04 24.99
H232 MC3 HE . 16.90 40.30 24.99
H241 MC3 HE . 17.08 41.84 26.81
H242 MC3 HE . 17.23 43.01 25.76
H243 MC3 HE . 15.87 42.21 25.86
C13 MC3 IE . 15.41 35.73 15.99
C14 MC3 IE . 16.06 36.02 17.34
C15 MC3 IE . 15.07 36.72 18.27
C16 MC3 IE . 15.71 36.90 19.64
C17 MC3 IE . 14.66 37.42 20.62
C18 MC3 IE . 15.22 37.43 22.04
C19 MC3 IE . 14.11 37.77 23.03
C20 MC3 IE . 14.69 38.00 24.42
C21 MC3 IE . 13.58 38.43 25.37
C22 MC3 IE . 14.16 38.89 26.70
C23 MC3 IE . 13.05 39.44 27.60
C24 MC3 IE . 13.62 39.83 28.95
H131 MC3 IE . 15.63 34.83 15.70
H132 MC3 IE . 15.73 36.37 15.33
H141 MC3 IE . 16.84 36.58 17.20
H142 MC3 IE . 16.34 35.18 17.74
H151 MC3 IE . 14.84 37.59 17.90
H152 MC3 IE . 14.27 36.18 18.35
H161 MC3 IE . 16.43 37.55 19.58
H162 MC3 IE . 16.06 36.06 19.96
H171 MC3 IE . 13.88 36.84 20.59
H172 MC3 IE . 14.41 38.32 20.37
H181 MC3 IE . 15.93 38.10 22.11
H182 MC3 IE . 15.59 36.56 22.25
H191 MC3 IE . 13.48 37.03 23.07
H192 MC3 IE . 13.66 38.57 22.73
H201 MC3 IE . 15.37 38.69 24.39
H202 MC3 IE . 15.08 37.17 24.76
H211 MC3 IE . 12.97 37.70 25.51
H212 MC3 IE . 13.09 39.17 24.97
H221 MC3 IE . 14.81 39.58 26.55
H222 MC3 IE . 14.57 38.13 27.15
H231 MC3 IE . 12.37 38.76 27.71
H232 MC3 IE . 12.65 40.22 27.18
H241 MC3 IE . 12.89 40.10 29.54
H242 MC3 IE . 14.09 39.08 29.33
H243 MC3 IE . 14.24 40.56 28.84
C1 MC3 JE . 27.63 18.83 18.87
C2 MC3 JE . 26.58 18.69 19.96
C3 MC3 JE . 26.11 17.23 19.95
C4 MC3 JE . 24.18 21.29 17.11
C5 MC3 JE . 22.73 20.98 17.48
C6 MC3 JE . 22.89 18.62 17.15
C7 MC3 JE . 20.80 19.67 17.23
C8 MC3 JE . 22.19 19.96 15.35
C11 MC3 JE . 25.00 15.66 21.28
C12 MC3 JE . 24.35 15.24 22.58
C13 MC3 JE . 23.95 16.47 23.38
C14 MC3 JE . 23.47 16.03 24.75
C15 MC3 JE . 22.98 17.22 25.56
C16 MC3 JE . 22.34 16.70 26.84
C17 MC3 JE . 22.29 17.78 27.89
C18 MC3 JE . 21.48 17.27 29.08
C19 MC3 JE . 21.48 18.30 30.21
C20 MC3 JE . 20.87 17.66 31.45
C21 MC3 JE . 21.04 18.59 32.65
C22 MC3 JE . 20.71 17.84 33.95
C31 MC3 JE . 26.44 19.95 21.97
C32 MC3 JE . 26.62 19.92 23.48
C33 MC3 JE . 25.62 20.85 24.14
C34 MC3 JE . 25.57 20.51 25.63
C35 MC3 JE . 24.63 21.44 26.38
C36 MC3 JE . 24.55 20.99 27.83
C37 MC3 JE . 23.66 21.91 28.65
C38 MC3 JE . 23.80 21.52 30.10
C39 MC3 JE . 23.00 22.48 30.99
C40 MC3 JE . 23.46 22.31 32.42
C41 MC3 JE . 22.55 23.09 33.36
C42 MC3 JE . 22.90 22.75 34.81
C43 MC3 JE . 24.10 23.57 35.26
N MC3 JE . 22.18 19.82 16.79
O2 MC3 JE . 27.14 19.00 21.20
O3 MC3 JE . 25.24 17.01 21.03
O11 MC3 JE . 25.30 14.85 20.48
O31 MC3 JE . 25.75 20.76 21.46
O1P MC3 JE . 27.33 20.98 16.68
O2P MC3 JE . 25.85 19.39 15.49
O3P MC3 JE . 27.06 18.60 17.63
O4P MC3 JE . 25.06 20.40 17.73
P MC3 JE . 26.33 19.85 16.85
H11 MC3 JE . 27.99 19.74 18.89
H12 MC3 JE . 28.35 18.20 19.03
H2 MC3 JE . 25.82 19.27 19.77
H31 MC3 JE . 26.87 16.64 20.03
H32 MC3 JE . 25.64 17.04 19.13
H41 MC3 JE . 24.38 22.18 17.40
H42 MC3 JE . 24.30 21.25 16.15
H51 MC3 JE . 22.69 20.82 18.43
H52 MC3 JE . 22.19 21.75 17.26
H61 MC3 JE . 22.96 18.57 18.11
H62 MC3 JE . 22.40 17.85 16.82
H63 MC3 JE . 23.77 18.62 16.75
H71 MC3 JE . 20.31 20.47 16.98
H72 MC3 JE . 20.43 18.89 16.80
H73 MC3 JE . 20.80 19.55 18.19
H81 MC3 JE . 23.09 19.91 15.02
H82 MC3 JE . 21.66 19.26 14.96
H83 MC3 JE . 21.80 20.82 15.10
H121 MC3 JE . 24.97 14.71 23.10
H122 MC3 JE . 23.56 14.71 22.39
H131 MC3 JE . 23.23 16.94 22.92
H132 MC3 JE . 24.70 17.07 23.46
H141 MC3 JE . 24.21 15.61 25.22
H142 MC3 JE . 22.76 15.40 24.65
H151 MC3 JE . 22.33 17.72 25.06
H152 MC3 JE . 23.73 17.79 25.80
H161 MC3 JE . 22.85 15.95 27.17
H162 MC3 JE . 21.44 16.40 26.63
H171 MC3 JE . 21.86 18.57 27.53
H172 MC3 JE . 23.18 18.00 28.18
H181 MC3 JE . 21.86 16.44 29.39
H182 MC3 JE . 20.56 17.12 28.80
H191 MC3 JE . 20.96 19.06 29.95
H192 MC3 JE . 22.39 18.55 30.40
H201 MC3 JE . 21.30 16.82 31.63
H202 MC3 JE . 19.92 17.51 31.30
H211 MC3 JE . 20.43 19.34 32.55
H212 MC3 JE . 21.95 18.91 32.68
H221 MC3 JE . 20.84 16.89 33.81
H222 MC3 JE . 19.80 18.01 34.20
H321 MC3 JE . 26.49 19.02 23.80
H322 MC3 JE . 27.52 20.21 23.70
H331 MC3 JE . 25.89 21.76 24.04
H332 MC3 JE . 24.75 20.71 23.76
H341 MC3 JE . 25.27 19.60 25.74
H342 MC3 JE . 26.46 20.59 26.00
H351 MC3 JE . 24.96 22.34 26.33
H352 MC3 JE . 23.75 21.40 25.97
H361 MC3 JE . 24.19 20.09 27.86
H362 MC3 JE . 25.44 21.00 28.21
H371 MC3 JE . 23.93 22.83 28.52
H372 MC3 JE . 22.74 21.80 28.37
H381 MC3 JE . 23.47 20.62 30.24
H382 MC3 JE . 24.73 21.56 30.35
H391 MC3 JE . 23.15 23.39 30.70
H392 MC3 JE . 22.06 22.27 30.92
H401 MC3 JE . 23.44 21.37 32.66
H402 MC3 JE . 24.37 22.64 32.51
H411 MC3 JE . 22.69 24.03 33.21
H412 MC3 JE . 21.63 22.84 33.18
H421 MC3 JE . 22.14 22.94 35.37
H422 MC3 JE . 23.11 21.81 34.87
H431 MC3 JE . 24.56 23.92 34.49
H432 MC3 JE . 23.79 24.31 35.81
C12 MC3 KE . 31.65 19.09 23.28
C13 MC3 KE . 30.52 19.62 24.17
C14 MC3 KE . 30.97 19.56 25.63
C15 MC3 KE . 29.85 20.13 26.51
C16 MC3 KE . 30.30 20.17 27.96
C17 MC3 KE . 29.20 20.78 28.82
C18 MC3 KE . 29.59 20.71 30.29
C19 MC3 KE . 28.47 21.31 31.13
C20 MC3 KE . 28.82 21.11 32.61
C21 MC3 KE . 27.79 21.80 33.49
C22 MC3 KE . 28.18 21.57 34.95
C23 MC3 KE . 27.26 22.37 35.87
C24 MC3 KE . 27.61 22.09 37.32
H121 MC3 KE . 32.35 19.75 23.23
H122 MC3 KE . 31.30 18.91 22.39
H131 MC3 KE . 29.73 19.07 24.05
H132 MC3 KE . 30.33 20.53 23.93
H141 MC3 KE . 31.76 20.09 25.74
H142 MC3 KE . 31.14 18.64 25.88
H151 MC3 KE . 29.07 19.56 26.43
H152 MC3 KE . 29.64 21.03 26.22
H161 MC3 KE . 31.10 20.71 28.04
H162 MC3 KE . 30.49 19.27 28.27
H171 MC3 KE . 28.38 20.29 28.67
H172 MC3 KE . 29.08 21.71 28.56
H181 MC3 KE . 30.40 21.20 30.43
H182 MC3 KE . 29.72 19.78 30.54
H191 MC3 KE . 27.63 20.86 30.94
H192 MC3 KE . 28.39 22.25 30.94
H201 MC3 KE . 29.69 21.49 32.78
H202 MC3 KE . 28.83 20.16 32.81
H211 MC3 KE . 26.91 21.42 33.33
H212 MC3 KE . 27.77 22.74 33.30
H221 MC3 KE . 29.10 21.87 35.08
H222 MC3 KE . 28.11 20.63 35.17
H231 MC3 KE . 26.34 22.11 35.70
H232 MC3 KE . 27.36 23.31 35.69
H241 MC3 KE . 28.51 22.38 37.50
H242 MC3 KE . 26.99 22.56 37.90
H243 MC3 KE . 27.54 21.14 37.50
C12 MC3 LE . 30.06 22.51 19.58
C13 MC3 LE . 30.43 23.28 20.85
C14 MC3 LE . 29.33 23.11 21.88
C15 MC3 LE . 29.67 23.90 23.14
C16 MC3 LE . 28.59 23.65 24.19
C17 MC3 LE . 28.91 24.41 25.48
C18 MC3 LE . 27.84 24.11 26.52
C19 MC3 LE . 28.02 25.07 27.69
C20 MC3 LE . 27.05 24.75 28.82
C21 MC3 LE . 27.28 25.75 29.94
C22 MC3 LE . 26.56 25.31 31.22
C23 MC3 LE . 26.97 26.26 32.34
C24 MC3 LE . 26.42 25.75 33.67
H121 MC3 LE . 30.01 21.56 19.77
H122 MC3 LE . 30.75 22.67 18.90
H131 MC3 LE . 30.54 24.22 20.64
H132 MC3 LE . 31.26 22.94 21.21
H141 MC3 LE . 29.24 22.17 22.11
H142 MC3 LE . 28.49 23.43 21.52
H151 MC3 LE . 29.71 24.85 22.93
H152 MC3 LE . 30.52 23.61 23.49
H161 MC3 LE . 28.54 22.70 24.38
H162 MC3 LE . 27.74 23.96 23.85
H171 MC3 LE . 28.93 25.34 25.30
H172 MC3 LE . 29.77 24.11 25.81
H181 MC3 LE . 27.94 23.20 26.85
H182 MC3 LE . 26.97 24.23 26.14
H191 MC3 LE . 27.86 25.97 27.38
H192 MC3 LE . 28.93 25.01 28.02
H201 MC3 LE . 27.22 23.85 29.15
H202 MC3 LE . 26.14 24.82 28.51
H211 MC3 LE . 26.95 26.62 29.68
H212 MC3 LE . 28.23 25.82 30.13
H221 MC3 LE . 26.81 24.41 31.44
H222 MC3 LE . 25.60 25.36 31.07
H231 MC3 LE . 26.62 27.14 32.17
H232 MC3 LE . 27.93 26.29 32.39
H241 MC3 LE . 26.71 26.34 34.38
H242 MC3 LE . 25.45 25.73 33.64
H243 MC3 LE . 26.75 24.85 33.83
C16 MC3 ME . 34.02 22.91 25.64
C17 MC3 ME . 33.31 23.99 26.45
C18 MC3 ME . 32.89 23.41 27.80
C19 MC3 ME . 32.37 24.52 28.71
C20 MC3 ME . 32.07 23.95 30.09
C21 MC3 ME . 31.58 25.06 31.01
C22 MC3 ME . 31.46 24.52 32.44
C23 MC3 ME . 31.08 25.65 33.38
C24 MC3 ME . 31.01 25.11 34.81
H161 MC3 ME . 33.61 22.05 25.84
H162 MC3 ME . 33.92 23.10 24.69
H171 MC3 ME . 32.51 24.29 25.98
H172 MC3 ME . 33.91 24.74 26.60
H181 MC3 ME . 33.65 22.98 28.22
H182 MC3 ME . 32.19 22.76 27.67
H191 MC3 ME . 31.57 24.91 28.32
H192 MC3 ME . 33.04 25.22 28.78
H201 MC3 ME . 32.86 23.55 30.45
H202 MC3 ME . 31.37 23.28 30.01
H211 MC3 ME . 30.71 25.37 30.71
H212 MC3 ME . 32.22 25.80 31.00
H221 MC3 ME . 32.31 24.15 32.71
H222 MC3 ME . 30.78 23.82 32.46
H231 MC3 ME . 30.21 25.99 33.14
H232 MC3 ME . 31.73 26.35 33.34
H241 MC3 ME . 30.71 25.81 35.42
H242 MC3 ME . 30.38 24.37 34.85
H243 MC3 ME . 31.89 24.81 35.09
C14 MC3 NE . 35.39 18.58 26.74
C15 MC3 NE . 35.05 19.72 27.70
C16 MC3 NE . 34.50 19.13 29.00
C17 MC3 NE . 34.26 20.25 30.01
C18 MC3 NE . 33.88 19.65 31.36
C19 MC3 NE . 33.41 20.77 32.29
C20 MC3 NE . 33.07 20.20 33.67
C21 MC3 NE . 32.55 21.33 34.56
C22 MC3 NE . 32.34 20.82 35.97
C23 MC3 NE . 31.93 21.99 36.88
C24 MC3 NE . 31.87 21.52 38.33
H141 MC3 NE . 35.40 18.92 25.83
H142 MC3 NE . 34.73 17.89 26.82
H151 MC3 NE . 34.37 20.29 27.30
H152 MC3 NE . 35.85 20.24 27.89
H161 MC3 NE . 35.15 18.50 29.37
H162 MC3 NE . 33.67 18.67 28.82
H171 MC3 NE . 33.54 20.82 29.70
H172 MC3 NE . 35.07 20.78 30.10
H181 MC3 NE . 34.65 19.20 31.75
H182 MC3 NE . 33.17 19.00 31.24
H191 MC3 NE . 32.62 21.19 31.91
H192 MC3 NE . 34.12 21.42 32.38
H201 MC3 NE . 33.86 19.82 34.07
H202 MC3 NE . 32.38 19.53 33.58
H211 MC3 NE . 31.71 21.67 34.20
H212 MC3 NE . 33.20 22.06 34.57
H221 MC3 NE . 33.16 20.44 36.31
H222 MC3 NE . 31.64 20.15 35.98
H231 MC3 NE . 31.05 22.30 36.61
H232 MC3 NE . 32.58 22.70 36.80
H241 MC3 NE . 31.58 22.25 38.90
H242 MC3 NE . 31.27 20.78 38.41
H243 MC3 NE . 32.76 21.24 38.60
C2 MC3 OE . 29.28 13.11 23.34
C3 MC3 OE . 28.66 14.51 23.28
C11 MC3 OE . 27.92 15.94 24.99
C12 MC3 OE . 28.14 16.01 26.50
C13 MC3 OE . 27.09 16.88 27.18
C14 MC3 OE . 27.31 16.77 28.68
C15 MC3 OE . 26.26 17.57 29.44
C16 MC3 OE . 26.47 17.34 30.93
C17 MC3 OE . 25.42 18.07 31.76
C18 MC3 OE . 25.72 17.84 33.24
C19 MC3 OE . 24.75 18.63 34.12
C20 MC3 OE . 25.11 18.37 35.58
C21 MC3 OE . 24.12 19.10 36.49
C22 MC3 OE . 24.53 18.90 37.95
C23 MC3 OE . 23.58 19.66 38.87
C24 MC3 OE . 24.05 19.52 40.32
C31 MC3 OE . 30.02 11.51 24.89
C32 MC3 OE . 30.08 10.94 26.30
C33 MC3 OE . 29.52 11.97 27.28
C34 MC3 OE . 29.25 11.30 28.64
C35 MC3 OE . 28.84 12.38 29.64
C36 MC3 OE . 28.43 11.75 30.96
C37 MC3 OE . 28.07 12.85 31.93
C38 MC3 OE . 27.77 12.29 33.31
C39 MC3 OE . 27.47 13.46 34.25
C40 MC3 OE . 27.24 12.97 35.67
C41 MC3 OE . 27.13 14.17 36.60
C42 MC3 OE . 26.74 13.70 38.00
C43 MC3 OE . 26.46 14.91 38.88
C44 MC3 OE . 25.92 14.46 40.23
O2 MC3 OE . 29.53 12.80 24.68
O3 MC3 OE . 27.82 14.69 24.39
O11 MC3 OE . 27.83 16.94 24.35
O31 MC3 OE . 30.40 10.86 23.97
H2 MC3 OE . 30.10 13.10 22.84
H31 MC3 OE . 28.15 14.61 22.46
H32 MC3 OE . 29.37 15.17 23.30
H121 MC3 OE . 29.02 16.39 26.67
H122 MC3 OE . 28.11 15.13 26.86
H131 MC3 OE . 26.21 16.56 26.95
H132 MC3 OE . 27.19 17.81 26.90
H141 MC3 OE . 28.18 17.13 28.90
H142 MC3 OE . 27.25 15.85 28.95
H151 MC3 OE . 25.37 17.27 29.19
H152 MC3 OE . 26.35 18.52 29.24
H161 MC3 OE . 27.35 17.66 31.18
H162 MC3 OE . 26.41 16.39 31.12
H171 MC3 OE . 24.54 17.73 31.54
H172 MC3 OE . 25.45 19.03 31.56
H181 MC3 OE . 26.63 18.12 33.43
H182 MC3 OE . 25.63 16.89 33.43
H191 MC3 OE . 23.85 18.33 33.95
H192 MC3 OE . 24.83 19.57 33.92
H201 MC3 OE . 26.01 18.71 35.75
H202 MC3 OE . 25.07 17.43 35.75
H211 MC3 OE . 23.24 18.74 36.35
H212 MC3 OE . 24.12 20.05 36.28
H221 MC3 OE . 25.43 19.23 38.07
H222 MC3 OE . 24.51 17.96 38.16
H231 MC3 OE . 22.69 19.30 38.78
H232 MC3 OE . 23.58 20.60 38.62
H241 MC3 OE . 24.15 18.59 40.54
H242 MC3 OE . 23.39 19.92 40.91
H243 MC3 OE . 24.90 19.98 40.43
H321 MC3 OE . 29.56 10.13 26.35
H322 MC3 OE . 31.01 10.74 26.53
H331 MC3 OE . 30.16 12.68 27.40
H332 MC3 OE . 28.70 12.32 26.93
H341 MC3 OE . 28.52 10.66 28.54
H342 MC3 OE . 30.04 10.84 28.94
H351 MC3 OE . 29.59 12.96 29.79
H352 MC3 OE . 28.11 12.88 29.28
H361 MC3 OE . 27.65 11.18 30.82
H362 MC3 OE . 29.15 11.21 31.31
H371 MC3 OE . 28.82 13.47 31.99
H372 MC3 OE . 27.30 13.33 31.60
H381 MC3 OE . 26.99 11.71 33.26
H382 MC3 OE . 28.53 11.80 33.64
H391 MC3 OE . 28.22 14.08 34.23
H392 MC3 OE . 26.68 13.92 33.95
H401 MC3 OE . 26.44 12.45 35.71
H402 MC3 OE . 28.00 12.42 35.94
H411 MC3 OE . 27.98 14.63 36.64
H412 MC3 OE . 26.45 14.76 36.26
H421 MC3 OE . 25.96 13.14 37.95
H422 MC3 OE . 27.48 13.19 38.38
H431 MC3 OE . 27.27 15.42 39.01
H432 MC3 OE . 25.79 15.48 38.45
H441 MC3 OE . 25.08 13.99 40.11
H442 MC3 OE . 26.56 13.86 40.66
H443 MC3 OE . 25.78 15.23 40.80
C11 MC3 PE . 25.95 10.96 24.67
C12 MC3 PE . 25.10 11.98 25.43
C13 MC3 PE . 25.45 11.90 26.92
C14 MC3 PE . 24.79 13.05 27.68
C15 MC3 PE . 24.90 12.78 29.17
C16 MC3 PE . 24.02 13.71 29.99
C17 MC3 PE . 24.17 13.34 31.46
C18 MC3 PE . 23.22 14.16 32.35
C19 MC3 PE . 23.59 13.91 33.81
C20 MC3 PE . 22.65 14.67 34.74
C21 MC3 PE . 23.12 14.47 36.17
C22 MC3 PE . 22.16 15.15 37.16
C23 MC3 PE . 22.54 14.75 38.58
C24 MC3 PE . 21.43 15.14 39.56
H121 MC3 PE . 24.17 11.77 25.32
H122 MC3 PE . 25.28 12.86 25.10
H131 MC3 PE . 26.41 11.96 27.02
H132 MC3 PE . 25.13 11.07 27.27
H141 MC3 PE . 23.86 13.11 27.43
H142 MC3 PE . 25.25 13.88 27.47
H151 MC3 PE . 25.82 12.90 29.45
H152 MC3 PE . 24.64 11.87 29.35
H161 MC3 PE . 23.10 13.59 29.73
H162 MC3 PE . 24.29 14.63 29.85
H171 MC3 PE . 23.99 12.41 31.57
H172 MC3 PE . 25.07 13.53 31.74
H181 MC3 PE . 22.30 13.85 32.20
H182 MC3 PE . 23.30 15.09 32.14
H191 MC3 PE . 24.49 14.22 33.96
H192 MC3 PE . 23.54 12.97 34.00
H201 MC3 PE . 21.75 14.31 34.64
H202 MC3 PE . 22.65 15.61 34.52
H211 MC3 PE . 24.00 14.86 36.27
H212 MC3 PE . 23.17 13.53 36.37
H221 MC3 PE . 21.26 14.87 36.98
H222 MC3 PE . 22.23 16.10 37.07
H231 MC3 PE . 23.36 15.20 38.84
H232 MC3 PE . 22.67 13.79 38.63
H241 MC3 PE . 20.62 14.67 39.33
H242 MC3 PE . 21.69 14.90 40.46
H243 MC3 PE . 21.28 16.10 39.51
C12 MC3 QE . 33.19 14.25 25.08
C13 MC3 QE . 32.94 15.41 26.04
C14 MC3 QE . 32.34 14.87 27.34
C15 MC3 QE . 32.10 16.03 28.32
C16 MC3 QE . 31.43 15.49 29.57
C17 MC3 QE . 31.21 16.63 30.55
C18 MC3 QE . 30.47 16.12 31.78
C19 MC3 QE . 30.30 17.25 32.79
C20 MC3 QE . 29.71 16.69 34.09
C21 MC3 QE . 29.74 17.79 35.15
C22 MC3 QE . 29.20 17.26 36.48
C23 MC3 QE . 29.22 18.38 37.51
C24 MC3 QE . 28.87 17.85 38.89
H121 MC3 QE . 32.39 13.71 25.00
H122 MC3 QE . 33.44 14.60 24.21
H131 MC3 QE . 32.32 16.04 25.64
H132 MC3 QE . 33.78 15.86 26.24
H141 MC3 QE . 32.94 14.23 27.74
H142 MC3 QE . 31.50 14.44 27.15
H151 MC3 QE . 31.53 16.69 27.91
H152 MC3 QE . 32.95 16.43 28.55
H161 MC3 QE . 32.01 14.82 29.98
H162 MC3 QE . 30.59 15.09 29.34
H171 MC3 QE . 30.69 17.33 30.13
H172 MC3 QE . 32.07 16.99 30.82
H181 MC3 QE . 30.98 15.40 32.19
H182 MC3 QE . 29.60 15.79 31.52
H191 MC3 QE . 29.70 17.92 32.43
H192 MC3 QE . 31.16 17.65 32.98
H201 MC3 QE . 30.23 15.94 34.39
H202 MC3 QE . 28.79 16.42 33.93
H211 MC3 QE . 29.20 18.53 34.86
H212 MC3 QE . 30.66 18.08 35.27
H221 MC3 QE . 29.76 16.53 36.78
H222 MC3 QE . 28.29 16.95 36.35
H231 MC3 QE . 28.57 19.05 37.26
H232 MC3 QE . 30.10 18.79 37.53
H241 MC3 QE . 29.46 17.10 39.10
H242 MC3 QE . 29.00 18.54 39.56
H243 MC3 QE . 27.95 17.54 38.91
C15 MC3 RE . 33.73 11.33 29.15
C16 MC3 RE . 33.23 10.79 30.49
C17 MC3 RE . 32.83 11.96 31.38
C18 MC3 RE . 32.45 11.44 32.77
C19 MC3 RE . 32.21 12.63 33.70
C20 MC3 RE . 31.86 12.11 35.09
C21 MC3 RE . 31.46 13.30 35.97
C22 MC3 RE . 31.23 12.83 37.41
C23 MC3 RE . 30.98 14.04 38.30
C24 MC3 RE . 30.95 13.60 39.77
H151 MC3 RE . 33.82 10.60 28.51
H152 MC3 RE . 33.09 11.97 28.79
H161 MC3 RE . 33.93 10.29 30.90
H162 MC3 RE . 32.47 10.23 30.34
H171 MC3 RE . 32.08 12.43 30.99
H172 MC3 RE . 33.58 12.57 31.46
H181 MC3 RE . 33.17 10.89 33.11
H182 MC3 RE . 31.65 10.92 32.70
H191 MC3 RE . 31.49 13.16 33.36
H192 MC3 RE . 33.01 13.16 33.75
H201 MC3 RE . 32.63 11.67 35.48
H202 MC3 RE . 31.12 11.49 35.04
H211 MC3 RE . 30.65 13.69 35.63
H212 MC3 RE . 32.17 13.96 35.96
H221 MC3 RE . 32.02 12.35 37.73
H222 MC3 RE . 30.47 12.24 37.43
H231 MC3 RE . 30.13 14.44 38.07
H232 MC3 RE . 31.69 14.68 38.18
H241 MC3 RE . 30.71 14.35 40.32
H242 MC3 RE . 30.31 12.88 39.88
H243 MC3 RE . 31.83 13.29 40.02
C15 MC3 SE . 36.48 14.18 28.16
C16 MC3 SE . 36.42 15.31 29.18
C17 MC3 SE . 36.02 14.74 30.54
C18 MC3 SE . 35.76 15.88 31.52
C19 MC3 SE . 35.25 15.32 32.84
C20 MC3 SE . 35.14 16.47 33.85
C21 MC3 SE . 34.46 15.96 35.11
C22 MC3 SE . 34.30 17.12 36.10
C23 MC3 SE . 33.70 16.61 37.40
C24 MC3 SE . 33.72 17.72 38.45
H151 MC3 SE . 36.45 14.55 27.26
H152 MC3 SE . 35.71 13.59 28.27
H161 MC3 SE . 35.76 15.97 28.90
H162 MC3 SE . 37.29 15.73 29.26
H171 MC3 SE . 36.73 14.18 30.88
H172 MC3 SE . 35.21 14.21 30.44
H181 MC3 SE . 35.10 16.49 31.14
H182 MC3 SE . 36.58 16.37 31.66
H191 MC3 SE . 35.86 14.66 33.17
H192 MC3 SE . 34.37 14.92 32.71
H201 MC3 SE . 34.61 17.19 33.46
H202 MC3 SE . 36.03 16.80 34.06
H211 MC3 SE . 35.01 15.27 35.52
H212 MC3 SE . 33.59 15.61 34.89
H221 MC3 SE . 33.71 17.79 35.72
H222 MC3 SE . 35.16 17.52 36.29
H231 MC3 SE . 34.21 15.86 37.73
H232 MC3 SE . 32.78 16.33 37.24
H241 MC3 SE . 33.36 17.38 39.29
H242 MC3 SE . 34.63 18.03 38.58
H243 MC3 SE . 33.17 18.46 38.15
C15 MC3 TE . 34.50 6.20 29.56
C16 MC3 TE . 34.67 7.22 30.69
C17 MC3 TE . 34.04 6.67 31.96
C18 MC3 TE . 34.07 7.74 33.06
C19 MC3 TE . 33.57 7.14 34.38
C20 MC3 TE . 33.55 8.22 35.45
C21 MC3 TE . 32.86 7.68 36.70
C22 MC3 TE . 32.79 8.77 37.77
C23 MC3 TE . 32.02 8.23 38.99
C24 MC3 TE . 32.16 9.21 40.16
H151 MC3 TE . 35.26 5.60 29.55
H152 MC3 TE . 33.69 5.70 29.70
H161 MC3 TE . 34.22 8.05 30.45
H162 MC3 TE . 35.61 7.39 30.84
H171 MC3 TE . 34.52 5.89 32.26
H172 MC3 TE . 33.11 6.43 31.79
H181 MC3 TE . 33.51 8.48 32.81
H182 MC3 TE . 34.98 8.04 33.18
H191 MC3 TE . 34.15 6.42 34.65
H192 MC3 TE . 32.67 6.80 34.26
H201 MC3 TE . 33.07 8.99 35.13
H202 MC3 TE . 34.46 8.48 35.67
H211 MC3 TE . 33.36 6.92 37.03
H212 MC3 TE . 31.96 7.41 36.47
H221 MC3 TE . 32.34 9.55 37.42
H222 MC3 TE . 33.69 9.02 38.04
H231 MC3 TE . 32.39 7.38 39.24
H232 MC3 TE . 31.09 8.14 38.75
H241 MC3 TE . 31.74 8.83 40.94
H242 MC3 TE . 33.10 9.36 40.35
H243 MC3 TE . 31.74 10.05 39.93
C13 MC3 UE . 30.00 6.87 28.68
C14 MC3 UE . 30.07 6.47 30.16
C15 MC3 UE . 29.77 7.68 31.04
C16 MC3 UE . 29.76 7.26 32.50
C17 MC3 UE . 29.27 8.41 33.36
C18 MC3 UE . 29.06 7.95 34.81
C19 MC3 UE . 28.40 9.07 35.61
C20 MC3 UE . 28.37 8.71 37.09
C21 MC3 UE . 27.80 9.88 37.88
C22 MC3 UE . 27.96 9.64 39.38
C23 MC3 UE . 27.50 10.88 40.15
C24 MC3 UE . 27.62 10.62 41.65
H131 MC3 UE . 29.52 6.18 28.19
H132 MC3 UE . 30.90 6.95 28.32
H141 MC3 UE . 30.97 6.14 30.35
H142 MC3 UE . 29.43 5.78 30.33
H151 MC3 UE . 30.47 8.36 30.91
H152 MC3 UE . 28.92 8.06 30.79
H161 MC3 UE . 30.65 7.01 32.77
H162 MC3 UE . 29.16 6.49 32.61
H171 MC3 UE . 28.43 8.74 33.01
H172 MC3 UE . 29.93 9.13 33.35
H181 MC3 UE . 29.92 7.74 35.20
H182 MC3 UE . 28.50 7.17 34.81
H191 MC3 UE . 27.48 9.18 35.30
H192 MC3 UE . 28.89 9.89 35.48
H201 MC3 UE . 29.27 8.52 37.40
H202 MC3 UE . 27.81 7.93 37.23
H211 MC3 UE . 26.85 9.97 37.67
H212 MC3 UE . 28.26 10.70 37.63
H221 MC3 UE . 28.89 9.48 39.58
H222 MC3 UE . 27.43 8.88 39.65
H231 MC3 UE . 26.58 11.07 39.93
H232 MC3 UE . 28.06 11.63 39.92
H241 MC3 UE . 27.24 11.37 42.14
H242 MC3 UE . 27.13 9.81 41.87
H243 MC3 UE . 28.55 10.50 41.89
C1 MC3 VE . 22.11 -12.66 28.72
C2 MC3 VE . 21.05 -11.85 29.49
C3 MC3 VE . 19.69 -12.27 28.96
C4 MC3 VE . 22.88 -8.42 27.13
C5 MC3 VE . 21.76 -7.38 27.10
C6 MC3 VE . 20.11 -8.82 26.11
C7 MC3 VE . 19.84 -6.50 26.10
C8 MC3 VE . 21.45 -7.49 24.70
C11 MC3 VE . 17.43 -12.21 29.50
C12 MC3 VE . 16.28 -11.90 30.46
C13 MC3 VE . 16.75 -10.88 31.50
C14 MC3 VE . 15.67 -10.74 32.56
C15 MC3 VE . 16.06 -9.67 33.57
C16 MC3 VE . 14.85 -9.42 34.47
C17 MC3 VE . 15.30 -8.78 35.77
C18 MC3 VE . 14.06 -8.39 36.57
C19 MC3 VE . 14.45 -7.83 37.93
C20 MC3 VE . 13.19 -7.67 38.78
C21 MC3 VE . 13.57 -7.29 40.20
C22 MC3 VE . 12.36 -7.44 41.14
C31 MC3 VE . 21.25 -11.05 31.72
C32 MC3 VE . 20.77 -11.21 33.15
C33 MC3 VE . 20.74 -9.87 33.85
C34 MC3 VE . 19.92 -10.02 35.13
C35 MC3 VE . 19.89 -8.71 35.92
C36 MC3 VE . 18.98 -8.90 37.12
C37 MC3 VE . 18.94 -7.64 37.98
C38 MC3 VE . 18.20 -7.97 39.26
C39 MC3 VE . 18.21 -6.78 40.21
C40 MC3 VE . 17.79 -7.27 41.59
C41 MC3 VE . 17.60 -6.08 42.52
C42 MC3 VE . 16.99 -6.55 43.84
C43 MC3 VE . 18.09 -7.09 44.74
N MC3 VE . 20.81 -7.56 26.00
O2 MC3 VE . 21.15 -12.15 30.85
O3 MC3 VE . 18.68 -11.67 29.72
O11 MC3 VE . 17.22 -12.91 28.57
O31 MC3 VE . 21.71 -10.03 31.35
O1P MC3 VE . 24.40 -11.23 27.27
O2P MC3 VE . 22.85 -10.86 25.39
O3P MC3 VE . 22.07 -12.30 27.38
O4P MC3 VE . 22.41 -9.64 27.62
P MC3 VE . 22.96 -11.01 26.89
H11 MC3 VE . 22.99 -12.45 29.09
H12 MC3 VE . 21.93 -13.59 28.82
H2 MC3 VE . 21.19 -10.91 29.33
H31 MC3 VE . 19.60 -13.23 29.00
H32 MC3 VE . 19.60 -11.98 28.04
H41 MC3 VE . 23.57 -8.10 27.73
H42 MC3 VE . 23.24 -8.55 26.25
H51 MC3 VE . 21.26 -7.44 27.93
H52 MC3 VE . 22.14 -6.50 27.03
H61 MC3 VE . 19.77 -8.91 27.01
H62 MC3 VE . 19.38 -8.83 25.49
H63 MC3 VE . 20.72 -9.55 25.92
H71 MC3 VE . 20.28 -5.64 26.00
H72 MC3 VE . 19.19 -6.61 25.38
H73 MC3 VE . 19.39 -6.55 26.96
H81 MC3 VE . 21.99 -8.28 24.56
H82 MC3 VE . 20.77 -7.44 24.02
H83 MC3 VE . 22.01 -6.70 24.65
H121 MC3 VE . 16.01 -12.71 30.92
H122 MC3 VE . 15.54 -11.53 29.97
H131 MC3 VE . 16.90 -10.02 31.07
H132 MC3 VE . 17.57 -11.19 31.91
H141 MC3 VE . 15.56 -11.58 33.01
H142 MC3 VE . 14.85 -10.48 32.12
H151 MC3 VE . 16.28 -8.86 33.12
H152 MC3 VE . 16.79 -9.98 34.10
H161 MC3 VE . 14.42 -10.26 34.66
H162 MC3 VE . 14.23 -8.83 34.03
H171 MC3 VE . 15.82 -7.99 35.59
H172 MC3 VE . 15.82 -9.41 36.28
H181 MC3 VE . 13.50 -9.17 36.69
H182 MC3 VE . 13.58 -7.71 36.08
H191 MC3 VE . 14.87 -6.97 37.82
H192 MC3 VE . 15.05 -8.45 38.36
H201 MC3 VE . 12.70 -8.49 38.78
H202 MC3 VE . 12.64 -6.96 38.40
H211 MC3 VE . 13.88 -6.37 40.22
H212 MC3 VE . 14.27 -7.87 40.51
H221 MC3 VE . 11.73 -8.06 40.74
H222 MC3 VE . 11.94 -6.57 41.25
H321 MC3 VE . 19.89 -11.60 33.16
H322 MC3 VE . 21.39 -11.80 33.62
H331 MC3 VE . 21.64 -9.59 34.08
H332 MC3 VE . 20.32 -9.21 33.28
H341 MC3 VE . 19.01 -10.26 34.90
H342 MC3 VE . 20.31 -10.71 35.68
H351 MC3 VE . 20.79 -8.50 36.21
H352 MC3 VE . 19.56 -8.00 35.35
H361 MC3 VE . 18.08 -9.10 36.81
H362 MC3 VE . 19.30 -9.64 37.65
H371 MC3 VE . 19.84 -7.36 38.19
H372 MC3 VE . 18.48 -6.93 37.51
H381 MC3 VE . 17.28 -8.19 39.05
H382 MC3 VE . 18.61 -8.73 39.68
H391 MC3 VE . 19.10 -6.41 40.25
H392 MC3 VE . 17.59 -6.11 39.90
H401 MC3 VE . 16.97 -7.76 41.52
H402 MC3 VE . 18.49 -7.84 41.95
H411 MC3 VE . 18.45 -5.66 42.68
H412 MC3 VE . 17.00 -5.45 42.10
H421 MC3 VE . 16.55 -5.81 44.27
H422 MC3 VE . 16.35 -7.25 43.66
H431 MC3 VE . 18.87 -7.29 44.22
H432 MC3 VE . 18.31 -6.44 45.42
C12 MC3 WE . 22.79 -15.87 33.72
C13 MC3 WE . 22.30 -14.64 34.48
C14 MC3 WE . 21.96 -15.03 35.91
C15 MC3 WE . 21.51 -13.79 36.69
C16 MC3 WE . 21.26 -14.16 38.14
C17 MC3 WE . 20.86 -12.89 38.91
C18 MC3 WE . 20.46 -13.25 40.33
C19 MC3 WE . 20.06 -11.99 41.08
C20 MC3 WE . 19.56 -12.39 42.47
C21 MC3 WE . 19.25 -11.16 43.29
C22 MC3 WE . 18.75 -11.61 44.67
C23 MC3 WE . 18.56 -10.39 45.58
C24 MC3 WE . 18.00 -10.85 46.92
H121 MC3 WE . 23.68 -16.09 34.01
H122 MC3 WE . 22.80 -15.67 32.76
H131 MC3 WE . 21.51 -14.27 34.05
H132 MC3 WE . 22.99 -13.97 34.49
H141 MC3 WE . 22.75 -15.41 36.34
H142 MC3 WE . 21.25 -15.69 35.91
H151 MC3 WE . 20.69 -13.45 36.29
H152 MC3 WE . 22.21 -13.13 36.64
H161 MC3 WE . 22.06 -14.52 38.53
H162 MC3 WE . 20.55 -14.80 38.20
H171 MC3 WE . 20.10 -12.47 38.46
H172 MC3 WE . 21.61 -12.27 38.92
H181 MC3 WE . 21.23 -13.66 40.78
H182 MC3 WE . 19.72 -13.87 40.31
H191 MC3 WE . 19.36 -11.54 40.60
H192 MC3 WE . 20.82 -11.40 41.17
H201 MC3 WE . 20.24 -12.91 42.91
H202 MC3 WE . 18.75 -12.92 42.37
H211 MC3 WE . 18.55 -10.64 42.85
H212 MC3 WE . 20.04 -10.62 43.39
H221 MC3 WE . 19.40 -12.21 45.06
H222 MC3 WE . 17.90 -12.06 44.57
H231 MC3 WE . 17.95 -9.77 45.16
H232 MC3 WE . 19.42 -9.95 45.71
H241 MC3 WE . 18.64 -11.44 47.36
H242 MC3 WE . 17.84 -10.07 47.48
H243 MC3 WE . 17.16 -11.32 46.78
C12 MC3 XE . 25.96 -12.66 30.98
C13 MC3 XE . 26.30 -12.54 32.46
C14 MC3 XE . 25.22 -11.71 33.15
C15 MC3 XE . 25.56 -11.56 34.64
C16 MC3 XE . 24.43 -10.79 35.32
C17 MC3 XE . 24.72 -10.65 36.82
C18 MC3 XE . 23.57 -9.93 37.49
C19 MC3 XE . 24.00 -9.54 38.90
C20 MC3 XE . 22.84 -8.91 39.67
C21 MC3 XE . 23.33 -8.55 41.07
C22 MC3 XE . 22.16 -8.19 41.98
C23 MC3 XE . 22.70 -8.01 43.40
C24 MC3 XE . 21.55 -7.83 44.38
H121 MC3 XE . 25.13 -13.13 30.86
H122 MC3 XE . 26.67 -13.14 30.52
H131 MC3 XE . 27.16 -12.11 32.57
H132 MC3 XE . 26.33 -13.43 32.86
H141 MC3 XE . 24.36 -12.16 33.07
H142 MC3 XE . 25.17 -10.84 32.75
H151 MC3 XE . 26.40 -11.08 34.73
H152 MC3 XE . 25.65 -12.44 35.04
H161 MC3 XE . 23.60 -11.28 35.21
H162 MC3 XE . 24.36 -9.92 34.93
H171 MC3 XE . 25.54 -10.15 36.94
H172 MC3 XE . 24.82 -11.53 37.21
H181 MC3 XE . 22.80 -10.50 37.54
H182 MC3 XE . 23.36 -9.12 36.99
H191 MC3 XE . 24.73 -8.91 38.85
H192 MC3 XE . 24.29 -10.34 39.37
H201 MC3 XE . 22.11 -9.54 39.74
H202 MC3 XE . 22.55 -8.11 39.22
H211 MC3 XE . 23.92 -7.79 41.01
H212 MC3 XE . 23.81 -9.30 41.45
H221 MC3 XE . 21.51 -8.90 41.97
H222 MC3 XE . 21.76 -7.37 41.67
H231 MC3 XE . 23.28 -7.23 43.43
H232 MC3 XE . 23.21 -8.79 43.64
H241 MC3 XE . 21.89 -7.75 45.27
H242 MC3 XE . 21.05 -7.03 44.15
H243 MC3 XE . 20.95 -8.60 44.32
C16 MC3 YE . 26.14 -15.73 37.53
C17 MC3 YE . 26.32 -14.54 38.47
C18 MC3 YE . 25.17 -14.51 39.47
C19 MC3 YE . 25.45 -13.47 40.55
C20 MC3 YE . 24.35 -13.53 41.61
C21 MC3 YE . 24.62 -12.51 42.71
C22 MC3 YE . 23.62 -12.72 43.85
C23 MC3 YE . 23.96 -11.77 44.99
C24 MC3 YE . 23.00 -12.01 46.15
H161 MC3 YE . 25.19 -15.87 37.38
H162 MC3 YE . 26.57 -15.55 36.69
H171 MC3 YE . 26.32 -13.72 37.96
H172 MC3 YE . 27.16 -14.63 38.95
H181 MC3 YE . 25.08 -15.39 39.89
H182 MC3 YE . 24.35 -14.29 39.02
H191 MC3 YE . 25.46 -12.59 40.15
H192 MC3 YE . 26.30 -13.65 40.96
H201 MC3 YE . 24.31 -14.42 42.00
H202 MC3 YE . 23.50 -13.33 41.20
H211 MC3 YE . 24.54 -11.62 42.35
H212 MC3 YE . 25.53 -12.64 43.04
H221 MC3 YE . 23.68 -13.63 44.17
H222 MC3 YE . 22.74 -12.53 43.53
H231 MC3 YE . 23.88 -10.86 44.69
H232 MC3 YE . 24.87 -11.92 45.29
H241 MC3 YE . 23.18 -11.38 46.87
H242 MC3 YE . 22.09 -11.90 45.85
H243 MC3 YE . 23.12 -12.91 46.50
C14 MC3 ZE . 23.09 -19.27 37.54
C15 MC3 ZE . 23.44 -18.35 38.71
C16 MC3 ZE . 22.24 -18.23 39.63
C17 MC3 ZE . 22.62 -17.41 40.86
C18 MC3 ZE . 21.47 -17.42 41.86
C19 MC3 ZE . 21.77 -16.41 42.98
C20 MC3 ZE . 20.66 -16.44 44.03
C21 MC3 ZE . 20.96 -15.38 45.09
C22 MC3 ZE . 19.94 -15.49 46.22
C23 MC3 ZE . 20.31 -14.50 47.33
C24 MC3 ZE . 19.40 -14.72 48.54
H141 MC3 ZE . 23.68 -19.09 36.79
H142 MC3 ZE . 22.17 -19.09 37.26
H151 MC3 ZE . 23.69 -17.48 38.36
H152 MC3 ZE . 24.19 -18.73 39.19
H161 MC3 ZE . 21.96 -19.11 39.92
H162 MC3 ZE . 21.51 -17.78 39.16
H171 MC3 ZE . 22.80 -16.49 40.60
H172 MC3 ZE . 23.41 -17.78 41.27
H181 MC3 ZE . 21.39 -18.31 42.25
H182 MC3 ZE . 20.65 -17.17 41.42
H191 MC3 ZE . 21.82 -15.52 42.59
H192 MC3 ZE . 22.61 -16.64 43.40
H201 MC3 ZE . 20.62 -17.31 44.44
H202 MC3 ZE . 19.81 -16.23 43.61
H211 MC3 ZE . 20.91 -14.50 44.69
H212 MC3 ZE . 21.85 -15.52 45.45
H221 MC3 ZE . 19.94 -16.38 46.58
H222 MC3 ZE . 19.05 -15.27 45.88
H231 MC3 ZE . 20.21 -13.59 47.00
H232 MC3 ZE . 21.23 -14.64 47.59
H241 MC3 ZE . 19.60 -14.06 49.22
H242 MC3 ZE . 18.47 -14.61 48.26
H243 MC3 ZE . 19.53 -15.61 48.88
#